data_7KZD
#
_entry.id   7KZD
#
_cell.length_a   92.940
_cell.length_b   93.580
_cell.length_c   106.890
_cell.angle_alpha   108.840
_cell.angle_beta   92.330
_cell.angle_gamma   90.080
#
_symmetry.space_group_name_H-M   'P 1'
#
loop_
_entity.id
_entity.type
_entity.pdbx_description
1 polymer 'Aminotransferase class I/II-fold pyridoxal phosphate-dependent enzyme'
2 non-polymer '(5-HYDROXY-4,6-DIMETHYLPYRIDIN-3-YL)METHYL DIHYDROGEN PHOSPHATE'
3 non-polymer 1,2-ETHANEDIOL
4 non-polymer 'GLUTARIC ACID'
5 water water
#
_entity_poly.entity_id   1
_entity_poly.type   'polypeptide(L)'
_entity_poly.pdbx_seq_one_letter_code
;GAMDMKTLTTISGHSKDNLALLKCLQGETKEKEFEISNVLPNHKMKEKLFRENKLKIDIDIEKDIFNYSRKNIQKIEFMP
VNRLISQSEIDGIIGTLKEVLPTGQFTSGPFSKKLEEVIGDYLNKKYVIATSSGTDALMVSLLSIGIQPGDEVIMPANSF
AATENAVLAIGAKPVFVDIDHKSYCIDPLKIEEAITQKTKCILPVHLYGKQCDMKRIREIADVYQLRIIEDACQAIGSSN
LGEYGDIIILSFNPYKNFGVCGKAGAIVTNNENLAIRCNQYSYHGFEVDKKNKKVLDFGFNSKIDNLQAAIGLERIKFLS
YNNLKRVFLAQRYIRNLKELEDRELIKLPRMTEDNVWHLFPIRIINGRRDEVKNKLYQLYNIETDIYYPVLSHKHNTKLV
KKNYMQDTLLNTEQVHKEILHLPLHPNMLLEEQNFVLEGLINVNK
;
_entity_poly.pdbx_strand_id   A,B,C,D,E,F,G,H
#
# COMPACT_ATOMS: atom_id res chain seq x y z
N LEU A 8 -52.17 15.94 27.11
CA LEU A 8 -52.08 15.39 25.76
C LEU A 8 -50.70 15.56 25.13
N THR A 9 -50.25 14.51 24.47
CA THR A 9 -49.15 14.60 23.52
C THR A 9 -49.60 14.05 22.18
N THR A 10 -49.30 14.78 21.12
CA THR A 10 -49.75 14.43 19.77
C THR A 10 -48.57 13.81 19.02
N ILE A 11 -48.65 12.50 18.81
CA ILE A 11 -47.55 11.75 18.20
C ILE A 11 -47.38 12.22 16.76
N SER A 12 -46.27 12.89 16.50
CA SER A 12 -45.90 13.42 15.19
C SER A 12 -45.10 12.45 14.33
N GLY A 13 -44.58 11.37 14.93
CA GLY A 13 -43.77 10.40 14.24
C GLY A 13 -42.27 10.57 14.43
N HIS A 14 -41.87 11.52 15.25
CA HIS A 14 -40.46 11.79 15.47
C HIS A 14 -40.02 11.10 16.75
N SER A 15 -38.70 11.18 17.00
CA SER A 15 -38.09 10.40 18.06
C SER A 15 -38.60 10.79 19.45
N LYS A 16 -38.73 12.10 19.71
CA LYS A 16 -39.13 12.52 21.07
C LYS A 16 -40.49 11.98 21.44
N ASP A 17 -41.45 12.05 20.51
CA ASP A 17 -42.80 11.51 20.76
C ASP A 17 -42.77 10.00 20.92
N ASN A 18 -42.02 9.30 20.06
CA ASN A 18 -41.90 7.86 20.17
C ASN A 18 -41.36 7.45 21.53
N LEU A 19 -40.32 8.12 22.01
CA LEU A 19 -39.81 7.79 23.34
C LEU A 19 -40.88 8.04 24.41
N ALA A 20 -41.70 9.08 24.23
CA ALA A 20 -42.81 9.30 25.16
C ALA A 20 -43.82 8.16 25.06
N LEU A 21 -44.16 7.75 23.83
CA LEU A 21 -45.13 6.68 23.64
C LEU A 21 -44.64 5.35 24.20
N LEU A 22 -43.33 5.10 24.13
CA LEU A 22 -42.79 3.83 24.60
C LEU A 22 -42.96 3.67 26.12
N LYS A 23 -42.64 4.72 26.87
CA LYS A 23 -42.81 4.66 28.32
C LYS A 23 -44.27 4.51 28.72
N CYS A 24 -45.19 5.00 27.90
CA CYS A 24 -46.61 4.75 28.15
C CYS A 24 -46.98 3.30 27.85
N LEU A 25 -46.56 2.80 26.68
CA LEU A 25 -46.87 1.42 26.32
C LEU A 25 -46.33 0.45 27.36
N GLN A 26 -45.28 0.84 28.07
CA GLN A 26 -44.82 0.10 29.23
C GLN A 26 -45.50 0.56 30.52
N GLY A 27 -46.38 1.56 30.45
CA GLY A 27 -47.23 1.93 31.57
C GLY A 27 -46.74 3.08 32.43
N GLU A 28 -45.55 3.63 32.16
CA GLU A 28 -44.92 4.62 33.02
C GLU A 28 -45.49 6.03 32.84
N THR A 29 -46.61 6.11 32.19
CA THR A 29 -47.13 7.41 31.96
C THR A 29 -48.14 7.79 32.98
N LYS A 30 -48.41 9.08 33.07
CA LYS A 30 -49.34 9.58 34.02
C LYS A 30 -50.60 9.84 33.28
N GLU A 31 -51.28 8.75 32.95
CA GLU A 31 -52.55 8.80 32.27
C GLU A 31 -52.44 9.78 31.15
N LYS A 32 -51.52 9.52 30.22
CA LYS A 32 -51.31 10.50 29.21
C LYS A 32 -52.20 10.30 28.05
N GLU A 33 -52.93 11.32 27.72
CA GLU A 33 -53.73 11.28 26.50
C GLU A 33 -52.76 11.30 25.32
N PHE A 34 -52.77 10.23 24.54
CA PHE A 34 -52.05 10.18 23.28
C PHE A 34 -53.03 10.26 22.13
N GLU A 35 -52.73 11.13 21.17
CA GLU A 35 -53.36 11.06 19.86
C GLU A 35 -52.26 11.06 18.82
N ILE A 36 -52.60 10.64 17.60
CA ILE A 36 -51.62 10.47 16.55
C ILE A 36 -51.98 11.37 15.38
N SER A 37 -51.00 12.08 14.87
CA SER A 37 -51.17 12.85 13.65
C SER A 37 -51.30 11.92 12.45
N ASN A 38 -52.28 12.16 11.59
CA ASN A 38 -52.47 11.29 10.42
C ASN A 38 -51.56 11.65 9.24
N VAL A 39 -50.30 11.98 9.50
CA VAL A 39 -49.36 12.15 8.40
C VAL A 39 -48.88 10.77 7.93
N LEU A 40 -48.34 10.73 6.72
CA LEU A 40 -48.03 9.43 6.10
C LEU A 40 -46.99 8.60 6.87
N PRO A 41 -45.95 9.16 7.48
CA PRO A 41 -45.03 8.32 8.26
C PRO A 41 -45.67 7.67 9.48
N ASN A 42 -46.87 8.10 9.90
CA ASN A 42 -47.59 7.48 11.01
C ASN A 42 -48.63 6.45 10.59
N HIS A 43 -48.77 6.17 9.28
CA HIS A 43 -49.89 5.36 8.80
C HIS A 43 -49.94 4.00 9.50
N LYS A 44 -48.82 3.29 9.53
CA LYS A 44 -48.81 1.96 10.13
C LYS A 44 -49.01 2.03 11.64
N MET A 45 -48.30 2.95 12.31
CA MET A 45 -48.50 3.11 13.73
C MET A 45 -49.97 3.38 14.06
N LYS A 46 -50.63 4.23 13.26
CA LYS A 46 -52.00 4.62 13.56
C LYS A 46 -52.97 3.46 13.35
N GLU A 47 -52.72 2.64 12.32
CA GLU A 47 -53.50 1.42 12.12
C GLU A 47 -53.25 0.41 13.23
N LYS A 48 -52.01 0.32 13.71
CA LYS A 48 -51.62 -0.79 14.55
C LYS A 48 -51.94 -0.53 16.02
N LEU A 49 -51.70 0.68 16.50
CA LEU A 49 -51.76 0.96 17.93
C LEU A 49 -52.89 1.89 18.33
N PHE A 50 -53.63 2.46 17.37
CA PHE A 50 -54.66 3.42 17.65
C PHE A 50 -55.98 2.99 17.05
N ARG A 51 -57.06 3.53 17.62
CA ARG A 51 -58.41 3.10 17.33
C ARG A 51 -59.32 4.26 17.70
N GLU A 52 -59.95 4.89 16.71
CA GLU A 52 -60.73 6.10 16.93
C GLU A 52 -59.87 7.23 17.49
N ASN A 53 -58.64 7.33 17.00
CA ASN A 53 -57.72 8.42 17.35
C ASN A 53 -57.32 8.38 18.83
N LYS A 54 -57.36 7.19 19.42
CA LYS A 54 -56.89 6.96 20.78
C LYS A 54 -56.14 5.64 20.82
N LEU A 55 -55.13 5.58 21.67
CA LEU A 55 -54.37 4.36 21.87
C LEU A 55 -55.31 3.18 22.14
N LYS A 56 -55.05 2.05 21.48
CA LYS A 56 -55.86 0.86 21.73
C LYS A 56 -55.74 0.45 23.20
N ILE A 57 -56.84 -0.05 23.76
CA ILE A 57 -56.84 -0.37 25.18
C ILE A 57 -56.08 -1.66 25.44
N ASP A 58 -55.81 -2.45 24.40
CA ASP A 58 -55.45 -3.85 24.58
C ASP A 58 -54.09 -4.15 23.93
N ILE A 59 -53.10 -3.31 24.18
CA ILE A 59 -51.80 -3.43 23.54
C ILE A 59 -50.87 -4.20 24.46
N ASP A 60 -50.37 -5.34 23.99
CA ASP A 60 -49.24 -6.02 24.64
C ASP A 60 -48.05 -5.95 23.69
N ILE A 61 -47.02 -5.21 24.09
CA ILE A 61 -45.86 -4.98 23.22
C ILE A 61 -45.27 -6.31 22.75
N GLU A 62 -45.06 -7.24 23.68
CA GLU A 62 -44.36 -8.46 23.31
C GLU A 62 -45.17 -9.30 22.32
N LYS A 63 -46.47 -9.46 22.57
CA LYS A 63 -47.30 -10.25 21.67
C LYS A 63 -47.70 -9.48 20.42
N ASP A 64 -48.24 -8.27 20.59
CA ASP A 64 -48.84 -7.58 19.45
C ASP A 64 -47.78 -6.96 18.55
N ILE A 65 -46.79 -6.30 19.13
CA ILE A 65 -45.81 -5.58 18.32
C ILE A 65 -44.67 -6.48 17.88
N PHE A 66 -44.17 -7.36 18.76
CA PHE A 66 -43.02 -8.17 18.43
C PHE A 66 -43.36 -9.63 18.18
N ASN A 67 -44.63 -10.03 18.33
CA ASN A 67 -45.08 -11.38 18.03
C ASN A 67 -44.28 -12.43 18.79
N TYR A 68 -44.03 -12.14 20.07
CA TYR A 68 -43.26 -13.05 20.92
C TYR A 68 -43.99 -14.38 21.08
N SER A 69 -43.32 -15.47 20.72
CA SER A 69 -43.91 -16.81 20.85
C SER A 69 -42.92 -17.85 21.35
N ARG A 70 -41.84 -17.44 22.01
CA ARG A 70 -40.82 -18.33 22.53
C ARG A 70 -40.25 -19.23 21.43
N LYS A 71 -39.95 -18.64 20.28
CA LYS A 71 -39.37 -19.39 19.17
C LYS A 71 -37.92 -19.75 19.47
N ASN A 72 -37.53 -20.96 19.09
CA ASN A 72 -36.16 -21.42 19.31
C ASN A 72 -35.23 -20.77 18.30
N ILE A 73 -34.15 -20.15 18.79
CA ILE A 73 -33.18 -19.45 17.96
C ILE A 73 -31.84 -20.15 18.07
N GLN A 74 -31.21 -20.43 16.92
CA GLN A 74 -29.92 -21.12 16.90
C GLN A 74 -28.76 -20.27 16.40
N LYS A 75 -29.03 -19.13 15.79
CA LYS A 75 -28.02 -18.28 15.16
C LYS A 75 -28.62 -16.89 14.95
N ILE A 76 -27.76 -15.88 14.90
CA ILE A 76 -28.20 -14.50 14.70
C ILE A 76 -27.37 -13.91 13.57
N GLU A 77 -28.04 -13.41 12.54
CA GLU A 77 -27.38 -12.61 11.52
C GLU A 77 -27.59 -11.13 11.84
N PHE A 78 -26.61 -10.30 11.49
CA PHE A 78 -26.70 -8.90 11.85
C PHE A 78 -27.84 -8.19 11.11
N MET A 79 -27.94 -8.37 9.78
CA MET A 79 -28.90 -7.62 8.97
C MET A 79 -29.37 -8.47 7.80
N PRO A 80 -30.20 -9.48 8.08
CA PRO A 80 -30.81 -10.27 7.00
C PRO A 80 -31.76 -9.43 6.16
N VAL A 81 -31.39 -9.19 4.89
CA VAL A 81 -32.12 -8.22 4.07
C VAL A 81 -33.60 -8.59 3.94
N ASN A 82 -33.92 -9.88 3.95
CA ASN A 82 -35.31 -10.27 3.73
C ASN A 82 -36.23 -9.88 4.89
N ARG A 83 -35.67 -9.55 6.07
CA ARG A 83 -36.51 -9.16 7.21
C ARG A 83 -36.74 -7.67 7.32
N LEU A 84 -36.10 -6.87 6.46
CA LEU A 84 -36.30 -5.43 6.44
C LEU A 84 -37.60 -5.00 5.78
N ILE A 85 -38.21 -5.87 4.97
CA ILE A 85 -39.48 -5.55 4.32
C ILE A 85 -40.51 -6.58 4.75
N SER A 86 -41.72 -6.11 5.03
CA SER A 86 -42.81 -6.96 5.48
C SER A 86 -43.74 -7.30 4.32
N GLN A 87 -44.55 -8.36 4.50
CA GLN A 87 -45.54 -8.71 3.47
C GLN A 87 -46.54 -7.57 3.25
N SER A 88 -46.86 -6.83 4.31
CA SER A 88 -47.77 -5.69 4.17
C SER A 88 -47.18 -4.63 3.26
N GLU A 89 -45.89 -4.36 3.43
CA GLU A 89 -45.20 -3.46 2.54
C GLU A 89 -45.30 -3.95 1.09
N ILE A 90 -45.02 -5.24 0.88
CA ILE A 90 -44.97 -5.80 -0.47
C ILE A 90 -46.33 -5.69 -1.16
N ASP A 91 -47.38 -6.11 -0.47
CA ASP A 91 -48.71 -6.01 -1.06
C ASP A 91 -49.03 -4.57 -1.44
N GLY A 92 -48.67 -3.61 -0.58
CA GLY A 92 -48.96 -2.22 -0.90
C GLY A 92 -48.11 -1.69 -2.04
N ILE A 93 -46.87 -2.16 -2.12
CA ILE A 93 -45.96 -1.77 -3.19
C ILE A 93 -46.47 -2.27 -4.53
N ILE A 94 -46.85 -3.56 -4.60
CA ILE A 94 -47.46 -4.09 -5.82
C ILE A 94 -48.65 -3.24 -6.24
N GLY A 95 -49.47 -2.83 -5.26
CA GLY A 95 -50.61 -1.98 -5.57
C GLY A 95 -50.21 -0.66 -6.19
N THR A 96 -49.18 -0.01 -5.65
CA THR A 96 -48.83 1.29 -6.21
C THR A 96 -48.11 1.16 -7.54
N LEU A 97 -47.31 0.11 -7.73
CA LEU A 97 -46.66 -0.12 -9.02
C LEU A 97 -47.69 -0.30 -10.13
N LYS A 98 -48.78 -1.01 -9.84
CA LYS A 98 -49.82 -1.13 -10.84
C LYS A 98 -50.44 0.21 -11.21
N GLU A 99 -50.33 1.22 -10.33
CA GLU A 99 -50.81 2.55 -10.71
C GLU A 99 -49.75 3.37 -11.44
N VAL A 100 -48.49 3.24 -11.05
CA VAL A 100 -47.45 4.05 -11.66
C VAL A 100 -47.08 3.52 -13.05
N LEU A 101 -46.95 2.20 -13.21
CA LEU A 101 -46.45 1.63 -14.46
C LEU A 101 -47.23 2.04 -15.70
N PRO A 102 -48.57 1.99 -15.73
CA PRO A 102 -49.29 2.42 -16.94
C PRO A 102 -49.04 3.88 -17.30
N THR A 103 -48.65 4.73 -16.35
CA THR A 103 -48.47 6.14 -16.69
C THR A 103 -47.26 6.35 -17.60
N GLY A 104 -46.30 5.43 -17.57
CA GLY A 104 -45.06 5.57 -18.29
C GLY A 104 -44.12 6.62 -17.75
N GLN A 105 -44.46 7.27 -16.63
CA GLN A 105 -43.66 8.39 -16.12
C GLN A 105 -42.60 7.84 -15.19
N PHE A 106 -41.40 7.61 -15.74
CA PHE A 106 -40.36 6.86 -15.03
C PHE A 106 -39.11 7.69 -14.74
N THR A 107 -39.15 8.98 -15.00
CA THR A 107 -38.07 9.88 -14.58
C THR A 107 -38.68 10.84 -13.57
N SER A 108 -38.98 12.07 -13.97
CA SER A 108 -39.76 12.91 -13.06
C SER A 108 -41.21 12.45 -13.10
N GLY A 109 -41.96 12.89 -12.10
CA GLY A 109 -43.35 12.49 -12.04
C GLY A 109 -44.06 13.04 -10.83
N PRO A 110 -45.35 12.76 -10.73
CA PRO A 110 -46.11 13.25 -9.58
C PRO A 110 -45.74 12.58 -8.27
N PHE A 111 -45.31 11.32 -8.29
CA PHE A 111 -44.92 10.70 -7.04
C PHE A 111 -43.64 11.30 -6.46
N SER A 112 -42.73 11.74 -7.33
CA SER A 112 -41.51 12.39 -6.85
C SER A 112 -41.87 13.65 -6.10
N LYS A 113 -42.80 14.43 -6.67
CA LYS A 113 -43.22 15.68 -6.06
C LYS A 113 -44.04 15.43 -4.80
N LYS A 114 -44.91 14.43 -4.80
CA LYS A 114 -45.63 14.08 -3.58
C LYS A 114 -44.66 13.65 -2.46
N LEU A 115 -43.60 12.92 -2.81
CA LEU A 115 -42.65 12.49 -1.76
C LEU A 115 -41.86 13.68 -1.22
N GLU A 116 -41.51 14.62 -2.08
CA GLU A 116 -40.82 15.83 -1.62
C GLU A 116 -41.72 16.67 -0.71
N GLU A 117 -43.01 16.75 -1.04
CA GLU A 117 -43.96 17.42 -0.13
C GLU A 117 -44.04 16.68 1.22
N VAL A 118 -44.12 15.35 1.18
CA VAL A 118 -44.23 14.57 2.41
C VAL A 118 -42.99 14.78 3.28
N ILE A 119 -41.82 14.69 2.65
CA ILE A 119 -40.57 14.82 3.40
C ILE A 119 -40.43 16.21 3.97
N GLY A 120 -40.79 17.23 3.18
CA GLY A 120 -40.74 18.60 3.67
C GLY A 120 -41.63 18.84 4.87
N ASP A 121 -42.86 18.33 4.81
CA ASP A 121 -43.74 18.43 5.97
C ASP A 121 -43.13 17.71 7.16
N TYR A 122 -42.68 16.47 6.95
CA TYR A 122 -42.11 15.67 8.03
C TYR A 122 -40.94 16.39 8.69
N LEU A 123 -40.07 16.98 7.88
CA LEU A 123 -38.89 17.67 8.39
C LEU A 123 -39.13 19.15 8.70
N ASN A 124 -40.29 19.70 8.35
CA ASN A 124 -40.62 21.11 8.60
C ASN A 124 -39.62 22.02 7.89
N LYS A 125 -39.40 21.74 6.60
CA LYS A 125 -38.51 22.50 5.76
C LYS A 125 -39.20 22.85 4.47
N LYS A 126 -38.83 24.00 3.89
CA LYS A 126 -39.58 24.55 2.76
C LYS A 126 -39.32 23.79 1.47
N TYR A 127 -38.07 23.36 1.22
CA TYR A 127 -37.70 22.84 -0.08
C TYR A 127 -37.06 21.48 0.02
N VAL A 128 -37.46 20.56 -0.85
CA VAL A 128 -36.91 19.20 -0.85
C VAL A 128 -36.64 18.81 -2.31
N ILE A 129 -35.45 18.31 -2.59
CA ILE A 129 -35.14 17.70 -3.89
C ILE A 129 -34.89 16.22 -3.64
N ALA A 130 -35.81 15.37 -4.08
CA ALA A 130 -35.61 13.93 -3.98
C ALA A 130 -34.60 13.50 -5.04
N THR A 131 -33.66 12.65 -4.63
CA THR A 131 -32.45 12.34 -5.40
C THR A 131 -32.35 10.84 -5.65
N SER A 132 -31.35 10.46 -6.46
CA SER A 132 -31.09 9.06 -6.78
C SER A 132 -30.28 8.31 -5.71
N SER A 133 -29.65 9.01 -4.76
CA SER A 133 -29.02 8.40 -3.60
C SER A 133 -28.63 9.50 -2.62
N GLY A 134 -28.37 9.10 -1.37
CA GLY A 134 -27.84 10.06 -0.43
C GLY A 134 -26.48 10.59 -0.85
N THR A 135 -25.65 9.73 -1.43
CA THR A 135 -24.33 10.17 -1.91
C THR A 135 -24.47 11.29 -2.94
N ASP A 136 -25.37 11.11 -3.92
CA ASP A 136 -25.61 12.13 -4.93
C ASP A 136 -26.21 13.40 -4.31
N ALA A 137 -27.13 13.23 -3.36
CA ALA A 137 -27.66 14.39 -2.64
C ALA A 137 -26.52 15.20 -2.03
N LEU A 138 -25.55 14.53 -1.41
CA LEU A 138 -24.45 15.25 -0.80
C LEU A 138 -23.60 15.96 -1.85
N MET A 139 -23.28 15.27 -2.95
CA MET A 139 -22.46 15.88 -4.00
C MET A 139 -23.12 17.13 -4.58
N VAL A 140 -24.38 17.01 -4.96
CA VAL A 140 -25.13 18.16 -5.47
C VAL A 140 -25.16 19.29 -4.46
N SER A 141 -25.34 18.94 -3.19
CA SER A 141 -25.43 19.95 -2.14
C SER A 141 -24.12 20.69 -1.96
N LEU A 142 -23.01 19.97 -2.00
CA LEU A 142 -21.70 20.62 -1.95
C LEU A 142 -21.53 21.58 -3.12
N LEU A 143 -21.96 21.17 -4.31
CA LEU A 143 -21.87 22.04 -5.47
C LEU A 143 -22.77 23.28 -5.32
N SER A 144 -23.94 23.12 -4.69
CA SER A 144 -24.87 24.25 -4.65
C SER A 144 -24.38 25.36 -3.73
N ILE A 145 -23.65 25.03 -2.66
CA ILE A 145 -23.10 26.10 -1.82
C ILE A 145 -21.85 26.73 -2.42
N GLY A 146 -21.39 26.25 -3.58
CA GLY A 146 -20.27 26.87 -4.27
C GLY A 146 -18.93 26.18 -4.08
N ILE A 147 -18.91 24.92 -3.65
CA ILE A 147 -17.66 24.21 -3.47
C ILE A 147 -16.96 24.03 -4.81
N GLN A 148 -15.70 24.42 -4.85
CA GLN A 148 -14.83 24.31 -6.01
C GLN A 148 -13.65 23.41 -5.70
N PRO A 149 -13.03 22.80 -6.71
CA PRO A 149 -11.85 21.97 -6.49
C PRO A 149 -10.82 22.70 -5.63
N GLY A 150 -10.30 21.98 -4.63
CA GLY A 150 -9.34 22.53 -3.69
C GLY A 150 -9.95 23.14 -2.43
N ASP A 151 -11.25 23.41 -2.44
CA ASP A 151 -11.90 23.89 -1.22
C ASP A 151 -11.85 22.81 -0.16
N GLU A 152 -11.91 23.23 1.10
CA GLU A 152 -11.78 22.31 2.23
C GLU A 152 -13.11 22.16 2.95
N VAL A 153 -13.39 20.94 3.38
CA VAL A 153 -14.64 20.58 4.03
C VAL A 153 -14.30 19.86 5.33
N ILE A 154 -14.71 20.43 6.45
CA ILE A 154 -14.44 19.86 7.76
C ILE A 154 -15.46 18.74 8.03
N MET A 155 -14.97 17.57 8.46
CA MET A 155 -15.80 16.37 8.56
C MET A 155 -15.14 15.40 9.54
N PRO A 156 -15.90 14.51 10.17
CA PRO A 156 -15.29 13.47 11.00
C PRO A 156 -14.73 12.36 10.11
N ALA A 157 -13.96 11.47 10.73
CA ALA A 157 -13.27 10.39 10.04
C ALA A 157 -13.92 9.03 10.22
N ASN A 158 -15.09 8.96 10.85
CA ASN A 158 -15.68 7.67 11.22
C ASN A 158 -17.05 7.42 10.60
N SER A 159 -17.39 8.16 9.53
CA SER A 159 -18.60 7.93 8.75
C SER A 159 -18.41 6.85 7.69
N PHE A 160 -19.53 6.47 7.10
CA PHE A 160 -19.51 5.67 5.89
C PHE A 160 -18.74 6.40 4.79
N ALA A 161 -18.13 5.63 3.90
CA ALA A 161 -17.23 6.17 2.90
C ALA A 161 -17.90 7.19 1.99
N ALA A 162 -19.23 7.11 1.83
CA ALA A 162 -19.95 8.04 0.98
C ALA A 162 -19.72 9.49 1.38
N THR A 163 -19.60 9.76 2.67
CA THR A 163 -19.48 11.15 3.11
C THR A 163 -18.21 11.77 2.52
N GLU A 164 -17.05 11.13 2.75
N GLU A 164 -17.06 11.14 2.74
CA GLU A 164 -15.81 11.62 2.17
CA GLU A 164 -15.83 11.67 2.16
C GLU A 164 -15.81 11.53 0.66
C GLU A 164 -15.83 11.55 0.64
N ASN A 165 -16.50 10.53 0.09
CA ASN A 165 -16.48 10.36 -1.36
C ASN A 165 -17.17 11.50 -2.08
N ALA A 166 -18.32 11.94 -1.55
CA ALA A 166 -19.02 13.08 -2.13
C ALA A 166 -18.11 14.32 -2.17
N VAL A 167 -17.34 14.53 -1.11
CA VAL A 167 -16.42 15.65 -1.09
C VAL A 167 -15.30 15.43 -2.10
N LEU A 168 -14.76 14.21 -2.15
CA LEU A 168 -13.66 13.93 -3.07
C LEU A 168 -14.11 13.95 -4.53
N ALA A 169 -15.35 13.55 -4.80
CA ALA A 169 -15.81 13.38 -6.17
C ALA A 169 -15.87 14.69 -6.91
N ILE A 170 -15.99 15.81 -6.21
CA ILE A 170 -16.02 17.12 -6.86
C ILE A 170 -14.70 17.87 -6.70
N GLY A 171 -13.65 17.18 -6.28
CA GLY A 171 -12.33 17.79 -6.23
C GLY A 171 -12.01 18.59 -4.99
N ALA A 172 -12.85 18.51 -3.96
CA ALA A 172 -12.63 19.18 -2.69
C ALA A 172 -11.77 18.32 -1.75
N LYS A 173 -11.41 18.91 -0.62
CA LYS A 173 -10.43 18.32 0.30
C LYS A 173 -11.06 18.06 1.66
N PRO A 174 -11.32 16.81 2.04
CA PRO A 174 -11.74 16.55 3.43
C PRO A 174 -10.67 17.01 4.41
N VAL A 175 -11.09 17.75 5.42
CA VAL A 175 -10.27 18.07 6.58
C VAL A 175 -10.91 17.37 7.78
N PHE A 176 -10.21 16.41 8.37
CA PHE A 176 -10.81 15.53 9.36
C PHE A 176 -10.62 16.12 10.75
N VAL A 177 -11.69 16.09 11.55
CA VAL A 177 -11.68 16.62 12.90
C VAL A 177 -12.13 15.51 13.84
N ASP A 178 -11.54 15.46 15.03
CA ASP A 178 -11.79 14.40 15.99
C ASP A 178 -13.23 14.46 16.51
N ILE A 179 -13.71 13.33 17.04
CA ILE A 179 -15.09 13.17 17.51
C ILE A 179 -15.20 13.48 19.00
N ASP A 180 -16.43 13.40 19.49
CA ASP A 180 -16.72 13.29 20.92
C ASP A 180 -16.80 11.82 21.29
N HIS A 181 -16.00 11.40 22.27
CA HIS A 181 -16.09 10.02 22.74
C HIS A 181 -17.43 9.70 23.39
N LYS A 182 -18.24 10.71 23.72
CA LYS A 182 -19.54 10.51 24.35
C LYS A 182 -20.67 10.27 23.36
N SER A 183 -20.48 10.62 22.08
CA SER A 183 -21.58 10.58 21.13
C SER A 183 -21.19 10.08 19.75
N TYR A 184 -19.91 9.82 19.49
CA TYR A 184 -19.40 9.41 18.18
C TYR A 184 -19.55 10.50 17.14
N CYS A 185 -19.93 11.71 17.55
CA CYS A 185 -20.13 12.82 16.64
C CYS A 185 -18.95 13.78 16.71
N ILE A 186 -18.76 14.52 15.61
CA ILE A 186 -17.69 15.51 15.51
C ILE A 186 -17.74 16.45 16.71
N ASP A 187 -16.56 16.79 17.24
CA ASP A 187 -16.45 17.59 18.45
C ASP A 187 -16.46 19.07 18.07
N PRO A 188 -17.47 19.85 18.47
CA PRO A 188 -17.48 21.27 18.12
C PRO A 188 -16.28 22.04 18.64
N LEU A 189 -15.66 21.59 19.73
CA LEU A 189 -14.54 22.32 20.32
C LEU A 189 -13.27 22.21 19.49
N LYS A 190 -13.21 21.26 18.57
CA LYS A 190 -12.05 21.07 17.73
C LYS A 190 -12.28 21.53 16.30
N ILE A 191 -13.43 22.14 16.02
CA ILE A 191 -13.72 22.55 14.64
C ILE A 191 -12.99 23.84 14.29
N GLU A 192 -13.03 24.84 15.18
CA GLU A 192 -12.46 26.13 14.84
C GLU A 192 -10.96 26.02 14.60
N GLU A 193 -10.29 25.16 15.35
CA GLU A 193 -8.86 24.92 15.17
C GLU A 193 -8.52 24.52 13.73
N ALA A 194 -9.44 23.84 13.04
CA ALA A 194 -9.18 23.28 11.72
C ALA A 194 -9.55 24.22 10.59
N ILE A 195 -10.11 25.39 10.89
CA ILE A 195 -10.56 26.33 9.87
C ILE A 195 -9.35 27.06 9.28
N THR A 196 -9.28 27.09 7.95
CA THR A 196 -8.27 27.81 7.20
C THR A 196 -8.97 28.75 6.21
N GLN A 197 -8.16 29.42 5.39
CA GLN A 197 -8.72 30.25 4.32
C GLN A 197 -9.46 29.43 3.28
N LYS A 198 -9.20 28.13 3.22
CA LYS A 198 -9.79 27.30 2.19
C LYS A 198 -11.07 26.57 2.61
N THR A 199 -11.48 26.64 3.88
CA THR A 199 -12.67 25.88 4.24
C THR A 199 -13.93 26.66 3.86
N LYS A 200 -14.90 25.91 3.33
CA LYS A 200 -16.16 26.48 2.89
C LYS A 200 -17.35 25.82 3.54
N CYS A 201 -17.16 24.70 4.23
CA CYS A 201 -18.31 23.95 4.72
C CYS A 201 -17.87 23.09 5.88
N ILE A 202 -18.74 22.96 6.87
CA ILE A 202 -18.62 21.95 7.92
C ILE A 202 -19.68 20.89 7.62
N LEU A 203 -19.28 19.62 7.71
CA LEU A 203 -20.13 18.51 7.27
C LEU A 203 -20.29 17.55 8.46
N PRO A 204 -21.13 17.90 9.43
CA PRO A 204 -21.35 16.99 10.56
C PRO A 204 -22.16 15.78 10.11
N VAL A 205 -21.89 14.63 10.72
CA VAL A 205 -22.61 13.39 10.45
C VAL A 205 -23.38 12.98 11.70
N HIS A 206 -24.70 12.78 11.55
CA HIS A 206 -25.56 12.29 12.63
C HIS A 206 -25.44 10.76 12.68
N LEU A 207 -24.32 10.30 13.22
CA LEU A 207 -23.91 8.92 13.05
C LEU A 207 -24.70 7.98 13.95
N TYR A 208 -25.09 6.84 13.39
CA TYR A 208 -25.84 5.76 14.03
C TYR A 208 -27.28 6.14 14.35
N GLY A 209 -27.73 7.32 13.92
CA GLY A 209 -29.05 7.79 14.22
C GLY A 209 -29.12 8.85 15.31
N LYS A 210 -28.00 9.18 15.92
CA LYS A 210 -27.93 10.21 16.95
C LYS A 210 -27.50 11.52 16.31
N GLN A 211 -28.06 12.63 16.77
CA GLN A 211 -27.67 13.91 16.19
C GLN A 211 -26.43 14.48 16.87
N CYS A 212 -25.65 15.23 16.09
CA CYS A 212 -24.53 16.03 16.56
C CYS A 212 -25.04 17.21 17.40
N ASP A 213 -24.11 17.83 18.13
CA ASP A 213 -24.37 19.06 18.89
C ASP A 213 -24.34 20.24 17.93
N MET A 214 -25.45 20.40 17.20
CA MET A 214 -25.50 21.36 16.10
C MET A 214 -25.54 22.82 16.56
N LYS A 215 -26.01 23.07 17.80
CA LYS A 215 -26.16 24.44 18.24
C LYS A 215 -24.80 25.14 18.33
N ARG A 216 -23.79 24.46 18.87
CA ARG A 216 -22.47 25.07 18.97
C ARG A 216 -21.80 25.16 17.61
N ILE A 217 -22.01 24.17 16.74
CA ILE A 217 -21.38 24.21 15.41
C ILE A 217 -21.89 25.41 14.62
N ARG A 218 -23.18 25.71 14.75
CA ARG A 218 -23.73 26.88 14.08
C ARG A 218 -23.06 28.15 14.57
N GLU A 219 -22.88 28.29 15.89
CA GLU A 219 -22.23 29.49 16.41
C GLU A 219 -20.85 29.67 15.79
N ILE A 220 -20.07 28.60 15.73
CA ILE A 220 -18.77 28.67 15.05
C ILE A 220 -18.96 29.00 13.57
N ALA A 221 -19.89 28.29 12.91
CA ALA A 221 -20.13 28.51 11.48
C ALA A 221 -20.49 29.96 11.17
N ASP A 222 -21.12 30.66 12.10
CA ASP A 222 -21.48 32.04 11.81
C ASP A 222 -20.27 32.96 11.95
N VAL A 223 -19.41 32.69 12.93
CA VAL A 223 -18.26 33.57 13.16
C VAL A 223 -17.32 33.54 11.98
N TYR A 224 -17.14 32.37 11.37
CA TYR A 224 -16.29 32.25 10.19
C TYR A 224 -17.07 32.25 8.89
N GLN A 225 -18.40 32.45 8.95
CA GLN A 225 -19.24 32.57 7.76
C GLN A 225 -19.18 31.31 6.89
N LEU A 226 -19.36 30.16 7.54
CA LEU A 226 -19.26 28.87 6.88
C LEU A 226 -20.64 28.23 6.72
N ARG A 227 -20.80 27.45 5.66
CA ARG A 227 -22.04 26.73 5.49
C ARG A 227 -22.02 25.45 6.32
N ILE A 228 -23.21 24.96 6.62
CA ILE A 228 -23.42 23.68 7.30
C ILE A 228 -24.26 22.79 6.40
N ILE A 229 -23.70 21.66 6.00
CA ILE A 229 -24.45 20.59 5.36
C ILE A 229 -24.42 19.40 6.30
N GLU A 230 -25.59 18.92 6.71
CA GLU A 230 -25.68 17.84 7.69
C GLU A 230 -25.89 16.53 6.95
N ASP A 231 -24.98 15.57 7.16
CA ASP A 231 -25.24 14.19 6.75
C ASP A 231 -26.21 13.56 7.74
N ALA A 232 -27.49 13.58 7.41
CA ALA A 232 -28.51 12.93 8.20
C ALA A 232 -28.99 11.64 7.54
N CYS A 233 -28.12 10.96 6.79
CA CYS A 233 -28.54 9.78 6.06
C CYS A 233 -28.97 8.63 6.98
N GLN A 234 -28.60 8.65 8.27
CA GLN A 234 -28.99 7.58 9.19
C GLN A 234 -29.97 8.06 10.24
N ALA A 235 -30.48 9.28 10.12
CA ALA A 235 -31.13 9.93 11.24
C ALA A 235 -32.57 10.36 10.95
N ILE A 236 -33.20 9.87 9.89
CA ILE A 236 -34.56 10.33 9.61
C ILE A 236 -35.45 10.01 10.81
N GLY A 237 -36.39 10.90 11.07
CA GLY A 237 -37.26 10.76 12.22
C GLY A 237 -36.73 11.38 13.50
N SER A 238 -35.47 11.79 13.54
CA SER A 238 -34.94 12.45 14.74
C SER A 238 -35.58 13.83 14.92
N SER A 239 -36.06 14.11 16.13
CA SER A 239 -36.79 15.33 16.43
C SER A 239 -35.94 16.58 16.21
N ASN A 240 -36.54 17.61 15.62
CA ASN A 240 -35.89 18.88 15.32
C ASN A 240 -34.64 18.72 14.46
N LEU A 241 -34.67 17.75 13.54
CA LEU A 241 -33.54 17.50 12.66
C LEU A 241 -33.33 18.69 11.72
N GLY A 242 -32.10 19.19 11.68
CA GLY A 242 -31.75 20.22 10.72
C GLY A 242 -32.11 21.63 11.12
N GLU A 243 -32.32 21.90 12.42
CA GLU A 243 -32.75 23.23 12.83
C GLU A 243 -31.67 24.27 12.56
N TYR A 244 -30.41 23.88 12.57
CA TYR A 244 -29.30 24.82 12.41
C TYR A 244 -28.54 24.63 11.12
N GLY A 245 -28.99 23.76 10.23
CA GLY A 245 -28.23 23.43 9.05
C GLY A 245 -28.67 24.27 7.87
N ASP A 246 -27.71 24.61 6.99
CA ASP A 246 -28.10 25.20 5.72
C ASP A 246 -28.84 24.17 4.88
N ILE A 247 -28.30 22.95 4.83
CA ILE A 247 -28.80 21.87 4.00
C ILE A 247 -28.73 20.58 4.83
N ILE A 248 -29.73 19.74 4.68
CA ILE A 248 -29.77 18.44 5.32
C ILE A 248 -29.84 17.38 4.24
N ILE A 249 -29.01 16.35 4.36
CA ILE A 249 -28.95 15.24 3.42
C ILE A 249 -29.63 14.03 4.05
N LEU A 250 -30.55 13.41 3.32
CA LEU A 250 -31.20 12.16 3.72
C LEU A 250 -30.83 11.07 2.73
N SER A 251 -30.78 9.81 3.21
CA SER A 251 -30.72 8.66 2.31
C SER A 251 -31.92 7.76 2.56
N PHE A 252 -32.55 7.28 1.46
CA PHE A 252 -33.63 6.31 1.49
C PHE A 252 -33.17 4.94 0.97
N ASN A 253 -31.89 4.61 1.13
CA ASN A 253 -31.44 3.29 0.71
C ASN A 253 -32.13 2.22 1.57
N PRO A 254 -32.24 1.00 1.04
CA PRO A 254 -33.14 0.01 1.67
C PRO A 254 -32.73 -0.41 3.08
N TYR A 255 -31.54 -0.05 3.53
CA TYR A 255 -31.02 -0.42 4.82
C TYR A 255 -31.22 0.65 5.89
N LYS A 256 -31.69 1.82 5.47
CA LYS A 256 -31.85 2.95 6.42
C LYS A 256 -33.17 2.76 7.19
N ASN A 257 -33.46 3.65 8.16
CA ASN A 257 -34.64 3.47 8.98
C ASN A 257 -35.90 3.49 8.11
N PHE A 258 -35.81 4.27 7.04
CA PHE A 258 -36.79 4.31 5.97
C PHE A 258 -36.06 4.11 4.65
N GLY A 259 -36.51 3.14 3.85
CA GLY A 259 -35.90 2.92 2.57
C GLY A 259 -36.96 2.69 1.49
N VAL A 260 -36.54 2.89 0.24
CA VAL A 260 -37.34 2.51 -0.92
C VAL A 260 -36.86 1.15 -1.38
N CYS A 261 -37.16 0.76 -2.63
CA CYS A 261 -36.66 -0.55 -3.05
C CYS A 261 -35.58 -0.40 -4.10
N GLY A 262 -34.47 0.19 -3.71
CA GLY A 262 -33.46 0.66 -4.63
C GLY A 262 -32.79 1.87 -4.00
N LYS A 263 -32.14 2.67 -4.82
CA LYS A 263 -31.38 3.82 -4.31
C LYS A 263 -32.18 5.10 -4.45
N ALA A 264 -32.14 5.91 -3.40
CA ALA A 264 -32.78 7.22 -3.38
C ALA A 264 -32.27 7.98 -2.16
N GLY A 265 -32.48 9.30 -2.19
CA GLY A 265 -32.03 10.20 -1.14
C GLY A 265 -32.82 11.48 -1.26
N ALA A 266 -32.43 12.49 -0.48
CA ALA A 266 -33.07 13.79 -0.62
C ALA A 266 -32.17 14.88 -0.11
N ILE A 267 -32.39 16.08 -0.67
CA ILE A 267 -31.79 17.34 -0.21
C ILE A 267 -32.91 18.15 0.42
N VAL A 268 -32.65 18.73 1.59
CA VAL A 268 -33.68 19.43 2.36
C VAL A 268 -33.12 20.77 2.83
N THR A 269 -33.87 21.86 2.60
CA THR A 269 -33.39 23.22 2.89
C THR A 269 -34.55 24.20 2.95
N ASN A 270 -34.37 25.27 3.76
CA ASN A 270 -35.27 26.44 3.74
C ASN A 270 -34.75 27.54 2.81
N ASN A 271 -33.59 27.35 2.20
CA ASN A 271 -32.88 28.39 1.45
C ASN A 271 -33.18 28.22 -0.04
N GLU A 272 -34.02 29.12 -0.57
CA GLU A 272 -34.53 28.94 -1.93
C GLU A 272 -33.40 29.01 -2.97
N ASN A 273 -32.40 29.85 -2.75
CA ASN A 273 -31.28 29.92 -3.68
C ASN A 273 -30.54 28.58 -3.74
N LEU A 274 -30.25 27.99 -2.59
CA LEU A 274 -29.61 26.69 -2.57
C LEU A 274 -30.51 25.63 -3.19
N ALA A 275 -31.80 25.65 -2.84
CA ALA A 275 -32.75 24.70 -3.42
C ALA A 275 -32.75 24.74 -4.94
N ILE A 276 -32.76 25.95 -5.52
CA ILE A 276 -32.79 26.06 -6.98
C ILE A 276 -31.55 25.42 -7.59
N ARG A 277 -30.36 25.78 -7.07
CA ARG A 277 -29.12 25.23 -7.63
C ARG A 277 -29.06 23.71 -7.48
N CYS A 278 -29.55 23.19 -6.35
CA CYS A 278 -29.59 21.74 -6.18
C CYS A 278 -30.47 21.07 -7.21
N ASN A 279 -31.66 21.61 -7.43
CA ASN A 279 -32.52 21.08 -8.49
C ASN A 279 -31.81 21.14 -9.84
N GLN A 280 -31.05 22.22 -10.10
CA GLN A 280 -30.40 22.35 -11.40
C GLN A 280 -29.22 21.39 -11.54
N TYR A 281 -28.33 21.35 -10.52
CA TYR A 281 -27.20 20.42 -10.54
C TYR A 281 -27.64 18.97 -10.55
N SER A 282 -28.77 18.65 -9.94
CA SER A 282 -29.17 17.25 -9.89
C SER A 282 -29.67 16.75 -11.22
N TYR A 283 -29.83 17.65 -12.22
CA TYR A 283 -30.38 17.27 -13.51
C TYR A 283 -29.68 18.05 -14.61
N HIS A 284 -28.38 17.79 -14.76
CA HIS A 284 -27.60 18.16 -15.92
C HIS A 284 -27.32 19.66 -16.05
N GLY A 285 -27.61 20.45 -15.02
CA GLY A 285 -27.48 21.89 -15.14
C GLY A 285 -28.62 22.57 -15.87
N PHE A 286 -29.66 21.82 -16.23
CA PHE A 286 -30.79 22.43 -16.91
C PHE A 286 -31.54 23.34 -15.96
N GLU A 287 -32.11 24.41 -16.52
CA GLU A 287 -33.05 25.22 -15.76
C GLU A 287 -34.20 24.33 -15.31
N VAL A 288 -34.84 24.73 -14.21
CA VAL A 288 -35.81 23.88 -13.54
C VAL A 288 -36.93 23.55 -14.53
N ASP A 289 -37.03 22.27 -14.87
CA ASP A 289 -38.10 21.74 -15.72
C ASP A 289 -38.08 22.35 -17.12
N LYS A 290 -36.89 22.78 -17.56
CA LYS A 290 -36.62 23.18 -18.94
C LYS A 290 -35.53 22.23 -19.44
N LYS A 291 -35.95 21.01 -19.77
CA LYS A 291 -35.00 20.00 -20.22
C LYS A 291 -34.30 20.44 -21.49
N ASN A 292 -33.01 20.13 -21.57
CA ASN A 292 -32.08 20.38 -22.69
C ASN A 292 -31.60 21.82 -22.78
N LYS A 293 -31.79 22.63 -21.74
CA LYS A 293 -31.36 24.03 -21.74
C LYS A 293 -30.59 24.32 -20.45
N LYS A 294 -29.26 24.41 -20.56
CA LYS A 294 -28.41 24.50 -19.39
C LYS A 294 -28.25 25.95 -18.92
N VAL A 295 -28.25 26.14 -17.60
CA VAL A 295 -27.94 27.43 -16.97
C VAL A 295 -26.71 27.28 -16.09
N LEU A 296 -26.48 26.08 -15.55
CA LEU A 296 -25.25 25.80 -14.83
C LEU A 296 -24.25 25.13 -15.77
N ASP A 297 -22.99 25.11 -15.34
CA ASP A 297 -21.92 24.66 -16.23
C ASP A 297 -22.07 23.18 -16.58
N PHE A 298 -22.61 22.40 -15.66
CA PHE A 298 -22.78 20.97 -15.84
C PHE A 298 -23.72 20.49 -14.75
N GLY A 299 -24.06 19.21 -14.80
CA GLY A 299 -24.74 18.60 -13.66
C GLY A 299 -24.72 17.10 -13.83
N PHE A 300 -25.40 16.42 -12.92
CA PHE A 300 -25.50 14.97 -12.84
C PHE A 300 -26.89 14.53 -13.27
N ASN A 301 -27.07 13.22 -13.36
CA ASN A 301 -28.39 12.64 -13.59
C ASN A 301 -28.82 12.03 -12.25
N SER A 302 -29.32 12.87 -11.36
CA SER A 302 -29.43 12.50 -9.95
C SER A 302 -30.75 12.83 -9.28
N LYS A 303 -31.84 12.98 -10.01
CA LYS A 303 -33.10 13.03 -9.30
C LYS A 303 -33.60 11.61 -9.05
N ILE A 304 -34.52 11.47 -8.09
CA ILE A 304 -35.07 10.16 -7.79
C ILE A 304 -35.87 9.67 -8.99
N ASP A 305 -35.95 8.34 -9.16
CA ASP A 305 -36.94 7.73 -10.04
C ASP A 305 -38.36 7.91 -9.51
N ASN A 306 -39.27 8.36 -10.38
CA ASN A 306 -40.69 8.45 -10.02
C ASN A 306 -41.21 7.14 -9.42
N LEU A 307 -40.81 6.00 -10.00
CA LEU A 307 -41.21 4.70 -9.49
C LEU A 307 -40.71 4.45 -8.07
N GLN A 308 -39.45 4.81 -7.78
CA GLN A 308 -38.98 4.65 -6.41
C GLN A 308 -39.65 5.63 -5.47
N ALA A 309 -40.00 6.83 -5.96
CA ALA A 309 -40.75 7.74 -5.11
C ALA A 309 -42.11 7.15 -4.75
N ALA A 310 -42.73 6.43 -5.69
CA ALA A 310 -44.01 5.80 -5.39
C ALA A 310 -43.86 4.67 -4.38
N ILE A 311 -42.81 3.87 -4.51
CA ILE A 311 -42.51 2.86 -3.51
C ILE A 311 -42.20 3.53 -2.18
N GLY A 312 -41.44 4.64 -2.21
CA GLY A 312 -41.16 5.39 -1.00
C GLY A 312 -42.41 5.81 -0.25
N LEU A 313 -43.42 6.33 -0.98
CA LEU A 313 -44.68 6.75 -0.36
C LEU A 313 -45.45 5.60 0.24
N GLU A 314 -45.20 4.37 -0.21
CA GLU A 314 -45.79 3.20 0.45
C GLU A 314 -44.96 2.79 1.66
N ARG A 315 -43.64 2.77 1.54
CA ARG A 315 -42.83 2.28 2.66
C ARG A 315 -42.73 3.26 3.81
N ILE A 316 -42.81 4.57 3.54
CA ILE A 316 -42.68 5.57 4.60
C ILE A 316 -43.83 5.45 5.59
N LYS A 317 -44.92 4.80 5.19
CA LYS A 317 -46.03 4.52 6.09
C LYS A 317 -45.59 3.81 7.37
N PHE A 318 -44.53 3.01 7.32
CA PHE A 318 -44.06 2.21 8.44
C PHE A 318 -43.01 2.92 9.29
N LEU A 319 -42.63 4.15 8.93
CA LEU A 319 -41.41 4.75 9.49
C LEU A 319 -41.52 4.94 11.01
N SER A 320 -42.57 5.62 11.47
CA SER A 320 -42.66 5.94 12.90
C SER A 320 -42.82 4.68 13.72
N TYR A 321 -43.58 3.70 13.21
CA TYR A 321 -43.77 2.42 13.88
C TYR A 321 -42.48 1.65 13.96
N ASN A 322 -41.74 1.56 12.84
CA ASN A 322 -40.45 0.85 12.87
C ASN A 322 -39.45 1.56 13.78
N ASN A 323 -39.46 2.89 13.79
CA ASN A 323 -38.59 3.59 14.72
C ASN A 323 -39.00 3.31 16.18
N LEU A 324 -40.30 3.15 16.44
CA LEU A 324 -40.73 2.79 17.79
C LEU A 324 -40.20 1.43 18.19
N LYS A 325 -40.30 0.43 17.30
CA LYS A 325 -39.73 -0.89 17.59
C LYS A 325 -38.21 -0.80 17.84
N ARG A 326 -37.53 0.04 17.06
CA ARG A 326 -36.08 0.26 17.25
C ARG A 326 -35.77 0.81 18.64
N VAL A 327 -36.51 1.84 19.08
CA VAL A 327 -36.22 2.39 20.40
C VAL A 327 -36.55 1.40 21.52
N PHE A 328 -37.58 0.58 21.34
CA PHE A 328 -37.87 -0.47 22.31
C PHE A 328 -36.71 -1.45 22.39
N LEU A 329 -36.19 -1.89 21.23
CA LEU A 329 -35.03 -2.79 21.22
C LEU A 329 -33.81 -2.13 21.86
N ALA A 330 -33.52 -0.86 21.55
CA ALA A 330 -32.33 -0.23 22.12
C ALA A 330 -32.43 -0.18 23.66
N GLN A 331 -33.59 0.22 24.17
CA GLN A 331 -33.77 0.32 25.62
C GLN A 331 -33.65 -1.05 26.27
N ARG A 332 -34.14 -2.10 25.61
CA ARG A 332 -34.04 -3.45 26.14
C ARG A 332 -32.58 -3.90 26.22
N TYR A 333 -31.76 -3.54 25.22
CA TYR A 333 -30.33 -3.81 25.29
C TYR A 333 -29.70 -3.06 26.45
N ILE A 334 -30.03 -1.78 26.60
CA ILE A 334 -29.44 -0.98 27.67
C ILE A 334 -29.83 -1.55 29.02
N ARG A 335 -31.10 -1.93 29.18
CA ARG A 335 -31.57 -2.37 30.49
C ARG A 335 -31.04 -3.75 30.85
N ASN A 336 -30.82 -4.62 29.88
CA ASN A 336 -30.34 -5.97 30.17
C ASN A 336 -28.83 -6.11 30.17
N LEU A 337 -28.08 -5.12 29.70
CA LEU A 337 -26.63 -5.18 29.69
C LEU A 337 -26.01 -4.32 30.78
N LYS A 338 -26.83 -3.59 31.55
CA LYS A 338 -26.35 -2.60 32.51
C LYS A 338 -25.30 -3.15 33.47
N GLU A 339 -25.40 -4.42 33.86
CA GLU A 339 -24.45 -4.90 34.86
C GLU A 339 -23.08 -5.13 34.24
N LEU A 340 -23.02 -5.34 32.92
CA LEU A 340 -21.72 -5.40 32.26
C LEU A 340 -21.07 -4.02 32.26
N GLU A 341 -21.88 -2.96 32.25
CA GLU A 341 -21.39 -1.59 32.40
C GLU A 341 -21.02 -1.30 33.85
N ASP A 342 -21.86 -1.72 34.80
CA ASP A 342 -21.52 -1.54 36.21
C ASP A 342 -20.25 -2.31 36.56
N ARG A 343 -19.96 -3.39 35.84
CA ARG A 343 -18.71 -4.11 36.02
C ARG A 343 -17.57 -3.49 35.23
N GLU A 344 -17.83 -2.42 34.48
CA GLU A 344 -16.80 -1.70 33.70
C GLU A 344 -16.18 -2.61 32.64
N LEU A 345 -17.00 -3.47 32.06
CA LEU A 345 -16.59 -4.29 30.92
C LEU A 345 -16.99 -3.66 29.60
N ILE A 346 -18.10 -2.91 29.60
CA ILE A 346 -18.62 -2.24 28.42
C ILE A 346 -19.13 -0.87 28.84
N LYS A 347 -19.32 -0.03 27.83
CA LYS A 347 -20.03 1.23 28.00
C LYS A 347 -21.21 1.21 27.06
N LEU A 348 -22.35 1.50 27.59
CA LEU A 348 -23.60 1.46 26.88
C LEU A 348 -23.98 2.85 26.41
N PRO A 349 -24.74 2.94 25.31
CA PRO A 349 -25.34 4.22 24.94
C PRO A 349 -26.45 4.59 25.92
N ARG A 350 -26.72 5.88 26.00
CA ARG A 350 -27.77 6.38 26.86
C ARG A 350 -29.02 6.64 26.02
N MET A 351 -30.19 6.35 26.61
CA MET A 351 -31.44 6.70 25.96
C MET A 351 -31.62 8.22 25.91
N THR A 352 -31.73 8.78 24.69
CA THR A 352 -31.97 10.20 24.50
C THR A 352 -33.12 10.39 23.51
N GLU A 353 -33.72 11.58 23.53
CA GLU A 353 -34.93 11.75 22.72
C GLU A 353 -34.66 12.06 21.26
N ASP A 354 -33.40 12.17 20.83
CA ASP A 354 -33.11 12.46 19.41
C ASP A 354 -32.69 11.23 18.61
N ASN A 355 -32.24 10.17 19.28
CA ASN A 355 -31.64 9.00 18.63
C ASN A 355 -32.73 8.14 17.99
N VAL A 356 -32.59 7.83 16.70
CA VAL A 356 -33.51 6.92 16.04
C VAL A 356 -32.93 5.52 15.91
N TRP A 357 -31.74 5.28 16.42
CA TRP A 357 -31.26 3.92 16.65
C TRP A 357 -31.19 3.17 15.33
N HIS A 358 -30.55 3.80 14.37
CA HIS A 358 -30.27 3.11 13.12
C HIS A 358 -29.28 2.00 13.37
N LEU A 359 -28.25 2.28 14.17
CA LEU A 359 -27.30 1.29 14.66
C LEU A 359 -27.16 1.41 16.18
N PHE A 360 -26.82 0.29 16.82
CA PHE A 360 -26.72 0.21 18.29
C PHE A 360 -25.27 -0.04 18.69
N PRO A 361 -24.52 1.01 19.06
CA PRO A 361 -23.11 0.84 19.38
C PRO A 361 -22.86 0.64 20.88
N ILE A 362 -21.98 -0.28 21.23
CA ILE A 362 -21.45 -0.32 22.59
C ILE A 362 -19.94 -0.24 22.46
N ARG A 363 -19.27 0.06 23.57
CA ARG A 363 -17.81 0.04 23.61
C ARG A 363 -17.36 -1.08 24.53
N ILE A 364 -16.49 -1.96 24.00
CA ILE A 364 -15.86 -3.03 24.77
C ILE A 364 -14.48 -2.53 25.18
N ILE A 365 -14.31 -2.22 26.46
CA ILE A 365 -13.07 -1.60 26.90
C ILE A 365 -12.08 -2.65 27.37
N ASN A 366 -10.94 -2.20 27.90
CA ASN A 366 -9.83 -3.06 28.29
C ASN A 366 -9.25 -3.82 27.09
N GLY A 367 -9.48 -3.32 25.88
CA GLY A 367 -8.97 -3.96 24.69
C GLY A 367 -9.62 -5.28 24.33
N ARG A 368 -10.84 -5.54 24.82
CA ARG A 368 -11.46 -6.85 24.66
C ARG A 368 -12.40 -6.90 23.47
N ARG A 369 -12.44 -5.86 22.64
CA ARG A 369 -13.43 -5.80 21.58
C ARG A 369 -13.27 -6.96 20.60
N ASP A 370 -12.04 -7.20 20.13
CA ASP A 370 -11.85 -8.24 19.12
C ASP A 370 -12.13 -9.63 19.68
N GLU A 371 -11.72 -9.90 20.92
CA GLU A 371 -12.03 -11.20 21.51
C GLU A 371 -13.53 -11.41 21.63
N VAL A 372 -14.27 -10.36 22.02
CA VAL A 372 -15.71 -10.51 22.23
C VAL A 372 -16.43 -10.69 20.90
N LYS A 373 -16.09 -9.87 19.91
CA LYS A 373 -16.69 -10.02 18.58
C LYS A 373 -16.45 -11.42 18.03
N ASN A 374 -15.20 -11.88 18.11
CA ASN A 374 -14.84 -13.15 17.50
C ASN A 374 -15.44 -14.33 18.24
N LYS A 375 -15.44 -14.28 19.59
CA LYS A 375 -16.09 -15.34 20.35
C LYS A 375 -17.59 -15.34 20.12
N LEU A 376 -18.22 -14.16 20.06
CA LEU A 376 -19.67 -14.13 19.87
C LEU A 376 -20.06 -14.83 18.58
N TYR A 377 -19.24 -14.68 17.54
CA TYR A 377 -19.52 -15.39 16.30
C TYR A 377 -19.10 -16.85 16.38
N GLN A 378 -17.82 -17.11 16.71
CA GLN A 378 -17.33 -18.48 16.63
C GLN A 378 -17.97 -19.37 17.68
N LEU A 379 -18.23 -18.85 18.89
CA LEU A 379 -18.76 -19.69 19.96
C LEU A 379 -20.28 -19.67 20.02
N TYR A 380 -20.91 -18.50 19.89
CA TYR A 380 -22.34 -18.39 20.12
C TYR A 380 -23.15 -18.18 18.85
N ASN A 381 -22.52 -18.26 17.67
CA ASN A 381 -23.22 -18.08 16.38
C ASN A 381 -23.91 -16.72 16.27
N ILE A 382 -23.27 -15.68 16.77
CA ILE A 382 -23.87 -14.35 16.82
C ILE A 382 -23.01 -13.39 15.99
N GLU A 383 -23.57 -12.90 14.88
CA GLU A 383 -22.91 -11.86 14.11
C GLU A 383 -23.00 -10.51 14.82
N THR A 384 -21.87 -9.86 14.98
CA THR A 384 -21.85 -8.46 15.34
C THR A 384 -21.05 -7.76 14.25
N ASP A 385 -21.09 -6.43 14.24
CA ASP A 385 -20.38 -5.72 13.17
C ASP A 385 -19.76 -4.44 13.70
N ILE A 386 -18.83 -3.91 12.92
CA ILE A 386 -18.16 -2.66 13.23
C ILE A 386 -18.44 -1.71 12.07
N TYR A 387 -19.32 -0.73 12.28
CA TYR A 387 -19.55 0.35 11.32
C TYR A 387 -18.72 1.54 11.80
N TYR A 388 -17.56 1.76 11.19
CA TYR A 388 -17.07 1.14 9.96
C TYR A 388 -15.67 0.62 10.20
N PRO A 389 -15.27 -0.45 9.51
CA PRO A 389 -14.02 -1.14 9.91
C PRO A 389 -12.75 -0.33 9.71
N VAL A 390 -12.74 0.66 8.81
CA VAL A 390 -11.55 1.45 8.56
C VAL A 390 -11.91 2.93 8.65
N LEU A 391 -11.10 3.69 9.40
CA LEU A 391 -11.29 5.13 9.50
C LEU A 391 -10.81 5.83 8.22
N SER A 392 -11.40 6.99 7.92
CA SER A 392 -11.18 7.60 6.61
C SER A 392 -9.73 7.97 6.37
N HIS A 393 -9.00 8.41 7.41
CA HIS A 393 -7.59 8.74 7.22
C HIS A 393 -6.69 7.51 7.23
N LYS A 394 -7.26 6.31 7.24
CA LYS A 394 -6.51 5.09 7.40
C LYS A 394 -6.73 4.08 6.28
N HIS A 395 -7.50 4.44 5.24
CA HIS A 395 -7.67 3.54 4.12
C HIS A 395 -6.34 3.32 3.40
N ASN A 396 -6.19 2.14 2.83
CA ASN A 396 -4.97 1.80 2.11
C ASN A 396 -5.05 2.26 0.65
N THR A 397 -5.22 3.57 0.48
CA THR A 397 -5.34 4.16 -0.86
C THR A 397 -4.19 5.13 -1.10
N LYS A 398 -4.03 5.48 -2.38
CA LYS A 398 -3.02 6.48 -2.76
C LYS A 398 -3.33 7.84 -2.16
N LEU A 399 -4.61 8.18 -2.04
CA LEU A 399 -5.00 9.45 -1.45
C LEU A 399 -4.53 9.58 -0.01
N VAL A 400 -4.74 8.52 0.79
CA VAL A 400 -4.36 8.55 2.19
C VAL A 400 -2.84 8.65 2.34
N LYS A 401 -2.10 7.82 1.61
CA LYS A 401 -0.64 7.80 1.73
C LYS A 401 -0.01 9.13 1.35
N LYS A 402 -0.68 9.94 0.54
CA LYS A 402 -0.14 11.23 0.14
C LYS A 402 -0.61 12.38 1.03
N ASN A 403 -1.81 12.28 1.61
CA ASN A 403 -2.46 13.43 2.23
C ASN A 403 -2.82 13.29 3.71
N TYR A 404 -2.89 12.07 4.25
CA TYR A 404 -3.40 11.90 5.61
C TYR A 404 -2.50 11.03 6.48
N MET A 405 -1.24 10.83 6.08
CA MET A 405 -0.38 9.94 6.85
C MET A 405 -0.11 10.48 8.25
N GLN A 406 0.02 11.80 8.39
CA GLN A 406 0.29 12.43 9.68
C GLN A 406 -0.98 12.81 10.44
N ASP A 407 -2.16 12.44 9.92
CA ASP A 407 -3.40 12.70 10.64
C ASP A 407 -3.47 11.84 11.90
N THR A 408 -3.73 12.48 13.03
CA THR A 408 -3.94 11.80 14.30
C THR A 408 -5.24 12.30 14.91
N LEU A 409 -6.20 11.39 15.11
CA LEU A 409 -7.51 11.70 15.66
C LEU A 409 -7.67 10.82 16.90
N LEU A 410 -7.32 11.39 18.05
CA LEU A 410 -7.11 10.60 19.26
C LEU A 410 -8.39 9.88 19.70
N ASN A 411 -9.49 10.63 19.87
CA ASN A 411 -10.74 10.02 20.35
C ASN A 411 -11.33 9.09 19.32
N THR A 412 -11.27 9.50 18.04
CA THR A 412 -11.79 8.65 16.97
C THR A 412 -11.07 7.31 16.97
N GLU A 413 -9.73 7.35 17.00
CA GLU A 413 -8.93 6.15 16.92
C GLU A 413 -9.13 5.25 18.15
N GLN A 414 -9.20 5.84 19.34
CA GLN A 414 -9.38 5.06 20.56
C GLN A 414 -10.73 4.34 20.55
N VAL A 415 -11.81 5.07 20.28
CA VAL A 415 -13.13 4.46 20.29
C VAL A 415 -13.31 3.47 19.15
N HIS A 416 -12.53 3.62 18.08
CA HIS A 416 -12.57 2.67 16.98
C HIS A 416 -12.08 1.31 17.44
N LYS A 417 -11.12 1.28 18.37
CA LYS A 417 -10.64 0.02 18.92
C LYS A 417 -11.63 -0.63 19.88
N GLU A 418 -12.68 0.08 20.30
CA GLU A 418 -13.61 -0.46 21.28
C GLU A 418 -15.02 -0.68 20.74
N ILE A 419 -15.37 -0.05 19.61
CA ILE A 419 -16.74 -0.01 19.11
C ILE A 419 -17.18 -1.40 18.67
N LEU A 420 -18.46 -1.70 18.90
CA LEU A 420 -19.09 -2.90 18.38
C LEU A 420 -20.58 -2.63 18.31
N HIS A 421 -21.19 -3.01 17.19
CA HIS A 421 -22.60 -2.78 16.93
C HIS A 421 -23.36 -4.08 17.09
N LEU A 422 -24.46 -4.02 17.80
CA LEU A 422 -25.27 -5.20 18.06
C LEU A 422 -26.47 -5.27 17.12
N PRO A 423 -26.90 -6.47 16.75
CA PRO A 423 -28.07 -6.60 15.86
C PRO A 423 -29.27 -5.81 16.35
N LEU A 424 -29.79 -4.92 15.51
CA LEU A 424 -31.00 -4.17 15.85
C LEU A 424 -31.67 -3.75 14.56
N HIS A 425 -32.86 -4.28 14.33
CA HIS A 425 -33.66 -3.89 13.18
C HIS A 425 -35.10 -4.15 13.57
N PRO A 426 -36.05 -3.42 12.98
CA PRO A 426 -37.37 -3.34 13.59
C PRO A 426 -38.17 -4.63 13.52
N ASN A 427 -37.81 -5.56 12.65
CA ASN A 427 -38.57 -6.80 12.57
C ASN A 427 -37.83 -7.98 13.20
N MET A 428 -36.86 -7.71 14.06
CA MET A 428 -36.21 -8.81 14.76
C MET A 428 -37.11 -9.28 15.90
N LEU A 429 -37.00 -10.56 16.21
CA LEU A 429 -37.79 -11.13 17.30
C LEU A 429 -37.16 -10.77 18.63
N LEU A 430 -37.98 -10.76 19.68
CA LEU A 430 -37.40 -10.63 21.00
C LEU A 430 -36.61 -11.89 21.38
N GLU A 431 -36.99 -13.06 20.85
CA GLU A 431 -36.21 -14.26 21.11
C GLU A 431 -34.83 -14.17 20.50
N GLU A 432 -34.74 -13.48 19.36
CA GLU A 432 -33.47 -13.21 18.71
C GLU A 432 -32.60 -12.28 19.56
N GLN A 433 -33.19 -11.21 20.10
CA GLN A 433 -32.43 -10.32 20.98
C GLN A 433 -32.02 -11.04 22.27
N ASN A 434 -32.88 -11.93 22.78
CA ASN A 434 -32.50 -12.74 23.93
C ASN A 434 -31.26 -13.57 23.63
N PHE A 435 -31.22 -14.17 22.43
CA PHE A 435 -30.05 -14.92 22.01
C PHE A 435 -28.79 -14.06 22.09
N VAL A 436 -28.85 -12.86 21.49
CA VAL A 436 -27.72 -11.92 21.55
C VAL A 436 -27.37 -11.59 22.99
N LEU A 437 -28.38 -11.24 23.82
CA LEU A 437 -28.15 -10.85 25.21
C LEU A 437 -27.49 -11.95 26.02
N GLU A 438 -27.88 -13.21 25.81
CA GLU A 438 -27.29 -14.27 26.61
C GLU A 438 -25.86 -14.56 26.17
N GLY A 439 -25.59 -14.51 24.86
CA GLY A 439 -24.22 -14.62 24.40
C GLY A 439 -23.36 -13.49 24.94
N LEU A 440 -23.90 -12.27 24.91
CA LEU A 440 -23.14 -11.12 25.43
C LEU A 440 -22.80 -11.33 26.90
N ILE A 441 -23.75 -11.85 27.67
CA ILE A 441 -23.51 -12.02 29.10
C ILE A 441 -22.56 -13.18 29.36
N ASN A 442 -22.75 -14.29 28.65
CA ASN A 442 -21.92 -15.47 28.83
C ASN A 442 -20.46 -15.22 28.46
N VAL A 443 -20.21 -14.44 27.41
CA VAL A 443 -18.83 -14.19 27.03
C VAL A 443 -18.15 -13.18 27.95
N ASN A 444 -18.92 -12.45 28.76
CA ASN A 444 -18.34 -11.48 29.69
C ASN A 444 -18.35 -11.95 31.13
N LYS A 445 -18.44 -13.27 31.36
CA LYS A 445 -18.37 -13.81 32.72
C LYS A 445 -16.97 -13.61 33.31
N THR B 7 -29.82 -19.87 -19.63
CA THR B 7 -28.58 -19.75 -20.37
C THR B 7 -28.69 -20.46 -21.72
N LEU B 8 -28.27 -19.78 -22.79
CA LEU B 8 -28.49 -20.25 -24.15
C LEU B 8 -27.19 -20.22 -24.93
N THR B 9 -26.89 -21.33 -25.62
CA THR B 9 -25.78 -21.39 -26.56
C THR B 9 -26.31 -21.73 -27.94
N THR B 10 -25.96 -20.92 -28.93
CA THR B 10 -26.32 -21.22 -30.32
C THR B 10 -25.15 -21.94 -30.98
N ILE B 11 -25.40 -23.17 -31.41
CA ILE B 11 -24.36 -23.98 -32.03
C ILE B 11 -24.12 -23.44 -33.44
N SER B 12 -22.96 -22.84 -33.65
CA SER B 12 -22.54 -22.34 -34.95
C SER B 12 -21.82 -23.40 -35.77
N GLY B 13 -21.45 -24.52 -35.13
CA GLY B 13 -20.67 -25.55 -35.77
C GLY B 13 -19.19 -25.39 -35.57
N HIS B 14 -18.75 -24.51 -34.69
CA HIS B 14 -17.34 -24.30 -34.45
C HIS B 14 -16.92 -24.91 -33.12
N SER B 15 -15.61 -24.78 -32.84
CA SER B 15 -14.98 -25.58 -31.80
C SER B 15 -15.40 -25.13 -30.41
N LYS B 16 -15.59 -23.81 -30.21
CA LYS B 16 -15.99 -23.33 -28.89
C LYS B 16 -17.37 -23.84 -28.52
N ASP B 17 -18.34 -23.74 -29.44
CA ASP B 17 -19.68 -24.23 -29.14
C ASP B 17 -19.70 -25.75 -28.97
N ASN B 18 -18.93 -26.48 -29.79
CA ASN B 18 -18.84 -27.93 -29.61
C ASN B 18 -18.36 -28.29 -28.21
N LEU B 19 -17.41 -27.53 -27.66
CA LEU B 19 -16.94 -27.82 -26.31
C LEU B 19 -18.05 -27.64 -25.29
N ALA B 20 -18.87 -26.59 -25.44
CA ALA B 20 -20.01 -26.40 -24.55
C ALA B 20 -21.02 -27.54 -24.69
N LEU B 21 -21.27 -27.98 -25.92
CA LEU B 21 -22.23 -29.05 -26.15
C LEU B 21 -21.72 -30.36 -25.57
N LEU B 22 -20.42 -30.63 -25.72
CA LEU B 22 -19.82 -31.80 -25.11
C LEU B 22 -20.06 -31.81 -23.60
N LYS B 23 -19.86 -30.67 -22.95
CA LYS B 23 -20.03 -30.63 -21.49
C LYS B 23 -21.49 -30.92 -21.10
N CYS B 24 -22.45 -30.40 -21.87
CA CYS B 24 -23.86 -30.67 -21.64
C CYS B 24 -24.20 -32.15 -21.87
N LEU B 25 -23.71 -32.70 -22.99
CA LEU B 25 -24.02 -34.09 -23.31
C LEU B 25 -23.47 -35.05 -22.28
N GLN B 26 -22.27 -34.79 -21.76
CA GLN B 26 -21.71 -35.62 -20.69
C GLN B 26 -22.32 -35.34 -19.32
N GLY B 27 -23.34 -34.49 -19.23
CA GLY B 27 -23.96 -34.23 -17.93
C GLY B 27 -23.10 -33.41 -17.01
N GLU B 28 -22.24 -32.57 -17.55
CA GLU B 28 -21.30 -31.79 -16.77
C GLU B 28 -21.74 -30.34 -16.59
N THR B 29 -22.86 -29.94 -17.18
CA THR B 29 -23.33 -28.58 -17.08
C THR B 29 -24.81 -28.53 -16.77
N LYS B 30 -25.22 -27.37 -16.31
CA LYS B 30 -26.48 -27.19 -15.58
C LYS B 30 -27.48 -26.54 -16.53
N GLU B 31 -28.30 -27.39 -17.14
CA GLU B 31 -29.42 -26.97 -17.99
C GLU B 31 -29.08 -25.80 -18.89
N LYS B 32 -27.89 -25.81 -19.48
CA LYS B 32 -27.57 -24.84 -20.52
C LYS B 32 -28.36 -25.23 -21.77
N GLU B 33 -29.13 -24.28 -22.29
CA GLU B 33 -30.06 -24.57 -23.38
C GLU B 33 -29.38 -24.35 -24.72
N PHE B 34 -29.65 -25.25 -25.65
CA PHE B 34 -28.98 -25.25 -26.96
C PHE B 34 -30.00 -25.14 -28.08
N GLU B 35 -29.64 -24.35 -29.08
CA GLU B 35 -30.26 -24.37 -30.39
C GLU B 35 -29.12 -24.49 -31.40
N ILE B 36 -29.46 -24.66 -32.66
CA ILE B 36 -28.43 -24.93 -33.65
C ILE B 36 -28.74 -24.15 -34.92
N SER B 37 -27.70 -23.55 -35.47
CA SER B 37 -27.83 -22.79 -36.72
C SER B 37 -28.03 -23.74 -37.89
N ASN B 38 -29.06 -23.51 -38.70
CA ASN B 38 -29.30 -24.43 -39.81
C ASN B 38 -28.33 -24.19 -40.97
N VAL B 39 -27.04 -24.11 -40.68
CA VAL B 39 -26.04 -23.96 -41.73
C VAL B 39 -25.56 -25.35 -42.17
N LEU B 40 -25.08 -25.42 -43.41
CA LEU B 40 -24.75 -26.73 -43.99
C LEU B 40 -23.75 -27.55 -43.16
N PRO B 41 -22.67 -26.99 -42.59
CA PRO B 41 -21.80 -27.81 -41.73
C PRO B 41 -22.47 -28.41 -40.48
N ASN B 42 -23.69 -27.99 -40.15
CA ASN B 42 -24.43 -28.47 -38.98
C ASN B 42 -25.48 -29.52 -39.33
N HIS B 43 -25.64 -29.82 -40.62
CA HIS B 43 -26.77 -30.64 -41.07
C HIS B 43 -26.83 -31.98 -40.36
N LYS B 44 -25.70 -32.69 -40.29
CA LYS B 44 -25.69 -33.99 -39.64
C LYS B 44 -25.94 -33.85 -38.14
N MET B 45 -25.33 -32.86 -37.51
CA MET B 45 -25.56 -32.65 -36.08
C MET B 45 -27.01 -32.31 -35.78
N LYS B 46 -27.61 -31.45 -36.59
CA LYS B 46 -29.01 -31.10 -36.40
C LYS B 46 -29.91 -32.32 -36.57
N GLU B 47 -29.65 -33.16 -37.59
CA GLU B 47 -30.43 -34.39 -37.74
C GLU B 47 -30.24 -35.32 -36.55
N LYS B 48 -29.00 -35.48 -36.09
CA LYS B 48 -28.68 -36.55 -35.16
C LYS B 48 -29.02 -36.18 -33.72
N LEU B 49 -28.76 -34.93 -33.31
CA LEU B 49 -28.80 -34.53 -31.91
C LEU B 49 -29.94 -33.59 -31.55
N PHE B 50 -30.67 -33.06 -32.54
CA PHE B 50 -31.68 -32.04 -32.30
C PHE B 50 -33.02 -32.48 -32.85
N ARG B 51 -34.08 -31.94 -32.25
CA ARG B 51 -35.45 -32.17 -32.70
C ARG B 51 -36.27 -30.97 -32.22
N GLU B 52 -37.05 -30.37 -33.13
CA GLU B 52 -37.78 -29.14 -32.83
C GLU B 52 -36.83 -28.02 -32.41
N ASN B 53 -35.67 -27.97 -33.08
CA ASN B 53 -34.60 -27.01 -32.78
C ASN B 53 -34.22 -27.02 -31.30
N LYS B 54 -34.41 -28.16 -30.63
CA LYS B 54 -33.95 -28.38 -29.26
C LYS B 54 -33.15 -29.67 -29.22
N LEU B 55 -32.19 -29.73 -28.30
CA LEU B 55 -31.42 -30.95 -28.07
C LEU B 55 -32.36 -32.11 -27.77
N LYS B 56 -32.13 -33.26 -28.43
CA LYS B 56 -32.92 -34.46 -28.14
C LYS B 56 -32.80 -34.81 -26.65
N ILE B 57 -33.85 -35.39 -26.10
CA ILE B 57 -33.86 -35.76 -24.68
C ILE B 57 -33.11 -37.07 -24.41
N ASP B 58 -33.05 -37.94 -25.41
CA ASP B 58 -32.64 -39.34 -25.23
C ASP B 58 -31.22 -39.62 -25.75
N ILE B 59 -30.37 -38.60 -25.82
CA ILE B 59 -29.01 -38.81 -26.30
C ILE B 59 -28.20 -39.63 -25.29
N ASP B 60 -27.70 -40.78 -25.71
CA ASP B 60 -26.65 -41.51 -25.02
C ASP B 60 -25.39 -41.51 -25.88
N ILE B 61 -24.31 -40.93 -25.35
CA ILE B 61 -23.12 -40.70 -26.19
C ILE B 61 -22.51 -42.02 -26.64
N GLU B 62 -22.41 -42.99 -25.74
CA GLU B 62 -21.69 -44.21 -26.07
C GLU B 62 -22.44 -45.04 -27.09
N LYS B 63 -23.76 -45.18 -26.93
CA LYS B 63 -24.51 -46.05 -27.83
C LYS B 63 -24.93 -45.33 -29.10
N ASP B 64 -25.50 -44.12 -28.98
CA ASP B 64 -26.02 -43.45 -30.17
C ASP B 64 -24.92 -42.79 -30.98
N ILE B 65 -23.95 -42.17 -30.32
CA ILE B 65 -22.92 -41.43 -31.06
C ILE B 65 -21.79 -42.35 -31.48
N PHE B 66 -21.32 -43.23 -30.61
CA PHE B 66 -20.17 -44.08 -30.91
C PHE B 66 -20.49 -45.55 -31.13
N ASN B 67 -21.76 -45.95 -31.04
CA ASN B 67 -22.18 -47.32 -31.33
C ASN B 67 -21.45 -48.36 -30.47
N TYR B 68 -21.15 -48.00 -29.22
CA TYR B 68 -20.42 -48.90 -28.34
C TYR B 68 -21.21 -50.19 -28.13
N SER B 69 -20.56 -51.33 -28.35
CA SER B 69 -21.22 -52.62 -28.21
C SER B 69 -20.28 -53.68 -27.65
N ARG B 70 -19.28 -53.26 -26.86
CA ARG B 70 -18.32 -54.17 -26.24
C ARG B 70 -17.62 -55.06 -27.28
N LYS B 71 -17.36 -54.53 -28.46
CA LYS B 71 -16.72 -55.31 -29.51
C LYS B 71 -15.31 -55.72 -29.08
N ASN B 72 -14.86 -56.87 -29.59
CA ASN B 72 -13.51 -57.36 -29.33
C ASN B 72 -12.57 -56.79 -30.37
N ILE B 73 -11.42 -56.28 -29.92
CA ILE B 73 -10.47 -55.58 -30.78
C ILE B 73 -9.14 -56.32 -30.72
N GLN B 74 -8.58 -56.63 -31.89
CA GLN B 74 -7.34 -57.40 -31.99
C GLN B 74 -6.13 -56.52 -32.25
N LYS B 75 -6.33 -55.39 -32.91
CA LYS B 75 -5.25 -54.54 -33.40
C LYS B 75 -5.82 -53.15 -33.64
N ILE B 76 -4.92 -52.18 -33.80
CA ILE B 76 -5.31 -50.79 -34.02
C ILE B 76 -4.43 -50.24 -35.13
N GLU B 77 -5.06 -49.85 -36.23
CA GLU B 77 -4.39 -49.12 -37.28
C GLU B 77 -4.58 -47.62 -37.07
N PHE B 78 -3.56 -46.84 -37.41
CA PHE B 78 -3.62 -45.41 -37.09
C PHE B 78 -4.76 -44.72 -37.83
N MET B 79 -4.87 -44.95 -39.15
CA MET B 79 -5.84 -44.21 -39.97
C MET B 79 -6.30 -45.06 -41.15
N PRO B 80 -7.15 -46.05 -40.90
CA PRO B 80 -7.67 -46.88 -42.00
C PRO B 80 -8.58 -46.06 -42.90
N VAL B 81 -8.17 -45.87 -44.13
CA VAL B 81 -8.91 -45.02 -45.06
C VAL B 81 -10.35 -45.38 -45.18
N ASN B 82 -10.62 -46.67 -45.11
CA ASN B 82 -11.96 -47.13 -45.25
C ASN B 82 -12.86 -46.59 -44.19
N ARG B 83 -12.37 -46.23 -43.04
CA ARG B 83 -13.25 -45.80 -41.97
C ARG B 83 -13.50 -44.31 -41.90
N LEU B 84 -12.82 -43.55 -42.74
CA LEU B 84 -13.04 -42.10 -42.76
C LEU B 84 -14.31 -41.68 -43.49
N ILE B 85 -14.92 -42.55 -44.29
CA ILE B 85 -16.15 -42.21 -44.99
C ILE B 85 -17.25 -43.17 -44.56
N SER B 86 -18.44 -42.65 -44.32
CA SER B 86 -19.56 -43.45 -43.84
C SER B 86 -20.52 -43.80 -44.96
N GLN B 87 -21.36 -44.82 -44.73
CA GLN B 87 -22.37 -45.19 -45.73
C GLN B 87 -23.30 -44.02 -46.05
N SER B 88 -23.72 -43.26 -45.03
CA SER B 88 -24.64 -42.14 -45.26
C SER B 88 -23.98 -41.07 -46.14
N GLU B 89 -22.69 -40.83 -45.93
CA GLU B 89 -21.96 -39.99 -46.85
C GLU B 89 -21.98 -40.56 -48.26
N ILE B 90 -21.71 -41.86 -48.40
CA ILE B 90 -21.63 -42.46 -49.73
C ILE B 90 -22.98 -42.37 -50.44
N ASP B 91 -24.08 -42.65 -49.71
CA ASP B 91 -25.37 -42.63 -50.36
C ASP B 91 -25.73 -41.22 -50.84
N GLY B 92 -25.41 -40.20 -50.03
CA GLY B 92 -25.65 -38.84 -50.45
C GLY B 92 -24.71 -38.38 -51.56
N ILE B 93 -23.48 -38.92 -51.59
CA ILE B 93 -22.55 -38.56 -52.65
C ILE B 93 -23.05 -39.11 -53.99
N ILE B 94 -23.48 -40.37 -54.01
CA ILE B 94 -24.03 -40.95 -55.24
C ILE B 94 -25.18 -40.11 -55.73
N GLY B 95 -26.05 -39.66 -54.81
CA GLY B 95 -27.17 -38.82 -55.17
C GLY B 95 -26.74 -37.54 -55.90
N THR B 96 -25.78 -36.82 -55.33
CA THR B 96 -25.36 -35.56 -55.95
C THR B 96 -24.53 -35.79 -57.22
N LEU B 97 -23.75 -36.88 -57.30
CA LEU B 97 -23.10 -37.17 -58.57
C LEU B 97 -24.11 -37.41 -59.68
N LYS B 98 -25.26 -38.00 -59.35
CA LYS B 98 -26.31 -38.14 -60.36
C LYS B 98 -26.87 -36.79 -60.79
N GLU B 99 -26.73 -35.75 -59.97
CA GLU B 99 -27.14 -34.42 -60.38
C GLU B 99 -26.05 -33.69 -61.16
N VAL B 100 -24.78 -33.86 -60.79
CA VAL B 100 -23.75 -33.06 -61.43
C VAL B 100 -23.32 -33.68 -62.76
N LEU B 101 -23.28 -35.02 -62.85
CA LEU B 101 -22.73 -35.66 -64.04
C LEU B 101 -23.44 -35.31 -65.34
N PRO B 102 -24.78 -35.25 -65.42
CA PRO B 102 -25.43 -34.90 -66.70
C PRO B 102 -25.23 -33.46 -67.13
N THR B 103 -24.90 -32.55 -66.21
CA THR B 103 -24.67 -31.15 -66.59
C THR B 103 -23.43 -31.00 -67.45
N GLY B 104 -22.52 -31.96 -67.41
CA GLY B 104 -21.26 -31.86 -68.11
C GLY B 104 -20.29 -30.83 -67.56
N GLN B 105 -20.61 -30.19 -66.42
CA GLN B 105 -19.83 -29.07 -65.91
C GLN B 105 -18.78 -29.63 -64.95
N PHE B 106 -17.57 -29.85 -65.46
CA PHE B 106 -16.53 -30.55 -64.74
C PHE B 106 -15.27 -29.70 -64.49
N THR B 107 -15.31 -28.41 -64.84
CA THR B 107 -14.23 -27.50 -64.43
C THR B 107 -14.84 -26.53 -63.45
N SER B 108 -15.12 -25.30 -63.83
CA SER B 108 -15.90 -24.41 -62.99
C SER B 108 -17.37 -24.81 -63.05
N GLY B 109 -18.16 -24.25 -62.14
CA GLY B 109 -19.57 -24.57 -62.12
C GLY B 109 -20.24 -24.08 -60.86
N PRO B 110 -21.55 -24.33 -60.75
CA PRO B 110 -22.32 -23.76 -59.64
C PRO B 110 -22.09 -24.49 -58.31
N PHE B 111 -21.61 -25.73 -58.30
CA PHE B 111 -21.28 -26.31 -57.01
C PHE B 111 -20.00 -25.69 -56.45
N SER B 112 -19.04 -25.36 -57.32
CA SER B 112 -17.85 -24.65 -56.84
C SER B 112 -18.25 -23.34 -56.19
N LYS B 113 -19.13 -22.58 -56.84
CA LYS B 113 -19.55 -21.31 -56.26
C LYS B 113 -20.37 -21.50 -54.97
N LYS B 114 -21.22 -22.52 -54.94
CA LYS B 114 -21.99 -22.81 -53.71
C LYS B 114 -21.09 -23.22 -52.55
N LEU B 115 -20.02 -23.99 -52.81
CA LEU B 115 -19.13 -24.35 -51.71
C LEU B 115 -18.32 -23.15 -51.23
N GLU B 116 -17.92 -22.29 -52.16
CA GLU B 116 -17.21 -21.07 -51.77
C GLU B 116 -18.08 -20.19 -50.87
N GLU B 117 -19.39 -20.14 -51.13
CA GLU B 117 -20.27 -19.34 -50.28
C GLU B 117 -20.48 -20.00 -48.93
N VAL B 118 -20.58 -21.34 -48.92
CA VAL B 118 -20.72 -22.07 -47.66
C VAL B 118 -19.50 -21.85 -46.77
N ILE B 119 -18.30 -22.00 -47.35
CA ILE B 119 -17.08 -21.80 -46.57
C ILE B 119 -16.98 -20.34 -46.12
N GLY B 120 -17.31 -19.41 -47.02
CA GLY B 120 -17.29 -18.00 -46.66
C GLY B 120 -18.19 -17.67 -45.48
N ASP B 121 -19.42 -18.20 -45.50
CA ASP B 121 -20.28 -18.04 -44.34
C ASP B 121 -19.69 -18.71 -43.10
N TYR B 122 -19.19 -19.93 -43.26
CA TYR B 122 -18.70 -20.69 -42.10
C TYR B 122 -17.53 -19.97 -41.44
N LEU B 123 -16.58 -19.46 -42.22
CA LEU B 123 -15.43 -18.75 -41.67
C LEU B 123 -15.67 -17.26 -41.49
N ASN B 124 -16.86 -16.76 -41.87
CA ASN B 124 -17.21 -15.34 -41.77
C ASN B 124 -16.22 -14.46 -42.50
N LYS B 125 -15.91 -14.82 -43.74
CA LYS B 125 -15.02 -14.04 -44.58
C LYS B 125 -15.73 -13.75 -45.89
N LYS B 126 -15.39 -12.62 -46.50
CA LYS B 126 -16.12 -12.19 -47.69
C LYS B 126 -15.72 -12.95 -48.95
N TYR B 127 -14.47 -13.44 -49.05
CA TYR B 127 -14.01 -13.99 -50.33
C TYR B 127 -13.41 -15.38 -50.15
N VAL B 128 -13.82 -16.30 -51.02
CA VAL B 128 -13.31 -17.66 -51.00
C VAL B 128 -13.01 -18.10 -52.42
N ILE B 129 -11.82 -18.62 -52.63
CA ILE B 129 -11.47 -19.25 -53.89
C ILE B 129 -11.23 -20.72 -53.57
N ALA B 130 -12.09 -21.60 -54.08
CA ALA B 130 -11.89 -23.03 -53.87
C ALA B 130 -10.87 -23.56 -54.87
N THR B 131 -9.91 -24.33 -54.37
CA THR B 131 -8.73 -24.71 -55.13
C THR B 131 -8.65 -26.21 -55.28
N SER B 132 -7.70 -26.66 -56.11
CA SER B 132 -7.51 -28.07 -56.36
C SER B 132 -6.69 -28.76 -55.28
N SER B 133 -6.17 -28.01 -54.31
CA SER B 133 -5.50 -28.61 -53.15
C SER B 133 -5.11 -27.48 -52.20
N GLY B 134 -4.82 -27.86 -50.94
CA GLY B 134 -4.29 -26.87 -50.03
C GLY B 134 -2.90 -26.42 -50.42
N THR B 135 -2.07 -27.35 -50.89
CA THR B 135 -0.74 -26.95 -51.39
C THR B 135 -0.84 -25.88 -52.46
N ASP B 136 -1.77 -26.07 -53.43
CA ASP B 136 -1.95 -25.10 -54.50
C ASP B 136 -2.50 -23.79 -53.97
N ALA B 137 -3.45 -23.87 -53.05
CA ALA B 137 -3.97 -22.66 -52.43
C ALA B 137 -2.87 -21.84 -51.76
N LEU B 138 -1.94 -22.52 -51.09
CA LEU B 138 -0.84 -21.81 -50.44
C LEU B 138 0.09 -21.18 -51.48
N MET B 139 0.49 -21.95 -52.49
CA MET B 139 1.31 -21.41 -53.58
C MET B 139 0.67 -20.17 -54.21
N VAL B 140 -0.62 -20.28 -54.56
CA VAL B 140 -1.33 -19.19 -55.20
C VAL B 140 -1.39 -17.97 -54.28
N SER B 141 -1.67 -18.20 -52.99
N SER B 141 -1.69 -18.20 -53.00
CA SER B 141 -1.79 -17.11 -52.05
CA SER B 141 -1.77 -17.11 -52.04
C SER B 141 -0.46 -16.39 -51.83
C SER B 141 -0.44 -16.37 -51.94
N LEU B 142 0.67 -17.11 -51.89
CA LEU B 142 1.96 -16.46 -51.79
C LEU B 142 2.22 -15.56 -52.99
N LEU B 143 1.77 -15.98 -54.19
CA LEU B 143 1.92 -15.13 -55.36
C LEU B 143 1.04 -13.89 -55.25
N SER B 144 -0.18 -14.06 -54.80
CA SER B 144 -1.11 -12.94 -54.67
C SER B 144 -0.58 -11.81 -53.79
N ILE B 145 0.16 -12.11 -52.72
CA ILE B 145 0.75 -11.05 -51.90
C ILE B 145 2.06 -10.51 -52.45
N GLY B 146 2.50 -10.97 -53.62
CA GLY B 146 3.67 -10.41 -54.24
C GLY B 146 4.99 -11.13 -53.99
N ILE B 147 4.94 -12.37 -53.51
CA ILE B 147 6.19 -13.10 -53.27
C ILE B 147 6.88 -13.34 -54.60
N GLN B 148 8.15 -12.97 -54.66
CA GLN B 148 8.99 -13.14 -55.84
C GLN B 148 10.20 -13.98 -55.46
N PRO B 149 10.86 -14.60 -56.45
CA PRO B 149 12.03 -15.44 -56.14
C PRO B 149 13.02 -14.69 -55.24
N GLY B 150 13.48 -15.38 -54.20
CA GLY B 150 14.42 -14.82 -53.26
C GLY B 150 13.81 -14.18 -52.05
N ASP B 151 12.50 -13.87 -52.07
CA ASP B 151 11.85 -13.32 -50.88
C ASP B 151 11.80 -14.39 -49.79
N GLU B 152 11.87 -13.93 -48.54
CA GLU B 152 11.91 -14.80 -47.38
C GLU B 152 10.53 -14.94 -46.76
N VAL B 153 10.23 -16.15 -46.29
CA VAL B 153 8.96 -16.46 -45.68
C VAL B 153 9.25 -17.11 -44.33
N ILE B 154 8.83 -16.48 -43.26
CA ILE B 154 9.08 -17.00 -41.92
C ILE B 154 8.05 -18.07 -41.59
N MET B 155 8.52 -19.25 -41.18
CA MET B 155 7.66 -20.41 -41.03
C MET B 155 8.25 -21.31 -39.94
N PRO B 156 7.44 -22.17 -39.34
CA PRO B 156 8.00 -23.19 -38.43
C PRO B 156 8.57 -24.34 -39.25
N ALA B 157 9.37 -25.18 -38.59
CA ALA B 157 10.04 -26.29 -39.25
C ALA B 157 9.36 -27.64 -39.03
N ASN B 158 8.16 -27.66 -38.45
CA ASN B 158 7.56 -28.91 -37.99
C ASN B 158 6.24 -29.21 -38.68
N SER B 159 5.92 -28.48 -39.74
CA SER B 159 4.70 -28.71 -40.53
C SER B 159 4.89 -29.83 -41.54
N PHE B 160 3.79 -30.20 -42.17
CA PHE B 160 3.82 -31.11 -43.31
C PHE B 160 4.64 -30.46 -44.42
N ALA B 161 5.31 -31.29 -45.21
CA ALA B 161 6.22 -30.80 -46.24
C ALA B 161 5.54 -29.81 -47.18
N ALA B 162 4.22 -29.91 -47.35
CA ALA B 162 3.50 -29.03 -48.28
C ALA B 162 3.74 -27.54 -47.97
N THR B 163 3.84 -27.18 -46.68
CA THR B 163 3.91 -25.77 -46.33
C THR B 163 5.20 -25.15 -46.89
N GLU B 164 6.34 -25.78 -46.62
CA GLU B 164 7.58 -25.26 -47.17
C GLU B 164 7.65 -25.44 -48.68
N ASN B 165 7.03 -26.51 -49.20
CA ASN B 165 7.17 -26.81 -50.61
C ASN B 165 6.46 -25.76 -51.45
N ALA B 166 5.34 -25.23 -50.96
CA ALA B 166 4.67 -24.16 -51.68
C ALA B 166 5.55 -22.93 -51.76
N VAL B 167 6.34 -22.69 -50.70
CA VAL B 167 7.27 -21.57 -50.71
C VAL B 167 8.43 -21.85 -51.65
N LEU B 168 8.91 -23.10 -51.68
CA LEU B 168 10.04 -23.41 -52.54
C LEU B 168 9.63 -23.50 -54.00
N ALA B 169 8.38 -23.89 -54.26
CA ALA B 169 7.95 -24.08 -55.64
C ALA B 169 7.91 -22.77 -56.40
N ILE B 170 7.69 -21.65 -55.72
CA ILE B 170 7.69 -20.35 -56.39
C ILE B 170 9.01 -19.61 -56.20
N GLY B 171 10.05 -20.30 -55.73
CA GLY B 171 11.37 -19.69 -55.68
C GLY B 171 11.64 -18.85 -54.45
N ALA B 172 10.72 -18.83 -53.49
CA ALA B 172 10.91 -18.10 -52.25
C ALA B 172 11.77 -18.89 -51.28
N LYS B 173 12.11 -18.25 -50.16
CA LYS B 173 13.10 -18.78 -49.22
C LYS B 173 12.47 -19.02 -47.86
N PRO B 174 12.33 -20.27 -47.41
CA PRO B 174 11.86 -20.53 -46.05
C PRO B 174 12.89 -20.06 -45.03
N VAL B 175 12.45 -19.28 -44.05
CA VAL B 175 13.25 -18.92 -42.88
C VAL B 175 12.57 -19.55 -41.66
N PHE B 176 13.22 -20.55 -41.08
CA PHE B 176 12.60 -21.32 -40.01
C PHE B 176 12.79 -20.65 -38.67
N VAL B 177 11.71 -20.62 -37.89
CA VAL B 177 11.70 -20.03 -36.56
C VAL B 177 11.25 -21.11 -35.59
N ASP B 178 11.78 -21.06 -34.37
CA ASP B 178 11.51 -22.10 -33.39
C ASP B 178 10.04 -22.03 -32.92
N ILE B 179 9.56 -23.16 -32.39
CA ILE B 179 8.20 -23.24 -31.87
C ILE B 179 8.19 -22.90 -30.38
N ASP B 180 7.00 -22.67 -29.84
CA ASP B 180 6.87 -22.66 -28.38
C ASP B 180 6.75 -24.10 -27.89
N HIS B 181 7.45 -24.41 -26.79
CA HIS B 181 7.45 -25.76 -26.25
C HIS B 181 6.06 -26.24 -25.83
N LYS B 182 5.05 -25.37 -25.87
CA LYS B 182 3.72 -25.69 -25.34
C LYS B 182 2.77 -26.22 -26.40
N SER B 183 2.54 -25.43 -27.45
CA SER B 183 1.41 -25.62 -28.34
C SER B 183 1.80 -26.24 -29.68
N TYR B 184 3.10 -26.49 -29.90
CA TYR B 184 3.67 -26.95 -31.16
C TYR B 184 3.57 -25.89 -32.24
N CYS B 185 3.25 -24.65 -31.86
CA CYS B 185 3.03 -23.55 -32.77
C CYS B 185 4.21 -22.59 -32.74
N ILE B 186 4.36 -21.86 -33.85
CA ILE B 186 5.47 -20.93 -33.98
C ILE B 186 5.46 -19.94 -32.81
N ASP B 187 6.63 -19.74 -32.22
CA ASP B 187 6.74 -18.84 -31.08
C ASP B 187 6.74 -17.40 -31.55
N PRO B 188 5.74 -16.60 -31.19
CA PRO B 188 5.72 -15.21 -31.63
C PRO B 188 6.91 -14.40 -31.14
N LEU B 189 7.49 -14.78 -30.01
CA LEU B 189 8.60 -14.02 -29.44
C LEU B 189 9.93 -14.32 -30.10
N LYS B 190 9.94 -15.11 -31.17
CA LYS B 190 11.14 -15.37 -31.93
C LYS B 190 10.99 -14.95 -33.39
N ILE B 191 9.80 -14.48 -33.78
CA ILE B 191 9.59 -14.08 -35.17
C ILE B 191 10.38 -12.81 -35.48
N GLU B 192 10.28 -11.80 -34.62
CA GLU B 192 10.89 -10.52 -34.93
C GLU B 192 12.38 -10.64 -35.16
N GLU B 193 13.05 -11.54 -34.44
CA GLU B 193 14.49 -11.73 -34.58
C GLU B 193 14.90 -12.26 -35.96
N ALA B 194 13.99 -12.96 -36.65
CA ALA B 194 14.26 -13.52 -37.98
C ALA B 194 13.91 -12.57 -39.11
N ILE B 195 13.27 -11.44 -38.82
CA ILE B 195 12.88 -10.50 -39.86
C ILE B 195 14.12 -9.80 -40.42
N THR B 196 14.22 -9.79 -41.74
CA THR B 196 15.26 -9.08 -42.48
C THR B 196 14.57 -8.30 -43.60
N GLN B 197 15.35 -7.51 -44.35
CA GLN B 197 14.75 -6.69 -45.41
C GLN B 197 14.11 -7.54 -46.51
N LYS B 198 14.49 -8.80 -46.63
CA LYS B 198 13.87 -9.67 -47.63
C LYS B 198 12.59 -10.33 -47.14
N THR B 199 12.19 -10.12 -45.88
CA THR B 199 10.97 -10.77 -45.39
C THR B 199 9.73 -10.10 -45.97
N LYS B 200 8.79 -10.92 -46.43
CA LYS B 200 7.53 -10.43 -46.96
C LYS B 200 6.31 -11.08 -46.32
N CYS B 201 6.47 -12.20 -45.62
CA CYS B 201 5.33 -12.96 -45.15
C CYS B 201 5.72 -13.74 -43.91
N ILE B 202 4.79 -13.81 -42.95
CA ILE B 202 4.86 -14.75 -41.84
C ILE B 202 3.83 -15.84 -42.13
N LEU B 203 4.25 -17.10 -42.03
CA LEU B 203 3.41 -18.25 -42.39
C LEU B 203 3.23 -19.14 -41.16
N PRO B 204 2.36 -18.75 -40.23
CA PRO B 204 2.06 -19.64 -39.10
C PRO B 204 1.25 -20.84 -39.57
N VAL B 205 1.37 -21.92 -38.82
CA VAL B 205 0.68 -23.17 -39.12
C VAL B 205 -0.12 -23.57 -37.87
N HIS B 206 -1.43 -23.73 -38.03
CA HIS B 206 -2.30 -24.19 -36.95
C HIS B 206 -2.18 -25.71 -36.86
N LEU B 207 -1.06 -26.14 -36.28
CA LEU B 207 -0.65 -27.53 -36.38
C LEU B 207 -1.53 -28.39 -35.48
N TYR B 208 -1.97 -29.54 -36.02
CA TYR B 208 -2.74 -30.60 -35.34
C TYR B 208 -4.17 -30.19 -35.05
N GLY B 209 -4.61 -29.02 -35.48
CA GLY B 209 -5.94 -28.55 -35.18
C GLY B 209 -5.99 -27.43 -34.19
N LYS B 210 -4.85 -27.05 -33.63
CA LYS B 210 -4.76 -25.98 -32.64
C LYS B 210 -4.30 -24.69 -33.29
N GLN B 211 -4.95 -23.59 -32.93
CA GLN B 211 -4.57 -22.29 -33.47
C GLN B 211 -3.27 -21.78 -32.85
N CYS B 212 -2.45 -21.12 -33.67
CA CYS B 212 -1.36 -20.30 -33.14
C CYS B 212 -1.94 -19.09 -32.41
N ASP B 213 -1.08 -18.37 -31.69
N ASP B 213 -1.09 -18.40 -31.65
CA ASP B 213 -1.48 -17.12 -31.03
CA ASP B 213 -1.50 -17.13 -31.04
C ASP B 213 -1.36 -15.99 -32.04
C ASP B 213 -1.35 -16.05 -32.09
N MET B 214 -2.44 -15.77 -32.81
CA MET B 214 -2.37 -14.85 -33.93
C MET B 214 -2.37 -13.39 -33.50
N LYS B 215 -2.97 -13.08 -32.35
CA LYS B 215 -3.05 -11.70 -31.88
C LYS B 215 -1.66 -11.08 -31.76
N ARG B 216 -0.73 -11.82 -31.15
CA ARG B 216 0.63 -11.31 -30.96
C ARG B 216 1.39 -11.26 -32.27
N ILE B 217 1.16 -12.25 -33.14
CA ILE B 217 1.90 -12.29 -34.40
C ILE B 217 1.47 -11.15 -35.32
N ARG B 218 0.18 -10.78 -35.29
CA ARG B 218 -0.30 -9.65 -36.07
C ARG B 218 0.34 -8.34 -35.59
N GLU B 219 0.48 -8.16 -34.29
CA GLU B 219 1.19 -6.99 -33.78
C GLU B 219 2.58 -6.89 -34.38
N ILE B 220 3.31 -8.00 -34.44
CA ILE B 220 4.63 -7.99 -35.05
C ILE B 220 4.53 -7.62 -36.52
N ALA B 221 3.61 -8.27 -37.24
CA ALA B 221 3.47 -8.03 -38.67
C ALA B 221 3.12 -6.58 -38.96
N ASP B 222 2.33 -5.94 -38.08
CA ASP B 222 1.90 -4.58 -38.33
C ASP B 222 3.06 -3.60 -38.23
N VAL B 223 3.93 -3.79 -37.24
CA VAL B 223 5.08 -2.90 -37.10
C VAL B 223 5.97 -2.99 -38.34
N TYR B 224 6.23 -4.20 -38.82
CA TYR B 224 7.08 -4.43 -39.97
C TYR B 224 6.30 -4.45 -41.27
N GLN B 225 4.99 -4.23 -41.20
CA GLN B 225 4.08 -4.29 -42.35
C GLN B 225 4.32 -5.55 -43.17
N LEU B 226 4.19 -6.69 -42.50
CA LEU B 226 4.30 -7.99 -43.15
C LEU B 226 2.92 -8.57 -43.36
N ARG B 227 2.79 -9.39 -44.39
CA ARG B 227 1.56 -10.15 -44.57
C ARG B 227 1.58 -11.41 -43.71
N ILE B 228 0.39 -11.88 -43.34
CA ILE B 228 0.22 -13.13 -42.62
C ILE B 228 -0.65 -14.05 -43.48
N ILE B 229 -0.09 -15.16 -43.95
CA ILE B 229 -0.87 -16.24 -44.52
C ILE B 229 -0.86 -17.37 -43.50
N GLU B 230 -2.05 -17.80 -43.09
CA GLU B 230 -2.19 -18.85 -42.09
C GLU B 230 -2.42 -20.20 -42.74
N ASP B 231 -1.58 -21.17 -42.43
CA ASP B 231 -1.83 -22.54 -42.90
C ASP B 231 -2.81 -23.14 -41.91
N ALA B 232 -4.09 -23.13 -42.27
CA ALA B 232 -5.14 -23.71 -41.46
C ALA B 232 -5.69 -24.99 -42.08
N CYS B 233 -4.81 -25.71 -42.79
CA CYS B 233 -5.20 -26.93 -43.48
C CYS B 233 -5.64 -28.02 -42.54
N GLN B 234 -5.29 -27.92 -41.27
CA GLN B 234 -5.66 -28.91 -40.27
C GLN B 234 -6.67 -28.36 -39.28
N ALA B 235 -7.18 -27.15 -39.47
CA ALA B 235 -7.86 -26.43 -38.40
C ALA B 235 -9.30 -26.02 -38.71
N ILE B 236 -9.91 -26.55 -39.77
CA ILE B 236 -11.25 -26.08 -40.12
C ILE B 236 -12.20 -26.39 -38.97
N GLY B 237 -13.09 -25.43 -38.69
CA GLY B 237 -14.00 -25.52 -37.55
C GLY B 237 -13.52 -24.82 -36.29
N SER B 238 -12.29 -24.33 -36.27
CA SER B 238 -11.76 -23.69 -35.06
C SER B 238 -12.37 -22.29 -34.91
N SER B 239 -12.90 -22.00 -33.71
CA SER B 239 -13.61 -20.74 -33.49
C SER B 239 -12.70 -19.55 -33.76
N ASN B 240 -13.20 -18.61 -34.56
CA ASN B 240 -12.56 -17.34 -34.86
C ASN B 240 -11.30 -17.49 -35.73
N LEU B 241 -11.21 -18.60 -36.46
CA LEU B 241 -10.13 -18.82 -37.40
C LEU B 241 -9.99 -17.62 -38.33
N GLY B 242 -8.75 -17.13 -38.45
CA GLY B 242 -8.44 -16.13 -39.43
C GLY B 242 -8.73 -14.71 -39.00
N GLU B 243 -9.07 -14.49 -37.73
CA GLU B 243 -9.40 -13.16 -37.26
C GLU B 243 -8.29 -12.14 -37.56
N TYR B 244 -7.04 -12.59 -37.61
CA TYR B 244 -5.90 -11.68 -37.73
C TYR B 244 -5.08 -11.85 -38.98
N GLY B 245 -5.42 -12.79 -39.85
CA GLY B 245 -4.62 -13.10 -41.02
C GLY B 245 -5.12 -12.41 -42.28
N ASP B 246 -4.18 -12.06 -43.15
CA ASP B 246 -4.57 -11.54 -44.46
C ASP B 246 -5.28 -12.60 -45.29
N ILE B 247 -4.76 -13.82 -45.27
CA ILE B 247 -5.26 -14.94 -46.05
C ILE B 247 -5.20 -16.17 -45.17
N ILE B 248 -6.19 -17.05 -45.31
CA ILE B 248 -6.26 -18.32 -44.60
C ILE B 248 -6.28 -19.43 -45.64
N ILE B 249 -5.47 -20.47 -45.45
CA ILE B 249 -5.43 -21.61 -46.35
C ILE B 249 -6.15 -22.79 -45.70
N LEU B 250 -7.04 -23.43 -46.45
CA LEU B 250 -7.71 -24.64 -46.02
C LEU B 250 -7.34 -25.78 -46.94
N SER B 251 -7.36 -27.00 -46.40
CA SER B 251 -7.26 -28.19 -47.25
C SER B 251 -8.47 -29.07 -46.99
N PHE B 252 -9.05 -29.59 -48.09
CA PHE B 252 -10.17 -30.52 -48.05
C PHE B 252 -9.72 -31.92 -48.48
N ASN B 253 -8.44 -32.25 -48.28
CA ASN B 253 -8.05 -33.57 -48.68
C ASN B 253 -8.75 -34.58 -47.78
N PRO B 254 -8.95 -35.81 -48.27
CA PRO B 254 -9.81 -36.77 -47.56
C PRO B 254 -9.39 -37.12 -46.15
N TYR B 255 -8.20 -36.70 -45.71
CA TYR B 255 -7.69 -37.02 -44.39
C TYR B 255 -7.95 -35.91 -43.38
N LYS B 256 -8.46 -34.78 -43.83
CA LYS B 256 -8.64 -33.66 -42.92
C LYS B 256 -10.01 -33.83 -42.23
N ASN B 257 -10.27 -32.99 -41.23
CA ASN B 257 -11.53 -33.05 -40.49
C ASN B 257 -12.75 -32.98 -41.39
N PHE B 258 -12.63 -32.21 -42.48
CA PHE B 258 -13.60 -32.16 -43.57
C PHE B 258 -12.84 -32.40 -44.85
N GLY B 259 -13.21 -33.45 -45.58
CA GLY B 259 -12.53 -33.79 -46.81
C GLY B 259 -13.51 -34.07 -47.94
N VAL B 260 -13.01 -33.99 -49.18
CA VAL B 260 -13.80 -34.40 -50.34
C VAL B 260 -13.35 -35.79 -50.73
N CYS B 261 -13.66 -36.25 -51.95
CA CYS B 261 -13.23 -37.58 -52.35
C CYS B 261 -12.15 -37.44 -53.41
N GLY B 262 -11.15 -36.63 -53.09
CA GLY B 262 -10.12 -36.27 -54.04
C GLY B 262 -9.31 -35.15 -53.43
N LYS B 263 -8.64 -34.38 -54.27
CA LYS B 263 -7.90 -33.25 -53.76
C LYS B 263 -8.69 -31.96 -53.94
N ALA B 264 -8.62 -31.09 -52.93
CA ALA B 264 -9.21 -29.77 -52.97
C ALA B 264 -8.73 -28.98 -51.76
N GLY B 265 -8.89 -27.67 -51.86
CA GLY B 265 -8.51 -26.77 -50.79
C GLY B 265 -9.27 -25.47 -50.97
N ALA B 266 -8.86 -24.46 -50.23
CA ALA B 266 -9.48 -23.16 -50.42
C ALA B 266 -8.55 -22.07 -49.93
N ILE B 267 -8.78 -20.88 -50.47
CA ILE B 267 -8.16 -19.63 -50.05
C ILE B 267 -9.26 -18.73 -49.55
N VAL B 268 -9.05 -18.10 -48.39
CA VAL B 268 -10.12 -17.39 -47.69
C VAL B 268 -9.61 -16.03 -47.25
N THR B 269 -10.36 -14.97 -47.55
CA THR B 269 -9.83 -13.64 -47.31
C THR B 269 -10.96 -12.63 -47.27
N ASN B 270 -10.71 -11.55 -46.52
CA ASN B 270 -11.51 -10.34 -46.66
C ASN B 270 -10.93 -9.34 -47.65
N ASN B 271 -9.74 -9.59 -48.21
CA ASN B 271 -9.04 -8.59 -49.01
C ASN B 271 -9.38 -8.82 -50.48
N GLU B 272 -10.23 -7.97 -51.04
CA GLU B 272 -10.70 -8.19 -52.41
C GLU B 272 -9.55 -8.11 -53.42
N ASN B 273 -8.61 -7.19 -53.19
CA ASN B 273 -7.46 -7.07 -54.10
C ASN B 273 -6.70 -8.39 -54.16
N LEU B 274 -6.48 -8.99 -53.00
CA LEU B 274 -5.79 -10.27 -52.94
C LEU B 274 -6.64 -11.40 -53.47
N ALA B 275 -7.94 -11.39 -53.16
CA ALA B 275 -8.85 -12.41 -53.68
C ALA B 275 -8.86 -12.42 -55.21
N ILE B 276 -8.89 -11.23 -55.83
CA ILE B 276 -8.87 -11.17 -57.30
C ILE B 276 -7.61 -11.81 -57.84
N ARG B 277 -6.45 -11.42 -57.28
CA ARG B 277 -5.19 -12.02 -57.71
C ARG B 277 -5.21 -13.53 -57.54
N CYS B 278 -5.72 -14.01 -56.40
CA CYS B 278 -5.79 -15.45 -56.16
C CYS B 278 -6.62 -16.12 -57.24
N ASN B 279 -7.78 -15.55 -57.54
CA ASN B 279 -8.65 -16.11 -58.58
C ASN B 279 -7.93 -16.12 -59.93
N GLN B 280 -7.11 -15.11 -60.20
CA GLN B 280 -6.42 -15.05 -61.49
C GLN B 280 -5.26 -16.04 -61.53
N TYR B 281 -4.45 -16.07 -60.47
CA TYR B 281 -3.32 -16.98 -60.39
C TYR B 281 -3.76 -18.44 -60.39
N SER B 282 -4.93 -18.74 -59.84
CA SER B 282 -5.34 -20.13 -59.77
C SER B 282 -5.91 -20.64 -61.09
N TYR B 283 -6.05 -19.77 -62.12
CA TYR B 283 -6.55 -20.20 -63.43
C TYR B 283 -5.78 -19.47 -64.53
N HIS B 284 -4.50 -19.85 -64.68
CA HIS B 284 -3.64 -19.54 -65.82
C HIS B 284 -3.32 -18.06 -65.95
N GLY B 285 -3.66 -17.26 -64.95
CA GLY B 285 -3.47 -15.84 -65.03
C GLY B 285 -4.54 -15.10 -65.80
N PHE B 286 -5.62 -15.80 -66.19
CA PHE B 286 -6.69 -15.18 -66.96
C PHE B 286 -7.46 -14.23 -66.04
N GLU B 287 -8.01 -13.17 -66.63
CA GLU B 287 -8.97 -12.34 -65.92
C GLU B 287 -10.17 -13.19 -65.52
N VAL B 288 -10.72 -12.92 -64.33
CA VAL B 288 -11.85 -13.68 -63.79
C VAL B 288 -12.94 -13.86 -64.85
N ASP B 289 -13.21 -15.12 -65.20
CA ASP B 289 -14.28 -15.49 -66.13
C ASP B 289 -14.02 -14.98 -67.55
N LYS B 290 -12.74 -14.83 -67.92
CA LYS B 290 -12.34 -14.48 -69.29
C LYS B 290 -11.33 -15.53 -69.75
N LYS B 291 -11.81 -16.74 -70.02
CA LYS B 291 -10.90 -17.80 -70.43
C LYS B 291 -10.09 -17.35 -71.63
N ASN B 292 -8.80 -17.67 -71.61
CA ASN B 292 -7.82 -17.44 -72.68
C ASN B 292 -7.36 -15.99 -72.80
N LYS B 293 -7.70 -15.12 -71.86
CA LYS B 293 -7.27 -13.72 -71.88
C LYS B 293 -6.49 -13.43 -70.60
N LYS B 294 -5.16 -13.41 -70.67
CA LYS B 294 -4.37 -13.25 -69.45
C LYS B 294 -4.22 -11.78 -69.04
N VAL B 295 -4.20 -11.57 -67.72
CA VAL B 295 -3.98 -10.26 -67.08
C VAL B 295 -2.79 -10.36 -66.12
N LEU B 296 -2.53 -11.54 -65.57
CA LEU B 296 -1.29 -11.73 -64.83
C LEU B 296 -0.26 -12.42 -65.72
N ASP B 297 0.98 -12.45 -65.22
CA ASP B 297 2.10 -12.92 -66.02
C ASP B 297 1.96 -14.41 -66.38
N PHE B 298 1.48 -15.20 -65.43
CA PHE B 298 1.27 -16.63 -65.63
C PHE B 298 0.28 -17.07 -64.56
N GLY B 299 0.00 -18.37 -64.52
CA GLY B 299 -0.88 -18.90 -63.50
C GLY B 299 -0.89 -20.41 -63.57
N PHE B 300 -1.61 -21.01 -62.62
CA PHE B 300 -1.72 -22.45 -62.52
C PHE B 300 -3.10 -22.90 -62.98
N ASN B 301 -3.26 -24.20 -63.08
CA ASN B 301 -4.56 -24.80 -63.32
C ASN B 301 -5.05 -25.38 -61.98
N SER B 302 -5.54 -24.48 -61.11
CA SER B 302 -5.62 -24.77 -59.68
C SER B 302 -6.97 -24.50 -59.02
N LYS B 303 -8.04 -24.38 -59.78
CA LYS B 303 -9.31 -24.26 -59.08
C LYS B 303 -9.83 -25.65 -58.72
N ILE B 304 -10.80 -25.70 -57.80
CA ILE B 304 -11.41 -26.98 -57.45
C ILE B 304 -12.15 -27.51 -58.68
N ASP B 305 -12.28 -28.84 -58.77
CA ASP B 305 -13.23 -29.46 -59.69
C ASP B 305 -14.66 -29.24 -59.22
N ASN B 306 -15.56 -28.87 -60.14
CA ASN B 306 -16.98 -28.73 -59.81
C ASN B 306 -17.52 -30.01 -59.18
N LEU B 307 -17.09 -31.18 -59.68
CA LEU B 307 -17.56 -32.44 -59.11
C LEU B 307 -17.12 -32.59 -57.66
N GLN B 308 -15.85 -32.31 -57.36
CA GLN B 308 -15.41 -32.39 -55.96
C GLN B 308 -16.10 -31.35 -55.11
N ALA B 309 -16.38 -30.17 -55.67
CA ALA B 309 -17.19 -29.20 -54.95
C ALA B 309 -18.55 -29.81 -54.58
N ALA B 310 -19.16 -30.53 -55.52
CA ALA B 310 -20.45 -31.16 -55.23
C ALA B 310 -20.32 -32.22 -54.15
N ILE B 311 -19.26 -33.02 -54.21
CA ILE B 311 -19.01 -34.01 -53.15
C ILE B 311 -18.78 -33.31 -51.82
N GLY B 312 -18.00 -32.23 -51.84
CA GLY B 312 -17.75 -31.48 -50.61
C GLY B 312 -19.01 -30.93 -49.99
N LEU B 313 -19.97 -30.52 -50.82
CA LEU B 313 -21.21 -30.02 -50.26
C LEU B 313 -21.99 -31.13 -49.56
N GLU B 314 -21.80 -32.38 -49.97
CA GLU B 314 -22.40 -33.49 -49.24
C GLU B 314 -21.63 -33.79 -47.96
N ARG B 315 -20.31 -33.86 -48.05
CA ARG B 315 -19.51 -34.30 -46.91
C ARG B 315 -19.43 -33.26 -45.80
N ILE B 316 -19.50 -31.97 -46.12
CA ILE B 316 -19.38 -30.95 -45.08
C ILE B 316 -20.59 -30.97 -44.13
N LYS B 317 -21.69 -31.60 -44.54
CA LYS B 317 -22.84 -31.79 -43.65
C LYS B 317 -22.42 -32.39 -42.31
N PHE B 318 -21.40 -33.25 -42.32
CA PHE B 318 -20.94 -34.01 -41.18
C PHE B 318 -19.87 -33.28 -40.37
N LEU B 319 -19.43 -32.09 -40.79
CA LEU B 319 -18.23 -31.48 -40.21
C LEU B 319 -18.41 -31.20 -38.71
N SER B 320 -19.47 -30.48 -38.32
CA SER B 320 -19.56 -30.12 -36.91
C SER B 320 -19.77 -31.35 -36.05
N TYR B 321 -20.56 -32.31 -36.55
CA TYR B 321 -20.78 -33.57 -35.84
C TYR B 321 -19.49 -34.36 -35.68
N ASN B 322 -18.72 -34.49 -36.76
CA ASN B 322 -17.45 -35.21 -36.68
C ASN B 322 -16.44 -34.50 -35.80
N ASN B 323 -16.46 -33.16 -35.79
CA ASN B 323 -15.57 -32.45 -34.88
C ASN B 323 -16.00 -32.64 -33.43
N LEU B 324 -17.30 -32.79 -33.18
CA LEU B 324 -17.79 -33.10 -31.85
C LEU B 324 -17.25 -34.44 -31.39
N LYS B 325 -17.35 -35.45 -32.26
CA LYS B 325 -16.83 -36.77 -31.90
C LYS B 325 -15.33 -36.73 -31.66
N ARG B 326 -14.61 -35.89 -32.41
CA ARG B 326 -13.18 -35.80 -32.16
C ARG B 326 -12.88 -35.23 -30.78
N VAL B 327 -13.59 -34.19 -30.37
CA VAL B 327 -13.20 -33.55 -29.12
C VAL B 327 -13.65 -34.42 -27.95
N PHE B 328 -14.72 -35.19 -28.13
CA PHE B 328 -15.05 -36.21 -27.13
C PHE B 328 -13.91 -37.21 -26.99
N LEU B 329 -13.35 -37.66 -28.12
CA LEU B 329 -12.28 -38.64 -28.08
C LEU B 329 -11.03 -38.05 -27.43
N ALA B 330 -10.67 -36.83 -27.82
CA ALA B 330 -9.52 -36.19 -27.21
C ALA B 330 -9.68 -36.11 -25.70
N GLN B 331 -10.81 -35.58 -25.22
CA GLN B 331 -10.99 -35.44 -23.78
C GLN B 331 -10.96 -36.79 -23.07
N ARG B 332 -11.38 -37.86 -23.75
CA ARG B 332 -11.33 -39.20 -23.16
C ARG B 332 -9.89 -39.67 -22.97
N TYR B 333 -9.02 -39.40 -23.95
CA TYR B 333 -7.58 -39.65 -23.83
C TYR B 333 -6.98 -38.91 -22.66
N ILE B 334 -7.15 -37.58 -22.62
CA ILE B 334 -6.55 -36.79 -21.55
C ILE B 334 -7.02 -37.30 -20.19
N ARG B 335 -8.34 -37.54 -20.07
CA ARG B 335 -8.87 -37.98 -18.78
C ARG B 335 -8.38 -39.37 -18.42
N ASN B 336 -8.23 -40.26 -19.39
CA ASN B 336 -7.86 -41.62 -19.02
C ASN B 336 -6.35 -41.84 -18.98
N LEU B 337 -5.56 -40.86 -19.39
CA LEU B 337 -4.10 -40.93 -19.29
C LEU B 337 -3.54 -40.06 -18.19
N LYS B 338 -4.39 -39.49 -17.34
CA LYS B 338 -3.94 -38.49 -16.36
C LYS B 338 -2.86 -39.05 -15.44
N GLU B 339 -3.02 -40.29 -14.99
CA GLU B 339 -2.04 -40.83 -14.06
C GLU B 339 -0.67 -40.99 -14.72
N LEU B 340 -0.64 -41.20 -16.04
CA LEU B 340 0.66 -41.28 -16.70
C LEU B 340 1.36 -39.92 -16.69
N GLU B 341 0.59 -38.84 -16.73
CA GLU B 341 1.19 -37.52 -16.61
C GLU B 341 1.57 -37.22 -15.17
N ASP B 342 0.70 -37.60 -14.23
CA ASP B 342 1.01 -37.44 -12.82
C ASP B 342 2.30 -38.17 -12.44
N ARG B 343 2.54 -39.33 -13.04
CA ARG B 343 3.77 -40.07 -12.80
C ARG B 343 4.94 -39.54 -13.60
N GLU B 344 4.76 -38.44 -14.35
CA GLU B 344 5.85 -37.77 -15.07
C GLU B 344 6.45 -38.68 -16.13
N LEU B 345 5.59 -39.49 -16.75
CA LEU B 345 5.99 -40.30 -17.90
C LEU B 345 5.61 -39.68 -19.23
N ILE B 346 4.56 -38.87 -19.27
CA ILE B 346 4.07 -38.23 -20.49
C ILE B 346 3.62 -36.83 -20.14
N LYS B 347 3.50 -36.00 -21.16
CA LYS B 347 2.81 -34.72 -21.07
C LYS B 347 1.61 -34.79 -21.99
N LEU B 348 0.44 -34.46 -21.48
CA LEU B 348 -0.75 -34.52 -22.31
C LEU B 348 -1.13 -33.13 -22.80
N PRO B 349 -1.89 -33.04 -23.89
CA PRO B 349 -2.44 -31.74 -24.29
C PRO B 349 -3.56 -31.35 -23.35
N ARG B 350 -3.84 -30.04 -23.31
CA ARG B 350 -4.96 -29.54 -22.53
C ARG B 350 -6.16 -29.28 -23.43
N MET B 351 -7.35 -29.39 -22.85
CA MET B 351 -8.58 -29.05 -23.54
C MET B 351 -8.69 -27.53 -23.68
N THR B 352 -8.78 -27.05 -24.93
CA THR B 352 -8.98 -25.65 -25.19
C THR B 352 -10.09 -25.50 -26.23
N GLU B 353 -10.69 -24.31 -26.27
CA GLU B 353 -11.88 -24.11 -27.08
C GLU B 353 -11.58 -23.88 -28.55
N ASP B 354 -10.31 -23.73 -28.95
CA ASP B 354 -9.99 -23.51 -30.35
C ASP B 354 -9.56 -24.79 -31.07
N ASN B 355 -9.22 -25.84 -30.34
CA ASN B 355 -8.64 -27.04 -30.94
C ASN B 355 -9.73 -27.90 -31.56
N VAL B 356 -9.54 -28.28 -32.83
CA VAL B 356 -10.44 -29.22 -33.48
C VAL B 356 -9.86 -30.61 -33.57
N TRP B 357 -8.67 -30.83 -33.02
CA TRP B 357 -8.22 -32.19 -32.76
C TRP B 357 -8.12 -32.99 -34.05
N HIS B 358 -7.43 -32.42 -35.03
CA HIS B 358 -7.12 -33.18 -36.23
C HIS B 358 -6.16 -34.31 -35.89
N LEU B 359 -5.14 -34.00 -35.08
CA LEU B 359 -4.20 -34.99 -34.59
C LEU B 359 -4.09 -34.83 -33.07
N PHE B 360 -3.73 -35.91 -32.38
CA PHE B 360 -3.71 -35.91 -30.91
C PHE B 360 -2.29 -36.18 -30.46
N PRO B 361 -1.52 -35.15 -30.11
CA PRO B 361 -0.13 -35.36 -29.73
C PRO B 361 0.01 -35.52 -28.21
N ILE B 362 0.85 -36.46 -27.79
CA ILE B 362 1.37 -36.48 -26.44
C ILE B 362 2.89 -36.41 -26.55
N ARG B 363 3.54 -36.21 -25.42
CA ARG B 363 5.00 -36.20 -25.40
C ARG B 363 5.49 -37.27 -24.43
N ILE B 364 6.39 -38.13 -24.91
CA ILE B 364 6.99 -39.19 -24.11
C ILE B 364 8.36 -38.70 -23.67
N ILE B 365 8.51 -38.36 -22.39
CA ILE B 365 9.76 -37.72 -21.95
C ILE B 365 10.73 -38.77 -21.44
N ASN B 366 11.84 -38.33 -20.87
CA ASN B 366 12.92 -39.21 -20.38
C ASN B 366 13.53 -40.04 -21.51
N GLY B 367 13.36 -39.61 -22.76
CA GLY B 367 13.89 -40.30 -23.92
C GLY B 367 13.17 -41.57 -24.33
N ARG B 368 11.98 -41.84 -23.78
CA ARG B 368 11.31 -43.13 -23.93
C ARG B 368 10.42 -43.21 -25.17
N ARG B 369 10.41 -42.16 -26.02
CA ARG B 369 9.40 -42.11 -27.09
C ARG B 369 9.55 -43.27 -28.07
N ASP B 370 10.78 -43.53 -28.53
CA ASP B 370 10.97 -44.60 -29.50
C ASP B 370 10.66 -45.96 -28.88
N GLU B 371 11.06 -46.16 -27.63
CA GLU B 371 10.72 -47.40 -26.94
C GLU B 371 9.21 -47.57 -26.83
N VAL B 372 8.50 -46.50 -26.46
CA VAL B 372 7.07 -46.63 -26.24
C VAL B 372 6.34 -46.84 -27.57
N LYS B 373 6.74 -46.13 -28.62
CA LYS B 373 6.08 -46.28 -29.91
C LYS B 373 6.36 -47.66 -30.50
N ASN B 374 7.59 -48.15 -30.36
CA ASN B 374 7.91 -49.46 -30.94
C ASN B 374 7.20 -50.56 -30.17
N LYS B 375 7.16 -50.47 -28.85
CA LYS B 375 6.52 -51.52 -28.05
C LYS B 375 5.01 -51.48 -28.18
N LEU B 376 4.41 -50.30 -28.32
CA LEU B 376 2.98 -50.24 -28.60
C LEU B 376 2.64 -51.07 -29.84
N TYR B 377 3.47 -50.96 -30.88
CA TYR B 377 3.22 -51.69 -32.11
C TYR B 377 3.59 -53.16 -31.96
N GLN B 378 4.86 -53.43 -31.63
CA GLN B 378 5.34 -54.80 -31.61
C GLN B 378 4.68 -55.62 -30.51
N LEU B 379 4.40 -55.01 -29.35
CA LEU B 379 3.85 -55.81 -28.25
C LEU B 379 2.33 -55.81 -28.25
N TYR B 380 1.69 -54.66 -28.49
CA TYR B 380 0.25 -54.54 -28.35
C TYR B 380 -0.47 -54.37 -29.68
N ASN B 381 0.26 -54.34 -30.80
CA ASN B 381 -0.34 -54.21 -32.14
C ASN B 381 -1.08 -52.88 -32.30
N ILE B 382 -0.50 -51.82 -31.76
CA ILE B 382 -1.10 -50.49 -31.81
C ILE B 382 -0.22 -49.59 -32.66
N GLU B 383 -0.77 -49.13 -33.78
CA GLU B 383 -0.09 -48.19 -34.65
C GLU B 383 -0.14 -46.81 -34.02
N THR B 384 1.00 -46.28 -33.69
CA THR B 384 1.12 -44.85 -33.40
C THR B 384 1.99 -44.24 -34.50
N ASP B 385 1.97 -42.91 -34.59
CA ASP B 385 2.73 -42.26 -35.66
C ASP B 385 3.27 -40.92 -35.17
N ILE B 386 4.24 -40.42 -35.94
CA ILE B 386 4.91 -39.18 -35.62
C ILE B 386 4.67 -38.23 -36.80
N TYR B 387 3.81 -37.27 -36.60
CA TYR B 387 3.54 -36.24 -37.61
C TYR B 387 4.36 -35.02 -37.19
N TYR B 388 5.54 -34.84 -37.80
CA TYR B 388 6.06 -35.56 -38.96
C TYR B 388 7.49 -36.04 -38.67
N PRO B 389 7.92 -37.14 -39.31
CA PRO B 389 9.13 -37.82 -38.83
C PRO B 389 10.42 -37.04 -39.02
N VAL B 390 10.50 -36.17 -40.02
CA VAL B 390 11.70 -35.40 -40.32
C VAL B 390 11.36 -33.91 -40.27
N LEU B 391 12.17 -33.14 -39.55
CA LEU B 391 11.96 -31.69 -39.54
C LEU B 391 12.50 -31.05 -40.82
N SER B 392 11.98 -29.85 -41.14
CA SER B 392 12.21 -29.25 -42.45
C SER B 392 13.69 -29.00 -42.70
N HIS B 393 14.39 -28.47 -41.72
CA HIS B 393 15.81 -28.18 -41.91
C HIS B 393 16.69 -29.42 -41.81
N LYS B 394 16.10 -30.61 -41.76
CA LYS B 394 16.85 -31.84 -41.56
C LYS B 394 16.69 -32.87 -42.68
N HIS B 395 15.86 -32.60 -43.69
CA HIS B 395 15.71 -33.54 -44.80
C HIS B 395 17.04 -33.76 -45.51
N ASN B 396 17.26 -34.97 -45.99
CA ASN B 396 18.52 -35.29 -46.68
C ASN B 396 18.43 -34.91 -48.16
N THR B 397 18.28 -33.62 -48.40
CA THR B 397 18.13 -33.09 -49.75
C THR B 397 19.32 -32.23 -50.12
N LYS B 398 19.47 -31.98 -51.42
CA LYS B 398 20.48 -31.03 -51.88
C LYS B 398 20.24 -29.66 -51.26
N LEU B 399 18.96 -29.29 -51.08
CA LEU B 399 18.61 -27.99 -50.50
C LEU B 399 19.09 -27.85 -49.06
N VAL B 400 18.78 -28.84 -48.21
CA VAL B 400 19.21 -28.73 -46.81
C VAL B 400 20.72 -28.66 -46.72
N LYS B 401 21.42 -29.50 -47.49
CA LYS B 401 22.88 -29.52 -47.46
C LYS B 401 23.46 -28.16 -47.84
N LYS B 402 22.80 -27.41 -48.71
CA LYS B 402 23.36 -26.15 -49.18
C LYS B 402 22.94 -24.94 -48.34
N ASN B 403 21.75 -24.96 -47.73
CA ASN B 403 21.18 -23.76 -47.12
C ASN B 403 20.80 -23.88 -45.65
N TYR B 404 20.66 -25.08 -45.08
CA TYR B 404 20.11 -25.19 -43.73
C TYR B 404 20.98 -26.02 -42.81
N MET B 405 22.23 -26.28 -43.18
CA MET B 405 23.07 -27.16 -42.38
C MET B 405 23.32 -26.59 -40.99
N GLN B 406 23.35 -25.26 -40.84
CA GLN B 406 23.62 -24.62 -39.57
C GLN B 406 22.36 -24.11 -38.87
N ASP B 407 21.17 -24.54 -39.31
CA ASP B 407 19.95 -24.14 -38.64
C ASP B 407 19.84 -24.89 -37.31
N THR B 408 19.50 -24.16 -36.24
CA THR B 408 19.33 -24.76 -34.92
C THR B 408 18.05 -24.23 -34.29
N LEU B 409 17.09 -25.12 -34.04
CA LEU B 409 15.78 -24.75 -33.48
C LEU B 409 15.53 -25.59 -32.23
N LEU B 410 15.92 -25.04 -31.07
CA LEU B 410 16.04 -25.85 -29.85
C LEU B 410 14.71 -26.52 -29.46
N ASN B 411 13.65 -25.72 -29.27
CA ASN B 411 12.38 -26.30 -28.81
C ASN B 411 11.83 -27.30 -29.81
N THR B 412 11.94 -26.95 -31.11
CA THR B 412 11.43 -27.80 -32.16
C THR B 412 12.10 -29.16 -32.13
N GLU B 413 13.43 -29.16 -32.05
CA GLU B 413 14.18 -30.42 -32.11
C GLU B 413 13.95 -31.26 -30.87
N GLN B 414 13.87 -30.61 -29.70
CA GLN B 414 13.61 -31.36 -28.47
C GLN B 414 12.23 -31.99 -28.49
N VAL B 415 11.18 -31.19 -28.72
CA VAL B 415 9.81 -31.70 -28.79
C VAL B 415 9.72 -32.83 -29.82
N HIS B 416 10.50 -32.74 -30.89
CA HIS B 416 10.43 -33.74 -31.95
C HIS B 416 10.96 -35.07 -31.47
N LYS B 417 11.85 -35.05 -30.48
CA LYS B 417 12.31 -36.26 -29.82
C LYS B 417 11.26 -36.88 -28.91
N GLU B 418 10.24 -36.12 -28.49
CA GLU B 418 9.29 -36.60 -27.49
C GLU B 418 7.90 -36.88 -28.04
N ILE B 419 7.55 -36.32 -29.18
CA ILE B 419 6.16 -36.30 -29.65
C ILE B 419 5.75 -37.67 -30.16
N LEU B 420 4.46 -37.97 -30.00
CA LEU B 420 3.84 -39.18 -30.50
C LEU B 420 2.36 -38.89 -30.67
N HIS B 421 1.79 -39.29 -31.80
CA HIS B 421 0.38 -39.11 -32.09
C HIS B 421 -0.36 -40.42 -31.89
N LEU B 422 -1.53 -40.33 -31.27
CA LEU B 422 -2.42 -41.44 -30.95
C LEU B 422 -3.56 -41.48 -31.95
N PRO B 423 -4.02 -42.67 -32.31
CA PRO B 423 -5.18 -42.76 -33.23
C PRO B 423 -6.36 -41.93 -32.74
N LEU B 424 -6.88 -41.09 -33.61
CA LEU B 424 -8.11 -40.35 -33.31
C LEU B 424 -8.72 -39.96 -34.64
N HIS B 425 -9.88 -40.55 -34.96
CA HIS B 425 -10.66 -40.14 -36.11
C HIS B 425 -12.11 -40.36 -35.72
N PRO B 426 -13.04 -39.63 -36.33
CA PRO B 426 -14.42 -39.60 -35.77
C PRO B 426 -15.15 -40.92 -35.88
N ASN B 427 -14.77 -41.83 -36.76
CA ASN B 427 -15.47 -43.11 -36.83
C ASN B 427 -14.78 -44.21 -36.04
N MET B 428 -13.82 -43.89 -35.18
CA MET B 428 -13.29 -45.00 -34.40
C MET B 428 -14.27 -45.35 -33.29
N LEU B 429 -14.17 -46.59 -32.83
CA LEU B 429 -15.02 -47.09 -31.76
C LEU B 429 -14.36 -46.79 -30.43
N LEU B 430 -15.19 -46.59 -29.41
CA LEU B 430 -14.66 -46.43 -28.06
C LEU B 430 -13.94 -47.70 -27.60
N GLU B 431 -14.34 -48.86 -28.13
CA GLU B 431 -13.59 -50.09 -27.85
C GLU B 431 -12.18 -49.99 -28.42
N GLU B 432 -12.05 -49.40 -29.62
CA GLU B 432 -10.74 -49.18 -30.20
C GLU B 432 -9.90 -48.22 -29.35
N GLN B 433 -10.50 -47.12 -28.88
CA GLN B 433 -9.75 -46.22 -27.99
C GLN B 433 -9.38 -46.92 -26.69
N ASN B 434 -10.29 -47.74 -26.14
CA ASN B 434 -9.97 -48.48 -24.93
C ASN B 434 -8.75 -49.37 -25.14
N PHE B 435 -8.66 -49.98 -26.33
CA PHE B 435 -7.51 -50.82 -26.66
C PHE B 435 -6.22 -50.01 -26.64
N VAL B 436 -6.25 -48.82 -27.25
CA VAL B 436 -5.06 -47.97 -27.24
C VAL B 436 -4.73 -47.55 -25.82
N LEU B 437 -5.75 -47.14 -25.07
CA LEU B 437 -5.55 -46.72 -23.70
C LEU B 437 -4.88 -47.80 -22.86
N GLU B 438 -5.38 -49.04 -22.96
CA GLU B 438 -4.80 -50.09 -22.14
C GLU B 438 -3.36 -50.39 -22.53
N GLY B 439 -3.06 -50.42 -23.83
CA GLY B 439 -1.68 -50.58 -24.25
C GLY B 439 -0.78 -49.47 -23.74
N LEU B 440 -1.26 -48.23 -23.80
CA LEU B 440 -0.48 -47.11 -23.27
C LEU B 440 -0.21 -47.24 -21.79
N ILE B 441 -1.22 -47.69 -21.03
CA ILE B 441 -1.04 -47.90 -19.60
C ILE B 441 -0.08 -49.06 -19.35
N ASN B 442 -0.27 -50.15 -20.10
CA ASN B 442 0.49 -51.36 -19.87
C ASN B 442 1.98 -51.15 -20.11
N VAL B 443 2.32 -50.56 -21.25
CA VAL B 443 3.73 -50.35 -21.60
C VAL B 443 4.39 -49.34 -20.69
N ASN B 444 3.62 -48.57 -19.91
CA ASN B 444 4.17 -47.62 -18.96
C ASN B 444 4.13 -48.12 -17.51
N LYS B 445 3.74 -49.37 -17.28
CA LYS B 445 3.72 -49.93 -15.93
C LYS B 445 5.12 -50.09 -15.37
N LEU C 8 -29.70 -18.31 -46.01
CA LEU C 8 -30.11 -18.38 -44.60
C LEU C 8 -29.64 -17.18 -43.80
N THR C 9 -30.60 -16.42 -43.28
CA THR C 9 -30.31 -15.27 -42.44
C THR C 9 -30.71 -15.61 -41.00
N THR C 10 -29.77 -15.43 -40.09
CA THR C 10 -29.98 -15.71 -38.67
C THR C 10 -30.29 -14.39 -37.97
N ILE C 11 -31.51 -14.26 -37.48
CA ILE C 11 -31.92 -13.04 -36.77
C ILE C 11 -31.42 -13.15 -35.34
N SER C 12 -30.42 -12.33 -35.00
CA SER C 12 -29.85 -12.26 -33.66
C SER C 12 -30.39 -11.07 -32.88
N GLY C 13 -31.37 -10.37 -33.45
CA GLY C 13 -31.96 -9.23 -32.79
C GLY C 13 -31.22 -7.93 -32.98
N HIS C 14 -30.37 -7.88 -34.00
CA HIS C 14 -29.64 -6.67 -34.30
C HIS C 14 -30.09 -5.87 -35.50
N SER C 15 -29.43 -4.77 -35.78
CA SER C 15 -29.87 -3.88 -36.83
C SER C 15 -29.89 -4.47 -38.23
N LYS C 16 -28.79 -5.07 -38.63
CA LYS C 16 -28.67 -5.57 -39.99
C LYS C 16 -29.70 -6.60 -40.37
N ASP C 17 -29.93 -7.53 -39.48
CA ASP C 17 -30.91 -8.54 -39.75
C ASP C 17 -32.30 -8.01 -39.76
N ASN C 18 -32.58 -7.00 -38.96
CA ASN C 18 -33.89 -6.41 -38.97
C ASN C 18 -34.17 -5.76 -40.31
N LEU C 19 -33.16 -5.11 -40.87
CA LEU C 19 -33.32 -4.51 -42.20
C LEU C 19 -33.53 -5.57 -43.27
N ALA C 20 -32.81 -6.70 -43.16
CA ALA C 20 -33.03 -7.84 -44.04
C ALA C 20 -34.43 -8.41 -43.88
N LEU C 21 -34.84 -8.64 -42.64
CA LEU C 21 -36.18 -9.15 -42.37
C LEU C 21 -37.23 -8.21 -42.92
N LEU C 22 -37.06 -6.90 -42.70
CA LEU C 22 -38.06 -5.95 -43.20
C LEU C 22 -38.18 -6.04 -44.72
N LYS C 23 -37.03 -6.07 -45.41
CA LYS C 23 -37.09 -6.24 -46.86
C LYS C 23 -37.76 -7.55 -47.23
N CYS C 24 -37.55 -8.59 -46.43
CA CYS C 24 -38.21 -9.86 -46.72
C CYS C 24 -39.70 -9.79 -46.41
N LEU C 25 -40.07 -9.22 -45.26
CA LEU C 25 -41.48 -9.09 -44.91
C LEU C 25 -42.27 -8.28 -45.92
N GLN C 26 -41.61 -7.46 -46.73
CA GLN C 26 -42.25 -6.68 -47.77
C GLN C 26 -42.07 -7.37 -49.13
N GLY C 27 -42.39 -6.65 -50.19
CA GLY C 27 -42.35 -7.22 -51.52
C GLY C 27 -40.98 -7.29 -52.15
N GLU C 28 -39.93 -7.16 -51.33
CA GLU C 28 -38.56 -7.24 -51.79
C GLU C 28 -37.89 -8.57 -51.45
N THR C 29 -38.68 -9.57 -51.03
CA THR C 29 -38.12 -10.83 -50.60
C THR C 29 -37.38 -11.52 -51.75
N LYS C 30 -36.44 -12.38 -51.38
CA LYS C 30 -35.63 -13.14 -52.34
C LYS C 30 -35.62 -14.62 -51.96
N GLU C 31 -36.77 -15.12 -51.48
CA GLU C 31 -36.90 -16.50 -51.01
C GLU C 31 -35.86 -16.83 -49.94
N LYS C 32 -35.58 -15.85 -49.09
CA LYS C 32 -34.57 -16.01 -48.05
C LYS C 32 -35.15 -16.78 -46.88
N GLU C 33 -34.40 -17.77 -46.39
CA GLU C 33 -34.78 -18.51 -45.19
C GLU C 33 -34.24 -17.77 -43.98
N PHE C 34 -35.11 -17.50 -43.03
CA PHE C 34 -34.77 -16.82 -41.79
C PHE C 34 -34.94 -17.79 -40.62
N GLU C 35 -33.96 -17.80 -39.73
CA GLU C 35 -34.09 -18.47 -38.43
C GLU C 35 -33.95 -17.42 -37.34
N ILE C 36 -34.45 -17.73 -36.15
CA ILE C 36 -34.41 -16.81 -35.02
C ILE C 36 -33.60 -17.43 -33.89
N SER C 37 -32.72 -16.65 -33.29
CA SER C 37 -31.99 -17.08 -32.11
C SER C 37 -32.81 -16.74 -30.87
N ASN C 38 -33.00 -17.74 -30.01
CA ASN C 38 -33.87 -17.59 -28.83
C ASN C 38 -33.23 -16.76 -27.71
N VAL C 39 -32.58 -15.66 -28.04
CA VAL C 39 -32.01 -14.82 -27.00
C VAL C 39 -33.12 -13.92 -26.42
N LEU C 40 -32.87 -13.42 -25.21
CA LEU C 40 -33.89 -12.65 -24.52
C LEU C 40 -34.37 -11.44 -25.31
N PRO C 41 -33.51 -10.63 -25.94
CA PRO C 41 -34.00 -9.52 -26.78
C PRO C 41 -34.84 -9.94 -27.98
N ASN C 42 -34.84 -11.22 -28.37
CA ASN C 42 -35.67 -11.74 -29.46
C ASN C 42 -37.00 -12.34 -28.99
N HIS C 43 -37.30 -12.29 -27.68
CA HIS C 43 -38.44 -13.04 -27.15
C HIS C 43 -39.75 -12.66 -27.84
N LYS C 44 -40.08 -11.37 -27.88
CA LYS C 44 -41.31 -10.93 -28.53
C LYS C 44 -41.27 -11.20 -30.03
N MET C 45 -40.16 -10.88 -30.68
CA MET C 45 -40.01 -11.18 -32.10
C MET C 45 -40.35 -12.64 -32.39
N LYS C 46 -39.72 -13.57 -31.66
CA LYS C 46 -39.92 -14.99 -31.91
C LYS C 46 -41.37 -15.38 -31.66
N GLU C 47 -41.98 -14.84 -30.61
CA GLU C 47 -43.37 -15.17 -30.30
C GLU C 47 -44.32 -14.65 -31.37
N LYS C 48 -44.05 -13.46 -31.90
CA LYS C 48 -44.98 -12.76 -32.79
C LYS C 48 -44.79 -13.14 -34.25
N LEU C 49 -43.56 -13.25 -34.73
CA LEU C 49 -43.30 -13.43 -36.16
C LEU C 49 -42.91 -14.85 -36.53
N PHE C 50 -42.59 -15.70 -35.56
CA PHE C 50 -42.11 -17.04 -35.85
C PHE C 50 -43.07 -18.08 -35.30
N ARG C 51 -43.05 -19.25 -35.93
CA ARG C 51 -43.83 -20.40 -35.50
C ARG C 51 -43.02 -21.62 -35.89
N GLU C 52 -42.90 -22.59 -34.98
N GLU C 52 -42.90 -22.58 -34.97
CA GLU C 52 -42.10 -23.79 -35.22
CA GLU C 52 -42.09 -23.78 -35.21
C GLU C 52 -40.70 -23.42 -35.72
C GLU C 52 -40.70 -23.42 -35.72
N ASN C 53 -40.19 -22.28 -35.25
CA ASN C 53 -38.84 -21.80 -35.58
C ASN C 53 -38.67 -21.46 -37.06
N LYS C 54 -39.75 -21.05 -37.73
CA LYS C 54 -39.67 -20.49 -39.07
C LYS C 54 -40.58 -19.28 -39.16
N LEU C 55 -40.21 -18.33 -40.02
CA LEU C 55 -41.00 -17.12 -40.22
C LEU C 55 -42.44 -17.46 -40.55
N LYS C 56 -43.39 -16.81 -39.86
CA LYS C 56 -44.80 -17.02 -40.15
C LYS C 56 -45.11 -16.62 -41.60
N ILE C 57 -46.10 -17.31 -42.18
CA ILE C 57 -46.23 -17.31 -43.63
C ILE C 57 -46.85 -16.01 -44.14
N ASP C 58 -48.00 -15.61 -43.61
CA ASP C 58 -48.72 -14.45 -44.14
C ASP C 58 -48.72 -13.32 -43.12
N ILE C 59 -47.54 -12.75 -42.91
CA ILE C 59 -47.42 -11.62 -42.00
C ILE C 59 -47.82 -10.36 -42.74
N ASP C 60 -48.83 -9.67 -42.22
CA ASP C 60 -49.29 -8.38 -42.75
C ASP C 60 -48.73 -7.29 -41.84
N ILE C 61 -47.71 -6.56 -42.33
CA ILE C 61 -47.03 -5.59 -41.46
C ILE C 61 -48.02 -4.59 -40.89
N GLU C 62 -48.82 -3.97 -41.77
CA GLU C 62 -49.74 -2.93 -41.33
C GLU C 62 -50.81 -3.50 -40.40
N LYS C 63 -51.35 -4.66 -40.73
CA LYS C 63 -52.51 -5.16 -39.98
C LYS C 63 -52.11 -6.01 -38.79
N ASP C 64 -51.11 -6.87 -38.93
CA ASP C 64 -50.72 -7.74 -37.82
C ASP C 64 -49.73 -7.09 -36.88
N ILE C 65 -48.85 -6.21 -37.38
CA ILE C 65 -47.85 -5.59 -36.52
C ILE C 65 -48.33 -4.24 -36.00
N PHE C 66 -49.04 -3.47 -36.81
CA PHE C 66 -49.45 -2.13 -36.39
C PHE C 66 -50.95 -1.95 -36.20
N ASN C 67 -51.77 -2.97 -36.50
CA ASN C 67 -53.22 -2.89 -36.32
C ASN C 67 -53.80 -1.64 -37.01
N TYR C 68 -53.39 -1.43 -38.26
CA TYR C 68 -53.84 -0.27 -39.03
C TYR C 68 -55.33 -0.39 -39.34
N SER C 69 -56.12 0.61 -38.90
CA SER C 69 -57.57 0.60 -39.11
C SER C 69 -58.11 1.93 -39.65
N ARG C 70 -57.26 2.81 -40.16
CA ARG C 70 -57.66 4.16 -40.56
C ARG C 70 -58.51 4.86 -39.49
N LYS C 71 -58.00 4.85 -38.26
CA LYS C 71 -58.57 5.67 -37.20
C LYS C 71 -58.20 7.13 -37.42
N ASN C 72 -59.18 8.02 -37.37
CA ASN C 72 -58.89 9.43 -37.62
C ASN C 72 -58.20 10.04 -36.40
N ILE C 73 -57.13 10.79 -36.66
CA ILE C 73 -56.29 11.40 -35.64
C ILE C 73 -56.56 12.89 -35.64
N GLN C 74 -56.61 13.49 -34.45
CA GLN C 74 -56.79 14.93 -34.34
C GLN C 74 -55.56 15.65 -33.82
N LYS C 75 -54.59 14.92 -33.29
CA LYS C 75 -53.46 15.51 -32.58
C LYS C 75 -52.34 14.48 -32.55
N ILE C 76 -51.10 14.97 -32.55
CA ILE C 76 -49.92 14.12 -32.40
C ILE C 76 -49.03 14.72 -31.32
N GLU C 77 -48.70 13.91 -30.31
CA GLU C 77 -47.68 14.25 -29.35
C GLU C 77 -46.38 13.56 -29.75
N PHE C 78 -45.25 14.24 -29.53
CA PHE C 78 -43.97 13.70 -30.01
C PHE C 78 -43.62 12.39 -29.32
N MET C 79 -43.71 12.35 -27.98
CA MET C 79 -43.29 11.18 -27.22
C MET C 79 -44.21 11.01 -26.01
N PRO C 80 -45.43 10.52 -26.24
CA PRO C 80 -46.35 10.25 -25.13
C PRO C 80 -45.83 9.12 -24.26
N VAL C 81 -45.40 9.42 -23.02
CA VAL C 81 -44.69 8.39 -22.25
C VAL C 81 -45.60 7.20 -21.98
N ASN C 82 -46.91 7.42 -21.82
CA ASN C 82 -47.82 6.31 -21.54
C ASN C 82 -47.86 5.27 -22.67
N ARG C 83 -47.50 5.65 -23.89
CA ARG C 83 -47.51 4.72 -25.01
C ARG C 83 -46.20 3.95 -25.17
N LEU C 84 -45.16 4.27 -24.39
CA LEU C 84 -43.89 3.59 -24.61
C LEU C 84 -43.77 2.25 -23.88
N ILE C 85 -44.69 1.92 -22.99
CA ILE C 85 -44.69 0.66 -22.27
C ILE C 85 -46.03 -0.02 -22.52
N SER C 86 -46.01 -1.31 -22.79
CA SER C 86 -47.19 -2.09 -23.09
C SER C 86 -47.75 -2.78 -21.85
N GLN C 87 -49.01 -3.23 -21.94
CA GLN C 87 -49.58 -4.02 -20.86
C GLN C 87 -48.86 -5.36 -20.67
N SER C 88 -48.39 -5.96 -21.77
CA SER C 88 -47.65 -7.22 -21.63
C SER C 88 -46.38 -7.01 -20.82
N GLU C 89 -45.68 -5.90 -21.05
CA GLU C 89 -44.53 -5.59 -20.22
C GLU C 89 -44.96 -5.41 -18.77
N ILE C 90 -46.00 -4.60 -18.56
CA ILE C 90 -46.44 -4.33 -17.19
C ILE C 90 -46.79 -5.62 -16.46
N ASP C 91 -47.48 -6.52 -17.13
CA ASP C 91 -47.82 -7.80 -16.54
C ASP C 91 -46.57 -8.58 -16.11
N GLY C 92 -45.60 -8.68 -17.01
CA GLY C 92 -44.38 -9.41 -16.69
C GLY C 92 -43.59 -8.75 -15.59
N ILE C 93 -43.58 -7.42 -15.56
CA ILE C 93 -42.92 -6.67 -14.49
C ILE C 93 -43.57 -6.96 -13.14
N ILE C 94 -44.90 -6.83 -13.06
CA ILE C 94 -45.62 -7.18 -11.84
C ILE C 94 -45.26 -8.59 -11.41
N GLY C 95 -45.29 -9.52 -12.36
CA GLY C 95 -44.95 -10.91 -12.06
C GLY C 95 -43.56 -11.06 -11.46
N THR C 96 -42.57 -10.43 -12.08
CA THR C 96 -41.21 -10.58 -11.57
C THR C 96 -41.03 -9.86 -10.24
N LEU C 97 -41.69 -8.72 -10.04
CA LEU C 97 -41.47 -8.00 -8.79
C LEU C 97 -42.11 -8.72 -7.61
N LYS C 98 -43.15 -9.53 -7.84
CA LYS C 98 -43.65 -10.37 -6.77
C LYS C 98 -42.65 -11.42 -6.33
N GLU C 99 -41.67 -11.73 -7.16
CA GLU C 99 -40.58 -12.62 -6.80
C GLU C 99 -39.40 -11.87 -6.18
N VAL C 100 -39.03 -10.71 -6.70
CA VAL C 100 -37.84 -10.01 -6.18
C VAL C 100 -38.15 -9.37 -4.83
N LEU C 101 -39.33 -8.78 -4.68
CA LEU C 101 -39.62 -8.00 -3.47
C LEU C 101 -39.48 -8.80 -2.18
N PRO C 102 -39.92 -10.06 -2.08
CA PRO C 102 -39.69 -10.80 -0.83
C PRO C 102 -38.23 -11.07 -0.52
N THR C 103 -37.31 -10.99 -1.50
CA THR C 103 -35.91 -11.22 -1.14
C THR C 103 -35.32 -10.08 -0.34
N GLY C 104 -35.94 -8.90 -0.36
CA GLY C 104 -35.29 -7.77 0.26
C GLY C 104 -34.01 -7.33 -0.41
N GLN C 105 -33.69 -7.86 -1.58
CA GLN C 105 -32.41 -7.59 -2.22
C GLN C 105 -32.63 -6.43 -3.18
N PHE C 106 -32.31 -5.22 -2.75
CA PHE C 106 -32.68 -4.05 -3.52
C PHE C 106 -31.50 -3.25 -4.02
N THR C 107 -30.29 -3.57 -3.61
CA THR C 107 -29.16 -2.87 -4.18
C THR C 107 -28.49 -3.82 -5.15
N SER C 108 -27.51 -4.58 -4.68
CA SER C 108 -26.99 -5.67 -5.47
C SER C 108 -27.97 -6.84 -5.42
N GLY C 109 -27.76 -7.81 -6.31
CA GLY C 109 -28.63 -8.96 -6.37
C GLY C 109 -28.45 -9.81 -7.62
N PRO C 110 -29.19 -10.92 -7.69
CA PRO C 110 -29.00 -11.85 -8.80
C PRO C 110 -29.53 -11.33 -10.12
N PHE C 111 -30.46 -10.36 -10.11
CA PHE C 111 -30.95 -9.89 -11.39
C PHE C 111 -29.98 -8.93 -12.05
N SER C 112 -29.29 -8.12 -11.24
CA SER C 112 -28.20 -7.31 -11.74
C SER C 112 -27.21 -8.17 -12.53
N LYS C 113 -26.81 -9.31 -11.93
CA LYS C 113 -25.83 -10.19 -12.56
C LYS C 113 -26.37 -10.80 -13.84
N LYS C 114 -27.64 -11.19 -13.86
CA LYS C 114 -28.22 -11.80 -15.05
C LYS C 114 -28.32 -10.79 -16.20
N LEU C 115 -28.70 -9.56 -15.89
CA LEU C 115 -28.80 -8.54 -16.94
C LEU C 115 -27.44 -8.26 -17.57
N GLU C 116 -26.38 -8.24 -16.73
CA GLU C 116 -25.03 -8.06 -17.25
C GLU C 116 -24.61 -9.22 -18.16
N GLU C 117 -24.97 -10.46 -17.79
CA GLU C 117 -24.70 -11.59 -18.69
C GLU C 117 -25.48 -11.45 -20.00
N VAL C 118 -26.73 -11.00 -19.91
CA VAL C 118 -27.56 -10.87 -21.10
C VAL C 118 -27.03 -9.79 -22.01
N ILE C 119 -26.67 -8.64 -21.45
CA ILE C 119 -26.11 -7.55 -22.26
C ILE C 119 -24.78 -7.97 -22.84
N GLY C 120 -23.93 -8.63 -22.03
CA GLY C 120 -22.66 -9.13 -22.52
C GLY C 120 -22.80 -10.05 -23.72
N ASP C 121 -23.77 -10.97 -23.65
CA ASP C 121 -24.00 -11.88 -24.77
C ASP C 121 -24.48 -11.11 -25.99
N TYR C 122 -25.46 -10.22 -25.79
CA TYR C 122 -26.07 -9.46 -26.87
C TYR C 122 -25.07 -8.58 -27.60
N LEU C 123 -24.13 -7.99 -26.85
CA LEU C 123 -23.11 -7.14 -27.46
C LEU C 123 -21.83 -7.89 -27.80
N ASN C 124 -21.72 -9.16 -27.42
CA ASN C 124 -20.53 -9.98 -27.65
C ASN C 124 -19.30 -9.35 -27.00
N LYS C 125 -19.42 -9.03 -25.72
CA LYS C 125 -18.34 -8.42 -24.95
C LYS C 125 -18.19 -9.11 -23.60
N LYS C 126 -16.94 -9.19 -23.13
CA LYS C 126 -16.62 -10.06 -22.00
C LYS C 126 -17.13 -9.51 -20.67
N TYR C 127 -17.10 -8.19 -20.48
CA TYR C 127 -17.44 -7.62 -19.16
C TYR C 127 -18.48 -6.54 -19.30
N VAL C 128 -19.43 -6.55 -18.37
CA VAL C 128 -20.49 -5.55 -18.30
C VAL C 128 -20.67 -5.17 -16.83
N ILE C 129 -20.67 -3.87 -16.54
CA ILE C 129 -21.06 -3.32 -15.25
C ILE C 129 -22.37 -2.56 -15.44
N ALA C 130 -23.45 -3.07 -14.86
CA ALA C 130 -24.73 -2.39 -14.96
C ALA C 130 -24.74 -1.22 -14.00
N THR C 131 -25.15 -0.05 -14.48
CA THR C 131 -25.02 1.18 -13.69
C THR C 131 -26.39 1.80 -13.44
N SER C 132 -26.35 2.83 -12.59
CA SER C 132 -27.55 3.55 -12.20
C SER C 132 -27.99 4.55 -13.27
N SER C 133 -27.12 4.86 -14.23
CA SER C 133 -27.54 5.65 -15.39
C SER C 133 -26.46 5.58 -16.44
N GLY C 134 -26.85 5.94 -17.68
CA GLY C 134 -25.86 6.13 -18.71
C GLY C 134 -24.86 7.22 -18.36
N THR C 135 -25.35 8.33 -17.78
CA THR C 135 -24.46 9.41 -17.38
C THR C 135 -23.41 8.90 -16.38
N ASP C 136 -23.87 8.16 -15.36
CA ASP C 136 -22.95 7.60 -14.39
C ASP C 136 -21.98 6.66 -15.05
N ALA C 137 -22.48 5.79 -15.94
CA ALA C 137 -21.61 4.89 -16.69
C ALA C 137 -20.51 5.64 -17.41
N LEU C 138 -20.85 6.76 -18.06
CA LEU C 138 -19.84 7.54 -18.77
C LEU C 138 -18.81 8.11 -17.80
N MET C 139 -19.26 8.73 -16.71
CA MET C 139 -18.33 9.29 -15.73
C MET C 139 -17.37 8.24 -15.20
N VAL C 140 -17.90 7.06 -14.83
CA VAL C 140 -17.09 6.01 -14.23
C VAL C 140 -16.08 5.47 -15.24
N SER C 141 -16.52 5.27 -16.48
CA SER C 141 -15.60 4.79 -17.51
C SER C 141 -14.45 5.78 -17.71
N LEU C 142 -14.75 7.07 -17.74
CA LEU C 142 -13.70 8.06 -17.92
C LEU C 142 -12.68 7.95 -16.80
N LEU C 143 -13.17 7.80 -15.57
CA LEU C 143 -12.29 7.57 -14.42
C LEU C 143 -11.42 6.34 -14.67
N SER C 144 -12.01 5.26 -15.16
CA SER C 144 -11.31 3.98 -15.20
C SER C 144 -10.17 3.99 -16.21
N ILE C 145 -10.29 4.76 -17.29
CA ILE C 145 -9.16 4.90 -18.21
C ILE C 145 -8.13 5.91 -17.71
N GLY C 146 -8.37 6.55 -16.57
CA GLY C 146 -7.39 7.40 -15.96
C GLY C 146 -7.53 8.89 -16.22
N ILE C 147 -8.68 9.34 -16.72
CA ILE C 147 -8.91 10.77 -16.90
C ILE C 147 -8.79 11.48 -15.56
N GLN C 148 -7.91 12.47 -15.50
CA GLN C 148 -7.72 13.37 -14.38
C GLN C 148 -8.19 14.77 -14.75
N PRO C 149 -8.34 15.66 -13.77
CA PRO C 149 -8.63 17.07 -14.11
C PRO C 149 -7.57 17.60 -15.07
N GLY C 150 -8.04 18.26 -16.12
CA GLY C 150 -7.18 18.83 -17.12
C GLY C 150 -7.02 18.01 -18.39
N ASP C 151 -7.29 16.70 -18.33
CA ASP C 151 -7.22 15.91 -19.55
C ASP C 151 -8.30 16.35 -20.53
N GLU C 152 -7.98 16.29 -21.81
CA GLU C 152 -8.90 16.74 -22.84
C GLU C 152 -9.59 15.55 -23.50
N VAL C 153 -10.88 15.72 -23.77
CA VAL C 153 -11.72 14.67 -24.32
C VAL C 153 -12.33 15.21 -25.61
N ILE C 154 -12.00 14.59 -26.74
CA ILE C 154 -12.54 15.02 -28.02
C ILE C 154 -13.94 14.45 -28.20
N MET C 155 -14.92 15.34 -28.37
CA MET C 155 -16.33 15.00 -28.51
C MET C 155 -16.91 15.79 -29.67
N PRO C 156 -18.06 15.39 -30.18
CA PRO C 156 -18.87 16.30 -30.98
C PRO C 156 -19.67 17.23 -30.07
N ALA C 157 -20.27 18.25 -30.68
CA ALA C 157 -20.97 19.27 -29.91
C ALA C 157 -22.49 19.19 -30.07
N ASN C 158 -23.01 18.09 -30.57
CA ASN C 158 -24.44 18.01 -30.88
C ASN C 158 -25.14 16.97 -30.03
N SER C 159 -24.51 16.48 -28.96
CA SER C 159 -25.07 15.43 -28.12
C SER C 159 -25.96 15.98 -27.01
N PHE C 160 -26.64 15.06 -26.36
CA PHE C 160 -27.32 15.38 -25.11
C PHE C 160 -26.30 15.82 -24.09
N ALA C 161 -26.72 16.76 -23.23
CA ALA C 161 -25.84 17.38 -22.24
C ALA C 161 -24.98 16.36 -21.50
N ALA C 162 -25.55 15.19 -21.18
CA ALA C 162 -24.87 14.19 -20.37
C ALA C 162 -23.47 13.86 -20.90
N THR C 163 -23.28 13.89 -22.22
CA THR C 163 -22.00 13.47 -22.79
C THR C 163 -20.88 14.41 -22.33
N GLU C 164 -21.11 15.72 -22.47
CA GLU C 164 -20.11 16.68 -22.02
C GLU C 164 -20.14 16.85 -20.50
N ASN C 165 -21.32 16.71 -19.89
CA ASN C 165 -21.40 16.85 -18.43
C ASN C 165 -20.53 15.82 -17.72
N ALA C 166 -20.48 14.59 -18.25
CA ALA C 166 -19.69 13.56 -17.60
C ALA C 166 -18.21 13.92 -17.61
N VAL C 167 -17.75 14.55 -18.69
CA VAL C 167 -16.38 15.03 -18.78
C VAL C 167 -16.15 16.18 -17.83
N LEU C 168 -17.08 17.14 -17.83
CA LEU C 168 -16.94 18.34 -17.00
C LEU C 168 -17.03 17.99 -15.51
N ALA C 169 -17.88 17.01 -15.17
CA ALA C 169 -18.11 16.68 -13.76
C ALA C 169 -16.84 16.19 -13.07
N ILE C 170 -15.94 15.51 -13.80
CA ILE C 170 -14.70 15.01 -13.23
C ILE C 170 -13.53 15.96 -13.50
N GLY C 171 -13.79 17.19 -13.93
CA GLY C 171 -12.75 18.18 -14.08
C GLY C 171 -12.02 18.17 -15.41
N ALA C 172 -12.37 17.27 -16.32
CA ALA C 172 -11.71 17.23 -17.61
C ALA C 172 -12.32 18.27 -18.55
N LYS C 173 -11.64 18.50 -19.67
CA LYS C 173 -12.07 19.54 -20.59
C LYS C 173 -12.51 18.92 -21.90
N PRO C 174 -13.76 19.15 -22.33
CA PRO C 174 -14.20 18.66 -23.63
C PRO C 174 -13.56 19.46 -24.74
N VAL C 175 -13.13 18.76 -25.79
CA VAL C 175 -12.54 19.38 -26.97
C VAL C 175 -13.45 19.05 -28.16
N PHE C 176 -14.26 20.03 -28.57
CA PHE C 176 -15.29 19.79 -29.56
C PHE C 176 -14.69 19.68 -30.96
N VAL C 177 -15.33 18.86 -31.78
CA VAL C 177 -14.90 18.63 -33.15
C VAL C 177 -16.15 18.54 -34.02
N ASP C 178 -16.08 19.13 -35.21
CA ASP C 178 -17.22 19.21 -36.09
C ASP C 178 -17.73 17.82 -36.49
N ILE C 179 -18.98 17.77 -36.94
CA ILE C 179 -19.54 16.56 -37.52
C ILE C 179 -19.34 16.62 -39.03
N ASP C 180 -19.55 15.49 -39.70
CA ASP C 180 -19.76 15.51 -41.14
C ASP C 180 -21.26 15.62 -41.40
N HIS C 181 -21.61 16.27 -42.51
CA HIS C 181 -23.01 16.51 -42.83
C HIS C 181 -23.78 15.24 -43.18
N LYS C 182 -23.13 14.07 -43.26
CA LYS C 182 -23.81 12.88 -43.77
C LYS C 182 -24.52 12.08 -42.70
N SER C 183 -24.04 12.09 -41.45
CA SER C 183 -24.59 11.20 -40.44
C SER C 183 -24.89 11.86 -39.09
N TYR C 184 -24.60 13.15 -38.93
CA TYR C 184 -24.64 13.86 -37.65
C TYR C 184 -23.62 13.32 -36.65
N CYS C 185 -22.72 12.44 -37.09
CA CYS C 185 -21.67 11.90 -36.25
C CYS C 185 -20.39 12.70 -36.39
N ILE C 186 -19.53 12.58 -35.36
CA ILE C 186 -18.22 13.23 -35.35
C ILE C 186 -17.48 12.96 -36.66
N ASP C 187 -16.82 14.00 -37.20
CA ASP C 187 -16.12 13.88 -38.47
C ASP C 187 -14.72 13.33 -38.22
N PRO C 188 -14.42 12.08 -38.63
CA PRO C 188 -13.09 11.55 -38.34
C PRO C 188 -11.98 12.38 -38.95
N LEU C 189 -12.26 13.03 -40.07
CA LEU C 189 -11.31 13.90 -40.75
C LEU C 189 -10.69 14.93 -39.81
N LYS C 190 -11.41 15.32 -38.77
CA LYS C 190 -11.02 16.43 -37.93
C LYS C 190 -10.54 16.02 -36.55
N ILE C 191 -10.53 14.73 -36.24
CA ILE C 191 -10.05 14.24 -34.96
C ILE C 191 -8.56 14.55 -34.80
N GLU C 192 -7.77 14.27 -35.83
CA GLU C 192 -6.34 14.49 -35.74
C GLU C 192 -6.01 15.95 -35.44
N GLU C 193 -6.72 16.88 -36.09
CA GLU C 193 -6.50 18.32 -35.90
C GLU C 193 -6.50 18.71 -34.42
N ALA C 194 -7.40 18.11 -33.64
CA ALA C 194 -7.65 18.53 -32.26
C ALA C 194 -6.79 17.81 -31.23
N ILE C 195 -5.93 16.89 -31.65
CA ILE C 195 -5.20 16.05 -30.72
C ILE C 195 -4.00 16.81 -30.16
N THR C 196 -3.84 16.78 -28.85
CA THR C 196 -2.78 17.49 -28.12
C THR C 196 -2.02 16.48 -27.26
N GLN C 197 -0.92 16.94 -26.66
CA GLN C 197 -0.25 16.14 -25.63
C GLN C 197 -1.23 15.76 -24.52
N LYS C 198 -2.24 16.57 -24.28
CA LYS C 198 -3.16 16.37 -23.17
C LYS C 198 -4.40 15.53 -23.52
N THR C 199 -4.63 15.23 -24.80
CA THR C 199 -5.76 14.37 -25.12
C THR C 199 -5.51 12.97 -24.59
N LYS C 200 -6.55 12.37 -24.01
CA LYS C 200 -6.45 11.01 -23.53
C LYS C 200 -7.60 10.13 -23.98
N CYS C 201 -8.63 10.69 -24.60
CA CYS C 201 -9.75 9.86 -24.98
C CYS C 201 -10.50 10.55 -26.13
N ILE C 202 -11.02 9.74 -27.03
CA ILE C 202 -11.98 10.20 -28.02
C ILE C 202 -13.34 9.64 -27.63
N LEU C 203 -14.36 10.50 -27.62
CA LEU C 203 -15.71 10.17 -27.18
C LEU C 203 -16.69 10.38 -28.34
N PRO C 204 -16.75 9.43 -29.28
CA PRO C 204 -17.75 9.54 -30.35
C PRO C 204 -19.14 9.21 -29.82
N VAL C 205 -20.14 9.86 -30.39
CA VAL C 205 -21.54 9.65 -30.00
C VAL C 205 -22.29 9.06 -31.20
N HIS C 206 -22.90 7.88 -31.02
CA HIS C 206 -23.67 7.24 -32.09
C HIS C 206 -25.06 7.87 -32.14
N LEU C 207 -25.08 9.11 -32.60
CA LEU C 207 -26.22 9.97 -32.34
C LEU C 207 -27.46 9.53 -33.11
N TYR C 208 -28.61 9.60 -32.44
CA TYR C 208 -29.93 9.26 -32.97
C TYR C 208 -30.10 7.77 -33.26
N GLY C 209 -29.12 6.94 -32.90
CA GLY C 209 -29.14 5.52 -33.22
C GLY C 209 -28.26 5.14 -34.39
N LYS C 210 -27.61 6.11 -35.03
CA LYS C 210 -26.71 5.84 -36.14
C LYS C 210 -25.29 5.75 -35.61
N GLN C 211 -24.54 4.74 -36.07
CA GLN C 211 -23.16 4.56 -35.63
C GLN C 211 -22.20 5.50 -36.35
N CYS C 212 -21.26 6.07 -35.59
CA CYS C 212 -20.14 6.80 -36.16
C CYS C 212 -19.24 5.87 -36.97
N ASP C 213 -18.46 6.45 -37.87
CA ASP C 213 -17.50 5.70 -38.69
C ASP C 213 -16.35 5.32 -37.77
N MET C 214 -16.53 4.20 -37.05
CA MET C 214 -15.61 3.86 -35.98
C MET C 214 -14.29 3.31 -36.51
N LYS C 215 -14.32 2.63 -37.66
CA LYS C 215 -13.09 2.03 -38.18
C LYS C 215 -12.01 3.08 -38.39
N ARG C 216 -12.38 4.27 -38.87
CA ARG C 216 -11.38 5.32 -39.08
C ARG C 216 -10.93 5.92 -37.75
N ILE C 217 -11.85 6.05 -36.79
CA ILE C 217 -11.51 6.60 -35.48
C ILE C 217 -10.51 5.71 -34.78
N ARG C 218 -10.71 4.39 -34.86
CA ARG C 218 -9.75 3.45 -34.30
C ARG C 218 -8.37 3.64 -34.92
N GLU C 219 -8.32 3.81 -36.24
CA GLU C 219 -7.05 4.10 -36.91
C GLU C 219 -6.37 5.30 -36.26
N ILE C 220 -7.09 6.40 -36.12
CA ILE C 220 -6.48 7.63 -35.60
C ILE C 220 -6.06 7.44 -34.15
N ALA C 221 -6.92 6.82 -33.34
CA ALA C 221 -6.64 6.66 -31.92
C ALA C 221 -5.40 5.82 -31.67
N ASP C 222 -5.12 4.83 -32.54
CA ASP C 222 -3.96 3.99 -32.29
C ASP C 222 -2.66 4.70 -32.66
N VAL C 223 -2.69 5.62 -33.62
CA VAL C 223 -1.49 6.39 -33.98
C VAL C 223 -1.01 7.20 -32.79
N TYR C 224 -1.94 7.69 -31.98
CA TYR C 224 -1.63 8.50 -30.81
C TYR C 224 -1.92 7.77 -29.51
N GLN C 225 -2.21 6.47 -29.57
CA GLN C 225 -2.37 5.61 -28.40
C GLN C 225 -3.42 6.17 -27.44
N LEU C 226 -4.58 6.51 -28.00
CA LEU C 226 -5.66 7.05 -27.20
C LEU C 226 -6.73 5.99 -26.99
N ARG C 227 -7.39 6.05 -25.83
CA ARG C 227 -8.55 5.22 -25.59
C ARG C 227 -9.75 5.77 -26.37
N ILE C 228 -10.72 4.90 -26.61
CA ILE C 228 -11.98 5.30 -27.22
C ILE C 228 -13.09 4.86 -26.29
N ILE C 229 -13.91 5.81 -25.85
CA ILE C 229 -15.13 5.52 -25.13
C ILE C 229 -16.30 5.92 -26.01
N GLU C 230 -17.12 4.94 -26.40
CA GLU C 230 -18.26 5.17 -27.28
C GLU C 230 -19.51 5.44 -26.46
N ASP C 231 -20.11 6.62 -26.66
CA ASP C 231 -21.43 6.88 -26.09
C ASP C 231 -22.43 6.26 -27.04
N ALA C 232 -22.89 5.06 -26.66
CA ALA C 232 -23.86 4.29 -27.43
C ALA C 232 -25.21 4.27 -26.74
N CYS C 233 -25.52 5.35 -26.00
CA CYS C 233 -26.74 5.42 -25.21
C CYS C 233 -28.01 5.48 -26.07
N GLN C 234 -27.88 5.81 -27.34
CA GLN C 234 -29.02 5.82 -28.25
C GLN C 234 -28.99 4.68 -29.27
N ALA C 235 -28.05 3.75 -29.14
CA ALA C 235 -27.76 2.85 -30.27
C ALA C 235 -27.80 1.37 -29.91
N ILE C 236 -28.53 0.99 -28.86
CA ILE C 236 -28.62 -0.44 -28.54
C ILE C 236 -29.23 -1.21 -29.70
N GLY C 237 -28.63 -2.35 -30.02
CA GLY C 237 -29.08 -3.17 -31.11
C GLY C 237 -28.41 -2.91 -32.45
N SER C 238 -27.55 -1.90 -32.55
CA SER C 238 -26.86 -1.69 -33.82
C SER C 238 -25.81 -2.76 -34.00
N SER C 239 -25.77 -3.34 -35.20
CA SER C 239 -24.91 -4.49 -35.45
C SER C 239 -23.45 -4.08 -35.23
N ASN C 240 -22.68 -4.99 -34.63
CA ASN C 240 -21.23 -4.80 -34.45
C ASN C 240 -20.91 -3.61 -33.55
N LEU C 241 -21.80 -3.29 -32.62
CA LEU C 241 -21.60 -2.16 -31.73
C LEU C 241 -20.37 -2.38 -30.86
N GLY C 242 -19.45 -1.40 -30.88
CA GLY C 242 -18.30 -1.44 -29.99
C GLY C 242 -17.13 -2.27 -30.48
N GLU C 243 -17.12 -2.67 -31.75
CA GLU C 243 -16.04 -3.49 -32.28
C GLU C 243 -14.69 -2.81 -32.12
N TYR C 244 -14.65 -1.48 -32.12
CA TYR C 244 -13.39 -0.76 -32.17
C TYR C 244 -13.10 0.06 -30.92
N GLY C 245 -14.06 0.19 -30.01
CA GLY C 245 -13.87 1.01 -28.83
C GLY C 245 -13.32 0.24 -27.64
N ASP C 246 -12.59 0.95 -26.80
CA ASP C 246 -12.17 0.37 -25.54
C ASP C 246 -13.35 0.10 -24.61
N ILE C 247 -14.27 1.05 -24.49
CA ILE C 247 -15.45 0.92 -23.64
C ILE C 247 -16.67 1.48 -24.38
N ILE C 248 -17.81 0.84 -24.17
CA ILE C 248 -19.07 1.24 -24.78
C ILE C 248 -20.05 1.56 -23.67
N ILE C 249 -20.66 2.74 -23.74
CA ILE C 249 -21.58 3.24 -22.73
C ILE C 249 -22.99 2.98 -23.23
N LEU C 250 -23.79 2.29 -22.44
CA LEU C 250 -25.20 2.07 -22.76
C LEU C 250 -26.08 2.80 -21.75
N SER C 251 -27.24 3.26 -22.22
CA SER C 251 -28.27 3.77 -21.34
C SER C 251 -29.53 2.94 -21.52
N PHE C 252 -30.18 2.65 -20.37
CA PHE C 252 -31.47 2.01 -20.33
C PHE C 252 -32.52 2.95 -19.75
N ASN C 253 -32.33 4.26 -19.89
CA ASN C 253 -33.38 5.16 -19.42
C ASN C 253 -34.67 4.87 -20.17
N PRO C 254 -35.82 5.18 -19.57
CA PRO C 254 -37.09 4.59 -20.05
C PRO C 254 -37.50 5.08 -21.43
N TYR C 255 -36.85 6.10 -21.98
CA TYR C 255 -37.23 6.62 -23.28
C TYR C 255 -36.27 6.18 -24.38
N LYS C 256 -35.30 5.33 -24.04
CA LYS C 256 -34.34 4.81 -25.03
C LYS C 256 -34.97 3.62 -25.75
N ASN C 257 -34.40 3.14 -26.86
CA ASN C 257 -35.00 2.00 -27.58
C ASN C 257 -35.34 0.80 -26.66
N PHE C 258 -34.46 0.55 -25.69
CA PHE C 258 -34.70 -0.39 -24.59
C PHE C 258 -34.48 0.38 -23.31
N GLY C 259 -35.45 0.31 -22.39
CA GLY C 259 -35.34 1.00 -21.12
C GLY C 259 -35.96 0.20 -19.98
N VAL C 260 -35.57 0.56 -18.76
CA VAL C 260 -36.17 0.01 -17.56
C VAL C 260 -37.28 0.95 -17.12
N CYS C 261 -37.68 0.90 -15.83
CA CYS C 261 -38.72 1.81 -15.37
C CYS C 261 -38.15 2.82 -14.38
N GLY C 262 -37.02 3.39 -14.77
CA GLY C 262 -36.23 4.22 -13.88
C GLY C 262 -34.90 4.48 -14.58
N LYS C 263 -33.90 4.91 -13.82
CA LYS C 263 -32.60 5.16 -14.43
C LYS C 263 -31.72 3.92 -14.34
N ALA C 264 -31.02 3.61 -15.44
CA ALA C 264 -30.01 2.56 -15.49
C ALA C 264 -29.13 2.73 -16.72
N GLY C 265 -27.97 2.09 -16.67
CA GLY C 265 -27.07 2.05 -17.79
C GLY C 265 -26.13 0.88 -17.68
N ALA C 266 -25.08 0.90 -18.50
CA ALA C 266 -24.10 -0.15 -18.42
C ALA C 266 -22.78 0.33 -18.99
N ILE C 267 -21.71 -0.25 -18.48
CA ILE C 267 -20.36 -0.14 -19.04
C ILE C 267 -20.04 -1.49 -19.67
N VAL C 268 -19.54 -1.48 -20.90
CA VAL C 268 -19.29 -2.69 -21.67
C VAL C 268 -17.84 -2.68 -22.16
N THR C 269 -17.09 -3.76 -21.87
CA THR C 269 -15.69 -3.84 -22.28
C THR C 269 -15.21 -5.29 -22.34
N ASN C 270 -14.17 -5.51 -23.16
CA ASN C 270 -13.39 -6.75 -23.14
C ASN C 270 -12.15 -6.64 -22.26
N ASN C 271 -11.78 -5.43 -21.86
CA ASN C 271 -10.55 -5.16 -21.10
C ASN C 271 -10.83 -5.41 -19.63
N GLU C 272 -10.23 -6.47 -19.08
CA GLU C 272 -10.57 -6.85 -17.71
C GLU C 272 -10.11 -5.80 -16.71
N ASN C 273 -8.95 -5.17 -16.96
CA ASN C 273 -8.45 -4.18 -16.02
C ASN C 273 -9.37 -2.98 -15.92
N LEU C 274 -9.93 -2.53 -17.05
CA LEU C 274 -10.87 -1.41 -16.99
C LEU C 274 -12.16 -1.80 -16.28
N ALA C 275 -12.65 -3.01 -16.52
CA ALA C 275 -13.91 -3.43 -15.90
C ALA C 275 -13.77 -3.45 -14.38
N ILE C 276 -12.65 -3.94 -13.87
CA ILE C 276 -12.43 -3.98 -12.42
C ILE C 276 -12.45 -2.56 -11.87
N ARG C 277 -11.72 -1.64 -12.51
CA ARG C 277 -11.71 -0.25 -12.06
C ARG C 277 -13.11 0.38 -12.17
N CYS C 278 -13.82 0.11 -13.26
CA CYS C 278 -15.20 0.56 -13.36
C CYS C 278 -16.04 0.00 -12.21
N ASN C 279 -15.86 -1.29 -11.90
CA ASN C 279 -16.59 -1.91 -10.79
C ASN C 279 -16.28 -1.22 -9.47
N GLN C 280 -15.02 -0.83 -9.26
CA GLN C 280 -14.64 -0.18 -8.01
C GLN C 280 -15.15 1.26 -7.96
N TYR C 281 -14.89 2.03 -9.01
CA TYR C 281 -15.41 3.40 -9.07
C TYR C 281 -16.93 3.44 -8.95
N SER C 282 -17.60 2.35 -9.33
CA SER C 282 -19.05 2.27 -9.29
C SER C 282 -19.60 2.08 -7.89
N TYR C 283 -18.78 1.65 -6.94
CA TYR C 283 -19.24 1.46 -5.58
C TYR C 283 -18.16 1.94 -4.59
N HIS C 284 -18.03 3.26 -4.48
CA HIS C 284 -17.31 3.96 -3.41
C HIS C 284 -15.81 3.72 -3.41
N GLY C 285 -15.25 3.20 -4.51
CA GLY C 285 -13.84 2.81 -4.53
C GLY C 285 -13.50 1.53 -3.79
N PHE C 286 -14.51 0.79 -3.29
CA PHE C 286 -14.30 -0.44 -2.54
C PHE C 286 -13.80 -1.56 -3.44
N GLU C 287 -12.92 -2.41 -2.88
CA GLU C 287 -12.62 -3.65 -3.56
C GLU C 287 -13.91 -4.47 -3.70
N VAL C 288 -14.06 -5.12 -4.86
CA VAL C 288 -15.31 -5.81 -5.16
C VAL C 288 -15.56 -6.91 -4.13
N ASP C 289 -16.82 -6.99 -3.67
CA ASP C 289 -17.26 -7.99 -2.70
C ASP C 289 -16.60 -7.84 -1.33
N LYS C 290 -15.73 -6.84 -1.15
CA LYS C 290 -15.14 -6.51 0.14
C LYS C 290 -15.50 -5.06 0.47
N LYS C 291 -16.72 -4.86 0.96
CA LYS C 291 -17.21 -3.53 1.24
C LYS C 291 -16.50 -2.91 2.45
N ASN C 292 -16.50 -1.58 2.49
CA ASN C 292 -15.92 -0.78 3.57
C ASN C 292 -14.41 -0.88 3.63
N LYS C 293 -13.77 -1.32 2.54
CA LYS C 293 -12.31 -1.30 2.41
C LYS C 293 -11.99 -0.76 1.03
N LYS C 294 -11.46 0.46 0.98
CA LYS C 294 -11.26 1.16 -0.28
C LYS C 294 -9.90 0.86 -0.88
N VAL C 295 -9.88 0.70 -2.21
CA VAL C 295 -8.65 0.58 -2.96
C VAL C 295 -8.41 1.76 -3.88
N LEU C 296 -9.45 2.43 -4.37
CA LEU C 296 -9.32 3.68 -5.10
C LEU C 296 -9.57 4.85 -4.15
N ASP C 297 -9.13 6.04 -4.57
CA ASP C 297 -9.23 7.22 -3.71
C ASP C 297 -10.67 7.51 -3.30
N PHE C 298 -11.61 7.30 -4.22
CA PHE C 298 -13.02 7.54 -3.98
C PHE C 298 -13.81 6.75 -5.01
N GLY C 299 -15.13 6.91 -4.94
CA GLY C 299 -16.04 6.21 -5.83
C GLY C 299 -17.40 6.83 -5.72
N PHE C 300 -18.31 6.36 -6.56
CA PHE C 300 -19.69 6.80 -6.56
C PHE C 300 -20.58 5.69 -6.04
N ASN C 301 -21.88 5.98 -6.00
CA ASN C 301 -22.87 4.97 -5.63
C ASN C 301 -23.75 4.83 -6.87
N SER C 302 -23.28 4.02 -7.80
CA SER C 302 -23.90 4.09 -9.12
C SER C 302 -23.99 2.73 -9.81
N LYS C 303 -24.14 1.65 -9.04
CA LYS C 303 -24.49 0.42 -9.71
C LYS C 303 -25.99 0.39 -9.95
N ILE C 304 -26.42 -0.47 -10.88
CA ILE C 304 -27.86 -0.59 -11.12
C ILE C 304 -28.55 -1.11 -9.86
N ASP C 305 -29.81 -0.70 -9.64
CA ASP C 305 -30.62 -1.39 -8.64
C ASP C 305 -31.09 -2.75 -9.14
N ASN C 306 -30.99 -3.75 -8.26
CA ASN C 306 -31.46 -5.10 -8.56
C ASN C 306 -32.89 -5.07 -9.08
N LEU C 307 -33.72 -4.20 -8.53
CA LEU C 307 -35.11 -4.16 -8.96
C LEU C 307 -35.24 -3.69 -10.41
N GLN C 308 -34.43 -2.70 -10.80
CA GLN C 308 -34.47 -2.24 -12.19
C GLN C 308 -33.85 -3.27 -13.13
N ALA C 309 -32.90 -4.07 -12.63
CA ALA C 309 -32.36 -5.13 -13.47
C ALA C 309 -33.41 -6.21 -13.73
N ALA C 310 -34.18 -6.59 -12.72
CA ALA C 310 -35.29 -7.50 -12.97
C ALA C 310 -36.23 -6.91 -14.00
N ILE C 311 -36.58 -5.63 -13.87
CA ILE C 311 -37.48 -4.98 -14.83
C ILE C 311 -36.86 -5.00 -16.22
N GLY C 312 -35.56 -4.66 -16.31
CA GLY C 312 -34.88 -4.67 -17.60
C GLY C 312 -34.95 -6.01 -18.29
N LEU C 313 -34.83 -7.10 -17.51
CA LEU C 313 -34.90 -8.43 -18.11
C LEU C 313 -36.29 -8.72 -18.66
N GLU C 314 -37.33 -8.08 -18.13
CA GLU C 314 -38.65 -8.21 -18.72
C GLU C 314 -38.79 -7.33 -19.96
N ARG C 315 -38.42 -6.06 -19.87
CA ARG C 315 -38.62 -5.13 -20.99
C ARG C 315 -37.73 -5.44 -22.19
N ILE C 316 -36.55 -6.05 -21.96
CA ILE C 316 -35.64 -6.30 -23.10
C ILE C 316 -36.17 -7.40 -24.00
N LYS C 317 -37.18 -8.16 -23.56
CA LYS C 317 -37.84 -9.12 -24.42
C LYS C 317 -38.44 -8.49 -25.67
N PHE C 318 -38.75 -7.18 -25.64
CA PHE C 318 -39.38 -6.48 -26.75
C PHE C 318 -38.40 -5.75 -27.66
N LEU C 319 -37.10 -5.74 -27.32
CA LEU C 319 -36.15 -4.84 -27.98
C LEU C 319 -36.03 -5.11 -29.49
N SER C 320 -35.81 -6.37 -29.89
CA SER C 320 -35.56 -6.60 -31.31
C SER C 320 -36.82 -6.34 -32.11
N TYR C 321 -37.97 -6.74 -31.57
CA TYR C 321 -39.25 -6.49 -32.21
C TYR C 321 -39.57 -4.99 -32.24
N ASN C 322 -39.30 -4.28 -31.14
CA ASN C 322 -39.55 -2.84 -31.15
C ASN C 322 -38.59 -2.10 -32.07
N ASN C 323 -37.36 -2.58 -32.21
CA ASN C 323 -36.46 -1.96 -33.18
C ASN C 323 -36.95 -2.20 -34.62
N LEU C 324 -37.58 -3.34 -34.87
CA LEU C 324 -38.09 -3.61 -36.22
C LEU C 324 -39.26 -2.70 -36.55
N LYS C 325 -40.14 -2.42 -35.60
CA LYS C 325 -41.18 -1.45 -35.87
C LYS C 325 -40.58 -0.06 -36.13
N ARG C 326 -39.48 0.28 -35.44
CA ARG C 326 -38.82 1.56 -35.67
C ARG C 326 -38.30 1.67 -37.09
N VAL C 327 -37.63 0.63 -37.60
CA VAL C 327 -37.08 0.74 -38.95
C VAL C 327 -38.19 0.87 -39.97
N PHE C 328 -39.29 0.12 -39.79
CA PHE C 328 -40.42 0.25 -40.70
C PHE C 328 -40.95 1.67 -40.74
N LEU C 329 -41.17 2.26 -39.55
CA LEU C 329 -41.58 3.66 -39.46
C LEU C 329 -40.59 4.58 -40.15
N ALA C 330 -39.29 4.39 -39.90
CA ALA C 330 -38.27 5.21 -40.56
C ALA C 330 -38.40 5.14 -42.07
N GLN C 331 -38.47 3.93 -42.62
CA GLN C 331 -38.56 3.79 -44.07
C GLN C 331 -39.82 4.46 -44.62
N ARG C 332 -40.93 4.39 -43.89
CA ARG C 332 -42.16 4.96 -44.41
C ARG C 332 -42.10 6.50 -44.45
N TYR C 333 -41.49 7.12 -43.43
CA TYR C 333 -41.19 8.55 -43.49
C TYR C 333 -40.30 8.87 -44.68
N ILE C 334 -39.29 8.04 -44.94
CA ILE C 334 -38.38 8.29 -46.06
C ILE C 334 -39.14 8.24 -47.38
N ARG C 335 -39.85 7.14 -47.61
CA ARG C 335 -40.51 6.97 -48.90
C ARG C 335 -41.61 8.00 -49.12
N ASN C 336 -42.27 8.42 -48.05
CA ASN C 336 -43.41 9.34 -48.19
C ASN C 336 -43.02 10.81 -48.18
N LEU C 337 -41.82 11.15 -47.72
CA LEU C 337 -41.39 12.54 -47.69
C LEU C 337 -40.46 12.89 -48.83
N LYS C 338 -40.01 11.92 -49.61
CA LYS C 338 -39.06 12.17 -50.67
C LYS C 338 -39.63 13.12 -51.71
N GLU C 339 -40.96 13.17 -51.87
CA GLU C 339 -41.57 14.21 -52.68
C GLU C 339 -41.08 15.60 -52.26
N LEU C 340 -40.87 15.80 -50.95
CA LEU C 340 -40.26 17.02 -50.44
C LEU C 340 -38.75 17.03 -50.58
N GLU C 341 -38.11 15.87 -50.72
CA GLU C 341 -36.67 15.82 -50.95
C GLU C 341 -36.34 16.16 -52.40
N ASP C 342 -37.04 15.53 -53.34
CA ASP C 342 -36.85 15.84 -54.75
C ASP C 342 -37.16 17.30 -55.06
N ARG C 343 -38.11 17.90 -54.33
CA ARG C 343 -38.46 19.30 -54.55
C ARG C 343 -37.31 20.24 -54.21
N GLU C 344 -36.58 19.96 -53.12
CA GLU C 344 -35.45 20.72 -52.56
C GLU C 344 -35.87 21.49 -51.31
N LEU C 345 -36.98 21.09 -50.68
CA LEU C 345 -37.38 21.75 -49.44
C LEU C 345 -36.74 21.13 -48.21
N ILE C 346 -36.49 19.81 -48.22
CA ILE C 346 -35.94 19.10 -47.07
C ILE C 346 -34.84 18.15 -47.55
N LYS C 347 -34.09 17.62 -46.57
CA LYS C 347 -33.18 16.52 -46.81
C LYS C 347 -33.43 15.43 -45.76
N LEU C 348 -33.46 14.19 -46.19
CA LEU C 348 -33.87 13.06 -45.35
C LEU C 348 -32.69 12.14 -45.04
N PRO C 349 -32.80 11.34 -43.97
CA PRO C 349 -31.78 10.31 -43.73
C PRO C 349 -31.87 9.22 -44.78
N ARG C 350 -30.75 8.53 -44.96
CA ARG C 350 -30.71 7.38 -45.84
C ARG C 350 -30.83 6.14 -44.98
N MET C 351 -31.61 5.18 -45.44
CA MET C 351 -31.68 3.89 -44.76
C MET C 351 -30.30 3.23 -44.80
N THR C 352 -29.80 2.84 -43.62
CA THR C 352 -28.53 2.13 -43.49
C THR C 352 -28.70 0.97 -42.52
N GLU C 353 -27.83 -0.01 -42.60
CA GLU C 353 -27.95 -1.21 -41.78
C GLU C 353 -27.63 -1.08 -40.30
N ASP C 354 -27.09 0.05 -39.89
CA ASP C 354 -26.65 0.21 -38.52
C ASP C 354 -27.58 1.07 -37.70
N ASN C 355 -28.40 1.85 -38.35
CA ASN C 355 -29.27 2.77 -37.64
C ASN C 355 -30.38 2.00 -36.89
N VAL C 356 -30.49 2.21 -35.57
CA VAL C 356 -31.64 1.66 -34.84
C VAL C 356 -32.75 2.69 -34.66
N TRP C 357 -32.61 3.89 -35.25
CA TRP C 357 -33.71 4.84 -35.38
C TRP C 357 -34.30 5.23 -34.02
N HIS C 358 -33.43 5.67 -33.13
CA HIS C 358 -33.90 6.19 -31.86
C HIS C 358 -34.62 7.51 -32.04
N LEU C 359 -34.10 8.34 -32.95
CA LEU C 359 -34.73 9.59 -33.36
C LEU C 359 -34.70 9.69 -34.88
N PHE C 360 -35.68 10.38 -35.44
CA PHE C 360 -35.78 10.49 -36.89
C PHE C 360 -35.49 11.92 -37.29
N PRO C 361 -34.30 12.21 -37.80
CA PRO C 361 -33.97 13.60 -38.13
C PRO C 361 -34.23 13.91 -39.60
N ILE C 362 -34.72 15.13 -39.85
CA ILE C 362 -34.72 15.70 -41.19
C ILE C 362 -34.14 17.10 -41.09
N ARG C 363 -33.75 17.65 -42.24
CA ARG C 363 -33.23 18.99 -42.34
C ARG C 363 -34.16 19.83 -43.20
N ILE C 364 -34.64 20.94 -42.63
CA ILE C 364 -35.48 21.88 -43.38
C ILE C 364 -34.57 22.98 -43.91
N ILE C 365 -34.51 23.09 -45.24
CA ILE C 365 -33.49 23.85 -45.95
C ILE C 365 -33.96 25.28 -46.15
N ASN C 366 -32.99 26.20 -46.29
CA ASN C 366 -33.23 27.60 -46.62
C ASN C 366 -34.01 28.33 -45.54
N GLY C 367 -33.77 27.98 -44.28
CA GLY C 367 -34.21 28.79 -43.17
C GLY C 367 -35.70 28.80 -42.91
N ARG C 368 -36.42 27.74 -43.26
CA ARG C 368 -37.84 27.63 -42.96
C ARG C 368 -38.13 26.63 -41.83
N ARG C 369 -37.11 26.18 -41.09
CA ARG C 369 -37.33 25.18 -40.05
C ARG C 369 -38.28 25.70 -38.98
N ASP C 370 -38.03 26.92 -38.49
CA ASP C 370 -38.85 27.46 -37.40
C ASP C 370 -40.30 27.65 -37.82
N GLU C 371 -40.55 28.08 -39.07
CA GLU C 371 -41.93 28.31 -39.49
C GLU C 371 -42.66 26.98 -39.68
N VAL C 372 -41.99 25.99 -40.27
CA VAL C 372 -42.59 24.67 -40.43
C VAL C 372 -42.93 24.07 -39.06
N LYS C 373 -41.94 24.06 -38.15
CA LYS C 373 -42.16 23.51 -36.82
C LYS C 373 -43.32 24.19 -36.13
N ASN C 374 -43.42 25.51 -36.23
CA ASN C 374 -44.45 26.22 -35.48
C ASN C 374 -45.82 26.11 -36.15
N LYS C 375 -45.87 25.94 -37.47
CA LYS C 375 -47.17 25.81 -38.10
C LYS C 375 -47.72 24.38 -38.06
N LEU C 376 -46.85 23.36 -37.93
CA LEU C 376 -47.36 22.04 -37.64
C LEU C 376 -48.05 21.98 -36.28
N TYR C 377 -47.67 22.83 -35.35
CA TYR C 377 -48.27 22.75 -34.03
C TYR C 377 -49.50 23.65 -33.89
N GLN C 378 -49.43 24.89 -34.36
CA GLN C 378 -50.57 25.78 -34.24
C GLN C 378 -51.68 25.43 -35.23
N LEU C 379 -51.32 24.99 -36.45
CA LEU C 379 -52.31 24.73 -37.48
C LEU C 379 -52.80 23.28 -37.48
N TYR C 380 -51.91 22.32 -37.24
CA TYR C 380 -52.25 20.91 -37.39
C TYR C 380 -52.14 20.11 -36.10
N ASN C 381 -51.89 20.76 -34.96
CA ASN C 381 -51.74 20.06 -33.66
C ASN C 381 -50.73 18.92 -33.76
N ILE C 382 -49.65 19.16 -34.50
CA ILE C 382 -48.57 18.19 -34.62
C ILE C 382 -47.37 18.73 -33.85
N GLU C 383 -46.96 17.96 -32.84
CA GLU C 383 -45.73 18.24 -32.12
C GLU C 383 -44.53 17.72 -32.92
N THR C 384 -43.55 18.58 -33.10
CA THR C 384 -42.21 18.18 -33.55
C THR C 384 -41.22 18.73 -32.53
N ASP C 385 -40.02 18.17 -32.52
CA ASP C 385 -39.03 18.51 -31.50
C ASP C 385 -37.67 18.67 -32.14
N ILE C 386 -36.78 19.36 -31.44
CA ILE C 386 -35.40 19.55 -31.88
C ILE C 386 -34.49 18.90 -30.84
N TYR C 387 -33.77 17.86 -31.26
CA TYR C 387 -32.78 17.17 -30.43
C TYR C 387 -31.39 17.46 -30.99
N TYR C 388 -30.74 18.50 -30.47
CA TYR C 388 -31.10 19.18 -29.23
C TYR C 388 -31.14 20.69 -29.47
N PRO C 389 -31.94 21.40 -28.66
CA PRO C 389 -32.24 22.81 -28.98
C PRO C 389 -31.04 23.75 -28.90
N VAL C 390 -30.09 23.50 -27.98
CA VAL C 390 -28.91 24.34 -27.81
C VAL C 390 -27.67 23.49 -28.05
N LEU C 391 -26.71 24.03 -28.80
CA LEU C 391 -25.46 23.31 -28.99
C LEU C 391 -24.58 23.46 -27.75
N SER C 392 -23.72 22.46 -27.53
CA SER C 392 -22.89 22.44 -26.33
C SER C 392 -22.14 23.76 -26.14
N HIS C 393 -21.64 24.33 -27.23
CA HIS C 393 -20.83 25.54 -27.15
C HIS C 393 -21.65 26.83 -27.21
N LYS C 394 -22.96 26.77 -26.97
CA LYS C 394 -23.79 27.97 -27.02
C LYS C 394 -24.75 28.08 -25.83
N HIS C 395 -24.56 27.29 -24.76
CA HIS C 395 -25.52 27.34 -23.67
C HIS C 395 -25.40 28.64 -22.90
N ASN C 396 -26.50 29.05 -22.26
CA ASN C 396 -26.52 30.23 -21.41
C ASN C 396 -25.91 29.93 -20.05
N THR C 397 -24.65 29.51 -20.07
CA THR C 397 -23.90 29.17 -18.88
C THR C 397 -22.65 30.02 -18.80
N LYS C 398 -22.17 30.25 -17.57
CA LYS C 398 -20.89 30.92 -17.39
C LYS C 398 -19.78 30.20 -18.13
N LEU C 399 -19.89 28.87 -18.27
CA LEU C 399 -18.90 28.11 -19.00
C LEU C 399 -18.77 28.60 -20.44
N VAL C 400 -19.90 28.65 -21.17
CA VAL C 400 -19.85 28.86 -22.62
C VAL C 400 -19.24 30.20 -22.99
N LYS C 401 -19.63 31.27 -22.29
CA LYS C 401 -19.10 32.60 -22.61
C LYS C 401 -17.63 32.72 -22.22
N LYS C 402 -17.25 32.13 -21.08
CA LYS C 402 -15.85 32.16 -20.68
C LYS C 402 -15.01 31.15 -21.46
N ASN C 403 -15.64 30.09 -21.97
CA ASN C 403 -14.93 29.02 -22.68
C ASN C 403 -15.21 29.08 -24.18
N TYR C 404 -16.43 28.76 -24.60
CA TYR C 404 -16.73 28.55 -26.02
C TYR C 404 -17.28 29.84 -26.64
N MET C 405 -16.40 30.83 -26.76
CA MET C 405 -16.74 32.08 -27.44
C MET C 405 -16.12 32.19 -28.82
N GLN C 406 -14.83 31.91 -28.96
CA GLN C 406 -14.23 31.86 -30.30
C GLN C 406 -14.52 30.55 -31.02
N ASP C 407 -15.13 29.59 -30.33
CA ASP C 407 -15.40 28.27 -30.90
C ASP C 407 -16.56 28.38 -31.87
N THR C 408 -16.29 28.16 -33.16
CA THR C 408 -17.31 28.06 -34.20
C THR C 408 -17.18 26.72 -34.89
N LEU C 409 -18.28 26.01 -35.05
CA LEU C 409 -18.33 24.67 -35.63
C LEU C 409 -19.30 24.71 -36.80
N LEU C 410 -18.74 24.82 -38.01
CA LEU C 410 -19.51 25.26 -39.17
C LEU C 410 -20.64 24.29 -39.52
N ASN C 411 -20.31 23.03 -39.82
CA ASN C 411 -21.35 22.10 -40.22
C ASN C 411 -22.30 21.83 -39.06
N THR C 412 -21.77 21.76 -37.83
CA THR C 412 -22.64 21.54 -36.68
C THR C 412 -23.66 22.66 -36.55
N GLU C 413 -23.20 23.91 -36.61
CA GLU C 413 -24.11 25.04 -36.37
C GLU C 413 -25.10 25.20 -37.52
N GLN C 414 -24.67 24.95 -38.76
CA GLN C 414 -25.57 25.10 -39.90
C GLN C 414 -26.62 24.00 -39.91
N VAL C 415 -26.20 22.77 -39.68
CA VAL C 415 -27.14 21.66 -39.53
C VAL C 415 -28.12 21.94 -38.39
N HIS C 416 -27.67 22.63 -37.34
CA HIS C 416 -28.53 22.92 -36.19
C HIS C 416 -29.69 23.83 -36.57
N LYS C 417 -29.50 24.71 -37.56
CA LYS C 417 -30.59 25.56 -38.02
C LYS C 417 -31.60 24.82 -38.88
N GLU C 418 -31.21 23.66 -39.44
CA GLU C 418 -32.07 22.90 -40.32
C GLU C 418 -32.82 21.76 -39.63
N ILE C 419 -32.29 21.26 -38.51
CA ILE C 419 -32.70 19.96 -37.97
C ILE C 419 -34.10 20.03 -37.37
N LEU C 420 -34.88 18.97 -37.59
CA LEU C 420 -36.18 18.82 -36.95
C LEU C 420 -36.50 17.34 -36.85
N HIS C 421 -36.91 16.90 -35.67
CA HIS C 421 -37.20 15.48 -35.46
C HIS C 421 -38.70 15.21 -35.51
N LEU C 422 -39.05 14.18 -36.17
CA LEU C 422 -40.41 13.72 -36.37
C LEU C 422 -40.76 12.61 -35.39
N PRO C 423 -41.97 12.62 -34.85
CA PRO C 423 -42.35 11.56 -33.90
C PRO C 423 -42.09 10.19 -34.49
N LEU C 424 -41.38 9.35 -33.71
CA LEU C 424 -41.13 7.97 -34.08
C LEU C 424 -40.96 7.19 -32.78
N HIS C 425 -41.89 6.30 -32.51
CA HIS C 425 -41.72 5.39 -31.38
C HIS C 425 -42.49 4.13 -31.70
N PRO C 426 -42.03 2.97 -31.23
CA PRO C 426 -42.52 1.70 -31.80
C PRO C 426 -43.98 1.41 -31.53
N ASN C 427 -44.63 2.12 -30.62
CA ASN C 427 -46.07 1.90 -30.42
C ASN C 427 -46.94 2.94 -31.11
N MET C 428 -46.39 3.80 -31.95
CA MET C 428 -47.25 4.74 -32.65
C MET C 428 -48.09 4.04 -33.71
N LEU C 429 -49.24 4.61 -34.01
CA LEU C 429 -50.12 4.09 -35.06
C LEU C 429 -49.70 4.61 -36.44
N LEU C 430 -49.90 3.78 -37.47
CA LEU C 430 -49.67 4.28 -38.82
C LEU C 430 -50.61 5.43 -39.14
N GLU C 431 -51.85 5.38 -38.63
CA GLU C 431 -52.74 6.54 -38.73
C GLU C 431 -52.10 7.78 -38.17
N GLU C 432 -51.36 7.64 -37.07
CA GLU C 432 -50.66 8.78 -36.52
C GLU C 432 -49.53 9.25 -37.42
N GLN C 433 -48.76 8.32 -37.99
CA GLN C 433 -47.70 8.72 -38.89
C GLN C 433 -48.25 9.40 -40.14
N ASN C 434 -49.34 8.86 -40.69
CA ASN C 434 -49.97 9.48 -41.85
C ASN C 434 -50.44 10.90 -41.52
N PHE C 435 -50.90 11.12 -40.29
CA PHE C 435 -51.28 12.45 -39.86
C PHE C 435 -50.08 13.39 -39.89
N VAL C 436 -48.92 12.93 -39.39
CA VAL C 436 -47.71 13.74 -39.49
C VAL C 436 -47.40 14.03 -40.95
N LEU C 437 -47.51 13.02 -41.82
CA LEU C 437 -47.10 13.16 -43.21
C LEU C 437 -48.00 14.14 -43.98
N GLU C 438 -49.30 14.14 -43.68
CA GLU C 438 -50.18 15.09 -44.34
C GLU C 438 -49.93 16.51 -43.85
N GLY C 439 -49.63 16.68 -42.56
CA GLY C 439 -49.28 18.00 -42.06
C GLY C 439 -48.04 18.56 -42.72
N LEU C 440 -47.02 17.71 -42.91
CA LEU C 440 -45.75 18.15 -43.46
C LEU C 440 -45.87 18.50 -44.94
N ILE C 441 -46.68 17.74 -45.67
CA ILE C 441 -46.90 18.06 -47.07
C ILE C 441 -47.79 19.29 -47.21
N ASN C 442 -48.86 19.36 -46.41
CA ASN C 442 -49.74 20.53 -46.39
C ASN C 442 -48.98 21.80 -46.06
N VAL C 443 -48.15 21.77 -45.00
CA VAL C 443 -47.42 22.95 -44.59
C VAL C 443 -46.37 23.38 -45.61
N ASN C 444 -46.14 22.58 -46.65
CA ASN C 444 -45.18 22.91 -47.71
C ASN C 444 -45.85 23.07 -49.07
N LYS C 445 -47.17 23.30 -49.09
CA LYS C 445 -47.89 23.44 -50.36
C LYS C 445 -47.86 24.89 -50.83
N LEU D 8 -5.51 -56.92 -94.61
CA LEU D 8 -6.06 -56.82 -93.26
C LEU D 8 -5.52 -55.63 -92.46
N THR D 9 -6.43 -54.85 -91.90
CA THR D 9 -6.09 -53.72 -91.05
C THR D 9 -6.46 -54.05 -89.60
N THR D 10 -5.50 -53.87 -88.70
CA THR D 10 -5.71 -54.07 -87.27
C THR D 10 -6.14 -52.75 -86.66
N ILE D 11 -7.36 -52.70 -86.11
CA ILE D 11 -7.84 -51.50 -85.43
C ILE D 11 -7.28 -51.53 -84.01
N SER D 12 -6.17 -50.81 -83.78
CA SER D 12 -5.61 -50.65 -82.44
C SER D 12 -6.22 -49.47 -81.71
N GLY D 13 -7.04 -48.69 -82.39
CA GLY D 13 -7.68 -47.54 -81.80
C GLY D 13 -6.98 -46.22 -82.01
N HIS D 14 -5.97 -46.17 -82.90
CA HIS D 14 -5.29 -44.92 -83.16
C HIS D 14 -5.73 -44.32 -84.48
N SER D 15 -5.18 -43.14 -84.77
CA SER D 15 -5.70 -42.28 -85.83
C SER D 15 -5.60 -42.95 -87.21
N LYS D 16 -4.46 -43.60 -87.50
CA LYS D 16 -4.25 -44.17 -88.82
C LYS D 16 -5.29 -45.25 -89.13
N ASP D 17 -5.52 -46.18 -88.19
CA ASP D 17 -6.49 -47.23 -88.41
C ASP D 17 -7.90 -46.66 -88.57
N ASN D 18 -8.21 -45.61 -87.80
CA ASN D 18 -9.50 -44.95 -87.90
C ASN D 18 -9.72 -44.40 -89.31
N LEU D 19 -8.68 -43.80 -89.88
CA LEU D 19 -8.80 -43.26 -91.23
C LEU D 19 -9.03 -44.35 -92.26
N ALA D 20 -8.34 -45.49 -92.14
CA ALA D 20 -8.56 -46.60 -93.07
C ALA D 20 -9.96 -47.18 -92.92
N LEU D 21 -10.44 -47.30 -91.68
CA LEU D 21 -11.76 -47.85 -91.44
C LEU D 21 -12.85 -46.95 -92.02
N LEU D 22 -12.70 -45.64 -91.80
CA LEU D 22 -13.64 -44.69 -92.38
C LEU D 22 -13.73 -44.85 -93.89
N LYS D 23 -12.58 -44.89 -94.55
CA LYS D 23 -12.58 -45.05 -96.01
C LYS D 23 -13.27 -46.34 -96.45
N CYS D 24 -13.11 -47.41 -95.66
CA CYS D 24 -13.85 -48.64 -95.93
C CYS D 24 -15.35 -48.44 -95.73
N LEU D 25 -15.73 -47.89 -94.56
CA LEU D 25 -17.14 -47.58 -94.32
C LEU D 25 -17.69 -46.61 -95.36
N GLN D 26 -16.83 -45.73 -95.91
CA GLN D 26 -17.27 -44.83 -96.97
C GLN D 26 -17.52 -45.58 -98.28
N GLY D 27 -16.78 -46.67 -98.52
CA GLY D 27 -16.80 -47.36 -99.79
C GLY D 27 -15.62 -47.03 -100.69
N GLU D 28 -14.66 -46.24 -100.21
CA GLU D 28 -13.52 -45.87 -101.04
C GLU D 28 -12.53 -47.00 -101.23
N THR D 29 -12.64 -48.08 -100.46
CA THR D 29 -11.69 -49.18 -100.50
C THR D 29 -12.33 -50.42 -101.13
N LYS D 30 -11.54 -51.49 -101.19
CA LYS D 30 -11.96 -52.72 -101.85
C LYS D 30 -11.32 -53.92 -101.15
N GLU D 31 -12.16 -54.87 -100.73
CA GLU D 31 -11.75 -56.19 -100.28
C GLU D 31 -10.87 -56.15 -99.02
N LYS D 32 -10.87 -55.04 -98.30
CA LYS D 32 -9.99 -54.86 -97.15
C LYS D 32 -10.71 -55.35 -95.88
N GLU D 33 -10.13 -56.34 -95.21
CA GLU D 33 -10.70 -56.91 -94.00
C GLU D 33 -10.24 -56.12 -92.78
N PHE D 34 -11.09 -56.10 -91.74
CA PHE D 34 -10.76 -55.39 -90.50
C PHE D 34 -10.91 -56.30 -89.29
N GLU D 35 -9.97 -56.16 -88.35
CA GLU D 35 -10.04 -56.73 -87.02
C GLU D 35 -9.92 -55.58 -86.03
N ILE D 36 -10.20 -55.85 -84.77
CA ILE D 36 -10.09 -54.82 -83.74
C ILE D 36 -9.47 -55.43 -82.49
N SER D 37 -8.55 -54.68 -81.89
CA SER D 37 -7.88 -55.13 -80.68
C SER D 37 -8.78 -54.88 -79.48
N ASN D 38 -8.93 -55.87 -78.61
CA ASN D 38 -9.85 -55.76 -77.48
C ASN D 38 -9.30 -54.91 -76.33
N VAL D 39 -8.66 -53.79 -76.65
CA VAL D 39 -8.13 -52.89 -75.64
C VAL D 39 -9.24 -51.97 -75.15
N LEU D 40 -9.04 -51.42 -73.95
CA LEU D 40 -10.09 -50.61 -73.33
C LEU D 40 -10.51 -49.42 -74.19
N PRO D 41 -9.61 -48.63 -74.81
CA PRO D 41 -10.08 -47.53 -75.66
C PRO D 41 -10.84 -47.97 -76.90
N ASN D 42 -10.89 -49.26 -77.22
CA ASN D 42 -11.68 -49.80 -78.32
C ASN D 42 -13.04 -50.34 -77.90
N HIS D 43 -13.39 -50.28 -76.61
CA HIS D 43 -14.51 -51.05 -76.08
C HIS D 43 -15.83 -50.67 -76.75
N LYS D 44 -16.13 -49.38 -76.83
CA LYS D 44 -17.33 -48.93 -77.50
C LYS D 44 -17.30 -49.24 -79.00
N MET D 45 -16.15 -49.02 -79.65
CA MET D 45 -16.07 -49.34 -81.07
C MET D 45 -16.31 -50.83 -81.33
N LYS D 46 -15.71 -51.70 -80.51
CA LYS D 46 -15.90 -53.12 -80.71
C LYS D 46 -17.36 -53.50 -80.51
N GLU D 47 -17.99 -52.98 -79.45
CA GLU D 47 -19.41 -53.22 -79.21
C GLU D 47 -20.25 -52.74 -80.38
N LYS D 48 -19.93 -51.57 -80.92
CA LYS D 48 -20.81 -50.91 -81.86
C LYS D 48 -20.65 -51.46 -83.28
N LEU D 49 -19.42 -51.56 -83.77
CA LEU D 49 -19.18 -51.84 -85.17
C LEU D 49 -18.78 -53.28 -85.48
N PHE D 50 -18.62 -54.13 -84.48
CA PHE D 50 -18.07 -55.46 -84.71
C PHE D 50 -18.97 -56.53 -84.10
N ARG D 51 -18.81 -57.74 -84.63
CA ARG D 51 -19.42 -58.92 -84.03
C ARG D 51 -18.61 -60.13 -84.49
N GLU D 52 -18.24 -60.98 -83.52
CA GLU D 52 -17.32 -62.10 -83.78
C GLU D 52 -16.00 -61.60 -84.34
N ASN D 53 -15.54 -60.46 -83.81
CA ASN D 53 -14.33 -59.77 -84.24
C ASN D 53 -14.30 -59.61 -85.77
N LYS D 54 -15.47 -59.36 -86.36
CA LYS D 54 -15.58 -59.00 -87.76
C LYS D 54 -16.41 -57.72 -87.86
N LEU D 55 -16.00 -56.83 -88.76
CA LEU D 55 -16.75 -55.61 -88.98
C LEU D 55 -18.19 -55.95 -89.36
N LYS D 56 -19.14 -55.25 -88.75
CA LYS D 56 -20.53 -55.49 -89.10
C LYS D 56 -20.72 -55.21 -90.59
N ILE D 57 -21.62 -55.97 -91.21
CA ILE D 57 -21.59 -56.05 -92.66
C ILE D 57 -22.41 -54.95 -93.35
N ASP D 58 -23.32 -54.29 -92.64
CA ASP D 58 -24.18 -53.28 -93.26
C ASP D 58 -24.20 -51.99 -92.42
N ILE D 59 -23.02 -51.48 -92.10
CA ILE D 59 -22.93 -50.28 -91.29
C ILE D 59 -23.34 -49.06 -92.10
N ASP D 60 -24.23 -48.25 -91.54
CA ASP D 60 -24.66 -47.00 -92.15
C ASP D 60 -24.20 -45.88 -91.22
N ILE D 61 -23.17 -45.14 -91.64
CA ILE D 61 -22.57 -44.14 -90.74
C ILE D 61 -23.62 -43.12 -90.33
N GLU D 62 -24.31 -42.53 -91.30
CA GLU D 62 -25.26 -41.45 -91.00
C GLU D 62 -26.38 -41.94 -90.09
N LYS D 63 -26.95 -43.11 -90.37
CA LYS D 63 -28.11 -43.52 -89.60
C LYS D 63 -27.73 -44.32 -88.34
N ASP D 64 -26.71 -45.17 -88.41
CA ASP D 64 -26.40 -46.05 -87.27
C ASP D 64 -25.45 -45.42 -86.27
N ILE D 65 -24.55 -44.56 -86.73
CA ILE D 65 -23.56 -43.93 -85.87
C ILE D 65 -24.01 -42.55 -85.43
N PHE D 66 -24.57 -41.76 -86.34
CA PHE D 66 -24.98 -40.41 -85.99
C PHE D 66 -26.48 -40.25 -85.81
N ASN D 67 -27.27 -41.28 -86.11
CA ASN D 67 -28.72 -41.23 -85.92
C ASN D 67 -29.33 -40.08 -86.72
N TYR D 68 -28.87 -39.94 -87.97
CA TYR D 68 -29.36 -38.84 -88.82
C TYR D 68 -30.85 -39.03 -89.12
N SER D 69 -31.66 -38.04 -88.73
CA SER D 69 -33.10 -38.18 -88.83
C SER D 69 -33.77 -36.91 -89.33
N ARG D 70 -33.02 -36.00 -89.95
CA ARG D 70 -33.53 -34.71 -90.40
C ARG D 70 -34.23 -33.95 -89.27
N LYS D 71 -33.56 -33.91 -88.11
CA LYS D 71 -33.94 -32.99 -87.06
C LYS D 71 -33.96 -31.55 -87.61
N ASN D 72 -34.83 -30.73 -87.04
CA ASN D 72 -34.82 -29.30 -87.34
C ASN D 72 -33.94 -28.57 -86.31
N ILE D 73 -32.93 -27.86 -86.79
CA ILE D 73 -31.96 -27.18 -85.93
C ILE D 73 -32.22 -25.68 -85.98
N GLN D 74 -32.14 -25.03 -84.80
CA GLN D 74 -32.41 -23.61 -84.67
C GLN D 74 -31.22 -22.78 -84.20
N LYS D 75 -30.18 -23.40 -83.67
CA LYS D 75 -29.00 -22.70 -83.22
C LYS D 75 -27.88 -23.72 -83.09
N ILE D 76 -26.65 -23.23 -82.95
CA ILE D 76 -25.47 -24.07 -82.77
C ILE D 76 -24.60 -23.46 -81.69
N GLU D 77 -24.39 -24.18 -80.60
CA GLU D 77 -23.38 -23.80 -79.61
C GLU D 77 -22.07 -24.50 -79.92
N PHE D 78 -20.96 -23.81 -79.67
CA PHE D 78 -19.67 -24.36 -80.10
C PHE D 78 -19.31 -25.62 -79.34
N MET D 79 -19.52 -25.64 -78.01
CA MET D 79 -19.18 -26.78 -77.18
C MET D 79 -20.17 -26.86 -76.03
N PRO D 80 -21.35 -27.38 -76.28
CA PRO D 80 -22.30 -27.58 -75.19
C PRO D 80 -21.82 -28.70 -74.28
N VAL D 81 -21.34 -28.35 -73.08
CA VAL D 81 -20.62 -29.35 -72.28
C VAL D 81 -21.55 -30.46 -71.82
N ASN D 82 -22.84 -30.18 -71.68
CA ASN D 82 -23.79 -31.24 -71.34
C ASN D 82 -23.90 -32.32 -72.40
N ARG D 83 -23.47 -32.03 -73.65
CA ARG D 83 -23.51 -33.03 -74.72
C ARG D 83 -22.22 -33.80 -74.85
N LEU D 84 -21.17 -33.40 -74.13
CA LEU D 84 -19.89 -34.07 -74.24
C LEU D 84 -19.82 -35.40 -73.50
N ILE D 85 -20.76 -35.66 -72.59
CA ILE D 85 -20.80 -36.92 -71.86
C ILE D 85 -22.13 -37.60 -72.15
N SER D 86 -22.09 -38.90 -72.40
CA SER D 86 -23.27 -39.67 -72.73
C SER D 86 -23.89 -40.29 -71.49
N GLN D 87 -25.15 -40.73 -71.62
CA GLN D 87 -25.80 -41.40 -70.50
C GLN D 87 -25.12 -42.73 -70.18
N SER D 88 -24.62 -43.43 -71.20
CA SER D 88 -23.93 -44.69 -70.97
C SER D 88 -22.68 -44.48 -70.13
N GLU D 89 -21.90 -43.46 -70.45
CA GLU D 89 -20.76 -43.11 -69.60
C GLU D 89 -21.22 -42.89 -68.16
N ILE D 90 -22.28 -42.10 -67.97
CA ILE D 90 -22.74 -41.75 -66.63
C ILE D 90 -23.16 -43.00 -65.85
N ASP D 91 -23.87 -43.91 -66.50
CA ASP D 91 -24.24 -45.17 -65.87
C ASP D 91 -23.01 -45.95 -65.42
N GLY D 92 -21.98 -45.99 -66.26
CA GLY D 92 -20.77 -46.71 -65.91
C GLY D 92 -19.97 -46.03 -64.82
N ILE D 93 -20.01 -44.69 -64.80
CA ILE D 93 -19.35 -43.92 -63.74
C ILE D 93 -20.04 -44.12 -62.40
N ILE D 94 -21.38 -44.02 -62.36
CA ILE D 94 -22.09 -44.29 -61.12
C ILE D 94 -21.77 -45.71 -60.63
N GLY D 95 -21.77 -46.67 -61.55
CA GLY D 95 -21.47 -48.04 -61.17
C GLY D 95 -20.10 -48.18 -60.53
N THR D 96 -19.09 -47.61 -61.19
CA THR D 96 -17.74 -47.74 -60.67
C THR D 96 -17.53 -46.94 -59.39
N LEU D 97 -18.23 -45.82 -59.23
CA LEU D 97 -18.06 -45.02 -58.03
C LEU D 97 -18.72 -45.67 -56.82
N LYS D 98 -19.81 -46.42 -57.04
CA LYS D 98 -20.36 -47.23 -55.96
C LYS D 98 -19.37 -48.27 -55.46
N GLU D 99 -18.41 -48.68 -56.31
CA GLU D 99 -17.33 -49.58 -55.88
C GLU D 99 -16.17 -48.83 -55.25
N VAL D 100 -15.86 -47.61 -55.71
CA VAL D 100 -14.66 -46.94 -55.23
C VAL D 100 -14.92 -46.22 -53.90
N LEU D 101 -16.07 -45.57 -53.75
CA LEU D 101 -16.33 -44.78 -52.55
C LEU D 101 -16.16 -45.57 -51.25
N PRO D 102 -16.67 -46.80 -51.10
CA PRO D 102 -16.49 -47.50 -49.82
C PRO D 102 -15.04 -47.79 -49.46
N THR D 103 -14.12 -47.80 -50.42
CA THR D 103 -12.73 -48.07 -50.10
C THR D 103 -12.05 -46.90 -49.41
N GLY D 104 -12.59 -45.69 -49.51
CA GLY D 104 -11.95 -44.54 -48.89
C GLY D 104 -10.65 -44.14 -49.52
N GLN D 105 -10.32 -44.70 -50.70
CA GLN D 105 -9.03 -44.44 -51.36
C GLN D 105 -9.26 -43.32 -52.36
N PHE D 106 -9.01 -42.09 -51.91
CA PHE D 106 -9.37 -40.95 -52.74
C PHE D 106 -8.16 -40.21 -53.30
N THR D 107 -6.98 -40.44 -52.75
CA THR D 107 -5.79 -39.85 -53.35
C THR D 107 -5.10 -40.86 -54.25
N SER D 108 -4.17 -41.63 -53.69
CA SER D 108 -3.58 -42.76 -54.38
C SER D 108 -4.53 -43.96 -54.30
N GLY D 109 -4.38 -44.87 -55.25
CA GLY D 109 -5.29 -45.99 -55.36
C GLY D 109 -5.02 -46.90 -56.53
N PRO D 110 -5.72 -48.05 -56.55
CA PRO D 110 -5.50 -49.02 -57.63
C PRO D 110 -5.97 -48.54 -58.99
N PHE D 111 -6.98 -47.67 -59.07
CA PHE D 111 -7.45 -47.26 -60.39
C PHE D 111 -6.45 -46.33 -61.03
N SER D 112 -5.72 -45.57 -60.23
CA SER D 112 -4.64 -44.76 -60.75
C SER D 112 -3.62 -45.63 -61.47
N LYS D 113 -3.23 -46.74 -60.85
CA LYS D 113 -2.26 -47.63 -61.46
C LYS D 113 -2.81 -48.30 -62.72
N LYS D 114 -4.07 -48.76 -62.66
CA LYS D 114 -4.72 -49.30 -63.86
C LYS D 114 -4.77 -48.29 -65.00
N LEU D 115 -5.11 -47.05 -64.72
CA LEU D 115 -5.15 -46.07 -65.81
C LEU D 115 -3.76 -45.84 -66.39
N GLU D 116 -2.74 -45.77 -65.52
CA GLU D 116 -1.37 -45.67 -66.00
C GLU D 116 -1.00 -46.86 -66.88
N GLU D 117 -1.38 -48.08 -66.48
CA GLU D 117 -1.08 -49.26 -67.29
C GLU D 117 -1.82 -49.20 -68.62
N VAL D 118 -3.10 -48.82 -68.59
CA VAL D 118 -3.88 -48.72 -69.82
C VAL D 118 -3.28 -47.69 -70.78
N ILE D 119 -2.80 -46.56 -70.25
CA ILE D 119 -2.25 -45.51 -71.11
C ILE D 119 -0.91 -45.94 -71.70
N GLY D 120 -0.07 -46.59 -70.88
CA GLY D 120 1.22 -47.05 -71.36
C GLY D 120 1.09 -48.05 -72.50
N ASP D 121 0.16 -48.99 -72.36
CA ASP D 121 -0.13 -49.91 -73.47
C ASP D 121 -0.59 -49.15 -74.72
N TYR D 122 -1.50 -48.19 -74.54
CA TYR D 122 -2.09 -47.48 -75.68
C TYR D 122 -1.05 -46.65 -76.42
N LEU D 123 -0.11 -46.05 -75.70
CA LEU D 123 0.95 -45.27 -76.33
C LEU D 123 2.23 -46.07 -76.57
N ASN D 124 2.23 -47.35 -76.20
CA ASN D 124 3.40 -48.23 -76.28
C ASN D 124 4.63 -47.56 -75.66
N LYS D 125 4.50 -47.21 -74.37
CA LYS D 125 5.59 -46.63 -73.61
C LYS D 125 5.69 -47.33 -72.26
N LYS D 126 6.87 -47.25 -71.64
CA LYS D 126 7.14 -48.05 -70.44
C LYS D 126 6.53 -47.43 -69.18
N TYR D 127 6.60 -46.11 -69.03
CA TYR D 127 6.26 -45.46 -67.77
C TYR D 127 5.18 -44.41 -68.00
N VAL D 128 4.20 -44.40 -67.10
CA VAL D 128 3.15 -43.41 -67.09
C VAL D 128 2.96 -42.94 -65.65
N ILE D 129 3.02 -41.62 -65.44
CA ILE D 129 2.64 -41.02 -64.16
C ILE D 129 1.39 -40.19 -64.42
N ALA D 130 0.28 -40.61 -63.82
CA ALA D 130 -0.96 -39.88 -64.02
C ALA D 130 -1.03 -38.72 -63.05
N THR D 131 -1.42 -37.56 -63.55
CA THR D 131 -1.33 -36.32 -62.79
C THR D 131 -2.70 -35.70 -62.61
N SER D 132 -2.71 -34.59 -61.86
CA SER D 132 -3.93 -33.84 -61.58
C SER D 132 -4.32 -32.88 -62.69
N SER D 133 -3.45 -32.69 -63.68
CA SER D 133 -3.79 -31.91 -64.88
C SER D 133 -2.64 -32.03 -65.87
N GLY D 134 -2.96 -31.73 -67.14
CA GLY D 134 -1.91 -31.62 -68.14
C GLY D 134 -0.91 -30.53 -67.80
N THR D 135 -1.40 -29.39 -67.28
CA THR D 135 -0.51 -28.30 -66.89
C THR D 135 0.50 -28.76 -65.84
N ASP D 136 0.00 -29.43 -64.79
CA ASP D 136 0.88 -29.98 -63.77
C ASP D 136 1.85 -30.98 -64.38
N ALA D 137 1.35 -31.87 -65.24
CA ALA D 137 2.23 -32.84 -65.89
C ALA D 137 3.37 -32.13 -66.62
N LEU D 138 3.07 -31.06 -67.34
CA LEU D 138 4.11 -30.30 -68.03
C LEU D 138 5.13 -29.73 -67.05
N MET D 139 4.65 -29.02 -66.01
CA MET D 139 5.57 -28.44 -65.03
C MET D 139 6.49 -29.48 -64.41
N VAL D 140 5.93 -30.62 -64.01
CA VAL D 140 6.74 -31.65 -63.38
C VAL D 140 7.73 -32.24 -64.39
N SER D 141 7.29 -32.38 -65.64
CA SER D 141 8.20 -32.91 -66.66
C SER D 141 9.34 -31.94 -66.95
N LEU D 142 9.07 -30.64 -66.92
CA LEU D 142 10.13 -29.67 -67.16
C LEU D 142 11.18 -29.76 -66.07
N LEU D 143 10.72 -29.87 -64.83
CA LEU D 143 11.62 -30.03 -63.70
C LEU D 143 12.37 -31.34 -63.78
N SER D 144 11.72 -32.39 -64.29
N SER D 144 11.71 -32.40 -64.29
CA SER D 144 12.33 -33.72 -64.33
CA SER D 144 12.33 -33.72 -64.33
C SER D 144 13.57 -33.74 -65.21
C SER D 144 13.57 -33.74 -65.21
N ILE D 145 13.51 -33.08 -66.38
CA ILE D 145 14.69 -32.99 -67.23
C ILE D 145 15.67 -31.94 -66.76
N GLY D 146 15.40 -31.28 -65.65
CA GLY D 146 16.37 -30.40 -65.03
C GLY D 146 16.24 -28.92 -65.35
N ILE D 147 15.09 -28.47 -65.85
CA ILE D 147 14.92 -27.04 -66.12
C ILE D 147 15.11 -26.26 -64.83
N GLN D 148 16.04 -25.31 -64.84
CA GLN D 148 16.23 -24.36 -63.76
C GLN D 148 15.70 -22.99 -64.19
N PRO D 149 15.50 -22.08 -63.25
CA PRO D 149 15.18 -20.70 -63.63
C PRO D 149 16.23 -20.14 -64.59
N GLY D 150 15.76 -19.52 -65.66
CA GLY D 150 16.63 -18.95 -66.67
C GLY D 150 16.92 -19.85 -67.84
N ASP D 151 16.65 -21.16 -67.74
CA ASP D 151 16.83 -22.02 -68.90
C ASP D 151 15.81 -21.65 -69.97
N GLU D 152 16.21 -21.84 -71.23
CA GLU D 152 15.36 -21.44 -72.34
C GLU D 152 14.61 -22.65 -72.88
N VAL D 153 13.32 -22.45 -73.19
CA VAL D 153 12.46 -23.50 -73.71
C VAL D 153 11.86 -23.05 -75.04
N ILE D 154 12.23 -23.73 -76.13
CA ILE D 154 11.73 -23.40 -77.46
C ILE D 154 10.29 -23.86 -77.61
N MET D 155 9.41 -22.98 -78.07
CA MET D 155 7.98 -23.26 -78.06
C MET D 155 7.28 -22.34 -79.06
N PRO D 156 6.14 -22.75 -79.61
CA PRO D 156 5.34 -21.85 -80.46
C PRO D 156 4.52 -20.89 -79.60
N ALA D 157 3.98 -19.85 -80.25
CA ALA D 157 3.27 -18.79 -79.54
C ALA D 157 1.76 -18.86 -79.73
N ASN D 158 1.25 -19.96 -80.27
CA ASN D 158 -0.17 -20.06 -80.58
C ASN D 158 -0.84 -21.18 -79.80
N SER D 159 -0.22 -21.66 -78.72
CA SER D 159 -0.83 -22.73 -77.95
C SER D 159 -1.71 -22.18 -76.83
N PHE D 160 -2.39 -23.10 -76.13
CA PHE D 160 -3.10 -22.75 -74.91
C PHE D 160 -2.11 -22.22 -73.88
N ALA D 161 -2.56 -21.24 -73.11
CA ALA D 161 -1.70 -20.56 -72.14
C ALA D 161 -0.92 -21.54 -71.27
N ALA D 162 -1.46 -22.73 -71.01
CA ALA D 162 -0.83 -23.67 -70.10
C ALA D 162 0.58 -24.05 -70.54
N THR D 163 0.81 -24.12 -71.86
CA THR D 163 2.13 -24.47 -72.35
C THR D 163 3.16 -23.43 -71.91
N GLU D 164 2.86 -22.18 -72.19
CA GLU D 164 3.67 -21.04 -71.73
C GLU D 164 3.79 -21.01 -70.21
N ASN D 165 2.66 -21.18 -69.51
CA ASN D 165 2.61 -20.93 -68.07
C ASN D 165 3.44 -21.95 -67.32
N ALA D 166 3.47 -23.20 -67.78
CA ALA D 166 4.28 -24.23 -67.13
C ALA D 166 5.76 -23.85 -67.13
N VAL D 167 6.23 -23.27 -68.23
CA VAL D 167 7.60 -22.81 -68.33
C VAL D 167 7.84 -21.63 -67.39
N LEU D 168 6.94 -20.65 -67.43
CA LEU D 168 7.11 -19.46 -66.60
C LEU D 168 6.96 -19.76 -65.11
N ALA D 169 6.04 -20.66 -64.75
CA ALA D 169 5.80 -20.94 -63.33
C ALA D 169 7.05 -21.41 -62.60
N ILE D 170 7.95 -22.10 -63.30
CA ILE D 170 9.18 -22.58 -62.68
C ILE D 170 10.38 -21.67 -62.99
N GLY D 171 10.13 -20.48 -63.54
CA GLY D 171 11.18 -19.50 -63.71
C GLY D 171 11.94 -19.59 -65.01
N ALA D 172 11.55 -20.47 -65.92
CA ALA D 172 12.26 -20.63 -67.17
C ALA D 172 11.76 -19.61 -68.19
N LYS D 173 12.46 -19.51 -69.32
CA LYS D 173 12.18 -18.49 -70.31
C LYS D 173 11.67 -19.11 -71.59
N PRO D 174 10.40 -18.90 -71.96
CA PRO D 174 9.94 -19.39 -73.27
C PRO D 174 10.63 -18.61 -74.36
N VAL D 175 10.95 -19.29 -75.44
CA VAL D 175 11.52 -18.67 -76.63
C VAL D 175 10.63 -19.06 -77.80
N PHE D 176 9.90 -18.09 -78.34
CA PHE D 176 8.87 -18.41 -79.31
C PHE D 176 9.46 -18.59 -80.70
N VAL D 177 8.98 -19.61 -81.42
CA VAL D 177 9.38 -19.85 -82.80
C VAL D 177 8.13 -19.84 -83.66
N ASP D 178 8.24 -19.22 -84.84
CA ASP D 178 7.11 -19.07 -85.74
C ASP D 178 6.60 -20.46 -86.14
N ILE D 179 5.34 -20.49 -86.58
CA ILE D 179 4.73 -21.75 -87.00
C ILE D 179 4.97 -21.92 -88.50
N ASP D 180 4.64 -23.10 -89.02
CA ASP D 180 4.84 -23.39 -90.43
C ASP D 180 3.66 -22.88 -91.25
N HIS D 181 3.69 -23.13 -92.55
CA HIS D 181 2.62 -22.63 -93.40
C HIS D 181 1.76 -23.79 -93.87
N LYS D 182 1.29 -24.63 -92.94
CA LYS D 182 0.62 -25.87 -93.34
C LYS D 182 -0.10 -26.56 -92.20
N SER D 183 0.40 -26.40 -90.98
CA SER D 183 0.08 -27.34 -89.92
C SER D 183 -0.37 -26.68 -88.63
N TYR D 184 -0.18 -25.36 -88.47
CA TYR D 184 -0.29 -24.66 -87.20
C TYR D 184 0.72 -25.15 -86.17
N CYS D 185 1.69 -25.95 -86.57
CA CYS D 185 2.68 -26.45 -85.64
C CYS D 185 3.98 -25.69 -85.81
N ILE D 186 4.83 -25.77 -84.78
CA ILE D 186 6.11 -25.08 -84.80
C ILE D 186 6.88 -25.46 -86.06
N ASP D 187 7.43 -24.46 -86.73
CA ASP D 187 8.22 -24.68 -87.96
C ASP D 187 9.57 -25.23 -87.68
N PRO D 188 9.80 -26.45 -88.12
CA PRO D 188 11.05 -27.07 -87.77
C PRO D 188 12.25 -26.38 -88.31
N LEU D 189 12.11 -25.64 -89.40
CA LEU D 189 13.25 -24.88 -89.92
C LEU D 189 13.45 -23.51 -89.31
N LYS D 190 12.84 -23.23 -88.18
CA LYS D 190 13.12 -21.99 -87.53
C LYS D 190 13.57 -22.28 -86.09
N ILE D 191 13.60 -23.55 -85.72
CA ILE D 191 14.02 -23.94 -84.37
C ILE D 191 15.52 -23.68 -84.19
N GLU D 192 16.34 -24.26 -85.05
CA GLU D 192 17.79 -24.21 -84.87
C GLU D 192 18.31 -22.78 -84.73
N GLU D 193 17.73 -21.85 -85.50
CA GLU D 193 18.11 -20.44 -85.37
C GLU D 193 17.93 -19.92 -83.95
N ALA D 194 16.91 -20.40 -83.24
CA ALA D 194 16.64 -19.90 -81.90
C ALA D 194 17.46 -20.59 -80.82
N ILE D 195 18.27 -21.57 -81.18
CA ILE D 195 18.99 -22.38 -80.19
C ILE D 195 20.20 -21.60 -79.69
N THR D 196 20.24 -21.36 -78.38
CA THR D 196 21.37 -20.67 -77.76
C THR D 196 21.99 -21.56 -76.70
N GLN D 197 23.02 -21.03 -76.03
CA GLN D 197 23.71 -21.79 -75.00
C GLN D 197 22.76 -22.19 -73.87
N LYS D 198 21.70 -21.42 -73.64
CA LYS D 198 20.78 -21.67 -72.54
C LYS D 198 19.67 -22.66 -72.87
N THR D 199 19.42 -22.94 -74.15
CA THR D 199 18.34 -23.86 -74.51
C THR D 199 18.54 -25.20 -73.82
N LYS D 200 17.46 -25.72 -73.24
CA LYS D 200 17.49 -27.05 -72.65
C LYS D 200 16.42 -27.97 -73.21
N CYS D 201 15.36 -27.41 -73.78
CA CYS D 201 14.21 -28.20 -74.16
C CYS D 201 13.53 -27.55 -75.36
N ILE D 202 13.02 -28.38 -76.26
CA ILE D 202 12.10 -27.93 -77.30
C ILE D 202 10.71 -28.43 -76.91
N LEU D 203 9.73 -27.52 -76.92
CA LEU D 203 8.36 -27.80 -76.45
C LEU D 203 7.40 -27.66 -77.64
N PRO D 204 7.35 -28.66 -78.52
CA PRO D 204 6.38 -28.62 -79.62
C PRO D 204 4.98 -28.95 -79.11
N VAL D 205 3.97 -28.38 -79.78
CA VAL D 205 2.57 -28.58 -79.41
C VAL D 205 1.86 -29.25 -80.59
N HIS D 206 1.28 -30.42 -80.34
CA HIS D 206 0.47 -31.09 -81.36
C HIS D 206 -0.89 -30.41 -81.40
N LEU D 207 -0.90 -29.20 -81.99
CA LEU D 207 -2.01 -28.28 -81.84
C LEU D 207 -3.23 -28.73 -82.65
N TYR D 208 -4.41 -28.69 -82.01
CA TYR D 208 -5.73 -29.01 -82.58
C TYR D 208 -5.93 -30.50 -82.84
N GLY D 209 -5.01 -31.34 -82.44
CA GLY D 209 -5.09 -32.75 -82.76
C GLY D 209 -4.10 -33.20 -83.82
N LYS D 210 -3.32 -32.27 -84.38
CA LYS D 210 -2.38 -32.55 -85.46
C LYS D 210 -0.96 -32.67 -84.91
N GLN D 211 -0.22 -33.69 -85.35
CA GLN D 211 1.15 -33.89 -84.88
C GLN D 211 2.12 -32.99 -85.62
N CYS D 212 3.04 -32.36 -84.86
CA CYS D 212 4.12 -31.66 -85.53
C CYS D 212 5.07 -32.66 -86.19
N ASP D 213 6.00 -32.11 -86.99
CA ASP D 213 6.96 -32.94 -87.73
C ASP D 213 8.08 -33.35 -86.76
N MET D 214 7.82 -34.44 -86.04
CA MET D 214 8.66 -34.83 -84.91
C MET D 214 9.98 -35.42 -85.36
N LYS D 215 10.01 -36.05 -86.55
CA LYS D 215 11.25 -36.61 -87.05
C LYS D 215 12.27 -35.52 -87.33
N ARG D 216 11.82 -34.40 -87.90
CA ARG D 216 12.74 -33.31 -88.18
C ARG D 216 13.16 -32.58 -86.90
N ILE D 217 12.25 -32.46 -85.93
CA ILE D 217 12.57 -31.74 -84.71
C ILE D 217 13.59 -32.52 -83.87
N ARG D 218 13.48 -33.86 -83.86
CA ARG D 218 14.46 -34.67 -83.14
C ARG D 218 15.85 -34.58 -83.79
N GLU D 219 15.90 -34.57 -85.12
CA GLU D 219 17.18 -34.41 -85.81
C GLU D 219 17.93 -33.17 -85.31
N ILE D 220 17.20 -32.08 -85.10
CA ILE D 220 17.81 -30.84 -84.62
C ILE D 220 18.18 -30.99 -83.14
N ALA D 221 17.35 -31.70 -82.37
CA ALA D 221 17.58 -31.86 -80.95
C ALA D 221 18.83 -32.68 -80.66
N ASP D 222 19.14 -33.66 -81.51
CA ASP D 222 20.26 -34.56 -81.21
C ASP D 222 21.62 -33.92 -81.43
N VAL D 223 21.72 -32.99 -82.38
CA VAL D 223 23.01 -32.35 -82.62
C VAL D 223 23.24 -31.18 -81.68
N TYR D 224 22.19 -30.61 -81.09
CA TYR D 224 22.34 -29.66 -80.00
C TYR D 224 22.11 -30.31 -78.65
N GLN D 225 21.86 -31.61 -78.62
CA GLN D 225 21.79 -32.42 -77.40
C GLN D 225 20.65 -31.94 -76.50
N LEU D 226 19.50 -31.67 -77.09
CA LEU D 226 18.36 -31.11 -76.37
C LEU D 226 17.31 -32.18 -76.13
N ARG D 227 16.60 -32.04 -75.01
CA ARG D 227 15.45 -32.89 -74.73
C ARG D 227 14.23 -32.38 -75.47
N ILE D 228 13.29 -33.28 -75.75
CA ILE D 228 12.04 -32.92 -76.39
C ILE D 228 10.91 -33.31 -75.44
N ILE D 229 10.09 -32.33 -75.07
CA ILE D 229 8.85 -32.59 -74.33
C ILE D 229 7.70 -32.16 -75.23
N GLU D 230 6.84 -33.12 -75.55
CA GLU D 230 5.74 -32.89 -76.49
C GLU D 230 4.47 -32.60 -75.73
N ASP D 231 3.95 -31.39 -75.91
CA ASP D 231 2.59 -31.07 -75.49
C ASP D 231 1.64 -31.82 -76.41
N ALA D 232 1.16 -32.97 -75.96
CA ALA D 232 0.17 -33.71 -76.72
C ALA D 232 -1.19 -33.67 -76.03
N CYS D 233 -1.49 -32.57 -75.35
CA CYS D 233 -2.72 -32.50 -74.57
C CYS D 233 -3.97 -32.54 -75.43
N GLN D 234 -3.83 -32.33 -76.74
CA GLN D 234 -4.98 -32.36 -77.65
C GLN D 234 -4.92 -33.51 -78.63
N ALA D 235 -3.96 -34.43 -78.51
CA ALA D 235 -3.58 -35.33 -79.59
C ALA D 235 -3.68 -36.80 -79.21
N ILE D 236 -4.37 -37.15 -78.12
CA ILE D 236 -4.42 -38.55 -77.72
C ILE D 236 -5.06 -39.39 -78.82
N GLY D 237 -4.48 -40.55 -79.10
CA GLY D 237 -4.97 -41.40 -80.16
C GLY D 237 -4.30 -41.20 -81.50
N SER D 238 -3.45 -40.19 -81.63
N SER D 238 -3.44 -40.20 -81.63
CA SER D 238 -2.67 -40.02 -82.86
CA SER D 238 -2.69 -40.01 -82.88
C SER D 238 -1.65 -41.13 -82.97
C SER D 238 -1.62 -41.09 -83.01
N SER D 239 -1.60 -41.78 -84.14
CA SER D 239 -0.67 -42.88 -84.35
C SER D 239 0.77 -42.43 -84.14
N ASN D 240 1.56 -43.31 -83.51
CA ASN D 240 2.99 -43.13 -83.27
C ASN D 240 3.30 -41.89 -82.44
N LEU D 241 2.32 -41.42 -81.65
CA LEU D 241 2.51 -40.29 -80.75
C LEU D 241 3.74 -40.50 -79.88
N GLY D 242 4.65 -39.53 -79.88
CA GLY D 242 5.82 -39.58 -79.03
C GLY D 242 6.98 -40.44 -79.48
N GLU D 243 7.04 -40.86 -80.75
CA GLU D 243 8.12 -41.75 -81.15
C GLU D 243 9.49 -41.08 -81.02
N TYR D 244 9.57 -39.75 -81.10
CA TYR D 244 10.85 -39.04 -81.08
C TYR D 244 11.03 -38.15 -79.86
N GLY D 245 10.18 -38.27 -78.86
CA GLY D 245 10.13 -37.33 -77.75
C GLY D 245 10.61 -37.96 -76.46
N ASP D 246 11.31 -37.16 -75.66
CA ASP D 246 11.76 -37.65 -74.37
C ASP D 246 10.57 -37.90 -73.46
N ILE D 247 9.66 -36.94 -73.39
CA ILE D 247 8.47 -37.04 -72.55
C ILE D 247 7.28 -36.51 -73.34
N ILE D 248 6.15 -37.20 -73.23
CA ILE D 248 4.90 -36.79 -73.85
C ILE D 248 3.90 -36.44 -72.75
N ILE D 249 3.27 -35.30 -72.89
CA ILE D 249 2.29 -34.82 -71.92
C ILE D 249 0.89 -35.01 -72.49
N LEU D 250 0.04 -35.65 -71.72
CA LEU D 250 -1.39 -35.80 -72.02
C LEU D 250 -2.22 -34.93 -71.09
N SER D 251 -3.37 -34.50 -71.59
CA SER D 251 -4.41 -33.92 -70.75
C SER D 251 -5.66 -34.78 -70.86
N PHE D 252 -6.25 -35.07 -69.71
CA PHE D 252 -7.55 -35.73 -69.63
C PHE D 252 -8.62 -34.77 -69.11
N ASN D 253 -8.43 -33.47 -69.33
CA ASN D 253 -9.46 -32.54 -68.94
C ASN D 253 -10.74 -32.82 -69.73
N PRO D 254 -11.89 -32.47 -69.17
CA PRO D 254 -13.16 -33.06 -69.63
C PRO D 254 -13.58 -32.62 -71.03
N TYR D 255 -12.86 -31.69 -71.63
CA TYR D 255 -13.26 -31.18 -72.94
C TYR D 255 -12.31 -31.68 -74.00
N LYS D 256 -11.33 -32.51 -73.63
CA LYS D 256 -10.40 -33.07 -74.63
C LYS D 256 -11.01 -34.35 -75.27
N ASN D 257 -10.43 -34.86 -76.37
CA ASN D 257 -11.05 -36.01 -77.05
C ASN D 257 -11.39 -37.13 -76.08
N PHE D 258 -10.51 -37.33 -75.09
CA PHE D 258 -10.79 -38.19 -73.95
C PHE D 258 -10.59 -37.36 -72.69
N GLY D 259 -11.57 -37.38 -71.79
CA GLY D 259 -11.39 -36.71 -70.51
C GLY D 259 -12.09 -37.42 -69.36
N VAL D 260 -11.78 -36.96 -68.15
CA VAL D 260 -12.43 -37.46 -66.95
C VAL D 260 -13.53 -36.48 -66.53
N CYS D 261 -13.95 -36.51 -65.27
CA CYS D 261 -15.01 -35.59 -64.84
C CYS D 261 -14.44 -34.58 -63.85
N GLY D 262 -13.37 -33.93 -64.26
CA GLY D 262 -12.54 -33.13 -63.39
C GLY D 262 -11.21 -32.93 -64.11
N LYS D 263 -10.19 -32.56 -63.35
CA LYS D 263 -8.88 -32.34 -63.97
C LYS D 263 -7.97 -33.55 -63.80
N ALA D 264 -7.22 -33.87 -64.87
CA ALA D 264 -6.21 -34.92 -64.84
C ALA D 264 -5.32 -34.81 -66.07
N GLY D 265 -4.17 -35.46 -66.00
CA GLY D 265 -3.27 -35.52 -67.11
C GLY D 265 -2.37 -36.72 -66.96
N ALA D 266 -1.32 -36.75 -67.77
CA ALA D 266 -0.34 -37.81 -67.55
C ALA D 266 1.00 -37.40 -68.11
N ILE D 267 2.04 -37.97 -67.52
CA ILE D 267 3.41 -37.89 -68.03
C ILE D 267 3.76 -39.24 -68.60
N VAL D 268 4.26 -39.26 -69.84
CA VAL D 268 4.54 -40.48 -70.58
C VAL D 268 5.98 -40.48 -71.06
N THR D 269 6.71 -41.57 -70.81
CA THR D 269 8.13 -41.64 -71.19
C THR D 269 8.60 -43.10 -71.19
N ASN D 270 9.72 -43.34 -71.90
CA ASN D 270 10.46 -44.59 -71.82
C ASN D 270 11.70 -44.48 -70.94
N ASN D 271 11.98 -43.30 -70.40
CA ASN D 271 13.21 -43.04 -69.65
C ASN D 271 12.90 -43.21 -68.16
N GLU D 272 13.44 -44.27 -67.57
CA GLU D 272 13.11 -44.58 -66.18
C GLU D 272 13.63 -43.52 -65.21
N ASN D 273 14.80 -42.93 -65.52
CA ASN D 273 15.31 -41.83 -64.71
C ASN D 273 14.34 -40.66 -64.68
N LEU D 274 13.87 -40.22 -65.85
CA LEU D 274 12.89 -39.12 -65.88
C LEU D 274 11.61 -39.51 -65.15
N ALA D 275 11.15 -40.74 -65.34
CA ALA D 275 9.87 -41.15 -64.78
C ALA D 275 9.92 -41.19 -63.25
N ILE D 276 11.02 -41.70 -62.69
CA ILE D 276 11.20 -41.66 -61.24
C ILE D 276 11.15 -40.21 -60.75
N ARG D 277 11.89 -39.31 -61.39
CA ARG D 277 11.92 -37.91 -60.95
C ARG D 277 10.54 -37.25 -61.06
N CYS D 278 9.81 -37.56 -62.12
CA CYS D 278 8.44 -37.05 -62.27
C CYS D 278 7.56 -37.53 -61.12
N ASN D 279 7.70 -38.81 -60.76
CA ASN D 279 6.92 -39.37 -59.65
C ASN D 279 7.21 -38.62 -58.35
N GLN D 280 8.49 -38.34 -58.09
CA GLN D 280 8.89 -37.63 -56.88
C GLN D 280 8.39 -36.18 -56.89
N TYR D 281 8.62 -35.47 -57.99
CA TYR D 281 8.18 -34.07 -58.14
C TYR D 281 6.67 -33.94 -58.06
N SER D 282 5.94 -34.98 -58.48
CA SER D 282 4.49 -35.00 -58.44
C SER D 282 3.92 -35.20 -57.04
N TYR D 283 4.75 -35.58 -56.07
CA TYR D 283 4.25 -35.75 -54.72
C TYR D 283 5.36 -35.28 -53.75
N HIS D 284 5.50 -33.96 -53.65
CA HIS D 284 6.19 -33.25 -52.56
C HIS D 284 7.68 -33.57 -52.48
N GLY D 285 8.25 -34.11 -53.55
CA GLY D 285 9.66 -34.50 -53.58
C GLY D 285 9.98 -35.74 -52.76
N PHE D 286 8.97 -36.43 -52.23
CA PHE D 286 9.20 -37.62 -51.43
C PHE D 286 9.74 -38.76 -52.28
N GLU D 287 10.50 -39.66 -51.63
CA GLU D 287 10.85 -40.91 -52.27
C GLU D 287 9.56 -41.68 -52.58
N VAL D 288 9.63 -42.51 -53.63
CA VAL D 288 8.45 -43.18 -54.14
C VAL D 288 7.86 -44.09 -53.07
N ASP D 289 6.61 -43.82 -52.68
CA ASP D 289 5.88 -44.61 -51.68
C ASP D 289 6.63 -44.69 -50.35
N LYS D 290 7.50 -43.72 -50.07
CA LYS D 290 8.11 -43.53 -48.76
C LYS D 290 7.85 -42.07 -48.38
N LYS D 291 6.69 -41.84 -47.76
CA LYS D 291 6.20 -40.49 -47.51
C LYS D 291 6.95 -39.83 -46.35
N ASN D 292 6.90 -38.50 -46.35
CA ASN D 292 7.49 -37.61 -45.34
C ASN D 292 9.01 -37.68 -45.28
N LYS D 293 9.64 -38.34 -46.26
CA LYS D 293 11.10 -38.40 -46.38
C LYS D 293 11.45 -37.86 -47.76
N LYS D 294 12.00 -36.65 -47.80
CA LYS D 294 12.19 -35.96 -49.08
C LYS D 294 13.53 -36.31 -49.70
N VAL D 295 13.51 -36.51 -51.01
CA VAL D 295 14.69 -36.81 -51.81
C VAL D 295 15.06 -35.62 -52.71
N LEU D 296 14.06 -34.96 -53.29
CA LEU D 296 14.26 -33.75 -54.08
C LEU D 296 14.02 -32.52 -53.21
N ASP D 297 14.52 -31.36 -53.67
CA ASP D 297 14.37 -30.12 -52.90
C ASP D 297 12.93 -29.87 -52.47
N PHE D 298 11.99 -30.11 -53.37
CA PHE D 298 10.58 -29.80 -53.16
C PHE D 298 9.78 -30.59 -54.19
N GLY D 299 8.46 -30.48 -54.10
CA GLY D 299 7.60 -31.09 -55.10
C GLY D 299 6.23 -30.47 -54.97
N PHE D 300 5.31 -30.97 -55.81
CA PHE D 300 3.92 -30.52 -55.85
C PHE D 300 3.00 -31.61 -55.30
N ASN D 301 1.72 -31.27 -55.25
CA ASN D 301 0.67 -32.21 -54.87
C ASN D 301 -0.15 -32.46 -56.14
N SER D 302 0.40 -33.31 -57.01
CA SER D 302 0.01 -33.31 -58.41
C SER D 302 -0.28 -34.67 -59.02
N LYS D 303 -0.46 -35.72 -58.23
CA LYS D 303 -0.87 -36.98 -58.82
C LYS D 303 -2.38 -36.93 -59.10
N ILE D 304 -2.81 -37.72 -60.08
CA ILE D 304 -4.24 -37.88 -60.33
C ILE D 304 -4.95 -38.39 -59.08
N ASP D 305 -6.23 -38.06 -58.95
CA ASP D 305 -7.05 -38.65 -57.91
C ASP D 305 -7.56 -40.01 -58.37
N ASN D 306 -7.48 -40.98 -57.46
CA ASN D 306 -7.94 -42.33 -57.73
C ASN D 306 -9.37 -42.32 -58.25
N LEU D 307 -10.20 -41.38 -57.79
CA LEU D 307 -11.59 -41.32 -58.22
C LEU D 307 -11.71 -40.89 -59.67
N GLN D 308 -10.88 -39.92 -60.08
CA GLN D 308 -10.85 -39.55 -61.49
C GLN D 308 -10.23 -40.64 -62.34
N ALA D 309 -9.27 -41.39 -61.81
CA ALA D 309 -8.71 -42.49 -62.58
C ALA D 309 -9.80 -43.53 -62.87
N ALA D 310 -10.57 -43.91 -61.84
CA ALA D 310 -11.71 -44.81 -62.08
C ALA D 310 -12.66 -44.23 -63.11
N ILE D 311 -12.94 -42.92 -63.03
CA ILE D 311 -13.82 -42.32 -64.02
C ILE D 311 -13.21 -42.43 -65.42
N GLY D 312 -11.90 -42.17 -65.52
CA GLY D 312 -11.24 -42.21 -66.81
C GLY D 312 -11.26 -43.60 -67.42
N LEU D 313 -11.21 -44.64 -66.58
CA LEU D 313 -11.22 -46.00 -67.13
C LEU D 313 -12.56 -46.33 -67.77
N GLU D 314 -13.66 -45.74 -67.28
CA GLU D 314 -14.95 -45.89 -67.94
C GLU D 314 -15.03 -45.02 -69.20
N ARG D 315 -14.64 -43.76 -69.09
CA ARG D 315 -14.80 -42.86 -70.22
C ARG D 315 -13.85 -43.20 -71.38
N ILE D 316 -12.70 -43.81 -71.10
CA ILE D 316 -11.78 -44.08 -72.20
C ILE D 316 -12.35 -45.13 -73.13
N LYS D 317 -13.39 -45.88 -72.68
CA LYS D 317 -13.99 -46.90 -73.55
C LYS D 317 -14.52 -46.31 -74.85
N PHE D 318 -14.92 -45.03 -74.82
CA PHE D 318 -15.50 -44.36 -75.98
C PHE D 318 -14.46 -43.70 -76.87
N LEU D 319 -13.16 -43.84 -76.56
CA LEU D 319 -12.16 -42.98 -77.19
C LEU D 319 -12.02 -43.26 -78.68
N SER D 320 -11.77 -44.51 -79.06
CA SER D 320 -11.53 -44.72 -80.49
C SER D 320 -12.79 -44.48 -81.29
N TYR D 321 -13.95 -44.80 -80.71
CA TYR D 321 -15.24 -44.55 -81.37
C TYR D 321 -15.51 -43.06 -81.53
N ASN D 322 -15.26 -42.27 -80.48
CA ASN D 322 -15.46 -40.83 -80.60
C ASN D 322 -14.46 -40.21 -81.56
N ASN D 323 -13.22 -40.71 -81.56
CA ASN D 323 -12.24 -40.21 -82.52
C ASN D 323 -12.69 -40.52 -83.95
N LEU D 324 -13.32 -41.67 -84.16
CA LEU D 324 -13.81 -42.03 -85.49
C LEU D 324 -14.92 -41.10 -85.94
N LYS D 325 -15.82 -40.73 -85.03
CA LYS D 325 -16.86 -39.76 -85.35
C LYS D 325 -16.25 -38.40 -85.64
N ARG D 326 -15.22 -38.03 -84.89
CA ARG D 326 -14.48 -36.80 -85.16
C ARG D 326 -13.94 -36.78 -86.60
N VAL D 327 -13.32 -37.88 -87.05
CA VAL D 327 -12.69 -37.80 -88.36
C VAL D 327 -13.75 -37.80 -89.45
N PHE D 328 -14.89 -38.48 -89.22
CA PHE D 328 -16.01 -38.38 -90.17
C PHE D 328 -16.52 -36.95 -90.28
N LEU D 329 -16.71 -36.29 -89.13
CA LEU D 329 -17.15 -34.90 -89.13
C LEU D 329 -16.13 -34.02 -89.87
N ALA D 330 -14.83 -34.26 -89.64
CA ALA D 330 -13.81 -33.45 -90.29
C ALA D 330 -13.86 -33.63 -91.80
N GLN D 331 -13.91 -34.89 -92.27
CA GLN D 331 -14.01 -35.18 -93.70
C GLN D 331 -15.24 -34.52 -94.31
N ARG D 332 -16.32 -34.49 -93.55
CA ARG D 332 -17.57 -33.96 -94.08
C ARG D 332 -17.47 -32.45 -94.25
N TYR D 333 -16.81 -31.78 -93.31
CA TYR D 333 -16.56 -30.34 -93.47
C TYR D 333 -15.68 -30.10 -94.68
N ILE D 334 -14.58 -30.83 -94.78
CA ILE D 334 -13.66 -30.66 -95.90
C ILE D 334 -14.39 -30.85 -97.23
N ARG D 335 -15.15 -31.94 -97.33
CA ARG D 335 -15.85 -32.24 -98.58
C ARG D 335 -16.85 -31.14 -98.95
N ASN D 336 -17.58 -30.63 -97.97
CA ASN D 336 -18.70 -29.74 -98.27
C ASN D 336 -18.33 -28.26 -98.27
N LEU D 337 -17.12 -27.88 -97.83
CA LEU D 337 -16.66 -26.50 -97.96
C LEU D 337 -15.65 -26.31 -99.10
N LYS D 338 -15.34 -27.39 -99.84
CA LYS D 338 -14.38 -27.33 -100.94
C LYS D 338 -14.66 -26.18 -101.90
N GLU D 339 -15.93 -25.84 -102.12
CA GLU D 339 -16.27 -24.73 -103.01
C GLU D 339 -15.68 -23.41 -102.50
N LEU D 340 -15.85 -23.13 -101.21
CA LEU D 340 -15.34 -21.89 -100.63
C LEU D 340 -13.82 -21.81 -100.69
N GLU D 341 -13.15 -22.95 -100.72
CA GLU D 341 -11.70 -22.93 -100.87
C GLU D 341 -11.31 -22.74 -102.34
N ASP D 342 -12.03 -23.38 -103.25
CA ASP D 342 -11.86 -23.13 -104.68
C ASP D 342 -11.95 -21.65 -105.01
N ARG D 343 -12.87 -20.94 -104.34
CA ARG D 343 -13.13 -19.53 -104.59
C ARG D 343 -12.17 -18.60 -103.87
N GLU D 344 -11.18 -19.16 -103.16
CA GLU D 344 -10.13 -18.38 -102.50
C GLU D 344 -10.71 -17.50 -101.38
N LEU D 345 -11.74 -17.99 -100.70
CA LEU D 345 -12.26 -17.29 -99.53
C LEU D 345 -11.87 -17.92 -98.21
N ILE D 346 -11.64 -19.24 -98.19
CA ILE D 346 -11.15 -19.94 -97.00
C ILE D 346 -10.02 -20.86 -97.42
N LYS D 347 -9.29 -21.35 -96.41
CA LYS D 347 -8.34 -22.46 -96.54
C LYS D 347 -8.73 -23.54 -95.56
N LEU D 348 -8.93 -24.75 -96.04
CA LEU D 348 -9.34 -25.88 -95.21
C LEU D 348 -8.14 -26.70 -94.77
N PRO D 349 -8.25 -27.44 -93.68
CA PRO D 349 -7.20 -28.42 -93.36
C PRO D 349 -7.31 -29.60 -94.31
N ARG D 350 -6.22 -30.35 -94.43
CA ARG D 350 -6.19 -31.57 -95.24
C ARG D 350 -6.36 -32.80 -94.35
N MET D 351 -6.87 -33.88 -94.94
CA MET D 351 -7.04 -35.12 -94.20
C MET D 351 -5.70 -35.85 -94.10
N THR D 352 -5.25 -36.10 -92.88
CA THR D 352 -3.97 -36.75 -92.68
C THR D 352 -4.15 -37.87 -91.65
N GLU D 353 -3.20 -38.80 -91.65
CA GLU D 353 -3.37 -40.00 -90.84
C GLU D 353 -3.15 -39.74 -89.35
N ASP D 354 -2.49 -38.64 -89.00
CA ASP D 354 -2.11 -38.38 -87.61
C ASP D 354 -3.09 -37.49 -86.87
N ASN D 355 -3.90 -36.71 -87.59
CA ASN D 355 -4.82 -35.76 -86.98
C ASN D 355 -5.93 -36.50 -86.23
N VAL D 356 -6.16 -36.16 -84.96
CA VAL D 356 -7.32 -36.70 -84.26
C VAL D 356 -8.46 -35.70 -84.16
N TRP D 357 -8.28 -34.46 -84.63
CA TRP D 357 -9.39 -33.51 -84.84
C TRP D 357 -10.03 -33.08 -83.52
N HIS D 358 -9.19 -32.62 -82.60
CA HIS D 358 -9.74 -32.03 -81.37
C HIS D 358 -10.49 -30.74 -81.68
N LEU D 359 -9.93 -29.94 -82.59
CA LEU D 359 -10.56 -28.72 -83.09
C LEU D 359 -10.41 -28.70 -84.61
N PHE D 360 -11.30 -27.97 -85.28
CA PHE D 360 -11.35 -27.93 -86.74
C PHE D 360 -11.06 -26.50 -87.21
N PRO D 361 -9.83 -26.20 -87.59
CA PRO D 361 -9.48 -24.83 -87.92
C PRO D 361 -9.69 -24.59 -89.41
N ILE D 362 -10.26 -23.43 -89.73
CA ILE D 362 -10.25 -22.94 -91.10
C ILE D 362 -9.68 -21.53 -91.06
N ARG D 363 -9.20 -21.07 -92.20
CA ARG D 363 -8.67 -19.71 -92.32
C ARG D 363 -9.58 -18.93 -93.26
N ILE D 364 -10.06 -17.78 -92.79
CA ILE D 364 -10.87 -16.88 -93.60
C ILE D 364 -9.93 -15.77 -94.05
N ILE D 365 -9.71 -15.69 -95.35
CA ILE D 365 -8.69 -14.78 -95.87
C ILE D 365 -9.34 -13.50 -96.36
N ASN D 366 -8.56 -12.61 -96.96
CA ASN D 366 -8.99 -11.27 -97.35
C ASN D 366 -9.51 -10.46 -96.16
N GLY D 367 -9.03 -10.75 -94.95
CA GLY D 367 -9.43 -9.95 -93.81
C GLY D 367 -10.89 -10.07 -93.40
N ARG D 368 -11.60 -11.10 -93.90
CA ARG D 368 -13.02 -11.25 -93.64
C ARG D 368 -13.33 -12.11 -92.41
N ARG D 369 -12.33 -12.54 -91.64
CA ARG D 369 -12.59 -13.49 -90.54
C ARG D 369 -13.56 -12.91 -89.51
N ASP D 370 -13.30 -11.68 -89.07
CA ASP D 370 -14.16 -11.10 -88.04
C ASP D 370 -15.59 -10.95 -88.54
N GLU D 371 -15.75 -10.50 -89.79
CA GLU D 371 -17.06 -10.33 -90.39
C GLU D 371 -17.82 -11.66 -90.45
N VAL D 372 -17.16 -12.72 -90.90
CA VAL D 372 -17.81 -14.02 -91.00
C VAL D 372 -18.19 -14.53 -89.62
N LYS D 373 -17.27 -14.40 -88.65
CA LYS D 373 -17.56 -14.88 -87.31
C LYS D 373 -18.76 -14.15 -86.72
N ASN D 374 -18.78 -12.82 -86.81
CA ASN D 374 -19.88 -12.05 -86.24
C ASN D 374 -21.20 -12.35 -86.95
N LYS D 375 -21.17 -12.47 -88.28
CA LYS D 375 -22.41 -12.67 -89.01
C LYS D 375 -22.97 -14.06 -88.77
N LEU D 376 -22.12 -15.08 -88.77
CA LEU D 376 -22.57 -16.43 -88.46
C LEU D 376 -23.37 -16.43 -87.15
N TYR D 377 -22.91 -15.67 -86.16
CA TYR D 377 -23.59 -15.70 -84.86
C TYR D 377 -24.84 -14.84 -84.86
N GLN D 378 -24.72 -13.60 -85.33
CA GLN D 378 -25.82 -12.66 -85.21
C GLN D 378 -26.97 -13.00 -86.15
N LEU D 379 -26.67 -13.56 -87.31
CA LEU D 379 -27.67 -13.79 -88.34
C LEU D 379 -28.13 -15.24 -88.41
N TYR D 380 -27.22 -16.19 -88.25
CA TYR D 380 -27.53 -17.61 -88.37
C TYR D 380 -27.53 -18.33 -87.03
N ASN D 381 -27.23 -17.62 -85.93
CA ASN D 381 -27.14 -18.18 -84.58
C ASN D 381 -26.18 -19.37 -84.54
N ILE D 382 -25.07 -19.24 -85.25
CA ILE D 382 -24.00 -20.24 -85.25
C ILE D 382 -22.84 -19.67 -84.47
N GLU D 383 -22.48 -20.36 -83.38
CA GLU D 383 -21.37 -19.95 -82.56
C GLU D 383 -20.08 -20.57 -83.11
N THR D 384 -19.12 -19.71 -83.47
CA THR D 384 -17.78 -20.15 -83.81
C THR D 384 -16.81 -19.55 -82.80
N ASP D 385 -15.58 -20.06 -82.81
CA ASP D 385 -14.60 -19.66 -81.81
C ASP D 385 -13.23 -19.51 -82.45
N ILE D 386 -12.37 -18.80 -81.73
CA ILE D 386 -10.98 -18.62 -82.09
C ILE D 386 -10.14 -19.22 -80.96
N TYR D 387 -9.59 -20.41 -81.19
CA TYR D 387 -8.58 -21.00 -80.30
C TYR D 387 -7.23 -20.66 -80.92
N TYR D 388 -6.56 -19.64 -80.38
CA TYR D 388 -6.94 -18.92 -79.15
C TYR D 388 -6.93 -17.43 -79.46
N PRO D 389 -7.71 -16.64 -78.70
CA PRO D 389 -7.95 -15.24 -79.10
C PRO D 389 -6.72 -14.35 -79.04
N VAL D 390 -5.78 -14.62 -78.15
CA VAL D 390 -4.62 -13.74 -77.97
C VAL D 390 -3.37 -14.59 -78.06
N LEU D 391 -2.46 -14.22 -78.96
CA LEU D 391 -1.18 -14.91 -79.03
C LEU D 391 -0.41 -14.68 -77.73
N SER D 392 0.57 -15.55 -77.47
CA SER D 392 1.30 -15.47 -76.20
C SER D 392 2.08 -14.17 -76.10
N HIS D 393 2.47 -13.60 -77.22
CA HIS D 393 3.26 -12.38 -77.24
C HIS D 393 2.41 -11.10 -77.15
N LYS D 394 1.09 -11.21 -76.95
CA LYS D 394 0.23 -10.03 -77.02
C LYS D 394 -0.74 -9.91 -75.84
N HIS D 395 -0.54 -10.64 -74.75
CA HIS D 395 -1.49 -10.51 -73.65
C HIS D 395 -1.32 -9.17 -72.96
N ASN D 396 -2.39 -8.72 -72.29
CA ASN D 396 -2.34 -7.49 -71.49
C ASN D 396 -1.68 -7.76 -70.14
N THR D 397 -0.47 -8.30 -70.17
CA THR D 397 0.25 -8.58 -68.94
C THR D 397 1.50 -7.71 -68.86
N LYS D 398 2.04 -7.61 -67.64
CA LYS D 398 3.28 -6.89 -67.45
C LYS D 398 4.46 -7.60 -68.11
N LEU D 399 4.35 -8.92 -68.37
CA LEU D 399 5.40 -9.65 -69.09
C LEU D 399 5.26 -9.53 -70.60
N VAL D 400 4.24 -8.84 -71.09
CA VAL D 400 4.11 -8.55 -72.52
C VAL D 400 4.36 -7.08 -72.81
N LYS D 401 3.76 -6.18 -72.03
CA LYS D 401 3.93 -4.76 -72.28
C LYS D 401 5.34 -4.31 -71.93
N LYS D 402 5.91 -4.83 -70.84
CA LYS D 402 7.27 -4.49 -70.43
C LYS D 402 8.30 -5.45 -70.99
N ASN D 403 7.92 -6.65 -71.37
CA ASN D 403 8.86 -7.69 -71.78
C ASN D 403 8.70 -8.06 -73.25
N TYR D 404 7.63 -8.77 -73.62
CA TYR D 404 7.45 -9.25 -74.99
C TYR D 404 7.03 -8.09 -75.89
N MET D 405 8.02 -7.32 -76.33
CA MET D 405 7.79 -6.23 -77.28
C MET D 405 8.52 -6.42 -78.60
N GLN D 406 9.74 -6.93 -78.57
CA GLN D 406 10.53 -7.13 -79.80
C GLN D 406 10.34 -8.56 -80.31
N ASP D 407 9.13 -8.81 -80.81
CA ASP D 407 8.72 -10.14 -81.25
C ASP D 407 8.05 -10.04 -82.61
N THR D 408 8.66 -10.65 -83.62
CA THR D 408 8.12 -10.70 -84.98
C THR D 408 7.94 -12.17 -85.36
N LEU D 409 6.70 -12.65 -85.27
CA LEU D 409 6.33 -14.01 -85.64
C LEU D 409 5.29 -13.93 -86.76
N LEU D 410 5.75 -13.55 -87.95
CA LEU D 410 4.86 -13.04 -88.98
C LEU D 410 3.80 -14.06 -89.39
N ASN D 411 4.19 -15.32 -89.56
CA ASN D 411 3.24 -16.33 -90.02
C ASN D 411 2.24 -16.66 -88.92
N THR D 412 2.69 -16.73 -87.67
CA THR D 412 1.76 -16.86 -86.55
C THR D 412 0.79 -15.70 -86.53
N GLU D 413 1.28 -14.48 -86.70
CA GLU D 413 0.44 -13.30 -86.55
C GLU D 413 -0.51 -13.15 -87.72
N GLN D 414 -0.12 -13.55 -88.93
CA GLN D 414 -1.04 -13.45 -90.06
C GLN D 414 -2.14 -14.51 -89.95
N VAL D 415 -1.76 -15.77 -89.70
CA VAL D 415 -2.73 -16.83 -89.53
C VAL D 415 -3.74 -16.48 -88.44
N HIS D 416 -3.26 -15.87 -87.36
CA HIS D 416 -4.14 -15.52 -86.24
C HIS D 416 -5.24 -14.55 -86.67
N LYS D 417 -5.00 -13.75 -87.71
CA LYS D 417 -6.02 -12.86 -88.25
C LYS D 417 -7.05 -13.58 -89.12
N GLU D 418 -6.78 -14.83 -89.51
CA GLU D 418 -7.67 -15.60 -90.37
C GLU D 418 -8.33 -16.79 -89.68
N ILE D 419 -7.71 -17.33 -88.63
CA ILE D 419 -8.16 -18.57 -88.01
C ILE D 419 -9.58 -18.44 -87.45
N LEU D 420 -10.36 -19.50 -87.63
CA LEU D 420 -11.70 -19.62 -87.07
C LEU D 420 -11.99 -21.10 -86.92
N HIS D 421 -12.50 -21.50 -85.76
CA HIS D 421 -12.81 -22.90 -85.51
C HIS D 421 -14.31 -23.10 -85.59
N LEU D 422 -14.68 -24.19 -86.20
CA LEU D 422 -16.02 -24.67 -86.46
C LEU D 422 -16.38 -25.74 -85.44
N PRO D 423 -17.62 -25.70 -84.96
CA PRO D 423 -18.09 -26.71 -84.00
C PRO D 423 -17.81 -28.12 -84.51
N LEU D 424 -17.15 -28.91 -83.66
CA LEU D 424 -16.90 -30.30 -83.97
C LEU D 424 -16.71 -31.02 -82.65
N HIS D 425 -17.62 -31.94 -82.35
CA HIS D 425 -17.50 -32.81 -81.18
C HIS D 425 -18.27 -34.07 -81.50
N PRO D 426 -17.88 -35.22 -80.92
CA PRO D 426 -18.43 -36.49 -81.42
C PRO D 426 -19.92 -36.64 -81.23
N ASN D 427 -20.54 -35.92 -80.30
CA ASN D 427 -21.97 -36.07 -80.10
C ASN D 427 -22.80 -35.05 -80.86
N MET D 428 -22.21 -34.26 -81.74
CA MET D 428 -23.04 -33.36 -82.54
C MET D 428 -23.76 -34.14 -83.65
N LEU D 429 -24.96 -33.68 -83.96
CA LEU D 429 -25.77 -34.27 -85.01
C LEU D 429 -25.25 -33.85 -86.38
N LEU D 430 -25.45 -34.72 -87.37
CA LEU D 430 -25.14 -34.29 -88.74
C LEU D 430 -26.05 -33.14 -89.17
N GLU D 431 -27.28 -33.13 -88.64
CA GLU D 431 -28.18 -32.00 -88.85
C GLU D 431 -27.56 -30.71 -88.36
N GLU D 432 -26.81 -30.76 -87.26
CA GLU D 432 -26.17 -29.56 -86.76
C GLU D 432 -25.00 -29.17 -87.65
N GLN D 433 -24.22 -30.15 -88.09
CA GLN D 433 -23.14 -29.84 -89.02
C GLN D 433 -23.69 -29.31 -90.35
N ASN D 434 -24.84 -29.82 -90.79
CA ASN D 434 -25.44 -29.26 -92.00
C ASN D 434 -25.86 -27.81 -91.77
N PHE D 435 -26.33 -27.50 -90.57
CA PHE D 435 -26.71 -26.12 -90.23
C PHE D 435 -25.50 -25.19 -90.30
N VAL D 436 -24.35 -25.64 -89.76
CA VAL D 436 -23.12 -24.86 -89.85
C VAL D 436 -22.73 -24.66 -91.31
N LEU D 437 -22.76 -25.74 -92.09
CA LEU D 437 -22.39 -25.68 -93.49
C LEU D 437 -23.23 -24.67 -94.25
N GLU D 438 -24.54 -24.70 -94.04
CA GLU D 438 -25.40 -23.77 -94.78
C GLU D 438 -25.09 -22.33 -94.41
N GLY D 439 -24.86 -22.07 -93.13
CA GLY D 439 -24.52 -20.71 -92.70
C GLY D 439 -23.22 -20.22 -93.29
N LEU D 440 -22.17 -21.05 -93.23
CA LEU D 440 -20.89 -20.70 -93.84
C LEU D 440 -21.04 -20.45 -95.33
N ILE D 441 -21.77 -21.32 -96.02
CA ILE D 441 -21.99 -21.10 -97.43
C ILE D 441 -22.72 -19.79 -97.66
N ASN D 442 -23.83 -19.58 -96.93
CA ASN D 442 -24.69 -18.44 -97.19
C ASN D 442 -23.99 -17.12 -96.85
N VAL D 443 -23.23 -17.10 -95.75
CA VAL D 443 -22.59 -15.85 -95.37
C VAL D 443 -21.52 -15.45 -96.39
N ASN D 444 -21.05 -16.39 -97.21
CA ASN D 444 -20.04 -16.13 -98.21
C ASN D 444 -20.61 -15.93 -99.61
N LYS D 445 -21.92 -15.74 -99.74
CA LYS D 445 -22.52 -15.44 -101.05
C LYS D 445 -22.91 -13.97 -101.15
N THR E 9 11.56 56.14 27.37
CA THR E 9 10.97 55.17 28.29
C THR E 9 11.72 55.09 29.62
N THR E 10 10.99 55.24 30.72
CA THR E 10 11.54 55.08 32.06
C THR E 10 11.20 53.69 32.58
N ILE E 11 12.24 52.91 32.89
CA ILE E 11 12.04 51.52 33.27
C ILE E 11 11.60 51.48 34.73
N SER E 12 10.36 51.04 34.94
CA SER E 12 9.75 50.90 36.24
C SER E 12 10.10 49.60 36.93
N GLY E 13 10.70 48.62 36.23
CA GLY E 13 10.88 47.31 36.80
C GLY E 13 9.74 46.33 36.55
N HIS E 14 8.73 46.71 35.77
CA HIS E 14 7.61 45.85 35.50
C HIS E 14 7.72 45.26 34.10
N SER E 15 6.74 44.42 33.77
CA SER E 15 6.86 43.50 32.65
C SER E 15 6.85 44.24 31.31
N LYS E 16 5.98 45.24 31.17
CA LYS E 16 5.87 45.98 29.90
C LYS E 16 7.18 46.66 29.55
N ASP E 17 7.76 47.37 30.52
CA ASP E 17 9.08 48.00 30.34
C ASP E 17 10.13 46.98 29.93
N ASN E 18 10.18 45.84 30.61
CA ASN E 18 11.20 44.84 30.30
C ASN E 18 11.09 44.34 28.86
N LEU E 19 9.88 44.19 28.35
CA LEU E 19 9.74 43.78 26.95
C LEU E 19 10.18 44.89 26.00
N ALA E 20 9.97 46.15 26.36
CA ALA E 20 10.51 47.25 25.57
C ALA E 20 12.03 47.23 25.60
N LEU E 21 12.59 47.18 26.82
CA LEU E 21 14.03 47.11 26.99
C LEU E 21 14.62 45.94 26.21
N LEU E 22 13.97 44.78 26.23
CA LEU E 22 14.53 43.60 25.58
C LEU E 22 14.69 43.84 24.09
N LYS E 23 13.66 44.39 23.46
CA LYS E 23 13.73 44.61 22.01
C LYS E 23 14.85 45.59 21.65
N CYS E 24 15.14 46.55 22.53
CA CYS E 24 16.26 47.47 22.32
C CYS E 24 17.60 46.76 22.44
N LEU E 25 17.84 46.09 23.58
CA LEU E 25 19.09 45.34 23.74
C LEU E 25 19.31 44.34 22.63
N GLN E 26 18.25 43.90 21.96
CA GLN E 26 18.40 43.10 20.76
C GLN E 26 18.54 43.95 19.51
N GLY E 27 18.37 45.28 19.61
CA GLY E 27 18.60 46.20 18.51
C GLY E 27 17.34 46.82 17.93
N GLU E 28 16.18 46.21 18.14
CA GLU E 28 14.95 46.55 17.43
C GLU E 28 14.36 47.91 17.81
N THR E 29 14.96 48.67 18.73
CA THR E 29 14.29 49.87 19.23
C THR E 29 14.39 51.01 18.21
N LYS E 30 13.35 51.83 18.18
CA LYS E 30 13.28 52.98 17.28
C LYS E 30 13.95 54.19 17.93
N GLU E 31 15.28 54.09 18.10
CA GLU E 31 16.07 55.15 18.71
C GLU E 31 15.39 55.64 19.99
N LYS E 32 15.34 54.73 20.96
CA LYS E 32 14.63 54.98 22.21
C LYS E 32 15.64 55.08 23.34
N GLU E 33 15.78 56.27 23.92
CA GLU E 33 16.53 56.37 25.16
C GLU E 33 15.77 55.64 26.26
N PHE E 34 16.51 54.95 27.11
CA PHE E 34 15.97 54.41 28.34
C PHE E 34 16.65 55.10 29.51
N GLU E 35 15.86 55.39 30.54
CA GLU E 35 16.37 55.72 31.85
C GLU E 35 15.77 54.71 32.82
N ILE E 36 16.47 54.48 33.93
CA ILE E 36 16.06 53.51 34.93
C ILE E 36 15.54 54.26 36.16
N SER E 37 14.42 53.79 36.71
CA SER E 37 13.95 54.30 37.99
C SER E 37 14.72 53.61 39.10
N ASN E 38 15.18 54.38 40.08
CA ASN E 38 16.07 53.86 41.13
C ASN E 38 15.31 53.25 42.29
N VAL E 39 14.20 52.57 42.02
CA VAL E 39 13.51 51.81 43.05
C VAL E 39 14.26 50.52 43.33
N LEU E 40 14.05 49.96 44.53
CA LEU E 40 14.81 48.79 44.95
C LEU E 40 14.72 47.60 44.00
N PRO E 41 13.56 47.25 43.41
CA PRO E 41 13.54 46.11 42.46
C PRO E 41 14.41 46.31 41.23
N ASN E 42 14.85 47.53 40.93
CA ASN E 42 15.70 47.83 39.78
C ASN E 42 17.19 47.89 40.11
N HIS E 43 17.57 47.63 41.36
CA HIS E 43 18.94 47.87 41.80
C HIS E 43 19.95 47.09 40.97
N LYS E 44 19.70 45.80 40.74
CA LYS E 44 20.68 44.99 39.99
C LYS E 44 20.70 45.37 38.51
N MET E 45 19.53 45.58 37.91
CA MET E 45 19.48 46.04 36.51
C MET E 45 20.21 47.35 36.34
N LYS E 46 20.08 48.25 37.31
CA LYS E 46 20.68 49.58 37.17
C LYS E 46 22.20 49.49 37.23
N GLU E 47 22.72 48.63 38.11
CA GLU E 47 24.15 48.40 38.18
C GLU E 47 24.67 47.74 36.91
N LYS E 48 23.97 46.73 36.41
CA LYS E 48 24.50 45.84 35.39
C LYS E 48 24.41 46.45 33.98
N LEU E 49 23.32 47.16 33.68
CA LEU E 49 23.01 47.61 32.33
C LEU E 49 23.06 49.12 32.14
N PHE E 50 23.10 49.89 33.21
CA PHE E 50 23.05 51.33 33.12
C PHE E 50 24.32 51.96 33.68
N ARG E 51 24.61 53.15 33.18
CA ARG E 51 25.80 53.90 33.56
C ARG E 51 25.44 55.37 33.37
N GLU E 52 25.49 56.14 34.45
CA GLU E 52 25.06 57.54 34.44
C GLU E 52 23.60 57.65 33.98
N ASN E 53 22.76 56.77 34.53
CA ASN E 53 21.33 56.70 34.25
C ASN E 53 21.02 56.69 32.76
N LYS E 54 21.88 56.05 31.97
CA LYS E 54 21.55 55.70 30.60
C LYS E 54 22.13 54.32 30.30
N LEU E 55 21.53 53.65 29.32
CA LEU E 55 21.99 52.31 28.96
C LEU E 55 23.48 52.33 28.63
N LYS E 56 24.19 51.30 29.08
CA LYS E 56 25.60 51.15 28.73
C LYS E 56 25.75 50.90 27.24
N ILE E 57 26.78 51.51 26.66
CA ILE E 57 26.99 51.47 25.22
C ILE E 57 27.40 50.08 24.75
N ASP E 58 27.90 49.24 25.67
CA ASP E 58 28.63 48.04 25.31
C ASP E 58 28.00 46.80 25.94
N ILE E 59 26.70 46.63 25.79
CA ILE E 59 26.00 45.49 26.37
C ILE E 59 25.89 44.39 25.31
N ASP E 60 26.44 43.23 25.64
CA ASP E 60 26.29 42.02 24.84
C ASP E 60 25.41 41.08 25.64
N ILE E 61 24.18 40.87 25.18
CA ILE E 61 23.25 40.03 25.93
C ILE E 61 23.86 38.65 26.19
N GLU E 62 24.32 37.98 25.13
CA GLU E 62 24.77 36.60 25.27
C GLU E 62 25.98 36.48 26.21
N LYS E 63 26.97 37.38 26.06
CA LYS E 63 28.15 37.31 26.91
C LYS E 63 27.99 38.02 28.25
N ASP E 64 27.40 39.23 28.27
CA ASP E 64 27.37 40.00 29.52
C ASP E 64 26.24 39.56 30.45
N ILE E 65 25.10 39.17 29.90
CA ILE E 65 23.99 38.81 30.78
C ILE E 65 23.94 37.31 31.04
N PHE E 66 24.17 36.47 30.02
CA PHE E 66 24.09 35.03 30.20
C PHE E 66 25.43 34.34 30.27
N ASN E 67 26.53 35.10 30.23
CA ASN E 67 27.90 34.58 30.26
C ASN E 67 28.07 33.35 29.37
N TYR E 68 27.66 33.51 28.11
CA TYR E 68 27.76 32.41 27.15
C TYR E 68 29.22 32.12 26.84
N SER E 69 29.62 30.85 27.00
CA SER E 69 31.00 30.44 26.81
C SER E 69 31.11 29.12 26.06
N ARG E 70 30.09 28.73 25.30
CA ARG E 70 30.07 27.47 24.56
C ARG E 70 30.33 26.27 25.48
N LYS E 71 29.80 26.35 26.71
CA LYS E 71 29.98 25.28 27.68
C LYS E 71 29.33 23.98 27.20
N ASN E 72 29.91 22.85 27.62
CA ASN E 72 29.37 21.54 27.26
C ASN E 72 28.29 21.13 28.26
N ILE E 73 27.14 20.70 27.75
CA ILE E 73 25.99 20.35 28.58
C ILE E 73 25.59 18.90 28.31
N GLN E 74 25.53 18.10 29.38
CA GLN E 74 25.12 16.69 29.31
C GLN E 74 23.67 16.44 29.72
N LYS E 75 23.15 17.20 30.68
CA LYS E 75 21.83 16.93 31.25
C LYS E 75 21.19 18.26 31.63
N ILE E 76 19.87 18.23 31.88
CA ILE E 76 19.15 19.42 32.34
C ILE E 76 18.21 19.03 33.48
N GLU E 77 18.31 19.73 34.60
CA GLU E 77 17.31 19.66 35.66
C GLU E 77 16.33 20.80 35.48
N PHE E 78 15.05 20.54 35.77
CA PHE E 78 14.06 21.60 35.60
C PHE E 78 14.38 22.82 36.47
N MET E 79 14.64 22.63 37.75
CA MET E 79 14.82 23.76 38.68
C MET E 79 15.75 23.36 39.82
N PRO E 80 17.06 23.33 39.57
CA PRO E 80 18.03 23.03 40.65
C PRO E 80 18.11 24.21 41.61
N VAL E 81 17.74 23.99 42.88
CA VAL E 81 17.55 25.13 43.77
C VAL E 81 18.86 25.90 44.00
N ASN E 82 20.02 25.24 43.91
CA ASN E 82 21.27 25.98 44.12
C ASN E 82 21.48 27.06 43.04
N ARG E 83 20.85 26.93 41.88
CA ARG E 83 21.05 27.91 40.81
C ARG E 83 20.17 29.14 40.95
N LEU E 84 19.14 29.10 41.79
CA LEU E 84 18.22 30.22 41.92
C LEU E 84 18.76 31.36 42.77
N ILE E 85 19.80 31.12 43.56
CA ILE E 85 20.46 32.16 44.34
C ILE E 85 21.87 32.35 43.78
N SER E 86 22.30 33.61 43.69
CA SER E 86 23.61 34.01 43.17
C SER E 86 24.56 34.44 44.29
N GLN E 87 25.87 34.40 43.99
CA GLN E 87 26.89 34.77 44.98
C GLN E 87 26.73 36.22 45.42
N SER E 88 26.38 37.11 44.49
CA SER E 88 26.15 38.50 44.86
C SER E 88 25.05 38.60 45.92
N GLU E 89 23.94 37.92 45.67
CA GLU E 89 22.88 37.84 46.66
C GLU E 89 23.41 37.37 48.01
N ILE E 90 24.18 36.28 48.02
CA ILE E 90 24.63 35.70 49.28
C ILE E 90 25.51 36.68 50.04
N ASP E 91 26.44 37.35 49.35
CA ASP E 91 27.28 38.34 50.02
C ASP E 91 26.42 39.47 50.59
N GLY E 92 25.41 39.90 49.85
CA GLY E 92 24.55 40.97 50.35
C GLY E 92 23.68 40.51 51.50
N ILE E 93 23.19 39.27 51.43
CA ILE E 93 22.37 38.71 52.51
C ILE E 93 23.18 38.62 53.79
N ILE E 94 24.38 38.04 53.70
CA ILE E 94 25.25 37.96 54.87
C ILE E 94 25.41 39.34 55.48
N GLY E 95 25.59 40.36 54.64
CA GLY E 95 25.77 41.71 55.14
C GLY E 95 24.54 42.23 55.88
N THR E 96 23.36 41.97 55.34
CA THR E 96 22.19 42.45 56.05
C THR E 96 21.87 41.63 57.28
N LEU E 97 22.20 40.32 57.27
CA LEU E 97 22.05 39.51 58.48
C LEU E 97 22.85 40.10 59.63
N LYS E 98 24.06 40.56 59.34
CA LYS E 98 24.91 41.14 60.38
C LYS E 98 24.28 42.40 60.95
N GLU E 99 23.43 43.09 60.19
CA GLU E 99 22.73 44.23 60.76
C GLU E 99 21.51 43.79 61.58
N VAL E 100 20.75 42.80 61.10
CA VAL E 100 19.50 42.46 61.78
C VAL E 100 19.75 41.67 63.06
N LEU E 101 20.68 40.70 63.02
CA LEU E 101 20.84 39.81 64.16
C LEU E 101 21.10 40.53 65.49
N PRO E 102 21.99 41.53 65.57
CA PRO E 102 22.18 42.21 66.86
C PRO E 102 20.97 42.94 67.36
N THR E 103 20.01 43.31 66.51
CA THR E 103 18.86 44.06 67.02
C THR E 103 17.96 43.21 67.91
N GLY E 104 18.02 41.89 67.77
CA GLY E 104 17.11 41.02 68.46
C GLY E 104 15.68 41.01 67.93
N GLN E 105 15.37 41.83 66.93
CA GLN E 105 13.99 41.98 66.46
C GLN E 105 13.73 40.93 65.39
N PHE E 106 13.09 39.83 65.80
CA PHE E 106 12.93 38.65 64.95
C PHE E 106 11.47 38.30 64.68
N THR E 107 10.51 39.10 65.19
CA THR E 107 9.10 38.92 64.88
C THR E 107 8.70 40.09 64.03
N SER E 108 8.03 41.10 64.58
CA SER E 108 7.86 42.36 63.88
C SER E 108 9.19 43.10 63.83
N GLY E 109 9.24 44.17 63.05
CA GLY E 109 10.43 44.99 63.00
C GLY E 109 10.47 45.92 61.82
N PRO E 110 11.49 46.79 61.80
CA PRO E 110 11.54 47.82 60.75
C PRO E 110 11.78 47.26 59.36
N PHE E 111 12.38 46.08 59.23
CA PHE E 111 12.57 45.52 57.90
C PHE E 111 11.25 45.02 57.30
N SER E 112 10.38 44.44 58.13
CA SER E 112 9.05 44.08 57.65
C SER E 112 8.30 45.32 57.20
N LYS E 113 8.36 46.40 57.97
CA LYS E 113 7.71 47.65 57.56
C LYS E 113 8.34 48.21 56.29
N LYS E 114 9.67 48.16 56.16
CA LYS E 114 10.31 48.66 54.94
C LYS E 114 9.94 47.79 53.74
N LEU E 115 9.92 46.47 53.89
CA LEU E 115 9.48 45.62 52.80
C LEU E 115 8.05 45.93 52.39
N GLU E 116 7.15 46.13 53.35
CA GLU E 116 5.76 46.43 53.00
C GLU E 116 5.66 47.72 52.20
N GLU E 117 6.51 48.71 52.52
CA GLU E 117 6.52 49.96 51.77
C GLU E 117 7.09 49.76 50.37
N VAL E 118 8.16 48.98 50.25
CA VAL E 118 8.76 48.76 48.93
C VAL E 118 7.75 48.08 48.01
N ILE E 119 7.15 47.00 48.48
CA ILE E 119 6.10 46.29 47.74
C ILE E 119 4.94 47.23 47.40
N GLY E 120 4.48 48.04 48.33
CA GLY E 120 3.43 49.00 48.07
C GLY E 120 3.67 49.96 46.93
N ASP E 121 4.84 50.56 46.91
CA ASP E 121 5.20 51.45 45.84
C ASP E 121 5.31 50.69 44.54
N TYR E 122 6.00 49.56 44.57
CA TYR E 122 6.11 48.72 43.38
C TYR E 122 4.77 48.41 42.79
N LEU E 123 3.82 48.03 43.63
CA LEU E 123 2.51 47.66 43.13
C LEU E 123 1.54 48.83 43.07
N ASN E 124 1.98 50.04 43.45
CA ASN E 124 1.12 51.22 43.54
C ASN E 124 -0.18 50.91 44.28
N LYS E 125 -0.02 50.35 45.48
CA LYS E 125 -1.15 50.07 46.35
C LYS E 125 -0.88 50.64 47.74
N LYS E 126 -1.98 51.03 48.42
CA LYS E 126 -1.85 51.82 49.63
C LYS E 126 -1.38 50.99 50.81
N TYR E 127 -1.82 49.73 50.90
CA TYR E 127 -1.63 48.93 52.11
C TYR E 127 -1.05 47.57 51.79
N VAL E 128 -0.05 47.17 52.58
CA VAL E 128 0.61 45.88 52.42
C VAL E 128 0.82 45.26 53.80
N ILE E 129 0.34 44.03 53.99
CA ILE E 129 0.68 43.22 55.15
C ILE E 129 1.60 42.10 54.67
N ALA E 130 2.87 42.15 55.08
CA ALA E 130 3.79 41.07 54.73
C ALA E 130 3.54 39.89 55.64
N THR E 131 3.45 38.70 55.03
CA THR E 131 2.97 37.51 55.72
C THR E 131 4.02 36.41 55.71
N SER E 132 3.71 35.33 56.43
CA SER E 132 4.62 34.19 56.58
C SER E 132 4.57 33.23 55.38
N SER E 133 3.58 33.36 54.49
CA SER E 133 3.56 32.64 53.22
C SER E 133 2.40 33.18 52.40
N GLY E 134 2.43 32.88 51.10
CA GLY E 134 1.29 33.19 50.25
C GLY E 134 0.04 32.43 50.65
N THR E 135 0.21 31.18 51.10
CA THR E 135 -0.94 30.42 51.56
C THR E 135 -1.60 31.11 52.74
N ASP E 136 -0.79 31.56 53.69
CA ASP E 136 -1.32 32.28 54.85
C ASP E 136 -1.97 33.60 54.44
N ALA E 137 -1.31 34.36 53.58
CA ALA E 137 -1.89 35.57 53.01
C ALA E 137 -3.27 35.31 52.43
N LEU E 138 -3.42 34.21 51.69
CA LEU E 138 -4.72 33.89 51.10
C LEU E 138 -5.76 33.60 52.18
N MET E 139 -5.41 32.74 53.15
CA MET E 139 -6.37 32.42 54.21
C MET E 139 -6.83 33.69 54.93
N VAL E 140 -5.89 34.53 55.33
CA VAL E 140 -6.21 35.77 56.04
C VAL E 140 -7.11 36.67 55.20
N SER E 141 -6.76 36.85 53.92
N SER E 141 -6.75 36.86 53.93
CA SER E 141 -7.55 37.73 53.07
CA SER E 141 -7.55 37.73 53.07
C SER E 141 -8.97 37.21 52.92
C SER E 141 -8.98 37.21 52.93
N LEU E 142 -9.13 35.90 52.76
CA LEU E 142 -10.46 35.30 52.70
C LEU E 142 -11.27 35.66 53.95
N LEU E 143 -10.64 35.57 55.13
CA LEU E 143 -11.35 35.89 56.37
C LEU E 143 -11.60 37.39 56.49
N SER E 144 -10.69 38.22 55.98
CA SER E 144 -10.91 39.65 56.11
C SER E 144 -12.11 40.12 55.29
N ILE E 145 -12.41 39.48 54.15
CA ILE E 145 -13.63 39.87 53.43
C ILE E 145 -14.88 39.24 54.03
N GLY E 146 -14.75 38.51 55.12
CA GLY E 146 -15.93 37.97 55.79
C GLY E 146 -16.38 36.61 55.34
N ILE E 147 -15.50 35.83 54.73
CA ILE E 147 -15.85 34.47 54.35
C ILE E 147 -16.16 33.67 55.61
N GLN E 148 -17.33 33.04 55.64
CA GLN E 148 -17.80 32.11 56.66
C GLN E 148 -17.84 30.69 56.10
N PRO E 149 -17.78 29.68 56.98
CA PRO E 149 -17.97 28.29 56.52
C PRO E 149 -19.23 28.14 55.66
N GLY E 150 -19.09 27.43 54.54
CA GLY E 150 -20.19 27.26 53.62
C GLY E 150 -20.27 28.29 52.50
N ASP E 151 -19.67 29.46 52.68
CA ASP E 151 -19.64 30.42 51.58
C ASP E 151 -18.86 29.82 50.40
N GLU E 152 -19.24 30.21 49.19
CA GLU E 152 -18.63 29.65 47.99
C GLU E 152 -17.60 30.62 47.44
N VAL E 153 -16.51 30.10 46.93
CA VAL E 153 -15.47 30.89 46.29
C VAL E 153 -15.20 30.29 44.91
N ILE E 154 -15.38 31.10 43.87
CA ILE E 154 -15.19 30.62 42.50
C ILE E 154 -13.71 30.70 42.15
N MET E 155 -13.14 29.59 41.67
CA MET E 155 -11.72 29.47 41.40
C MET E 155 -11.48 28.50 40.27
N PRO E 156 -10.31 28.57 39.61
CA PRO E 156 -9.96 27.53 38.65
C PRO E 156 -9.50 26.27 39.36
N ALA E 157 -9.52 25.17 38.61
CA ALA E 157 -9.12 23.85 39.09
C ALA E 157 -7.70 23.48 38.71
N ASN E 158 -6.93 24.41 38.14
CA ASN E 158 -5.60 24.07 37.65
C ASN E 158 -4.47 24.81 38.36
N SER E 159 -4.73 25.41 39.51
CA SER E 159 -3.70 26.09 40.27
C SER E 159 -2.98 25.14 41.22
N PHE E 160 -1.90 25.64 41.84
CA PHE E 160 -1.24 24.94 42.92
C PHE E 160 -2.25 24.65 44.04
N ALA E 161 -2.02 23.55 44.76
CA ALA E 161 -2.98 23.13 45.77
C ALA E 161 -3.25 24.21 46.82
N ALA E 162 -2.30 25.12 47.04
CA ALA E 162 -2.43 26.13 48.08
C ALA E 162 -3.68 26.99 47.89
N THR E 163 -4.08 27.25 46.64
CA THR E 163 -5.24 28.11 46.40
C THR E 163 -6.49 27.47 46.97
N GLU E 164 -6.77 26.25 46.53
CA GLU E 164 -7.86 25.46 47.10
C GLU E 164 -7.71 25.22 48.60
N ASN E 165 -6.47 25.04 49.09
CA ASN E 165 -6.31 24.71 50.51
C ASN E 165 -6.69 25.86 51.41
N ALA E 166 -6.36 27.10 51.01
CA ALA E 166 -6.72 28.25 51.82
C ALA E 166 -8.23 28.40 51.94
N VAL E 167 -8.96 28.15 50.85
CA VAL E 167 -10.42 28.24 50.93
C VAL E 167 -10.96 27.15 51.85
N LEU E 168 -10.44 25.92 51.74
CA LEU E 168 -10.98 24.82 52.53
C LEU E 168 -10.57 24.91 53.99
N ALA E 169 -9.39 25.46 54.28
CA ALA E 169 -8.92 25.52 55.66
C ALA E 169 -9.82 26.39 56.55
N ILE E 170 -10.55 27.33 55.98
CA ILE E 170 -11.47 28.16 56.76
C ILE E 170 -12.93 27.72 56.58
N GLY E 171 -13.15 26.49 56.09
CA GLY E 171 -14.49 25.96 56.01
C GLY E 171 -15.27 26.39 54.79
N ALA E 172 -14.64 27.09 53.85
CA ALA E 172 -15.35 27.58 52.68
C ALA E 172 -15.32 26.52 51.59
N LYS E 173 -16.14 26.74 50.56
CA LYS E 173 -16.37 25.73 49.54
C LYS E 173 -15.84 26.21 48.21
N PRO E 174 -14.77 25.60 47.69
CA PRO E 174 -14.34 25.90 46.32
C PRO E 174 -15.42 25.53 45.32
N VAL E 175 -15.64 26.41 44.35
CA VAL E 175 -16.49 26.14 43.20
C VAL E 175 -15.65 26.40 41.95
N PHE E 176 -15.42 25.34 41.18
CA PHE E 176 -14.44 25.41 40.10
C PHE E 176 -15.09 25.85 38.80
N VAL E 177 -14.41 26.73 38.08
CA VAL E 177 -14.88 27.23 36.80
C VAL E 177 -13.81 26.97 35.75
N ASP E 178 -14.24 26.67 34.52
CA ASP E 178 -13.33 26.26 33.45
C ASP E 178 -12.41 27.40 33.04
N ILE E 179 -11.26 27.03 32.45
CA ILE E 179 -10.30 28.01 31.98
C ILE E 179 -10.65 28.48 30.58
N ASP E 180 -9.99 29.54 30.15
CA ASP E 180 -10.06 30.03 28.78
C ASP E 180 -9.24 29.12 27.86
N HIS E 181 -9.35 29.35 26.56
CA HIS E 181 -8.57 28.57 25.61
C HIS E 181 -7.48 29.42 24.96
N LYS E 182 -6.70 30.13 25.77
CA LYS E 182 -5.66 31.01 25.24
C LYS E 182 -4.71 31.49 26.33
N SER E 183 -4.96 31.07 27.59
CA SER E 183 -4.28 31.74 28.69
C SER E 183 -3.95 30.84 29.87
N TYR E 184 -4.64 29.70 30.01
CA TYR E 184 -4.66 28.86 31.21
C TYR E 184 -5.35 29.55 32.39
N CYS E 185 -6.02 30.67 32.15
CA CYS E 185 -6.66 31.46 33.20
C CYS E 185 -8.16 31.26 33.20
N ILE E 186 -8.76 31.51 34.37
CA ILE E 186 -10.19 31.33 34.54
C ILE E 186 -10.95 32.12 33.49
N ASP E 187 -11.98 31.49 32.91
CA ASP E 187 -12.75 32.05 31.80
C ASP E 187 -13.81 33.00 32.32
N PRO E 188 -13.68 34.30 32.07
CA PRO E 188 -14.73 35.24 32.50
C PRO E 188 -16.14 34.78 32.20
N LEU E 189 -16.41 34.26 31.00
CA LEU E 189 -17.79 33.97 30.59
C LEU E 189 -18.40 32.85 31.43
N LYS E 190 -17.59 31.90 31.89
CA LYS E 190 -18.13 30.81 32.69
C LYS E 190 -18.33 31.21 34.16
N ILE E 191 -17.96 32.43 34.54
CA ILE E 191 -18.00 32.82 35.95
C ILE E 191 -19.43 32.98 36.42
N GLU E 192 -20.22 33.79 35.72
CA GLU E 192 -21.57 34.09 36.20
C GLU E 192 -22.44 32.85 36.21
N GLU E 193 -22.22 31.91 35.28
CA GLU E 193 -22.93 30.64 35.30
C GLU E 193 -22.89 30.00 36.68
N ALA E 194 -21.76 30.14 37.37
CA ALA E 194 -21.49 29.43 38.62
C ALA E 194 -21.82 30.25 39.86
N ILE E 195 -22.26 31.50 39.71
CA ILE E 195 -22.62 32.32 40.86
C ILE E 195 -23.94 31.80 41.44
N THR E 196 -23.93 31.54 42.75
CA THR E 196 -25.15 31.15 43.44
C THR E 196 -25.43 32.18 44.52
N GLN E 197 -26.45 31.90 45.34
CA GLN E 197 -26.73 32.77 46.47
C GLN E 197 -25.55 32.81 47.44
N LYS E 198 -24.76 31.75 47.50
CA LYS E 198 -23.71 31.68 48.52
C LYS E 198 -22.38 32.23 48.05
N THR E 199 -22.28 32.67 46.78
CA THR E 199 -21.03 33.19 46.27
C THR E 199 -20.65 34.45 47.03
N LYS E 200 -19.40 34.54 47.48
CA LYS E 200 -18.91 35.74 48.13
C LYS E 200 -17.63 36.28 47.51
N CYS E 201 -16.94 35.50 46.70
CA CYS E 201 -15.61 35.86 46.25
C CYS E 201 -15.33 35.14 44.94
N ILE E 202 -14.65 35.83 44.03
CA ILE E 202 -14.03 35.23 42.86
C ILE E 202 -12.52 35.25 43.09
N LEU E 203 -11.89 34.09 42.90
CA LEU E 203 -10.46 33.90 43.16
C LEU E 203 -9.74 33.55 41.86
N PRO E 204 -9.43 34.54 41.03
CA PRO E 204 -8.66 34.26 39.82
C PRO E 204 -7.19 34.07 40.14
N VAL E 205 -6.55 33.21 39.34
CA VAL E 205 -5.14 32.86 39.52
C VAL E 205 -4.37 33.32 38.29
N HIS E 206 -3.32 34.11 38.52
CA HIS E 206 -2.47 34.56 37.40
C HIS E 206 -1.43 33.48 37.15
N LEU E 207 -1.89 32.42 36.50
CA LEU E 207 -1.12 31.19 36.44
C LEU E 207 0.09 31.35 35.51
N TYR E 208 1.24 30.87 35.98
CA TYR E 208 2.51 30.77 35.25
C TYR E 208 3.17 32.12 35.07
N GLY E 209 2.58 33.19 35.61
CA GLY E 209 3.12 34.53 35.50
C GLY E 209 2.32 35.42 34.60
N LYS E 210 1.19 34.94 34.08
CA LYS E 210 0.39 35.65 33.11
C LYS E 210 -0.89 36.12 33.80
N GLN E 211 -1.35 37.32 33.50
CA GLN E 211 -2.55 37.82 34.15
C GLN E 211 -3.81 37.28 33.49
N CYS E 212 -4.84 37.02 34.29
CA CYS E 212 -6.20 36.79 33.80
C CYS E 212 -6.77 38.09 33.22
N ASP E 213 -7.87 37.95 32.47
CA ASP E 213 -8.59 39.12 31.96
C ASP E 213 -9.39 39.70 33.12
N MET E 214 -8.71 40.51 33.92
CA MET E 214 -9.33 41.00 35.15
C MET E 214 -10.44 42.01 34.88
N LYS E 215 -10.34 42.76 33.79
CA LYS E 215 -11.34 43.79 33.51
C LYS E 215 -12.75 43.20 33.43
N ARG E 216 -12.91 42.08 32.74
CA ARG E 216 -14.24 41.49 32.61
C ARG E 216 -14.69 40.86 33.93
N ILE E 217 -13.76 40.25 34.66
CA ILE E 217 -14.10 39.66 35.94
C ILE E 217 -14.62 40.72 36.90
N ARG E 218 -14.02 41.91 36.89
CA ARG E 218 -14.51 43.00 37.72
C ARG E 218 -15.90 43.45 37.29
N GLU E 219 -16.17 43.48 35.98
CA GLU E 219 -17.51 43.77 35.50
C GLU E 219 -18.52 42.81 36.13
N ILE E 220 -18.25 41.51 36.02
CA ILE E 220 -19.14 40.51 36.63
C ILE E 220 -19.20 40.70 38.15
N ALA E 221 -18.05 41.02 38.76
CA ALA E 221 -18.00 41.16 40.21
C ALA E 221 -18.91 42.28 40.70
N ASP E 222 -18.98 43.38 39.96
CA ASP E 222 -19.79 44.51 40.39
C ASP E 222 -21.27 44.28 40.15
N VAL E 223 -21.63 43.48 39.14
CA VAL E 223 -23.04 43.18 38.92
C VAL E 223 -23.58 42.37 40.09
N TYR E 224 -22.78 41.40 40.58
CA TYR E 224 -23.21 40.49 41.64
C TYR E 224 -22.70 40.88 43.02
N GLN E 225 -21.97 41.99 43.13
CA GLN E 225 -21.53 42.50 44.44
C GLN E 225 -20.61 41.48 45.15
N LEU E 226 -19.71 40.88 44.37
CA LEU E 226 -18.75 39.91 44.90
C LEU E 226 -17.39 40.58 45.09
N ARG E 227 -16.60 40.01 45.99
CA ARG E 227 -15.22 40.45 46.15
C ARG E 227 -14.32 39.69 45.18
N ILE E 228 -13.21 40.32 44.83
CA ILE E 228 -12.16 39.67 44.02
C ILE E 228 -10.89 39.63 44.85
N ILE E 229 -10.38 38.42 45.10
CA ILE E 229 -9.05 38.24 45.67
C ILE E 229 -8.19 37.56 44.62
N GLU E 230 -7.11 38.22 44.22
CA GLU E 230 -6.27 37.76 43.10
C GLU E 230 -5.09 36.96 43.63
N ASP E 231 -4.99 35.71 43.20
CA ASP E 231 -3.80 34.91 43.53
C ASP E 231 -2.73 35.26 42.52
N ALA E 232 -1.89 36.23 42.87
CA ALA E 232 -0.75 36.64 42.06
C ALA E 232 0.55 36.09 42.63
N CYS E 233 0.50 34.92 43.26
CA CYS E 233 1.72 34.35 43.83
C CYS E 233 2.76 34.00 42.77
N GLN E 234 2.39 33.95 41.49
CA GLN E 234 3.36 33.63 40.47
C GLN E 234 3.69 34.81 39.58
N ALA E 235 3.17 36.00 39.90
CA ALA E 235 3.05 37.03 38.89
C ALA E 235 3.67 38.36 39.30
N ILE E 236 4.56 38.37 40.29
CA ILE E 236 5.09 39.66 40.72
C ILE E 236 5.90 40.28 39.57
N GLY E 237 5.76 41.59 39.40
CA GLY E 237 6.40 42.32 38.31
C GLY E 237 5.50 42.56 37.12
N SER E 238 4.36 41.89 37.06
CA SER E 238 3.43 42.04 35.95
C SER E 238 2.83 43.45 35.97
N SER E 239 2.90 44.13 34.81
CA SER E 239 2.45 45.51 34.72
C SER E 239 0.98 45.62 35.10
N ASN E 240 0.67 46.63 35.92
CA ASN E 240 -0.69 46.93 36.36
C ASN E 240 -1.33 45.76 37.10
N LEU E 241 -0.52 45.05 37.89
CA LEU E 241 -1.05 43.98 38.72
C LEU E 241 -2.01 44.54 39.76
N GLY E 242 -3.21 43.95 39.82
CA GLY E 242 -4.16 44.28 40.86
C GLY E 242 -5.02 45.49 40.62
N GLU E 243 -5.06 46.03 39.40
CA GLU E 243 -5.84 47.22 39.11
C GLU E 243 -7.30 47.05 39.49
N TYR E 244 -7.85 45.86 39.28
CA TYR E 244 -9.27 45.62 39.46
C TYR E 244 -9.59 44.80 40.69
N GLY E 245 -8.59 44.37 41.44
CA GLY E 245 -8.81 43.46 42.54
C GLY E 245 -9.13 44.18 43.84
N ASP E 246 -9.94 43.53 44.69
CA ASP E 246 -10.06 44.04 46.05
C ASP E 246 -8.77 43.82 46.82
N ILE E 247 -8.23 42.61 46.74
CA ILE E 247 -7.02 42.20 47.44
C ILE E 247 -6.14 41.44 46.46
N ILE E 248 -4.82 41.64 46.53
CA ILE E 248 -3.88 40.86 45.74
C ILE E 248 -2.98 40.06 46.69
N ILE E 249 -2.81 38.76 46.38
CA ILE E 249 -1.95 37.85 47.15
C ILE E 249 -0.62 37.67 46.43
N LEU E 250 0.48 37.92 47.14
CA LEU E 250 1.82 37.63 46.68
C LEU E 250 2.45 36.51 47.50
N SER E 251 3.38 35.80 46.89
CA SER E 251 4.22 34.82 47.59
C SER E 251 5.67 35.16 47.32
N PHE E 252 6.49 35.15 48.37
CA PHE E 252 7.93 35.31 48.22
C PHE E 252 8.66 34.01 48.54
N ASN E 253 8.03 32.85 48.28
CA ASN E 253 8.72 31.60 48.54
C ASN E 253 9.94 31.51 47.61
N PRO E 254 10.94 30.71 47.97
CA PRO E 254 12.25 30.84 47.31
C PRO E 254 12.25 30.51 45.83
N TYR E 255 11.15 29.98 45.30
N TYR E 255 11.16 29.90 45.34
CA TYR E 255 11.17 29.49 43.94
CA TYR E 255 11.07 29.44 43.96
C TYR E 255 10.28 30.37 43.06
C TYR E 255 10.49 30.51 43.04
N LYS E 256 9.77 31.46 43.64
CA LYS E 256 8.98 32.43 42.87
C LYS E 256 9.93 33.41 42.15
N ASN E 257 9.42 34.26 41.24
CA ASN E 257 10.31 35.16 40.50
C ASN E 257 11.13 36.03 41.46
N PHE E 258 10.52 36.41 42.59
CA PHE E 258 11.22 37.04 43.71
C PHE E 258 10.97 36.19 44.96
N GLY E 259 12.04 35.77 45.62
CA GLY E 259 11.92 34.98 46.82
C GLY E 259 12.80 35.48 47.94
N VAL E 260 12.41 35.14 49.17
CA VAL E 260 13.29 35.34 50.33
C VAL E 260 14.06 34.04 50.54
N CYS E 261 14.57 33.81 51.75
CA CYS E 261 15.29 32.56 52.00
C CYS E 261 14.53 31.71 53.02
N GLY E 262 13.30 31.36 52.67
CA GLY E 262 12.34 30.81 53.61
C GLY E 262 10.97 31.10 53.06
N LYS E 263 9.96 31.04 53.93
CA LYS E 263 8.59 31.26 53.52
C LYS E 263 8.17 32.68 53.85
N ALA E 264 7.36 33.28 52.96
CA ALA E 264 6.91 34.65 53.07
C ALA E 264 5.92 34.95 51.95
N GLY E 265 5.07 35.95 52.19
CA GLY E 265 4.10 36.40 51.21
C GLY E 265 3.65 37.81 51.54
N ALA E 266 2.58 38.25 50.88
CA ALA E 266 2.02 39.55 51.21
C ALA E 266 0.56 39.64 50.80
N ILE E 267 -0.15 40.50 51.52
CA ILE E 267 -1.49 40.94 51.19
C ILE E 267 -1.39 42.40 50.77
N VAL E 268 -2.01 42.73 49.64
CA VAL E 268 -1.91 44.05 49.05
C VAL E 268 -3.31 44.56 48.71
N THR E 269 -3.64 45.79 49.15
CA THR E 269 -4.98 46.34 48.95
C THR E 269 -4.95 47.86 49.11
N ASN E 270 -5.90 48.54 48.45
CA ASN E 270 -6.14 49.96 48.67
C ASN E 270 -7.24 50.22 49.70
N ASN E 271 -7.86 49.15 50.20
CA ASN E 271 -9.07 49.20 51.03
C ASN E 271 -8.65 49.11 52.49
N GLU E 272 -8.75 50.24 53.22
CA GLU E 272 -8.17 50.28 54.56
C GLU E 272 -8.92 49.38 55.54
N ASN E 273 -10.25 49.27 55.39
CA ASN E 273 -11.00 48.35 56.24
C ASN E 273 -10.48 46.93 56.08
N LEU E 274 -10.32 46.47 54.84
CA LEU E 274 -9.79 45.13 54.62
C LEU E 274 -8.36 45.03 55.15
N ALA E 275 -7.55 46.08 54.95
CA ALA E 275 -6.16 46.02 55.39
C ALA E 275 -6.04 45.85 56.89
N ILE E 276 -6.86 46.58 57.66
CA ILE E 276 -6.82 46.48 59.10
C ILE E 276 -7.23 45.08 59.57
N ARG E 277 -8.34 44.54 59.03
CA ARG E 277 -8.73 43.18 59.35
C ARG E 277 -7.63 42.18 58.99
N CYS E 278 -7.00 42.34 57.82
CA CYS E 278 -5.91 41.43 57.45
C CYS E 278 -4.80 41.49 58.47
N ASN E 279 -4.41 42.69 58.88
CA ASN E 279 -3.37 42.84 59.89
C ASN E 279 -3.79 42.13 61.18
N GLN E 280 -5.05 42.27 61.59
CA GLN E 280 -5.52 41.67 62.83
C GLN E 280 -5.54 40.14 62.74
N TYR E 281 -6.21 39.59 61.71
CA TYR E 281 -6.25 38.14 61.53
C TYR E 281 -4.86 37.52 61.37
N SER E 282 -3.91 38.27 60.80
CA SER E 282 -2.60 37.70 60.56
C SER E 282 -1.75 37.62 61.83
N TYR E 283 -2.24 38.17 62.96
CA TYR E 283 -1.53 38.14 64.22
C TYR E 283 -2.54 38.00 65.37
N HIS E 284 -3.15 36.82 65.45
CA HIS E 284 -3.89 36.35 66.62
C HIS E 284 -5.18 37.10 66.92
N GLY E 285 -5.68 37.89 65.98
CA GLY E 285 -6.83 38.71 66.27
C GLY E 285 -6.52 39.97 67.05
N PHE E 286 -5.25 40.18 67.44
CA PHE E 286 -4.92 41.35 68.23
C PHE E 286 -5.24 42.64 67.48
N GLU E 287 -5.65 43.66 68.22
CA GLU E 287 -5.68 44.99 67.65
C GLU E 287 -4.27 45.39 67.23
N VAL E 288 -4.17 46.10 66.10
CA VAL E 288 -2.87 46.44 65.53
C VAL E 288 -2.02 47.12 66.59
N ASP E 289 -0.80 46.64 66.76
CA ASP E 289 0.17 47.20 67.71
C ASP E 289 -0.32 47.12 69.15
N LYS E 290 -1.23 46.19 69.44
CA LYS E 290 -1.75 45.96 70.78
C LYS E 290 -1.67 44.46 71.06
N LYS E 291 -0.46 43.97 71.31
CA LYS E 291 -0.24 42.56 71.58
C LYS E 291 -1.04 42.12 72.80
N ASN E 292 -1.57 40.89 72.73
CA ASN E 292 -2.34 40.21 73.76
C ASN E 292 -3.74 40.76 73.93
N LYS E 293 -4.16 41.69 73.07
CA LYS E 293 -5.46 42.35 73.22
C LYS E 293 -6.29 42.08 71.95
N LYS E 294 -7.20 41.13 72.04
CA LYS E 294 -7.93 40.68 70.86
C LYS E 294 -9.09 41.61 70.56
N VAL E 295 -9.32 41.84 69.26
CA VAL E 295 -10.54 42.49 68.79
C VAL E 295 -11.34 41.57 67.88
N LEU E 296 -10.68 40.75 67.08
CA LEU E 296 -11.35 39.72 66.30
C LEU E 296 -11.41 38.42 67.08
N ASP E 297 -12.34 37.55 66.69
CA ASP E 297 -12.56 36.32 67.46
C ASP E 297 -11.27 35.52 67.60
N PHE E 298 -10.43 35.51 66.56
CA PHE E 298 -9.21 34.72 66.53
C PHE E 298 -8.30 35.24 65.43
N GLY E 299 -7.13 34.65 65.34
CA GLY E 299 -6.19 34.99 64.28
C GLY E 299 -5.14 33.91 64.23
N PHE E 300 -4.24 34.06 63.25
CA PHE E 300 -3.10 33.18 63.07
C PHE E 300 -1.83 33.88 63.52
N ASN E 301 -0.74 33.14 63.51
CA ASN E 301 0.59 33.71 63.71
C ASN E 301 1.26 33.75 62.33
N SER E 302 0.91 34.76 61.53
CA SER E 302 1.15 34.74 60.08
C SER E 302 1.74 36.03 59.55
N LYS E 303 2.43 36.81 60.36
CA LYS E 303 3.21 37.88 59.78
C LYS E 303 4.58 37.33 59.32
N ILE E 304 5.21 38.07 58.40
CA ILE E 304 6.57 37.72 57.98
C ILE E 304 7.53 37.87 59.15
N ASP E 305 8.57 37.04 59.17
CA ASP E 305 9.75 37.25 60.03
C ASP E 305 10.53 38.51 59.60
N ASN E 306 10.85 39.39 60.55
CA ASN E 306 11.70 40.56 60.29
C ASN E 306 13.00 40.17 59.60
N LEU E 307 13.58 39.02 59.99
CA LEU E 307 14.80 38.55 59.35
C LEU E 307 14.56 38.20 57.87
N GLN E 308 13.44 37.54 57.56
CA GLN E 308 13.16 37.28 56.15
C GLN E 308 12.83 38.54 55.41
N ALA E 309 12.22 39.52 56.07
CA ALA E 309 11.97 40.78 55.40
C ALA E 309 13.27 41.45 55.01
N ALA E 310 14.25 41.44 55.92
CA ALA E 310 15.57 41.97 55.62
C ALA E 310 16.21 41.21 54.45
N ILE E 311 16.15 39.87 54.48
CA ILE E 311 16.69 39.12 53.34
C ILE E 311 15.96 39.53 52.06
N GLY E 312 14.63 39.66 52.14
CA GLY E 312 13.85 40.07 50.97
C GLY E 312 14.28 41.41 50.39
N LEU E 313 14.56 42.38 51.25
CA LEU E 313 15.02 43.68 50.77
C LEU E 313 16.34 43.54 50.02
N GLU E 314 17.15 42.54 50.35
CA GLU E 314 18.37 42.31 49.58
C GLU E 314 18.07 41.58 48.27
N ARG E 315 17.22 40.55 48.32
CA ARG E 315 17.06 39.76 47.10
C ARG E 315 16.19 40.44 46.07
N ILE E 316 15.31 41.35 46.50
CA ILE E 316 14.38 41.98 45.58
C ILE E 316 15.16 42.89 44.63
N LYS E 317 16.38 43.26 45.02
CA LYS E 317 17.23 44.03 44.13
C LYS E 317 17.42 43.35 42.78
N PHE E 318 17.23 42.05 42.70
CA PHE E 318 17.46 41.33 41.46
C PHE E 318 16.19 41.09 40.68
N LEU E 319 15.06 41.64 41.13
CA LEU E 319 13.77 41.25 40.59
C LEU E 319 13.61 41.63 39.12
N SER E 320 13.74 42.93 38.82
CA SER E 320 13.53 43.38 37.45
C SER E 320 14.54 42.77 36.49
N TYR E 321 15.81 42.68 36.92
CA TYR E 321 16.86 42.07 36.12
C TYR E 321 16.58 40.60 35.86
N ASN E 322 16.16 39.85 36.88
CA ASN E 322 15.86 38.45 36.69
C ASN E 322 14.64 38.28 35.80
N ASN E 323 13.66 39.16 35.94
CA ASN E 323 12.50 39.08 35.07
C ASN E 323 12.91 39.38 33.62
N LEU E 324 13.94 40.21 33.43
CA LEU E 324 14.45 40.50 32.10
C LEU E 324 15.09 39.27 31.47
N LYS E 325 15.90 38.56 32.23
CA LYS E 325 16.46 37.31 31.72
C LYS E 325 15.36 36.32 31.38
N ARG E 326 14.34 36.22 32.23
CA ARG E 326 13.23 35.30 31.96
C ARG E 326 12.51 35.61 30.65
N VAL E 327 12.21 36.89 30.39
CA VAL E 327 11.51 37.18 29.13
C VAL E 327 12.41 36.92 27.92
N PHE E 328 13.72 37.16 28.05
CA PHE E 328 14.63 36.84 26.95
C PHE E 328 14.60 35.34 26.66
N LEU E 329 14.56 34.52 27.71
CA LEU E 329 14.56 33.08 27.54
C LEU E 329 13.24 32.58 26.95
N ALA E 330 12.11 33.16 27.39
CA ALA E 330 10.82 32.81 26.82
C ALA E 330 10.78 33.15 25.33
N GLN E 331 11.21 34.36 24.98
CA GLN E 331 11.24 34.75 23.57
C GLN E 331 12.14 33.81 22.77
N ARG E 332 13.21 33.33 23.38
CA ARG E 332 14.15 32.47 22.66
C ARG E 332 13.54 31.10 22.43
N TYR E 333 12.83 30.56 23.44
CA TYR E 333 12.06 29.35 23.22
C TYR E 333 11.05 29.54 22.09
N ILE E 334 10.22 30.59 22.17
CA ILE E 334 9.18 30.79 21.17
C ILE E 334 9.78 30.86 19.77
N ARG E 335 10.82 31.66 19.60
CA ARG E 335 11.36 31.88 18.26
C ARG E 335 11.94 30.59 17.70
N ASN E 336 12.66 29.83 18.51
CA ASN E 336 13.36 28.64 18.03
C ASN E 336 12.50 27.40 18.02
N LEU E 337 11.27 27.46 18.53
CA LEU E 337 10.35 26.34 18.43
C LEU E 337 9.23 26.59 17.42
N LYS E 338 9.21 27.78 16.80
CA LYS E 338 8.09 28.22 15.96
C LYS E 338 7.74 27.20 14.88
N GLU E 339 8.72 26.45 14.41
CA GLU E 339 8.46 25.52 13.30
C GLU E 339 7.71 24.30 13.78
N LEU E 340 7.86 23.92 15.05
CA LEU E 340 7.06 22.82 15.57
C LEU E 340 5.59 23.21 15.64
N GLU E 341 5.34 24.50 15.93
CA GLU E 341 3.99 25.04 15.90
C GLU E 341 3.48 25.12 14.47
N ASP E 342 4.31 25.65 13.56
CA ASP E 342 4.02 25.58 12.13
C ASP E 342 3.56 24.20 11.73
N ARG E 343 4.34 23.18 12.07
CA ARG E 343 4.03 21.81 11.70
C ARG E 343 2.91 21.21 12.54
N GLU E 344 2.31 22.01 13.42
CA GLU E 344 1.10 21.65 14.16
C GLU E 344 1.36 20.51 15.16
N LEU E 345 2.57 20.46 15.71
CA LEU E 345 2.90 19.46 16.71
C LEU E 345 2.77 20.01 18.12
N ILE E 346 3.01 21.31 18.29
CA ILE E 346 2.91 21.99 19.58
C ILE E 346 2.18 23.31 19.39
N LYS E 347 1.72 23.85 20.50
CA LYS E 347 1.24 25.21 20.58
C LYS E 347 2.14 25.96 21.55
N LEU E 348 2.62 27.10 21.12
CA LEU E 348 3.54 27.90 21.90
C LEU E 348 2.80 29.02 22.60
N PRO E 349 3.47 29.55 23.69
CA PRO E 349 2.86 30.74 24.25
C PRO E 349 3.17 31.93 23.35
N ARG E 350 2.42 33.01 23.51
CA ARG E 350 2.69 34.21 22.76
C ARG E 350 3.25 35.27 23.65
N MET E 351 4.19 36.03 23.14
CA MET E 351 4.72 37.14 23.88
C MET E 351 3.72 38.22 24.18
N THR E 352 3.51 38.52 25.46
CA THR E 352 2.64 39.61 25.86
C THR E 352 3.33 40.46 26.91
N GLU E 353 2.83 41.69 27.05
CA GLU E 353 3.45 42.70 27.91
C GLU E 353 3.31 42.37 29.41
N ASP E 354 2.37 41.51 29.80
CA ASP E 354 2.05 41.30 31.21
C ASP E 354 2.70 40.04 31.82
N ASN E 355 3.20 39.13 30.99
CA ASN E 355 3.73 37.84 31.46
C ASN E 355 5.11 38.03 32.09
N VAL E 356 5.29 37.55 33.32
CA VAL E 356 6.60 37.55 33.97
C VAL E 356 7.31 36.19 33.84
N TRP E 357 6.70 35.22 33.16
CA TRP E 357 7.40 33.99 32.75
C TRP E 357 7.98 33.26 33.96
N HIS E 358 7.15 33.10 34.97
CA HIS E 358 7.51 32.23 36.09
C HIS E 358 7.68 30.80 35.62
N LEU E 359 6.73 30.31 34.81
CA LEU E 359 6.81 29.01 34.16
C LEU E 359 6.58 29.20 32.66
N PHE E 360 7.12 28.29 31.85
CA PHE E 360 7.00 28.38 30.39
C PHE E 360 6.17 27.23 29.85
N PRO E 361 4.87 27.43 29.60
CA PRO E 361 4.04 26.31 29.15
C PRO E 361 3.98 26.15 27.63
N ILE E 362 4.11 24.93 27.13
CA ILE E 362 3.69 24.62 25.77
C ILE E 362 2.65 23.52 25.85
N ARG E 363 1.87 23.38 24.78
CA ARG E 363 0.93 22.27 24.62
C ARG E 363 1.46 21.33 23.55
N ILE E 364 1.53 20.05 23.87
CA ILE E 364 1.88 19.01 22.92
C ILE E 364 0.56 18.37 22.47
N ILE E 365 0.20 18.56 21.21
CA ILE E 365 -1.10 18.14 20.70
C ILE E 365 -1.00 16.71 20.19
N ASN E 366 -2.13 16.14 19.77
CA ASN E 366 -2.19 14.82 19.17
C ASN E 366 -1.94 13.72 20.18
N GLY E 367 -2.14 14.04 21.45
CA GLY E 367 -1.90 13.06 22.49
C GLY E 367 -0.45 12.74 22.75
N ARG E 368 0.50 13.51 22.22
CA ARG E 368 1.89 13.12 22.28
C ARG E 368 2.61 13.67 23.52
N ARG E 369 1.90 14.28 24.47
CA ARG E 369 2.58 14.97 25.58
C ARG E 369 3.39 13.99 26.43
N ASP E 370 2.77 12.89 26.86
CA ASP E 370 3.47 11.90 27.67
C ASP E 370 4.70 11.33 26.95
N GLU E 371 4.55 11.00 25.67
CA GLU E 371 5.67 10.44 24.92
C GLU E 371 6.82 11.44 24.82
N VAL E 372 6.51 12.71 24.53
CA VAL E 372 7.57 13.71 24.42
C VAL E 372 8.24 13.91 25.77
N LYS E 373 7.44 14.09 26.82
CA LYS E 373 7.99 14.28 28.16
C LYS E 373 8.91 13.12 28.53
N ASN E 374 8.43 11.88 28.37
CA ASN E 374 9.22 10.71 28.77
C ASN E 374 10.47 10.56 27.91
N LYS E 375 10.36 10.83 26.60
CA LYS E 375 11.54 10.71 25.73
C LYS E 375 12.58 11.78 26.03
N LEU E 376 12.14 13.01 26.30
CA LEU E 376 13.10 14.07 26.61
C LEU E 376 13.91 13.72 27.85
N TYR E 377 13.27 13.13 28.86
CA TYR E 377 14.03 12.73 30.03
C TYR E 377 14.85 11.47 29.76
N GLN E 378 14.20 10.43 29.23
CA GLN E 378 14.88 9.16 29.10
C GLN E 378 15.92 9.17 27.98
N LEU E 379 15.61 9.77 26.83
CA LEU E 379 16.54 9.78 25.71
C LEU E 379 17.51 10.96 25.76
N TYR E 380 17.02 12.16 26.12
CA TYR E 380 17.83 13.36 26.01
C TYR E 380 18.26 13.93 27.35
N ASN E 381 17.96 13.26 28.47
CA ASN E 381 18.40 13.71 29.80
C ASN E 381 17.86 15.12 30.10
N ILE E 382 16.65 15.40 29.66
CA ILE E 382 16.03 16.70 29.85
C ILE E 382 14.82 16.50 30.75
N GLU E 383 14.91 17.06 31.94
CA GLU E 383 13.74 17.13 32.82
C GLU E 383 12.77 18.20 32.34
N THR E 384 11.52 17.81 32.16
CA THR E 384 10.43 18.76 32.04
C THR E 384 9.43 18.44 33.14
N ASP E 385 8.50 19.35 33.37
CA ASP E 385 7.55 19.14 34.45
C ASP E 385 6.15 19.52 33.99
N ILE E 386 5.16 19.03 34.73
CA ILE E 386 3.75 19.35 34.53
C ILE E 386 3.29 20.04 35.82
N TYR E 387 3.17 21.36 35.79
CA TYR E 387 2.58 22.17 36.86
C TYR E 387 1.12 22.42 36.50
N TYR E 388 0.19 21.59 36.98
CA TYR E 388 0.39 20.60 38.06
C TYR E 388 -0.17 19.23 37.68
N PRO E 389 0.42 18.16 38.23
CA PRO E 389 0.09 16.81 37.74
C PRO E 389 -1.34 16.39 38.02
N VAL E 390 -2.04 16.98 38.99
CA VAL E 390 -3.42 16.59 39.30
C VAL E 390 -4.29 17.83 39.40
N LEU E 391 -5.47 17.77 38.78
CA LEU E 391 -6.42 18.87 38.82
C LEU E 391 -7.24 18.80 40.12
N SER E 392 -7.76 19.96 40.54
CA SER E 392 -8.30 20.08 41.89
C SER E 392 -9.52 19.18 42.09
N HIS E 393 -10.32 18.99 41.04
CA HIS E 393 -11.51 18.16 41.14
C HIS E 393 -11.21 16.68 40.92
N LYS E 394 -9.92 16.32 40.84
CA LYS E 394 -9.50 14.96 40.52
C LYS E 394 -8.60 14.35 41.59
N HIS E 395 -8.42 15.02 42.73
CA HIS E 395 -7.55 14.46 43.76
C HIS E 395 -8.17 13.25 44.43
N ASN E 396 -7.32 12.31 44.82
CA ASN E 396 -7.74 11.04 45.40
C ASN E 396 -7.96 11.22 46.91
N THR E 397 -9.00 11.98 47.24
CA THR E 397 -9.31 12.29 48.63
C THR E 397 -10.81 12.20 48.85
N LYS E 398 -11.19 12.00 50.13
CA LYS E 398 -12.60 11.94 50.50
C LYS E 398 -13.34 13.19 50.08
N LEU E 399 -12.64 14.33 50.07
CA LEU E 399 -13.22 15.61 49.67
C LEU E 399 -13.78 15.55 48.24
N VAL E 400 -12.97 15.05 47.31
CA VAL E 400 -13.33 15.08 45.89
C VAL E 400 -14.47 14.12 45.59
N LYS E 401 -14.53 12.98 46.31
CA LYS E 401 -15.58 11.99 46.06
C LYS E 401 -16.95 12.52 46.46
N LYS E 402 -17.02 13.29 47.55
CA LYS E 402 -18.31 13.74 48.06
C LYS E 402 -18.81 15.00 47.37
N ASN E 403 -17.93 15.81 46.77
CA ASN E 403 -18.31 17.08 46.16
C ASN E 403 -18.01 17.18 44.68
N TYR E 404 -16.84 16.73 44.23
CA TYR E 404 -16.39 16.96 42.86
C TYR E 404 -16.21 15.62 42.14
N MET E 405 -17.32 14.90 41.95
CA MET E 405 -17.36 13.78 41.03
C MET E 405 -18.15 14.10 39.76
N GLN E 406 -19.14 14.99 39.87
CA GLN E 406 -19.91 15.46 38.73
C GLN E 406 -19.17 16.52 37.93
N ASP E 407 -18.18 17.19 38.54
CA ASP E 407 -17.47 18.29 37.91
C ASP E 407 -16.84 17.88 36.58
N THR E 408 -17.23 18.57 35.52
CA THR E 408 -16.59 18.44 34.22
C THR E 408 -16.15 19.84 33.77
N LEU E 409 -14.85 20.00 33.57
CA LEU E 409 -14.22 21.25 33.15
C LEU E 409 -13.49 20.91 31.86
N LEU E 410 -14.17 21.07 30.72
CA LEU E 410 -13.69 20.52 29.46
C LEU E 410 -12.32 21.07 29.08
N ASN E 411 -12.21 22.40 28.99
CA ASN E 411 -10.94 23.00 28.59
C ASN E 411 -9.83 22.67 29.57
N THR E 412 -10.10 22.77 30.87
CA THR E 412 -9.07 22.45 31.85
C THR E 412 -8.57 21.02 31.66
N GLU E 413 -9.49 20.08 31.48
CA GLU E 413 -9.10 18.68 31.34
C GLU E 413 -8.35 18.42 30.04
N GLN E 414 -8.79 19.05 28.95
CA GLN E 414 -8.10 18.86 27.66
C GLN E 414 -6.72 19.50 27.68
N VAL E 415 -6.60 20.70 28.24
CA VAL E 415 -5.29 21.35 28.33
C VAL E 415 -4.36 20.56 29.25
N HIS E 416 -4.92 19.93 30.29
CA HIS E 416 -4.09 19.18 31.23
C HIS E 416 -3.45 17.98 30.56
N LYS E 417 -4.11 17.42 29.54
CA LYS E 417 -3.58 16.31 28.76
C LYS E 417 -2.44 16.71 27.84
N GLU E 418 -2.29 18.01 27.54
CA GLU E 418 -1.32 18.49 26.57
C GLU E 418 -0.20 19.34 27.17
N ILE E 419 -0.44 19.97 28.32
CA ILE E 419 0.50 20.96 28.81
C ILE E 419 1.84 20.31 29.16
N LEU E 420 2.91 21.07 28.96
CA LEU E 420 4.26 20.70 29.36
C LEU E 420 5.04 21.98 29.63
N HIS E 421 5.78 22.00 30.72
CA HIS E 421 6.54 23.17 31.12
C HIS E 421 8.01 22.90 30.85
N LEU E 422 8.70 23.88 30.23
CA LEU E 422 10.10 23.71 29.91
C LEU E 422 10.98 24.46 30.90
N PRO E 423 12.20 23.96 31.14
CA PRO E 423 13.11 24.66 32.06
C PRO E 423 13.27 26.12 31.70
N LEU E 424 13.12 26.98 32.70
CA LEU E 424 13.24 28.43 32.49
C LEU E 424 13.48 29.04 33.86
N HIS E 425 14.70 29.49 34.10
CA HIS E 425 14.99 30.20 35.33
C HIS E 425 16.09 31.18 35.00
N PRO E 426 16.17 32.30 35.71
CA PRO E 426 17.02 33.40 35.25
C PRO E 426 18.51 33.12 35.32
N ASN E 427 18.96 32.09 36.01
CA ASN E 427 20.39 31.77 36.04
C ASN E 427 20.76 30.63 35.10
N MET E 428 19.83 30.15 34.28
CA MET E 428 20.21 29.09 33.36
C MET E 428 21.09 29.65 32.25
N LEU E 429 21.91 28.77 31.67
CA LEU E 429 22.81 29.14 30.59
C LEU E 429 22.09 29.04 29.26
N LEU E 430 22.52 29.83 28.28
CA LEU E 430 22.01 29.66 26.93
C LEU E 430 22.39 28.30 26.35
N GLU E 431 23.52 27.74 26.79
CA GLU E 431 23.88 26.40 26.34
C GLU E 431 22.92 25.36 26.89
N GLU E 432 22.45 25.56 28.11
CA GLU E 432 21.43 24.70 28.68
C GLU E 432 20.14 24.82 27.89
N GLN E 433 19.70 26.05 27.61
CA GLN E 433 18.51 26.24 26.79
C GLN E 433 18.70 25.61 25.42
N ASN E 434 19.87 25.79 24.83
CA ASN E 434 20.18 25.15 23.55
C ASN E 434 20.00 23.65 23.65
N PHE E 435 20.45 23.06 24.76
CA PHE E 435 20.30 21.63 24.98
C PHE E 435 18.83 21.23 24.96
N VAL E 436 17.97 22.03 25.59
CA VAL E 436 16.54 21.72 25.63
C VAL E 436 15.93 21.86 24.24
N LEU E 437 16.29 22.93 23.53
CA LEU E 437 15.80 23.15 22.17
C LEU E 437 16.15 22.00 21.24
N GLU E 438 17.38 21.48 21.35
CA GLU E 438 17.80 20.39 20.48
C GLU E 438 17.04 19.11 20.78
N GLY E 439 16.87 18.77 22.06
CA GLY E 439 16.04 17.63 22.41
C GLY E 439 14.60 17.79 21.93
N LEU E 440 14.07 19.00 22.03
CA LEU E 440 12.69 19.23 21.62
C LEU E 440 12.50 19.10 20.12
N ILE E 441 13.45 19.62 19.33
CA ILE E 441 13.34 19.48 17.89
C ILE E 441 13.54 18.03 17.46
N ASN E 442 14.50 17.35 18.08
CA ASN E 442 14.83 15.99 17.68
C ASN E 442 13.70 15.00 17.96
N VAL E 443 13.02 15.12 19.10
CA VAL E 443 11.94 14.21 19.41
C VAL E 443 10.68 14.52 18.61
N ASN E 444 10.69 15.59 17.82
CA ASN E 444 9.55 15.94 16.98
C ASN E 444 9.86 15.86 15.49
N LYS E 445 11.03 15.37 15.11
CA LYS E 445 11.39 15.28 13.69
C LYS E 445 10.44 14.37 12.92
N THR F 9 34.37 20.05 -20.86
CA THR F 9 33.83 18.99 -20.01
C THR F 9 34.54 18.91 -18.65
N THR F 10 33.77 19.00 -17.57
CA THR F 10 34.29 18.96 -16.20
C THR F 10 34.15 17.54 -15.66
N ILE F 11 35.28 16.92 -15.33
CA ILE F 11 35.27 15.52 -14.87
C ILE F 11 34.81 15.50 -13.43
N SER F 12 33.57 15.04 -13.22
CA SER F 12 33.00 14.93 -11.89
C SER F 12 33.33 13.60 -11.22
N GLY F 13 33.93 12.66 -11.96
CA GLY F 13 34.15 11.32 -11.47
C GLY F 13 33.11 10.32 -11.86
N HIS F 14 32.11 10.70 -12.67
CA HIS F 14 30.96 9.86 -12.99
C HIS F 14 31.05 9.31 -14.41
N SER F 15 30.07 8.46 -14.73
CA SER F 15 30.15 7.63 -15.93
C SER F 15 30.08 8.46 -17.21
N LYS F 16 29.26 9.53 -17.23
CA LYS F 16 29.11 10.34 -18.43
C LYS F 16 30.42 11.06 -18.76
N ASP F 17 31.02 11.72 -17.76
CA ASP F 17 32.30 12.40 -17.95
C ASP F 17 33.40 11.42 -18.36
N ASN F 18 33.41 10.21 -17.78
CA ASN F 18 34.38 9.20 -18.17
C ASN F 18 34.24 8.83 -19.65
N LEU F 19 33.02 8.75 -20.14
CA LEU F 19 32.83 8.35 -21.53
C LEU F 19 33.32 9.43 -22.48
N ALA F 20 33.12 10.70 -22.11
CA ALA F 20 33.66 11.80 -22.91
C ALA F 20 35.18 11.86 -22.81
N LEU F 21 35.73 11.61 -21.61
CA LEU F 21 37.17 11.61 -21.45
C LEU F 21 37.81 10.50 -22.25
N LEU F 22 37.16 9.33 -22.28
CA LEU F 22 37.72 8.19 -23.01
C LEU F 22 37.78 8.50 -24.51
N LYS F 23 36.74 9.13 -25.04
CA LYS F 23 36.74 9.46 -26.47
C LYS F 23 37.90 10.40 -26.81
N CYS F 24 38.12 11.39 -25.95
CA CYS F 24 39.23 12.32 -26.11
C CYS F 24 40.57 11.60 -26.11
N LEU F 25 40.80 10.77 -25.09
CA LEU F 25 42.07 10.06 -24.97
C LEU F 25 42.32 9.17 -26.17
N GLN F 26 41.28 8.55 -26.71
CA GLN F 26 41.47 7.70 -27.87
C GLN F 26 41.57 8.49 -29.17
N GLY F 27 41.49 9.82 -29.11
CA GLY F 27 41.61 10.62 -30.32
C GLY F 27 40.36 10.69 -31.16
N GLU F 28 39.19 10.50 -30.55
CA GLU F 28 37.93 10.49 -31.27
C GLU F 28 37.17 11.80 -31.13
N THR F 29 37.67 12.75 -30.34
CA THR F 29 37.07 14.06 -30.20
C THR F 29 38.07 15.13 -30.62
N LYS F 30 37.56 16.34 -30.78
CA LYS F 30 38.27 17.42 -31.45
C LYS F 30 38.56 18.49 -30.41
N GLU F 31 39.81 18.53 -29.95
CA GLU F 31 40.30 19.52 -29.00
C GLU F 31 39.31 19.81 -27.88
N LYS F 32 38.54 18.81 -27.46
CA LYS F 32 37.60 19.01 -26.36
C LYS F 32 38.38 19.21 -25.07
N GLU F 33 38.00 20.23 -24.30
CA GLU F 33 38.79 20.67 -23.16
C GLU F 33 38.22 20.11 -21.85
N PHE F 34 39.13 19.70 -20.97
CA PHE F 34 38.77 18.98 -19.75
C PHE F 34 39.40 19.66 -18.55
N GLU F 35 38.59 19.84 -17.50
CA GLU F 35 39.06 20.14 -16.17
C GLU F 35 38.58 19.02 -15.26
N ILE F 36 39.15 18.92 -14.06
CA ILE F 36 38.81 17.84 -13.15
C ILE F 36 38.51 18.41 -11.77
N SER F 37 37.35 18.04 -11.22
CA SER F 37 37.00 18.44 -9.88
C SER F 37 37.91 17.74 -8.87
N ASN F 38 38.38 18.50 -7.89
CA ASN F 38 39.29 17.97 -6.91
C ASN F 38 38.58 17.18 -5.82
N VAL F 39 37.58 16.37 -6.17
CA VAL F 39 36.89 15.54 -5.21
C VAL F 39 37.66 14.23 -5.04
N LEU F 40 37.56 13.68 -3.83
CA LEU F 40 38.32 12.48 -3.46
C LEU F 40 38.21 11.34 -4.47
N PRO F 41 37.04 11.00 -5.02
CA PRO F 41 36.98 9.92 -6.01
C PRO F 41 37.78 10.21 -7.28
N ASN F 42 38.24 11.45 -7.48
CA ASN F 42 39.02 11.85 -8.64
C ASN F 42 40.51 11.85 -8.38
N HIS F 43 40.93 11.52 -7.16
CA HIS F 43 42.30 11.82 -6.73
C HIS F 43 43.32 11.13 -7.62
N LYS F 44 43.14 9.84 -7.85
CA LYS F 44 44.11 9.10 -8.66
C LYS F 44 44.11 9.61 -10.10
N MET F 45 42.92 9.85 -10.65
CA MET F 45 42.86 10.32 -12.03
C MET F 45 43.44 11.71 -12.18
N LYS F 46 43.25 12.58 -11.17
CA LYS F 46 43.88 13.90 -11.23
C LYS F 46 45.39 13.78 -11.20
N GLU F 47 45.92 12.91 -10.33
CA GLU F 47 47.37 12.68 -10.29
C GLU F 47 47.86 12.06 -11.60
N LYS F 48 47.17 11.04 -12.08
CA LYS F 48 47.68 10.24 -13.19
C LYS F 48 47.54 10.95 -14.54
N LEU F 49 46.44 11.67 -14.77
CA LEU F 49 46.12 12.19 -16.10
C LEU F 49 46.14 13.71 -16.24
N PHE F 50 46.27 14.46 -15.14
CA PHE F 50 46.13 15.90 -15.20
C PHE F 50 47.35 16.59 -14.62
N ARG F 51 47.62 17.78 -15.14
CA ARG F 51 48.74 18.62 -14.72
C ARG F 51 48.32 20.07 -14.90
N GLU F 52 48.34 20.83 -13.79
CA GLU F 52 47.80 22.20 -13.76
C GLU F 52 46.32 22.22 -14.10
N ASN F 53 45.59 21.22 -13.60
CA ASN F 53 44.26 20.83 -14.06
C ASN F 53 44.13 21.00 -15.56
N LYS F 54 45.16 20.60 -16.28
CA LYS F 54 45.08 20.40 -17.72
C LYS F 54 45.36 18.93 -17.95
N LEU F 55 44.62 18.32 -18.88
CA LEU F 55 44.96 16.98 -19.31
C LEU F 55 46.42 16.95 -19.74
N LYS F 56 47.18 15.98 -19.22
CA LYS F 56 48.57 15.84 -19.65
C LYS F 56 48.63 15.65 -21.17
N ILE F 57 49.69 16.15 -21.78
CA ILE F 57 49.81 16.09 -23.24
C ILE F 57 50.29 14.73 -23.73
N ASP F 58 50.94 13.93 -22.88
CA ASP F 58 51.69 12.75 -23.29
C ASP F 58 51.06 11.47 -22.76
N ILE F 59 49.73 11.40 -22.75
CA ILE F 59 49.05 10.21 -22.25
C ILE F 59 49.04 9.15 -23.35
N ASP F 60 49.50 7.95 -23.00
CA ASP F 60 49.53 6.77 -23.87
C ASP F 60 48.69 5.71 -23.17
N ILE F 61 47.47 5.46 -23.66
CA ILE F 61 46.52 4.61 -22.92
C ILE F 61 47.11 3.22 -22.68
N GLU F 62 47.54 2.56 -23.75
CA GLU F 62 48.02 1.19 -23.60
C GLU F 62 49.26 1.13 -22.73
N LYS F 63 50.21 2.04 -22.94
CA LYS F 63 51.47 1.97 -22.19
C LYS F 63 51.32 2.54 -20.78
N ASP F 64 50.76 3.76 -20.66
CA ASP F 64 50.76 4.43 -19.35
C ASP F 64 49.64 3.92 -18.44
N ILE F 65 48.45 3.70 -18.99
CA ILE F 65 47.33 3.29 -18.14
C ILE F 65 47.31 1.79 -17.93
N PHE F 66 47.64 1.00 -18.95
CA PHE F 66 47.50 -0.44 -18.88
C PHE F 66 48.82 -1.21 -18.87
N ASN F 67 49.93 -0.53 -18.99
CA ASN F 67 51.25 -1.17 -18.95
C ASN F 67 51.42 -2.34 -19.89
N TYR F 68 51.01 -2.17 -21.12
CA TYR F 68 51.23 -3.19 -22.11
C TYR F 68 52.72 -3.42 -22.29
N SER F 69 53.13 -4.67 -22.36
CA SER F 69 54.54 -5.02 -22.45
C SER F 69 54.67 -6.33 -23.16
N ARG F 70 53.78 -6.65 -24.08
CA ARG F 70 53.76 -7.95 -24.76
C ARG F 70 53.98 -9.14 -23.88
N LYS F 71 53.37 -9.14 -22.71
CA LYS F 71 53.46 -10.27 -21.84
C LYS F 71 52.93 -11.54 -22.45
N ASN F 72 53.41 -12.68 -21.98
CA ASN F 72 52.90 -13.94 -22.46
C ASN F 72 51.85 -14.45 -21.51
N ILE F 73 50.65 -14.71 -22.01
CA ILE F 73 49.54 -15.16 -21.16
C ILE F 73 49.18 -16.58 -21.55
N GLN F 74 48.99 -17.45 -20.56
CA GLN F 74 48.60 -18.84 -20.80
C GLN F 74 47.25 -19.22 -20.21
N LYS F 75 46.69 -18.41 -19.30
CA LYS F 75 45.43 -18.72 -18.63
C LYS F 75 44.84 -17.41 -18.13
N ILE F 76 43.52 -17.44 -17.88
CA ILE F 76 42.78 -16.26 -17.44
C ILE F 76 41.78 -16.73 -16.37
N GLU F 77 41.94 -16.22 -15.14
CA GLU F 77 40.92 -16.35 -14.10
C GLU F 77 39.93 -15.19 -14.19
N PHE F 78 38.69 -15.45 -13.81
CA PHE F 78 37.68 -14.43 -13.96
C PHE F 78 37.96 -13.23 -13.07
N MET F 79 38.32 -13.47 -11.81
CA MET F 79 38.49 -12.39 -10.84
C MET F 79 39.42 -12.82 -9.73
N PRO F 80 40.71 -12.89 -10.01
CA PRO F 80 41.69 -13.21 -8.97
C PRO F 80 41.77 -12.09 -7.96
N VAL F 81 41.37 -12.35 -6.72
CA VAL F 81 41.22 -11.28 -5.74
C VAL F 81 42.54 -10.54 -5.48
N ASN F 82 43.68 -11.22 -5.61
CA ASN F 82 44.91 -10.49 -5.37
C ASN F 82 45.13 -9.38 -6.40
N ARG F 83 44.46 -9.45 -7.55
CA ARG F 83 44.66 -8.44 -8.59
C ARG F 83 43.81 -7.19 -8.39
N LEU F 84 42.77 -7.26 -7.56
CA LEU F 84 41.85 -6.14 -7.40
C LEU F 84 42.41 -5.03 -6.51
N ILE F 85 43.50 -5.28 -5.79
CA ILE F 85 44.12 -4.25 -4.96
C ILE F 85 45.54 -3.99 -5.46
N SER F 86 45.90 -2.72 -5.55
CA SER F 86 47.17 -2.27 -6.10
C SER F 86 48.15 -1.91 -4.99
N GLN F 87 49.45 -1.88 -5.32
CA GLN F 87 50.44 -1.57 -4.28
C GLN F 87 50.26 -0.16 -3.75
N SER F 88 49.93 0.79 -4.64
CA SER F 88 49.68 2.15 -4.21
C SER F 88 48.54 2.23 -3.19
N GLU F 89 47.46 1.48 -3.42
CA GLU F 89 46.40 1.42 -2.43
C GLU F 89 46.92 0.87 -1.10
N ILE F 90 47.67 -0.24 -1.15
CA ILE F 90 48.19 -0.89 0.05
C ILE F 90 49.08 0.06 0.83
N ASP F 91 49.98 0.77 0.14
CA ASP F 91 50.84 1.72 0.83
C ASP F 91 50.00 2.79 1.51
N GLY F 92 49.01 3.33 0.80
CA GLY F 92 48.17 4.37 1.37
C GLY F 92 47.28 3.87 2.50
N ILE F 93 46.83 2.62 2.41
CA ILE F 93 46.00 2.03 3.46
C ILE F 93 46.81 1.88 4.74
N ILE F 94 48.04 1.37 4.63
CA ILE F 94 48.90 1.24 5.81
C ILE F 94 49.08 2.59 6.49
N GLY F 95 49.33 3.64 5.70
CA GLY F 95 49.47 4.96 6.25
C GLY F 95 48.24 5.41 7.03
N THR F 96 47.06 5.15 6.49
CA THR F 96 45.85 5.56 7.21
C THR F 96 45.60 4.70 8.43
N LEU F 97 45.86 3.40 8.33
CA LEU F 97 45.76 2.55 9.51
C LEU F 97 46.61 3.09 10.65
N LYS F 98 47.83 3.55 10.37
CA LYS F 98 48.67 4.12 11.42
C LYS F 98 48.02 5.34 12.06
N GLU F 99 47.14 6.03 11.33
CA GLU F 99 46.40 7.14 11.91
C GLU F 99 45.24 6.65 12.79
N VAL F 100 44.49 5.65 12.32
CA VAL F 100 43.26 5.29 13.01
C VAL F 100 43.53 4.41 14.22
N LEU F 101 44.52 3.53 14.14
CA LEU F 101 44.69 2.53 15.20
C LEU F 101 44.98 3.14 16.56
N PRO F 102 45.89 4.11 16.72
CA PRO F 102 46.09 4.68 18.07
C PRO F 102 44.89 5.46 18.60
N THR F 103 43.93 5.85 17.76
CA THR F 103 42.75 6.53 18.29
C THR F 103 41.82 5.60 19.06
N GLY F 104 41.94 4.28 18.88
CA GLY F 104 41.04 3.34 19.51
C GLY F 104 39.58 3.40 19.07
N GLN F 105 39.22 4.31 18.17
CA GLN F 105 37.81 4.44 17.77
C GLN F 105 37.55 3.46 16.64
N PHE F 106 36.96 2.31 16.98
CA PHE F 106 36.83 1.19 16.07
C PHE F 106 35.38 0.82 15.77
N THR F 107 34.40 1.55 16.31
CA THR F 107 33.01 1.37 15.91
C THR F 107 32.62 2.59 15.10
N SER F 108 31.92 3.54 15.68
CA SER F 108 31.67 4.82 15.02
C SER F 108 32.94 5.67 15.10
N GLY F 109 32.96 6.73 14.31
CA GLY F 109 34.09 7.63 14.36
C GLY F 109 34.16 8.59 13.20
N PRO F 110 35.18 9.43 13.20
CA PRO F 110 35.21 10.55 12.25
C PRO F 110 35.52 10.11 10.82
N PHE F 111 36.17 8.96 10.60
CA PHE F 111 36.31 8.48 9.23
C PHE F 111 34.99 7.98 8.67
N SER F 112 34.14 7.41 9.53
CA SER F 112 32.80 7.05 9.07
C SER F 112 32.03 8.28 8.64
N LYS F 113 32.11 9.36 9.43
CA LYS F 113 31.39 10.57 9.06
C LYS F 113 32.00 11.23 7.83
N LYS F 114 33.33 11.17 7.69
CA LYS F 114 33.95 11.75 6.50
C LYS F 114 33.60 10.94 5.24
N LEU F 115 33.59 9.61 5.35
CA LEU F 115 33.17 8.81 4.20
C LEU F 115 31.72 9.10 3.81
N GLU F 116 30.83 9.19 4.81
CA GLU F 116 29.44 9.54 4.54
C GLU F 116 29.32 10.88 3.81
N GLU F 117 30.10 11.88 4.23
CA GLU F 117 30.05 13.17 3.55
C GLU F 117 30.59 13.06 2.12
N VAL F 118 31.70 12.33 1.94
CA VAL F 118 32.26 12.11 0.61
C VAL F 118 31.27 11.42 -0.30
N ILE F 119 30.61 10.37 0.19
CA ILE F 119 29.64 9.65 -0.64
C ILE F 119 28.46 10.55 -0.96
N GLY F 120 27.98 11.30 0.03
CA GLY F 120 26.88 12.23 -0.23
C GLY F 120 27.23 13.32 -1.23
N ASP F 121 28.44 13.87 -1.14
CA ASP F 121 28.87 14.85 -2.14
C ASP F 121 28.99 14.23 -3.52
N TYR F 122 29.45 12.97 -3.57
CA TYR F 122 29.63 12.30 -4.84
C TYR F 122 28.29 12.00 -5.51
N LEU F 123 27.33 11.52 -4.74
CA LEU F 123 26.01 11.19 -5.25
C LEU F 123 25.03 12.34 -5.18
N ASN F 124 25.47 13.52 -4.70
CA ASN F 124 24.60 14.69 -4.60
C ASN F 124 23.31 14.36 -3.83
N LYS F 125 23.47 13.74 -2.67
CA LYS F 125 22.33 13.47 -1.80
C LYS F 125 22.64 13.97 -0.40
N LYS F 126 21.58 14.35 0.32
CA LYS F 126 21.73 15.04 1.61
C LYS F 126 22.21 14.11 2.72
N TYR F 127 21.81 12.83 2.70
CA TYR F 127 21.94 11.96 3.85
C TYR F 127 22.57 10.64 3.44
N VAL F 128 23.62 10.24 4.14
CA VAL F 128 24.25 8.95 3.94
C VAL F 128 24.44 8.30 5.29
N ILE F 129 24.03 7.03 5.42
CA ILE F 129 24.37 6.18 6.55
C ILE F 129 25.27 5.07 6.01
N ALA F 130 26.54 5.07 6.41
CA ALA F 130 27.44 4.00 6.00
C ALA F 130 27.21 2.77 6.87
N THR F 131 27.15 1.60 6.23
CA THR F 131 26.71 0.36 6.85
C THR F 131 27.79 -0.72 6.80
N SER F 132 27.53 -1.84 7.48
CA SER F 132 28.46 -2.96 7.54
C SER F 132 28.42 -3.85 6.29
N SER F 133 27.47 -3.62 5.39
CA SER F 133 27.39 -4.37 4.14
C SER F 133 26.21 -3.79 3.37
N GLY F 134 26.18 -4.04 2.06
CA GLY F 134 25.02 -3.61 1.29
C GLY F 134 23.76 -4.42 1.60
N THR F 135 23.91 -5.70 1.93
CA THR F 135 22.77 -6.49 2.40
C THR F 135 22.13 -5.84 3.63
N ASP F 136 22.96 -5.41 4.58
CA ASP F 136 22.43 -4.80 5.79
C ASP F 136 21.81 -3.45 5.48
N ALA F 137 22.42 -2.71 4.55
CA ALA F 137 21.82 -1.48 4.08
C ALA F 137 20.42 -1.74 3.54
N LEU F 138 20.28 -2.78 2.73
CA LEU F 138 18.99 -3.11 2.12
C LEU F 138 17.95 -3.43 3.20
N MET F 139 18.27 -4.36 4.10
CA MET F 139 17.34 -4.69 5.18
C MET F 139 16.90 -3.46 5.96
N VAL F 140 17.86 -2.62 6.35
CA VAL F 140 17.54 -1.44 7.15
C VAL F 140 16.60 -0.51 6.41
N SER F 141 16.84 -0.29 5.11
CA SER F 141 16.05 0.66 4.36
C SER F 141 14.62 0.18 4.18
N LEU F 142 14.45 -1.12 3.95
CA LEU F 142 13.11 -1.69 3.87
C LEU F 142 12.34 -1.44 5.16
N LEU F 143 12.98 -1.65 6.31
CA LEU F 143 12.32 -1.35 7.58
C LEU F 143 12.03 0.14 7.69
N SER F 144 13.00 0.96 7.32
CA SER F 144 12.86 2.41 7.38
C SER F 144 11.60 2.91 6.67
N ILE F 145 11.29 2.42 5.46
CA ILE F 145 10.06 2.83 4.79
C ILE F 145 8.83 2.11 5.34
N GLY F 146 9.00 1.28 6.35
CA GLY F 146 7.85 0.74 7.07
C GLY F 146 7.40 -0.61 6.58
N ILE F 147 8.30 -1.41 6.03
CA ILE F 147 7.92 -2.73 5.56
C ILE F 147 7.58 -3.59 6.76
N GLN F 148 6.43 -4.22 6.72
CA GLN F 148 5.93 -5.14 7.71
C GLN F 148 5.89 -6.55 7.13
N PRO F 149 5.98 -7.59 7.96
CA PRO F 149 5.78 -8.96 7.47
C PRO F 149 4.54 -9.05 6.60
N GLY F 150 4.65 -9.79 5.50
CA GLY F 150 3.56 -9.95 4.57
C GLY F 150 3.51 -8.93 3.46
N ASP F 151 4.10 -7.75 3.63
CA ASP F 151 4.07 -6.76 2.57
C ASP F 151 4.87 -7.23 1.36
N GLU F 152 4.48 -6.77 0.18
CA GLU F 152 5.07 -7.23 -1.07
C GLU F 152 6.08 -6.23 -1.59
N VAL F 153 7.19 -6.75 -2.09
CA VAL F 153 8.24 -5.96 -2.71
C VAL F 153 8.45 -6.50 -4.11
N ILE F 154 8.24 -5.65 -5.11
CA ILE F 154 8.41 -6.03 -6.51
C ILE F 154 9.86 -5.87 -6.92
N MET F 155 10.45 -6.92 -7.47
CA MET F 155 11.88 -6.96 -7.75
C MET F 155 12.13 -7.92 -8.91
N PRO F 156 13.31 -7.87 -9.52
CA PRO F 156 13.66 -8.86 -10.54
C PRO F 156 14.11 -10.17 -9.90
N ALA F 157 14.13 -11.22 -10.73
CA ALA F 157 14.54 -12.54 -10.29
C ALA F 157 15.98 -12.87 -10.68
N ASN F 158 16.74 -11.92 -11.23
CA ASN F 158 18.06 -12.22 -11.75
C ASN F 158 19.18 -11.50 -10.98
N SER F 159 18.91 -11.07 -9.76
CA SER F 159 19.92 -10.35 -9.00
C SER F 159 20.70 -11.33 -8.13
N PHE F 160 21.81 -10.84 -7.58
CA PHE F 160 22.49 -11.60 -6.54
C PHE F 160 21.49 -11.89 -5.41
N ALA F 161 21.70 -13.03 -4.74
CA ALA F 161 20.77 -13.48 -3.70
C ALA F 161 20.56 -12.46 -2.59
N ALA F 162 21.53 -11.57 -2.35
CA ALA F 162 21.37 -10.60 -1.26
C ALA F 162 20.09 -9.79 -1.39
N THR F 163 19.66 -9.49 -2.62
CA THR F 163 18.48 -8.65 -2.83
C THR F 163 17.22 -9.30 -2.27
N GLU F 164 16.96 -10.55 -2.65
CA GLU F 164 15.79 -11.23 -2.11
C GLU F 164 15.98 -11.57 -0.63
N ASN F 165 17.21 -11.84 -0.20
CA ASN F 165 17.43 -12.24 1.19
C ASN F 165 17.08 -11.12 2.15
N ALA F 166 17.37 -9.88 1.78
CA ALA F 166 17.03 -8.77 2.65
C ALA F 166 15.52 -8.61 2.80
N VAL F 167 14.79 -8.83 1.72
CA VAL F 167 13.33 -8.80 1.78
C VAL F 167 12.82 -9.93 2.65
N LEU F 168 13.33 -11.15 2.45
CA LEU F 168 12.80 -12.28 3.19
C LEU F 168 13.21 -12.23 4.66
N ALA F 169 14.39 -11.68 4.97
CA ALA F 169 14.86 -11.67 6.35
C ALA F 169 13.97 -10.83 7.27
N ILE F 170 13.26 -9.84 6.71
CA ILE F 170 12.32 -9.03 7.50
C ILE F 170 10.88 -9.52 7.35
N GLY F 171 10.67 -10.71 6.78
CA GLY F 171 9.34 -11.25 6.67
C GLY F 171 8.53 -10.75 5.50
N ALA F 172 9.12 -9.93 4.62
CA ALA F 172 8.35 -9.46 3.47
C ALA F 172 8.37 -10.50 2.36
N LYS F 173 7.53 -10.27 1.34
CA LYS F 173 7.33 -11.24 0.27
C LYS F 173 7.88 -10.70 -1.03
N PRO F 174 8.92 -11.32 -1.59
CA PRO F 174 9.35 -10.95 -2.94
C PRO F 174 8.26 -11.25 -3.96
N VAL F 175 8.06 -10.31 -4.88
CA VAL F 175 7.16 -10.48 -6.02
C VAL F 175 7.98 -10.19 -7.27
N PHE F 176 8.27 -11.22 -8.04
CA PHE F 176 9.22 -11.13 -9.14
C PHE F 176 8.53 -10.65 -10.41
N VAL F 177 9.19 -9.76 -11.12
CA VAL F 177 8.70 -9.21 -12.38
C VAL F 177 9.78 -9.46 -13.43
N ASP F 178 9.35 -9.67 -14.68
CA ASP F 178 10.27 -10.03 -15.75
C ASP F 178 11.19 -8.85 -16.09
N ILE F 179 12.34 -9.16 -16.70
CA ILE F 179 13.24 -8.13 -17.24
C ILE F 179 12.84 -7.75 -18.66
N ASP F 180 13.40 -6.65 -19.16
CA ASP F 180 13.24 -6.30 -20.56
C ASP F 180 14.35 -6.91 -21.39
N HIS F 181 14.21 -6.80 -22.71
CA HIS F 181 15.09 -7.51 -23.63
C HIS F 181 16.53 -7.00 -23.54
N LYS F 182 16.72 -5.67 -23.57
CA LYS F 182 18.02 -5.07 -23.82
C LYS F 182 18.90 -4.90 -22.60
N SER F 183 18.30 -4.71 -21.43
CA SER F 183 18.98 -4.08 -20.30
C SER F 183 19.45 -5.05 -19.23
N TYR F 184 18.82 -6.22 -19.13
CA TYR F 184 18.84 -7.11 -17.97
C TYR F 184 18.16 -6.50 -16.77
N CYS F 185 17.51 -5.35 -16.95
CA CYS F 185 16.88 -4.61 -15.85
C CYS F 185 15.38 -4.83 -15.84
N ILE F 186 14.78 -4.60 -14.67
CA ILE F 186 13.37 -4.87 -14.51
C ILE F 186 12.56 -4.04 -15.50
N ASP F 187 11.57 -4.68 -16.11
CA ASP F 187 10.80 -4.06 -17.19
C ASP F 187 9.71 -3.17 -16.61
N PRO F 188 9.74 -1.86 -16.86
CA PRO F 188 8.71 -0.98 -16.29
C PRO F 188 7.28 -1.41 -16.59
N LEU F 189 6.98 -1.84 -17.82
CA LEU F 189 5.60 -2.15 -18.19
C LEU F 189 5.03 -3.27 -17.33
N LYS F 190 5.86 -4.25 -16.98
CA LYS F 190 5.41 -5.38 -16.19
C LYS F 190 5.24 -5.06 -14.72
N ILE F 191 5.60 -3.85 -14.30
CA ILE F 191 5.53 -3.50 -12.89
C ILE F 191 4.08 -3.32 -12.45
N GLU F 192 3.29 -2.55 -13.20
CA GLU F 192 1.94 -2.25 -12.75
C GLU F 192 1.12 -3.52 -12.65
N GLU F 193 1.24 -4.43 -13.61
CA GLU F 193 0.51 -5.68 -13.60
C GLU F 193 0.75 -6.50 -12.32
N ALA F 194 1.82 -6.22 -11.58
CA ALA F 194 2.15 -6.97 -10.38
C ALA F 194 1.80 -6.25 -9.08
N ILE F 195 1.40 -4.98 -9.14
CA ILE F 195 1.06 -4.25 -7.91
C ILE F 195 -0.23 -4.80 -7.32
N THR F 196 -0.26 -4.93 -6.00
CA THR F 196 -1.46 -5.28 -5.26
C THR F 196 -1.63 -4.33 -4.08
N GLN F 197 -2.69 -4.54 -3.30
CA GLN F 197 -2.87 -3.76 -2.08
C GLN F 197 -1.72 -3.95 -1.10
N LYS F 198 -1.07 -5.12 -1.12
CA LYS F 198 0.05 -5.38 -0.22
C LYS F 198 1.37 -4.84 -0.74
N THR F 199 1.39 -4.30 -1.97
CA THR F 199 2.62 -3.74 -2.51
C THR F 199 3.01 -2.51 -1.70
N LYS F 200 4.29 -2.42 -1.33
CA LYS F 200 4.77 -1.21 -0.64
C LYS F 200 6.12 -0.72 -1.14
N CYS F 201 6.75 -1.40 -2.09
CA CYS F 201 8.06 -0.97 -2.54
C CYS F 201 8.34 -1.61 -3.88
N ILE F 202 8.98 -0.83 -4.75
CA ILE F 202 9.62 -1.33 -5.96
C ILE F 202 11.12 -1.33 -5.71
N LEU F 203 11.76 -2.45 -6.00
CA LEU F 203 13.18 -2.67 -5.72
C LEU F 203 13.90 -2.94 -7.05
N PRO F 204 14.13 -1.92 -7.86
CA PRO F 204 14.88 -2.15 -9.10
C PRO F 204 16.36 -2.34 -8.80
N VAL F 205 17.00 -3.16 -9.63
CA VAL F 205 18.40 -3.53 -9.46
C VAL F 205 19.18 -3.01 -10.65
N HIS F 206 20.18 -2.18 -10.38
CA HIS F 206 20.99 -1.59 -11.45
C HIS F 206 22.09 -2.57 -11.80
N LEU F 207 21.69 -3.61 -12.53
CA LEU F 207 22.46 -4.86 -12.60
C LEU F 207 23.64 -4.73 -13.56
N TYR F 208 24.80 -5.22 -13.12
CA TYR F 208 26.06 -5.28 -13.86
C TYR F 208 26.72 -3.92 -13.97
N GLY F 209 26.16 -2.90 -13.33
CA GLY F 209 26.62 -1.54 -13.47
C GLY F 209 25.78 -0.68 -14.38
N LYS F 210 24.71 -1.24 -14.91
CA LYS F 210 23.81 -0.52 -15.80
C LYS F 210 22.60 -0.04 -15.08
N GLN F 211 22.27 1.23 -15.28
CA GLN F 211 21.09 1.79 -14.68
C GLN F 211 19.77 1.40 -15.28
N CYS F 212 18.74 1.28 -14.45
CA CYS F 212 17.41 0.97 -14.95
C CYS F 212 16.73 2.18 -15.54
N ASP F 213 15.53 1.96 -16.03
CA ASP F 213 14.73 3.02 -16.64
C ASP F 213 13.97 3.64 -15.50
N MET F 214 14.64 4.48 -14.74
CA MET F 214 14.06 5.02 -13.52
C MET F 214 12.96 6.09 -13.64
N LYS F 215 12.97 6.88 -14.71
CA LYS F 215 11.94 7.87 -14.87
C LYS F 215 10.64 7.16 -15.02
N ARG F 216 10.64 6.07 -15.74
CA ARG F 216 9.33 5.45 -15.96
C ARG F 216 8.89 4.65 -14.76
N ILE F 217 9.81 4.17 -13.94
CA ILE F 217 9.42 3.45 -12.73
C ILE F 217 8.92 4.42 -11.67
N ARG F 218 9.58 5.58 -11.53
CA ARG F 218 9.06 6.64 -10.67
C ARG F 218 7.67 7.10 -11.10
N GLU F 219 7.43 7.18 -12.42
CA GLU F 219 6.09 7.49 -12.92
C GLU F 219 5.07 6.52 -12.34
N ILE F 220 5.34 5.22 -12.45
CA ILE F 220 4.42 4.21 -11.94
C ILE F 220 4.28 4.33 -10.43
N ALA F 221 5.40 4.54 -9.74
CA ALA F 221 5.38 4.61 -8.29
C ALA F 221 4.52 5.76 -7.78
N ASP F 222 4.61 6.92 -8.43
CA ASP F 222 3.81 8.07 -8.01
C ASP F 222 2.32 7.80 -8.23
N VAL F 223 1.98 7.14 -9.34
CA VAL F 223 0.58 6.79 -9.60
C VAL F 223 0.05 5.91 -8.47
N TYR F 224 0.87 4.99 -7.97
CA TYR F 224 0.42 4.06 -6.95
C TYR F 224 0.91 4.41 -5.55
N GLN F 225 1.64 5.52 -5.39
CA GLN F 225 2.21 5.93 -4.11
C GLN F 225 3.00 4.78 -3.47
N LEU F 226 4.05 4.36 -4.16
CA LEU F 226 4.95 3.31 -3.68
C LEU F 226 6.33 3.89 -3.43
N ARG F 227 7.08 3.27 -2.52
CA ARG F 227 8.47 3.62 -2.32
C ARG F 227 9.35 2.95 -3.37
N ILE F 228 10.49 3.57 -3.65
CA ILE F 228 11.48 3.04 -4.59
C ILE F 228 12.79 2.97 -3.83
N ILE F 229 13.31 1.76 -3.63
CA ILE F 229 14.64 1.55 -3.08
C ILE F 229 15.45 0.92 -4.20
N GLU F 230 16.52 1.58 -4.61
CA GLU F 230 17.34 1.13 -5.71
C GLU F 230 18.53 0.33 -5.19
N ASP F 231 18.68 -0.89 -5.69
CA ASP F 231 19.83 -1.72 -5.40
C ASP F 231 20.91 -1.28 -6.38
N ALA F 232 21.68 -0.26 -5.99
CA ALA F 232 22.80 0.22 -6.78
C ALA F 232 24.13 -0.35 -6.31
N CYS F 233 24.11 -1.54 -5.70
CA CYS F 233 25.33 -2.13 -5.16
C CYS F 233 26.39 -2.37 -6.23
N GLN F 234 26.00 -2.39 -7.49
CA GLN F 234 26.98 -2.65 -8.55
C GLN F 234 27.22 -1.43 -9.42
N ALA F 235 26.70 -0.26 -9.04
CA ALA F 235 26.57 0.84 -9.99
C ALA F 235 27.23 2.13 -9.51
N ILE F 236 28.09 2.08 -8.49
CA ILE F 236 28.63 3.34 -8.01
C ILE F 236 29.39 4.02 -9.14
N GLY F 237 29.18 5.33 -9.29
CA GLY F 237 29.83 6.14 -10.29
C GLY F 237 28.94 6.44 -11.48
N SER F 238 27.78 5.82 -11.57
CA SER F 238 26.89 6.04 -12.70
C SER F 238 26.25 7.41 -12.59
N SER F 239 26.26 8.15 -13.71
CA SER F 239 25.81 9.54 -13.68
C SER F 239 24.34 9.57 -13.29
N ASN F 240 24.02 10.49 -12.36
CA ASN F 240 22.65 10.75 -11.91
C ASN F 240 22.02 9.54 -11.24
N LEU F 241 22.85 8.68 -10.66
CA LEU F 241 22.35 7.58 -9.85
C LEU F 241 21.43 8.10 -8.75
N GLY F 242 20.22 7.55 -8.68
CA GLY F 242 19.30 7.83 -7.61
C GLY F 242 18.40 9.02 -7.82
N GLU F 243 18.45 9.66 -9.00
CA GLU F 243 17.65 10.86 -9.25
C GLU F 243 16.17 10.65 -8.93
N TYR F 244 15.66 9.42 -9.10
CA TYR F 244 14.24 9.16 -8.90
C TYR F 244 13.94 8.22 -7.75
N GLY F 245 14.92 7.86 -6.93
CA GLY F 245 14.72 6.91 -5.85
C GLY F 245 14.51 7.59 -4.52
N ASP F 246 13.73 6.94 -3.64
CA ASP F 246 13.64 7.40 -2.26
C ASP F 246 14.92 7.09 -1.51
N ILE F 247 15.48 5.92 -1.76
CA ILE F 247 16.67 5.43 -1.08
C ILE F 247 17.49 4.69 -2.13
N ILE F 248 18.81 4.88 -2.09
CA ILE F 248 19.74 4.17 -2.95
C ILE F 248 20.66 3.34 -2.04
N ILE F 249 20.84 2.08 -2.39
CA ILE F 249 21.70 1.16 -1.66
C ILE F 249 23.02 1.00 -2.39
N LEU F 250 24.13 1.20 -1.67
CA LEU F 250 25.46 0.95 -2.17
C LEU F 250 26.09 -0.19 -1.39
N SER F 251 27.01 -0.89 -2.05
CA SER F 251 27.86 -1.88 -1.43
C SER F 251 29.30 -1.50 -1.69
N PHE F 252 30.13 -1.53 -0.65
CA PHE F 252 31.57 -1.34 -0.79
C PHE F 252 32.32 -2.64 -0.56
N ASN F 253 31.70 -3.78 -0.87
CA ASN F 253 32.42 -5.02 -0.64
C ASN F 253 33.61 -5.06 -1.59
N PRO F 254 34.62 -5.88 -1.29
CA PRO F 254 35.91 -5.71 -1.95
C PRO F 254 35.86 -5.91 -3.45
N TYR F 255 34.83 -6.54 -3.99
CA TYR F 255 34.80 -6.89 -5.41
C TYR F 255 33.97 -5.90 -6.23
N LYS F 256 33.41 -4.89 -5.57
CA LYS F 256 32.62 -3.88 -6.29
C LYS F 256 33.60 -2.85 -6.93
N ASN F 257 33.08 -1.94 -7.74
CA ASN F 257 33.95 -0.99 -8.46
C ASN F 257 34.75 -0.12 -7.50
N PHE F 258 34.12 0.22 -6.36
CA PHE F 258 34.82 0.78 -5.21
C PHE F 258 34.57 -0.16 -4.04
N GLY F 259 35.64 -0.62 -3.38
CA GLY F 259 35.51 -1.44 -2.21
C GLY F 259 36.40 -0.99 -1.08
N VAL F 260 36.04 -1.40 0.13
CA VAL F 260 36.90 -1.29 1.30
C VAL F 260 37.68 -2.60 1.40
N CYS F 261 38.25 -2.91 2.57
CA CYS F 261 38.95 -4.20 2.73
C CYS F 261 38.23 -5.07 3.75
N GLY F 262 36.97 -5.32 3.48
CA GLY F 262 36.06 -5.96 4.40
C GLY F 262 34.68 -5.72 3.87
N LYS F 263 33.68 -5.92 4.70
CA LYS F 263 32.31 -5.69 4.27
C LYS F 263 31.89 -4.30 4.71
N ALA F 264 31.10 -3.64 3.86
CA ALA F 264 30.61 -2.29 4.10
C ALA F 264 29.64 -1.90 2.99
N GLY F 265 28.84 -0.88 3.26
CA GLY F 265 27.87 -0.40 2.30
C GLY F 265 27.39 0.98 2.72
N ALA F 266 26.32 1.42 2.06
CA ALA F 266 25.74 2.69 2.48
C ALA F 266 24.28 2.77 2.05
N ILE F 267 23.56 3.59 2.82
CA ILE F 267 22.21 4.02 2.51
C ILE F 267 22.27 5.51 2.19
N VAL F 268 21.65 5.90 1.08
CA VAL F 268 21.75 7.27 0.56
C VAL F 268 20.35 7.78 0.25
N THR F 269 20.03 8.99 0.72
CA THR F 269 18.69 9.54 0.54
C THR F 269 18.70 11.05 0.74
N ASN F 270 17.66 11.69 0.20
CA ASN F 270 17.35 13.10 0.46
C ASN F 270 16.25 13.29 1.48
N ASN F 271 15.62 12.19 1.92
CA ASN F 271 14.50 12.17 2.85
C ASN F 271 15.02 12.10 4.28
N GLU F 272 14.92 13.20 5.04
CA GLU F 272 15.48 13.18 6.38
C GLU F 272 14.74 12.18 7.27
N ASN F 273 13.41 12.10 7.12
CA ASN F 273 12.62 11.18 7.92
C ASN F 273 13.12 9.74 7.76
N LEU F 274 13.40 9.33 6.53
CA LEU F 274 13.89 7.99 6.27
C LEU F 274 15.33 7.83 6.73
N ALA F 275 16.14 8.88 6.58
CA ALA F 275 17.54 8.76 6.99
C ALA F 275 17.66 8.53 8.49
N ILE F 276 16.88 9.28 9.29
CA ILE F 276 16.85 9.10 10.74
C ILE F 276 16.49 7.66 11.10
N ARG F 277 15.43 7.13 10.48
CA ARG F 277 15.03 5.75 10.79
C ARG F 277 16.09 4.73 10.37
N CYS F 278 16.72 4.95 9.22
CA CYS F 278 17.82 4.06 8.85
C CYS F 278 18.93 4.14 9.89
N ASN F 279 19.25 5.35 10.34
CA ASN F 279 20.30 5.49 11.31
C ASN F 279 19.95 4.73 12.59
N GLN F 280 18.70 4.84 13.03
CA GLN F 280 18.26 4.17 14.25
C GLN F 280 18.27 2.66 14.09
N TYR F 281 17.68 2.17 13.00
CA TYR F 281 17.63 0.72 12.71
C TYR F 281 19.01 0.10 12.51
N SER F 282 19.98 0.85 12.00
CA SER F 282 21.29 0.26 11.81
C SER F 282 22.10 0.17 13.10
N TYR F 283 21.60 0.77 14.19
CA TYR F 283 22.32 0.73 15.46
C TYR F 283 21.32 0.48 16.61
N HIS F 284 20.78 -0.74 16.65
CA HIS F 284 20.06 -1.33 17.77
C HIS F 284 18.74 -0.66 18.10
N GLY F 285 18.25 0.22 17.23
CA GLY F 285 17.06 0.99 17.52
C GLY F 285 17.30 2.20 18.38
N PHE F 286 18.55 2.52 18.70
CA PHE F 286 18.86 3.64 19.58
C PHE F 286 18.59 4.97 18.88
N GLU F 287 18.14 5.95 19.66
CA GLU F 287 18.16 7.31 19.14
C GLU F 287 19.58 7.67 18.72
N VAL F 288 19.69 8.40 17.60
CA VAL F 288 21.00 8.79 17.09
C VAL F 288 21.81 9.44 18.20
N ASP F 289 23.03 8.93 18.40
CA ASP F 289 23.98 9.45 19.39
C ASP F 289 23.47 9.33 20.81
N LYS F 290 22.57 8.37 21.09
CA LYS F 290 22.06 8.15 22.45
C LYS F 290 22.14 6.65 22.72
N LYS F 291 23.34 6.18 22.96
CA LYS F 291 23.57 4.75 23.07
C LYS F 291 22.80 4.19 24.26
N ASN F 292 22.26 2.97 24.08
CA ASN F 292 21.45 2.21 25.02
C ASN F 292 20.05 2.75 25.24
N LYS F 293 19.63 3.76 24.49
CA LYS F 293 18.34 4.40 24.68
C LYS F 293 17.53 4.16 23.42
N LYS F 294 16.68 3.12 23.44
CA LYS F 294 15.92 2.73 22.27
C LYS F 294 14.75 3.65 22.02
N VAL F 295 14.54 3.97 20.74
CA VAL F 295 13.35 4.68 20.29
C VAL F 295 12.55 3.80 19.30
N LEU F 296 13.24 2.99 18.51
CA LEU F 296 12.54 2.03 17.65
C LEU F 296 12.49 0.68 18.35
N ASP F 297 11.56 -0.17 17.89
CA ASP F 297 11.31 -1.43 18.60
C ASP F 297 12.58 -2.27 18.72
N PHE F 298 13.40 -2.27 17.67
CA PHE F 298 14.66 -3.00 17.68
C PHE F 298 15.57 -2.39 16.61
N GLY F 299 16.76 -2.97 16.48
CA GLY F 299 17.64 -2.61 15.39
C GLY F 299 18.74 -3.64 15.27
N PHE F 300 19.62 -3.39 14.32
CA PHE F 300 20.76 -4.24 14.03
C PHE F 300 22.04 -3.57 14.55
N ASN F 301 23.13 -4.33 14.48
CA ASN F 301 24.47 -3.80 14.67
C ASN F 301 25.09 -3.64 13.27
N SER F 302 24.70 -2.58 12.56
CA SER F 302 24.95 -2.53 11.11
C SER F 302 25.50 -1.21 10.60
N LYS F 303 26.20 -0.45 11.43
CA LYS F 303 26.95 0.66 10.89
C LYS F 303 28.30 0.17 10.36
N ILE F 304 28.91 0.96 9.48
CA ILE F 304 30.26 0.63 9.02
C ILE F 304 31.21 0.74 10.21
N ASP F 305 32.29 -0.02 10.15
CA ASP F 305 33.40 0.15 11.08
C ASP F 305 34.26 1.36 10.71
N ASN F 306 34.62 2.14 11.73
CA ASN F 306 35.46 3.33 11.50
C ASN F 306 36.71 2.98 10.73
N LEU F 307 37.33 1.82 11.05
CA LEU F 307 38.55 1.41 10.37
C LEU F 307 38.30 1.17 8.89
N GLN F 308 37.18 0.53 8.55
CA GLN F 308 36.86 0.28 7.15
C GLN F 308 36.49 1.58 6.44
N ALA F 309 35.91 2.54 7.16
CA ALA F 309 35.66 3.84 6.54
C ALA F 309 36.98 4.53 6.18
N ALA F 310 37.93 4.52 7.11
CA ALA F 310 39.26 5.05 6.84
C ALA F 310 39.89 4.37 5.63
N ILE F 311 39.84 3.03 5.58
CA ILE F 311 40.33 2.31 4.41
C ILE F 311 39.59 2.77 3.15
N GLY F 312 38.25 2.89 3.25
CA GLY F 312 37.47 3.35 2.12
C GLY F 312 37.91 4.71 1.61
N LEU F 313 38.22 5.63 2.54
CA LEU F 313 38.66 6.95 2.10
C LEU F 313 39.98 6.90 1.36
N GLU F 314 40.79 5.88 1.61
CA GLU F 314 41.98 5.71 0.80
C GLU F 314 41.64 5.09 -0.55
N ARG F 315 40.80 4.05 -0.57
CA ARG F 315 40.60 3.31 -1.83
C ARG F 315 39.70 4.05 -2.80
N ILE F 316 38.79 4.89 -2.29
CA ILE F 316 37.90 5.64 -3.18
C ILE F 316 38.67 6.65 -4.03
N LYS F 317 39.92 6.94 -3.67
CA LYS F 317 40.74 7.82 -4.50
C LYS F 317 40.88 7.29 -5.91
N PHE F 318 40.76 5.98 -6.10
CA PHE F 318 40.92 5.33 -7.39
C PHE F 318 39.62 5.12 -8.16
N LEU F 319 38.47 5.54 -7.62
CA LEU F 319 37.18 5.14 -8.20
C LEU F 319 37.03 5.62 -9.64
N SER F 320 37.09 6.92 -9.88
CA SER F 320 36.89 7.42 -11.24
C SER F 320 37.93 6.85 -12.19
N TYR F 321 39.19 6.76 -11.76
CA TYR F 321 40.24 6.19 -12.60
C TYR F 321 39.97 4.74 -12.95
N ASN F 322 39.60 3.94 -11.94
CA ASN F 322 39.32 2.53 -12.22
C ASN F 322 38.08 2.36 -13.09
N ASN F 323 37.08 3.22 -12.92
CA ASN F 323 35.91 3.14 -13.77
C ASN F 323 36.25 3.49 -15.22
N LEU F 324 37.22 4.40 -15.43
CA LEU F 324 37.68 4.72 -16.77
C LEU F 324 38.38 3.54 -17.41
N LYS F 325 39.23 2.86 -16.65
CA LYS F 325 39.86 1.65 -17.14
C LYS F 325 38.82 0.60 -17.50
N ARG F 326 37.75 0.49 -16.70
CA ARG F 326 36.69 -0.46 -17.02
C ARG F 326 35.99 -0.10 -18.33
N VAL F 327 35.62 1.18 -18.53
CA VAL F 327 34.89 1.52 -19.74
C VAL F 327 35.78 1.34 -20.97
N PHE F 328 37.09 1.55 -20.83
CA PHE F 328 37.99 1.29 -21.94
C PHE F 328 37.95 -0.18 -22.33
N LEU F 329 38.02 -1.07 -21.33
CA LEU F 329 38.00 -2.50 -21.58
C LEU F 329 36.67 -2.95 -22.16
N ALA F 330 35.58 -2.35 -21.68
CA ALA F 330 34.27 -2.69 -22.22
C ALA F 330 34.21 -2.32 -23.70
N GLN F 331 34.56 -1.08 -24.03
CA GLN F 331 34.54 -0.65 -25.43
C GLN F 331 35.48 -1.49 -26.28
N ARG F 332 36.55 -2.01 -25.68
CA ARG F 332 37.49 -2.84 -26.42
C ARG F 332 36.92 -4.22 -26.69
N TYR F 333 36.16 -4.78 -25.74
CA TYR F 333 35.45 -6.02 -25.99
C TYR F 333 34.44 -5.84 -27.11
N ILE F 334 33.63 -4.78 -27.02
CA ILE F 334 32.56 -4.55 -28.01
C ILE F 334 33.16 -4.40 -29.40
N ARG F 335 34.23 -3.62 -29.50
CA ARG F 335 34.77 -3.33 -30.82
C ARG F 335 35.46 -4.53 -31.43
N ASN F 336 36.07 -5.38 -30.62
CA ASN F 336 36.83 -6.50 -31.17
C ASN F 336 36.02 -7.79 -31.27
N LEU F 337 34.78 -7.79 -30.80
CA LEU F 337 33.88 -8.93 -30.99
C LEU F 337 32.76 -8.62 -31.97
N LYS F 338 32.79 -7.44 -32.59
CA LYS F 338 31.68 -7.01 -33.45
C LYS F 338 31.39 -8.01 -34.55
N GLU F 339 32.43 -8.66 -35.08
CA GLU F 339 32.21 -9.61 -36.16
C GLU F 339 31.43 -10.84 -35.70
N LEU F 340 31.57 -11.22 -34.43
CA LEU F 340 30.81 -12.36 -33.95
C LEU F 340 29.33 -12.01 -33.82
N GLU F 341 29.03 -10.74 -33.54
CA GLU F 341 27.65 -10.29 -33.55
C GLU F 341 27.16 -10.08 -34.97
N ASP F 342 28.07 -9.68 -35.87
CA ASP F 342 27.78 -9.69 -37.31
C ASP F 342 27.30 -11.06 -37.76
N ARG F 343 28.01 -12.11 -37.33
CA ARG F 343 27.70 -13.46 -37.77
C ARG F 343 26.55 -14.07 -37.00
N GLU F 344 25.83 -13.27 -36.22
CA GLU F 344 24.63 -13.72 -35.51
C GLU F 344 24.96 -14.87 -34.56
N LEU F 345 26.13 -14.80 -33.93
CA LEU F 345 26.52 -15.79 -32.94
C LEU F 345 26.38 -15.30 -31.50
N ILE F 346 26.56 -14.01 -31.28
CA ILE F 346 26.46 -13.41 -29.95
C ILE F 346 25.74 -12.09 -30.10
N LYS F 347 25.31 -11.56 -28.96
CA LYS F 347 24.86 -10.18 -28.88
C LYS F 347 25.73 -9.49 -27.85
N LEU F 348 26.14 -8.36 -28.16
CA LEU F 348 27.04 -7.56 -27.36
C LEU F 348 26.26 -6.49 -26.60
N PRO F 349 26.77 -6.04 -25.46
CA PRO F 349 26.26 -4.80 -24.88
C PRO F 349 26.64 -3.62 -25.76
N ARG F 350 25.99 -2.49 -25.53
CA ARG F 350 26.32 -1.29 -26.27
C ARG F 350 26.81 -0.20 -25.33
N MET F 351 27.58 0.72 -25.88
CA MET F 351 28.13 1.79 -25.07
C MET F 351 27.01 2.75 -24.68
N THR F 352 26.85 2.99 -23.37
CA THR F 352 25.88 3.97 -22.89
C THR F 352 26.53 4.77 -21.77
N GLU F 353 26.03 5.99 -21.58
CA GLU F 353 26.72 6.91 -20.68
C GLU F 353 26.53 6.56 -19.20
N ASP F 354 25.57 5.69 -18.85
CA ASP F 354 25.27 5.37 -17.45
C ASP F 354 25.97 4.11 -16.94
N ASN F 355 26.54 3.29 -17.82
CA ASN F 355 27.12 2.01 -17.41
C ASN F 355 28.49 2.22 -16.76
N VAL F 356 28.67 1.70 -15.53
CA VAL F 356 30.01 1.68 -14.92
C VAL F 356 30.74 0.37 -15.14
N TRP F 357 30.12 -0.62 -15.79
CA TRP F 357 30.80 -1.84 -16.22
C TRP F 357 31.40 -2.61 -15.04
N HIS F 358 30.54 -2.90 -14.07
CA HIS F 358 30.95 -3.81 -13.01
C HIS F 358 31.17 -5.22 -13.56
N LEU F 359 30.28 -5.66 -14.45
CA LEU F 359 30.35 -6.95 -15.09
C LEU F 359 30.05 -6.74 -16.56
N PHE F 360 30.59 -7.60 -17.43
CA PHE F 360 30.46 -7.44 -18.88
C PHE F 360 29.65 -8.59 -19.47
N PRO F 361 28.36 -8.41 -19.74
CA PRO F 361 27.54 -9.52 -20.21
C PRO F 361 27.47 -9.63 -21.73
N ILE F 362 27.62 -10.83 -22.29
CA ILE F 362 27.22 -11.09 -23.66
C ILE F 362 26.13 -12.17 -23.61
N ARG F 363 25.43 -12.32 -24.74
CA ARG F 363 24.45 -13.40 -24.90
C ARG F 363 24.92 -14.32 -26.01
N ILE F 364 25.13 -15.60 -25.68
CA ILE F 364 25.48 -16.63 -26.65
C ILE F 364 24.18 -17.30 -27.08
N ILE F 365 23.79 -17.12 -28.33
CA ILE F 365 22.46 -17.57 -28.76
C ILE F 365 22.51 -18.94 -29.44
N ASN F 366 21.35 -19.44 -29.85
CA ASN F 366 21.20 -20.75 -30.49
C ASN F 366 21.60 -21.89 -29.57
N GLY F 367 21.39 -21.73 -28.27
CA GLY F 367 21.72 -22.79 -27.33
C GLY F 367 23.20 -23.03 -27.08
N ARG F 368 24.08 -22.19 -27.62
CA ARG F 368 25.52 -22.45 -27.58
C ARG F 368 26.22 -21.92 -26.33
N ARG F 369 25.49 -21.36 -25.36
CA ARG F 369 26.14 -20.73 -24.21
C ARG F 369 26.99 -21.74 -23.44
N ASP F 370 26.41 -22.89 -23.10
CA ASP F 370 27.13 -23.84 -22.25
C ASP F 370 28.36 -24.40 -22.96
N GLU F 371 28.24 -24.72 -24.26
CA GLU F 371 29.37 -25.25 -25.00
C GLU F 371 30.49 -24.21 -25.08
N VAL F 372 30.14 -22.95 -25.38
CA VAL F 372 31.15 -21.91 -25.49
C VAL F 372 31.84 -21.69 -24.13
N LYS F 373 31.04 -21.57 -23.07
CA LYS F 373 31.62 -21.39 -21.74
C LYS F 373 32.55 -22.55 -21.40
N ASN F 374 32.04 -23.79 -21.52
CA ASN F 374 32.86 -24.95 -21.17
C ASN F 374 34.10 -25.04 -22.06
N LYS F 375 33.94 -24.84 -23.38
CA LYS F 375 35.11 -24.91 -24.24
C LYS F 375 36.11 -23.81 -23.93
N LEU F 376 35.65 -22.58 -23.71
CA LEU F 376 36.56 -21.49 -23.36
C LEU F 376 37.44 -21.89 -22.18
N TYR F 377 36.87 -22.59 -21.19
CA TYR F 377 37.69 -23.01 -20.06
C TYR F 377 38.53 -24.24 -20.41
N GLN F 378 37.88 -25.33 -20.82
CA GLN F 378 38.64 -26.56 -21.04
C GLN F 378 39.61 -26.41 -22.20
N LEU F 379 39.20 -25.80 -23.32
CA LEU F 379 40.09 -25.72 -24.47
C LEU F 379 41.10 -24.59 -24.32
N TYR F 380 40.65 -23.39 -23.94
CA TYR F 380 41.48 -22.21 -24.05
C TYR F 380 41.94 -21.65 -22.71
N ASN F 381 41.61 -22.31 -21.59
CA ASN F 381 42.04 -21.89 -20.26
C ASN F 381 41.53 -20.49 -19.92
N ILE F 382 40.31 -20.21 -20.33
CA ILE F 382 39.66 -18.93 -20.07
C ILE F 382 38.48 -19.19 -19.14
N GLU F 383 38.57 -18.63 -17.94
CA GLU F 383 37.45 -18.71 -17.01
C GLU F 383 36.45 -17.62 -17.37
N THR F 384 35.22 -18.01 -17.64
CA THR F 384 34.12 -17.08 -17.69
C THR F 384 33.11 -17.50 -16.63
N ASP F 385 32.15 -16.63 -16.37
CA ASP F 385 31.23 -16.83 -15.25
C ASP F 385 29.82 -16.47 -15.67
N ILE F 386 28.85 -17.01 -14.95
CA ILE F 386 27.44 -16.69 -15.13
C ILE F 386 26.96 -16.08 -13.81
N TYR F 387 26.81 -14.76 -13.80
CA TYR F 387 26.24 -14.04 -12.65
C TYR F 387 24.78 -13.80 -12.96
N TYR F 388 23.87 -14.63 -12.42
CA TYR F 388 24.11 -15.63 -11.38
C TYR F 388 23.54 -16.97 -11.81
N PRO F 389 24.13 -18.08 -11.34
CA PRO F 389 23.79 -19.40 -11.92
C PRO F 389 22.34 -19.81 -11.72
N VAL F 390 21.66 -19.38 -10.66
CA VAL F 390 20.30 -19.82 -10.41
C VAL F 390 19.41 -18.61 -10.22
N LEU F 391 18.27 -18.59 -10.91
CA LEU F 391 17.30 -17.52 -10.75
C LEU F 391 16.53 -17.68 -9.43
N SER F 392 16.00 -16.54 -8.94
CA SER F 392 15.44 -16.50 -7.59
C SER F 392 14.27 -17.46 -7.41
N HIS F 393 13.46 -17.64 -8.46
CA HIS F 393 12.28 -18.49 -8.37
C HIS F 393 12.58 -19.95 -8.70
N LYS F 394 13.86 -20.32 -8.81
CA LYS F 394 14.24 -21.67 -9.17
C LYS F 394 15.21 -22.32 -8.18
N HIS F 395 15.52 -21.67 -7.06
CA HIS F 395 16.37 -22.30 -6.06
C HIS F 395 15.68 -23.54 -5.50
N ASN F 396 16.50 -24.54 -5.16
CA ASN F 396 15.98 -25.77 -4.54
C ASN F 396 15.87 -25.53 -3.05
N THR F 397 14.73 -24.99 -2.63
CA THR F 397 14.47 -24.73 -1.21
C THR F 397 12.97 -24.76 -0.98
N LYS F 398 12.60 -24.86 0.31
CA LYS F 398 11.18 -24.96 0.67
C LYS F 398 10.41 -23.71 0.29
N LEU F 399 11.06 -22.54 0.34
CA LEU F 399 10.43 -21.29 -0.04
C LEU F 399 9.96 -21.35 -1.49
N VAL F 400 10.87 -21.68 -2.40
CA VAL F 400 10.54 -21.72 -3.82
C VAL F 400 9.41 -22.72 -4.07
N LYS F 401 9.50 -23.91 -3.46
CA LYS F 401 8.51 -24.95 -3.71
C LYS F 401 7.14 -24.57 -3.17
N LYS F 402 7.08 -23.71 -2.17
CA LYS F 402 5.81 -23.31 -1.56
C LYS F 402 5.24 -22.03 -2.14
N ASN F 403 6.07 -21.15 -2.70
CA ASN F 403 5.63 -19.82 -3.11
C ASN F 403 5.83 -19.53 -4.59
N TYR F 404 6.95 -19.92 -5.18
CA TYR F 404 7.26 -19.54 -6.55
C TYR F 404 7.42 -20.75 -7.47
N MET F 405 6.41 -21.61 -7.51
CA MET F 405 6.40 -22.70 -8.49
C MET F 405 5.69 -22.31 -9.78
N GLN F 406 4.55 -21.63 -9.67
CA GLN F 406 3.83 -21.16 -10.85
C GLN F 406 4.47 -19.94 -11.49
N ASP F 407 5.49 -19.37 -10.87
CA ASP F 407 6.18 -18.23 -11.45
C ASP F 407 6.81 -18.60 -12.79
N THR F 408 6.54 -17.80 -13.81
CA THR F 408 7.18 -17.95 -15.11
C THR F 408 7.55 -16.57 -15.63
N LEU F 409 8.84 -16.31 -15.76
CA LEU F 409 9.39 -15.03 -16.21
C LEU F 409 10.15 -15.29 -17.50
N LEU F 410 9.44 -15.20 -18.62
CA LEU F 410 9.95 -15.69 -19.91
C LEU F 410 11.28 -15.06 -20.27
N ASN F 411 11.33 -13.73 -20.35
CA ASN F 411 12.54 -13.04 -20.81
C ASN F 411 13.72 -13.34 -19.90
N THR F 412 13.52 -13.23 -18.58
CA THR F 412 14.59 -13.55 -17.66
C THR F 412 15.06 -14.99 -17.86
N GLU F 413 14.12 -15.92 -17.93
CA GLU F 413 14.46 -17.32 -18.12
C GLU F 413 15.24 -17.52 -19.43
N GLN F 414 14.77 -16.88 -20.51
CA GLN F 414 15.43 -17.03 -21.82
C GLN F 414 16.81 -16.40 -21.81
N VAL F 415 16.93 -15.17 -21.31
CA VAL F 415 18.21 -14.49 -21.19
C VAL F 415 19.18 -15.31 -20.35
N HIS F 416 18.65 -15.97 -19.30
CA HIS F 416 19.49 -16.75 -18.40
C HIS F 416 20.16 -17.90 -19.13
N LYS F 417 19.47 -18.51 -20.10
CA LYS F 417 20.02 -19.61 -20.90
C LYS F 417 21.14 -19.16 -21.83
N GLU F 418 21.30 -17.85 -22.06
CA GLU F 418 22.26 -17.33 -23.01
C GLU F 418 23.34 -16.45 -22.41
N ILE F 419 23.19 -16.02 -21.17
CA ILE F 419 24.08 -15.01 -20.60
C ILE F 419 25.45 -15.61 -20.32
N LEU F 420 26.49 -14.77 -20.47
CA LEU F 420 27.87 -15.16 -20.18
C LEU F 420 28.65 -13.89 -19.87
N HIS F 421 29.43 -13.92 -18.80
CA HIS F 421 30.20 -12.75 -18.40
C HIS F 421 31.67 -13.00 -18.70
N LEU F 422 32.31 -12.00 -19.25
CA LEU F 422 33.71 -12.00 -19.62
C LEU F 422 34.53 -11.26 -18.58
N PRO F 423 35.74 -11.75 -18.31
CA PRO F 423 36.60 -11.12 -17.30
C PRO F 423 36.79 -9.65 -17.64
N LEU F 424 36.58 -8.79 -16.63
CA LEU F 424 36.73 -7.35 -16.79
C LEU F 424 36.94 -6.79 -15.39
N HIS F 425 38.17 -6.44 -15.08
CA HIS F 425 38.48 -5.77 -13.83
C HIS F 425 39.59 -4.78 -14.12
N PRO F 426 39.67 -3.69 -13.36
CA PRO F 426 40.48 -2.55 -13.82
C PRO F 426 41.97 -2.80 -13.80
N ASN F 427 42.44 -3.84 -13.12
CA ASN F 427 43.87 -4.14 -13.09
C ASN F 427 44.25 -5.26 -14.06
N MET F 428 43.34 -5.70 -14.93
CA MET F 428 43.75 -6.71 -15.89
C MET F 428 44.59 -6.05 -16.99
N LEU F 429 45.43 -6.88 -17.61
CA LEU F 429 46.31 -6.44 -18.69
C LEU F 429 45.59 -6.50 -20.01
N LEU F 430 46.00 -5.63 -20.93
CA LEU F 430 45.46 -5.73 -22.29
C LEU F 430 45.90 -7.03 -22.95
N GLU F 431 47.06 -7.56 -22.57
CA GLU F 431 47.44 -8.89 -23.02
C GLU F 431 46.46 -9.94 -22.51
N GLU F 432 45.95 -9.75 -21.30
CA GLU F 432 44.96 -10.68 -20.77
C GLU F 432 43.66 -10.59 -21.55
N GLN F 433 43.23 -9.36 -21.85
CA GLN F 433 42.00 -9.20 -22.61
C GLN F 433 42.17 -9.75 -24.01
N ASN F 434 43.37 -9.62 -24.59
CA ASN F 434 43.61 -10.20 -25.91
C ASN F 434 43.50 -11.72 -25.87
N PHE F 435 43.97 -12.33 -24.80
CA PHE F 435 43.82 -13.77 -24.65
C PHE F 435 42.35 -14.15 -24.66
N VAL F 436 41.50 -13.37 -23.99
CA VAL F 436 40.07 -13.66 -23.98
C VAL F 436 39.49 -13.47 -25.37
N LEU F 437 39.82 -12.36 -26.02
CA LEU F 437 39.37 -12.11 -27.38
C LEU F 437 39.75 -13.28 -28.30
N GLU F 438 41.03 -13.62 -28.35
CA GLU F 438 41.47 -14.71 -29.23
C GLU F 438 40.70 -15.99 -28.95
N GLY F 439 40.48 -16.32 -27.68
CA GLY F 439 39.75 -17.54 -27.37
C GLY F 439 38.29 -17.48 -27.77
N LEU F 440 37.68 -16.30 -27.63
CA LEU F 440 36.29 -16.15 -28.05
C LEU F 440 36.15 -16.26 -29.58
N ILE F 441 37.09 -15.67 -30.33
CA ILE F 441 37.03 -15.75 -31.79
C ILE F 441 37.18 -17.19 -32.25
N ASN F 442 38.08 -17.93 -31.62
CA ASN F 442 38.45 -19.25 -32.09
C ASN F 442 37.37 -20.28 -31.76
N VAL F 443 36.75 -20.19 -30.58
CA VAL F 443 35.71 -21.14 -30.22
C VAL F 443 34.47 -20.95 -31.10
N ASN F 444 34.34 -19.82 -31.78
CA ASN F 444 33.23 -19.55 -32.67
C ASN F 444 33.63 -19.50 -34.15
N LYS F 445 34.76 -20.12 -34.49
CA LYS F 445 35.26 -20.08 -35.87
C LYS F 445 34.49 -21.04 -36.79
N THR G 7 52.43 -28.90 44.43
CA THR G 7 51.20 -28.82 43.64
C THR G 7 51.40 -27.87 42.46
N LEU G 8 51.09 -28.35 41.27
CA LEU G 8 51.37 -27.63 40.04
C LEU G 8 50.06 -27.16 39.43
N THR G 9 49.97 -25.86 39.16
CA THR G 9 48.85 -25.30 38.40
C THR G 9 49.32 -24.99 36.97
N THR G 10 48.52 -25.42 35.99
CA THR G 10 48.76 -25.12 34.59
C THR G 10 47.91 -23.92 34.18
N ILE G 11 48.57 -22.84 33.77
CA ILE G 11 47.87 -21.64 33.31
C ILE G 11 47.35 -21.92 31.90
N SER G 12 46.06 -22.14 31.78
CA SER G 12 45.43 -22.41 30.49
C SER G 12 44.92 -21.14 29.84
N GLY G 13 44.99 -20.02 30.55
CA GLY G 13 44.54 -18.74 30.06
C GLY G 13 43.14 -18.36 30.48
N HIS G 14 42.52 -19.13 31.36
CA HIS G 14 41.14 -18.93 31.77
C HIS G 14 41.10 -18.30 33.16
N SER G 15 39.87 -18.02 33.62
CA SER G 15 39.67 -17.19 34.81
C SER G 15 40.11 -17.90 36.10
N LYS G 16 39.83 -19.20 36.24
CA LYS G 16 40.17 -19.93 37.47
C LYS G 16 41.68 -20.04 37.67
N ASP G 17 42.43 -20.21 36.57
CA ASP G 17 43.88 -20.15 36.67
C ASP G 17 44.36 -18.77 37.10
N ASN G 18 43.77 -17.71 36.52
CA ASN G 18 44.22 -16.35 36.85
C ASN G 18 44.02 -16.04 38.32
N LEU G 19 42.91 -16.51 38.90
CA LEU G 19 42.69 -16.32 40.33
C LEU G 19 43.75 -17.04 41.15
N ALA G 20 44.11 -18.25 40.71
CA ALA G 20 45.16 -19.03 41.38
C ALA G 20 46.51 -18.34 41.27
N LEU G 21 46.82 -17.82 40.08
CA LEU G 21 48.08 -17.13 39.85
C LEU G 21 48.15 -15.83 40.64
N LEU G 22 47.03 -15.12 40.71
CA LEU G 22 46.99 -13.87 41.46
C LEU G 22 47.27 -14.11 42.94
N LYS G 23 46.62 -15.11 43.54
CA LYS G 23 46.86 -15.40 44.95
C LYS G 23 48.31 -15.77 45.20
N CYS G 24 48.98 -16.35 44.20
CA CYS G 24 50.39 -16.66 44.34
C CYS G 24 51.23 -15.39 44.28
N LEU G 25 51.07 -14.61 43.20
CA LEU G 25 51.80 -13.36 43.07
C LEU G 25 51.56 -12.43 44.25
N GLN G 26 50.39 -12.55 44.90
CA GLN G 26 50.04 -11.74 46.06
C GLN G 26 50.56 -12.31 47.37
N GLY G 27 51.25 -13.44 47.34
CA GLY G 27 51.82 -14.05 48.53
C GLY G 27 50.86 -14.82 49.39
N GLU G 28 49.56 -14.80 49.07
CA GLU G 28 48.58 -15.59 49.79
C GLU G 28 48.72 -17.08 49.48
N THR G 29 49.64 -17.43 48.58
CA THR G 29 49.81 -18.80 48.14
C THR G 29 50.36 -19.68 49.25
N LYS G 30 49.82 -20.90 49.34
CA LYS G 30 50.38 -21.94 50.21
C LYS G 30 51.59 -22.56 49.50
N GLU G 31 52.39 -21.71 48.86
CA GLU G 31 53.59 -22.10 48.14
C GLU G 31 53.27 -23.10 47.05
N LYS G 32 52.80 -22.61 45.90
CA LYS G 32 52.45 -23.44 44.75
C LYS G 32 53.48 -23.24 43.64
N GLU G 33 53.29 -23.97 42.54
CA GLU G 33 54.15 -23.91 41.37
C GLU G 33 53.29 -23.72 40.14
N PHE G 34 53.85 -23.09 39.10
CA PHE G 34 53.04 -22.71 37.95
C PHE G 34 53.75 -23.02 36.64
N GLU G 35 52.95 -23.38 35.64
CA GLU G 35 53.39 -23.51 34.27
C GLU G 35 52.32 -22.88 33.40
N ILE G 36 52.65 -22.61 32.14
CA ILE G 36 51.73 -21.88 31.27
C ILE G 36 51.64 -22.60 29.94
N SER G 37 50.42 -22.72 29.45
CA SER G 37 50.21 -23.39 28.16
C SER G 37 50.57 -22.40 27.06
N ASN G 38 51.35 -22.87 26.09
CA ASN G 38 51.85 -21.96 25.06
C ASN G 38 50.80 -21.72 23.98
N VAL G 39 49.56 -21.46 24.39
CA VAL G 39 48.48 -21.17 23.46
C VAL G 39 48.44 -19.67 23.21
N LEU G 40 47.79 -19.29 22.10
CA LEU G 40 47.88 -17.91 21.63
C LEU G 40 47.30 -16.91 22.62
N PRO G 41 46.18 -17.15 23.30
CA PRO G 41 45.72 -16.18 24.32
C PRO G 41 46.66 -16.05 25.51
N ASN G 42 47.69 -16.90 25.65
CA ASN G 42 48.68 -16.76 26.71
C ASN G 42 49.96 -16.07 26.26
N HIS G 43 50.03 -15.61 25.02
CA HIS G 43 51.31 -15.20 24.46
C HIS G 43 51.94 -14.04 25.25
N LYS G 44 51.14 -13.04 25.60
CA LYS G 44 51.68 -11.91 26.37
C LYS G 44 52.03 -12.34 27.80
N MET G 45 51.19 -13.15 28.43
CA MET G 45 51.48 -13.58 29.80
C MET G 45 52.74 -14.42 29.86
N LYS G 46 52.90 -15.34 28.90
CA LYS G 46 54.11 -16.15 28.85
C LYS G 46 55.35 -15.28 28.69
N GLU G 47 55.27 -14.28 27.80
CA GLU G 47 56.39 -13.38 27.60
C GLU G 47 56.70 -12.59 28.86
N LYS G 48 55.68 -12.00 29.49
CA LYS G 48 55.88 -11.06 30.59
C LYS G 48 56.23 -11.76 31.91
N LEU G 49 55.59 -12.89 32.21
CA LEU G 49 55.61 -13.43 33.56
C LEU G 49 56.38 -14.73 33.71
N PHE G 50 56.83 -15.37 32.64
CA PHE G 50 57.59 -16.60 32.76
C PHE G 50 58.95 -16.47 32.09
N ARG G 51 59.91 -17.23 32.62
CA ARG G 51 61.24 -17.38 32.04
C ARG G 51 61.59 -18.86 32.03
N GLU G 52 61.94 -19.37 30.86
CA GLU G 52 62.21 -20.79 30.66
C GLU G 52 61.13 -21.64 31.31
N ASN G 53 59.88 -21.35 30.94
CA ASN G 53 58.69 -22.11 31.30
C ASN G 53 58.37 -22.08 32.79
N LYS G 54 59.07 -21.26 33.58
CA LYS G 54 58.84 -21.14 35.01
C LYS G 54 58.47 -19.71 35.36
N LEU G 55 57.57 -19.56 36.34
CA LEU G 55 57.16 -18.24 36.79
C LEU G 55 58.38 -17.42 37.21
N LYS G 56 58.42 -16.17 36.77
CA LYS G 56 59.58 -15.33 37.04
C LYS G 56 59.73 -15.07 38.53
N ILE G 57 60.98 -14.92 38.94
CA ILE G 57 61.32 -14.58 40.32
C ILE G 57 61.03 -13.10 40.54
N ASP G 58 60.45 -12.79 41.70
CA ASP G 58 60.29 -11.41 42.18
C ASP G 58 59.50 -10.56 41.19
N ILE G 59 58.33 -11.06 40.80
CA ILE G 59 57.37 -10.24 40.10
C ILE G 59 56.75 -9.29 41.10
N ASP G 60 56.74 -8.01 40.77
CA ASP G 60 56.14 -6.95 41.58
C ASP G 60 54.93 -6.49 40.79
N ILE G 61 53.73 -6.91 41.22
CA ILE G 61 52.52 -6.60 40.44
C ILE G 61 52.42 -5.11 40.21
N GLU G 62 52.54 -4.32 41.27
CA GLU G 62 52.32 -2.89 41.14
C GLU G 62 53.35 -2.25 40.23
N LYS G 63 54.61 -2.63 40.38
CA LYS G 63 55.66 -1.91 39.65
C LYS G 63 55.87 -2.45 38.25
N ASP G 64 55.86 -3.78 38.06
CA ASP G 64 56.23 -4.38 36.78
C ASP G 64 55.04 -4.60 35.86
N ILE G 65 53.85 -4.77 36.41
CA ILE G 65 52.65 -4.98 35.60
C ILE G 65 51.87 -3.69 35.40
N PHE G 66 51.76 -2.85 36.44
CA PHE G 66 51.03 -1.59 36.33
C PHE G 66 51.93 -0.35 36.24
N ASN G 67 53.24 -0.51 36.28
CA ASN G 67 54.19 0.61 36.24
C ASN G 67 53.83 1.69 37.27
N TYR G 68 53.46 1.25 38.47
CA TYR G 68 53.06 2.17 39.52
C TYR G 68 54.20 3.13 39.83
N SER G 69 53.93 4.45 39.70
CA SER G 69 54.94 5.44 39.98
C SER G 69 54.37 6.71 40.61
N ARG G 70 53.20 6.63 41.25
CA ARG G 70 52.58 7.78 41.92
C ARG G 70 52.45 8.98 40.99
N LYS G 71 52.01 8.73 39.77
CA LYS G 71 51.70 9.82 38.86
C LYS G 71 50.50 10.60 39.38
N ASN G 72 50.53 11.92 39.20
CA ASN G 72 49.45 12.80 39.64
C ASN G 72 48.26 12.70 38.68
N ILE G 73 47.07 12.39 39.20
CA ILE G 73 45.85 12.22 38.42
C ILE G 73 44.88 13.35 38.72
N GLN G 74 44.32 13.97 37.67
CA GLN G 74 43.34 15.04 37.86
C GLN G 74 41.92 14.66 37.44
N LYS G 75 41.75 13.57 36.72
CA LYS G 75 40.42 13.19 36.27
C LYS G 75 40.42 11.72 35.93
N ILE G 76 39.23 11.15 35.84
CA ILE G 76 39.07 9.76 35.44
C ILE G 76 37.97 9.69 34.40
N GLU G 77 38.31 9.16 33.22
CA GLU G 77 37.29 8.80 32.23
C GLU G 77 36.96 7.33 32.38
N PHE G 78 35.70 6.97 32.07
CA PHE G 78 35.25 5.62 32.35
C PHE G 78 35.86 4.61 31.38
N MET G 79 35.96 4.95 30.09
CA MET G 79 36.51 4.04 29.09
C MET G 79 37.16 4.85 27.98
N PRO G 80 38.37 5.31 28.20
CA PRO G 80 39.07 6.06 27.16
C PRO G 80 39.52 5.12 26.06
N VAL G 81 38.85 5.12 24.91
CA VAL G 81 39.07 4.02 23.96
C VAL G 81 40.49 4.05 23.43
N ASN G 82 41.11 5.22 23.39
CA ASN G 82 42.52 5.28 22.97
C ASN G 82 43.43 4.45 23.89
N ARG G 83 43.01 4.19 25.13
CA ARG G 83 43.86 3.42 26.03
C ARG G 83 43.57 1.94 25.98
N LEU G 84 42.55 1.51 25.23
CA LEU G 84 42.21 0.09 25.19
C LEU G 84 43.08 -0.70 24.24
N ILE G 85 43.87 -0.05 23.40
CA ILE G 85 44.77 -0.75 22.51
C ILE G 85 46.18 -0.23 22.76
N SER G 86 47.14 -1.14 22.84
CA SER G 86 48.50 -0.74 23.15
C SER G 86 49.32 -0.58 21.88
N GLN G 87 50.49 0.04 22.02
CA GLN G 87 51.35 0.21 20.86
C GLN G 87 51.83 -1.14 20.34
N SER G 88 52.07 -2.08 21.26
CA SER G 88 52.52 -3.41 20.86
C SER G 88 51.49 -4.10 19.98
N GLU G 89 50.23 -3.97 20.33
CA GLU G 89 49.15 -4.48 19.47
C GLU G 89 49.16 -3.79 18.12
N ILE G 90 49.23 -2.44 18.13
CA ILE G 90 49.27 -1.68 16.87
C ILE G 90 50.43 -2.15 16.00
N ASP G 91 51.62 -2.30 16.60
CA ASP G 91 52.78 -2.77 15.85
C ASP G 91 52.55 -4.15 15.25
N GLY G 92 52.00 -5.07 16.04
CA GLY G 92 51.65 -6.38 15.51
C GLY G 92 50.58 -6.35 14.45
N ILE G 93 49.61 -5.42 14.58
CA ILE G 93 48.52 -5.33 13.61
C ILE G 93 49.04 -4.81 12.26
N ILE G 94 49.80 -3.71 12.29
CA ILE G 94 50.43 -3.19 11.07
C ILE G 94 51.24 -4.27 10.39
N GLY G 95 51.96 -5.07 11.18
CA GLY G 95 52.77 -6.13 10.62
C GLY G 95 51.93 -7.16 9.88
N THR G 96 50.91 -7.70 10.54
CA THR G 96 50.10 -8.73 9.92
C THR G 96 49.28 -8.18 8.76
N LEU G 97 48.88 -6.90 8.83
CA LEU G 97 48.10 -6.34 7.74
C LEU G 97 48.98 -6.11 6.51
N LYS G 98 50.26 -5.78 6.69
CA LYS G 98 51.18 -5.73 5.57
C LYS G 98 51.25 -7.06 4.84
N GLU G 99 50.92 -8.17 5.50
CA GLU G 99 50.84 -9.47 4.84
C GLU G 99 49.47 -9.81 4.29
N VAL G 100 48.40 -9.32 4.92
CA VAL G 100 47.05 -9.68 4.49
C VAL G 100 46.62 -8.84 3.29
N LEU G 101 46.98 -7.55 3.27
CA LEU G 101 46.54 -6.66 2.20
C LEU G 101 46.92 -7.16 0.81
N PRO G 102 48.14 -7.65 0.55
CA PRO G 102 48.49 -8.05 -0.83
C PRO G 102 47.77 -9.31 -1.32
N THR G 103 47.27 -10.17 -0.43
CA THR G 103 46.49 -11.32 -0.90
C THR G 103 45.13 -10.93 -1.45
N GLY G 104 44.64 -9.74 -1.13
CA GLY G 104 43.30 -9.35 -1.56
C GLY G 104 42.15 -10.12 -0.97
N GLN G 105 42.39 -10.99 0.01
CA GLN G 105 41.31 -11.80 0.59
C GLN G 105 40.75 -11.05 1.78
N PHE G 106 39.65 -10.36 1.57
CA PHE G 106 39.10 -9.48 2.58
C PHE G 106 37.73 -9.92 3.07
N THR G 107 37.11 -10.92 2.45
CA THR G 107 35.90 -11.50 3.01
C THR G 107 36.24 -12.83 3.66
N SER G 108 36.15 -13.91 2.90
CA SER G 108 36.65 -15.17 3.42
C SER G 108 38.17 -15.19 3.35
N GLY G 109 38.78 -16.07 4.12
CA GLY G 109 40.21 -16.19 4.10
C GLY G 109 40.75 -17.12 5.18
N PRO G 110 42.06 -17.37 5.16
CA PRO G 110 42.63 -18.32 6.11
C PRO G 110 42.73 -17.79 7.52
N PHE G 111 42.78 -16.48 7.74
CA PHE G 111 42.86 -16.04 9.11
C PHE G 111 41.53 -16.22 9.81
N SER G 112 40.42 -16.13 9.07
CA SER G 112 39.12 -16.49 9.62
C SER G 112 39.14 -17.91 10.17
N LYS G 113 39.68 -18.86 9.38
CA LYS G 113 39.71 -20.24 9.82
C LYS G 113 40.65 -20.43 11.00
N LYS G 114 41.82 -19.77 10.97
CA LYS G 114 42.76 -19.87 12.08
C LYS G 114 42.15 -19.33 13.36
N LEU G 115 41.41 -18.21 13.29
CA LEU G 115 40.77 -17.68 14.50
C LEU G 115 39.65 -18.60 15.00
N GLU G 116 38.90 -19.22 14.08
CA GLU G 116 37.90 -20.18 14.52
C GLU G 116 38.58 -21.36 15.21
N GLU G 117 39.75 -21.76 14.71
CA GLU G 117 40.47 -22.87 15.31
C GLU G 117 41.02 -22.49 16.68
N VAL G 118 41.54 -21.25 16.81
CA VAL G 118 42.09 -20.79 18.08
C VAL G 118 40.99 -20.64 19.12
N ILE G 119 39.83 -20.13 18.70
CA ILE G 119 38.71 -19.99 19.63
C ILE G 119 38.19 -21.36 20.02
N GLY G 120 38.18 -22.30 19.08
CA GLY G 120 37.70 -23.65 19.37
C GLY G 120 38.55 -24.37 20.41
N ASP G 121 39.89 -24.24 20.31
CA ASP G 121 40.73 -24.85 21.33
C ASP G 121 40.60 -24.15 22.66
N TYR G 122 40.38 -22.83 22.64
CA TYR G 122 40.33 -22.07 23.88
C TYR G 122 39.06 -22.37 24.66
N LEU G 123 37.95 -22.61 23.98
CA LEU G 123 36.69 -22.96 24.65
C LEU G 123 36.46 -24.46 24.69
N ASN G 124 37.40 -25.27 24.17
CA ASN G 124 37.24 -26.72 24.12
C ASN G 124 35.90 -27.09 23.46
N LYS G 125 35.69 -26.56 22.26
CA LYS G 125 34.47 -26.84 21.53
C LYS G 125 34.78 -27.21 20.09
N LYS G 126 33.91 -28.05 19.51
CA LYS G 126 34.17 -28.67 18.22
C LYS G 126 34.04 -27.67 17.07
N TYR G 127 33.05 -26.79 17.14
CA TYR G 127 32.69 -25.99 15.97
C TYR G 127 32.62 -24.51 16.34
N VAL G 128 33.19 -23.69 15.45
CA VAL G 128 33.25 -22.24 15.62
C VAL G 128 32.93 -21.60 14.28
N ILE G 129 31.95 -20.70 14.27
CA ILE G 129 31.67 -19.84 13.12
C ILE G 129 31.97 -18.41 13.54
N ALA G 130 33.01 -17.82 12.96
CA ALA G 130 33.33 -16.43 13.27
C ALA G 130 32.44 -15.53 12.43
N THR G 131 31.81 -14.56 13.09
CA THR G 131 30.77 -13.73 12.49
C THR G 131 31.18 -12.26 12.50
N SER G 132 30.33 -11.44 11.88
CA SER G 132 30.56 -10.02 11.76
C SER G 132 30.19 -9.23 13.01
N SER G 133 29.52 -9.84 13.98
CA SER G 133 29.23 -9.21 15.26
C SER G 133 28.63 -10.25 16.20
N GLY G 134 28.74 -10.01 17.51
CA GLY G 134 28.00 -10.84 18.46
C GLY G 134 26.50 -10.84 18.20
N THR G 135 25.95 -9.66 17.85
CA THR G 135 24.51 -9.56 17.57
C THR G 135 24.11 -10.44 16.39
N ASP G 136 24.92 -10.43 15.33
CA ASP G 136 24.67 -11.33 14.21
C ASP G 136 24.87 -12.79 14.58
N ALA G 137 25.87 -13.08 15.44
CA ALA G 137 26.04 -14.46 15.88
C ALA G 137 24.79 -14.94 16.62
N LEU G 138 24.21 -14.07 17.45
CA LEU G 138 23.00 -14.43 18.18
C LEU G 138 21.80 -14.65 17.24
N MET G 139 21.60 -13.76 16.27
CA MET G 139 20.47 -13.92 15.34
C MET G 139 20.58 -15.22 14.56
N VAL G 140 21.76 -15.49 14.02
CA VAL G 140 22.00 -16.73 13.28
C VAL G 140 21.77 -17.95 14.16
N SER G 141 22.28 -17.93 15.39
CA SER G 141 22.09 -19.06 16.30
C SER G 141 20.62 -19.31 16.59
N LEU G 142 19.85 -18.22 16.75
CA LEU G 142 18.42 -18.38 17.00
C LEU G 142 17.72 -18.99 15.81
N LEU G 143 18.11 -18.58 14.60
CA LEU G 143 17.53 -19.22 13.43
C LEU G 143 17.95 -20.67 13.33
N SER G 144 19.20 -20.98 13.73
CA SER G 144 19.69 -22.34 13.56
C SER G 144 18.92 -23.34 14.43
N ILE G 145 18.47 -22.91 15.61
CA ILE G 145 17.67 -23.80 16.45
C ILE G 145 16.21 -23.81 16.05
N GLY G 146 15.84 -23.13 14.97
CA GLY G 146 14.50 -23.21 14.43
C GLY G 146 13.54 -22.14 14.91
N ILE G 147 14.03 -21.07 15.54
CA ILE G 147 13.13 -20.02 16.02
C ILE G 147 12.36 -19.42 14.86
N GLN G 148 11.06 -19.27 15.05
CA GLN G 148 10.14 -18.71 14.07
C GLN G 148 9.47 -17.47 14.66
N PRO G 149 8.90 -16.61 13.81
CA PRO G 149 8.10 -15.50 14.33
C PRO G 149 7.02 -16.00 15.27
N GLY G 150 6.94 -15.39 16.45
CA GLY G 150 6.01 -15.78 17.48
C GLY G 150 6.61 -16.69 18.54
N ASP G 151 7.71 -17.37 18.26
CA ASP G 151 8.33 -18.19 19.29
C ASP G 151 8.82 -17.31 20.43
N GLU G 152 8.80 -17.87 21.64
CA GLU G 152 9.18 -17.13 22.83
C GLU G 152 10.60 -17.49 23.26
N VAL G 153 11.34 -16.50 23.75
CA VAL G 153 12.69 -16.68 24.24
C VAL G 153 12.77 -16.08 25.64
N ILE G 154 13.15 -16.90 26.61
CA ILE G 154 13.25 -16.43 27.99
C ILE G 154 14.61 -15.79 28.19
N MET G 155 14.63 -14.57 28.71
CA MET G 155 15.87 -13.81 28.84
C MET G 155 15.70 -12.82 29.97
N PRO G 156 16.80 -12.29 30.50
CA PRO G 156 16.69 -11.22 31.49
C PRO G 156 16.46 -9.88 30.80
N ALA G 157 16.06 -8.90 31.60
CA ALA G 157 15.71 -7.59 31.10
C ALA G 157 16.82 -6.58 31.31
N ASN G 158 18.00 -7.01 31.74
CA ASN G 158 19.02 -6.07 32.18
C ASN G 158 20.25 -6.14 31.30
N SER G 159 20.14 -6.77 30.12
CA SER G 159 21.28 -6.91 29.21
C SER G 159 21.40 -5.71 28.29
N PHE G 160 22.52 -5.69 27.55
CA PHE G 160 22.64 -4.79 26.43
C PHE G 160 21.51 -5.07 25.44
N ALA G 161 21.10 -4.02 24.74
CA ALA G 161 19.97 -4.12 23.82
C ALA G 161 20.14 -5.21 22.76
N ALA G 162 21.39 -5.57 22.44
CA ALA G 162 21.63 -6.54 21.37
C ALA G 162 20.98 -7.88 21.68
N THR G 163 20.89 -8.24 22.96
CA THR G 163 20.36 -9.56 23.28
C THR G 163 18.90 -9.66 22.88
N GLU G 164 18.12 -8.66 23.25
CA GLU G 164 16.71 -8.69 22.89
C GLU G 164 16.50 -8.35 21.42
N ASN G 165 17.35 -7.48 20.85
CA ASN G 165 17.20 -7.10 19.45
C ASN G 165 17.38 -8.28 18.51
N ALA G 166 18.29 -9.19 18.83
CA ALA G 166 18.47 -10.36 17.97
C ALA G 166 17.24 -11.24 17.95
N VAL G 167 16.54 -11.32 19.07
CA VAL G 167 15.28 -12.06 19.14
C VAL G 167 14.20 -11.32 18.36
N LEU G 168 14.11 -10.00 18.55
CA LEU G 168 13.04 -9.25 17.91
C LEU G 168 13.24 -9.16 16.40
N ALA G 169 14.47 -9.06 15.94
CA ALA G 169 14.73 -8.88 14.51
C ALA G 169 14.26 -10.07 13.67
N ILE G 170 14.13 -11.26 14.27
CA ILE G 170 13.66 -12.43 13.54
C ILE G 170 12.21 -12.75 13.82
N GLY G 171 11.47 -11.83 14.45
CA GLY G 171 10.06 -11.99 14.67
C GLY G 171 9.69 -12.72 15.95
N ALA G 172 10.65 -13.05 16.79
CA ALA G 172 10.39 -13.79 18.01
C ALA G 172 10.11 -12.83 19.16
N LYS G 173 9.68 -13.38 20.30
CA LYS G 173 9.13 -12.57 21.40
C LYS G 173 9.92 -12.77 22.68
N PRO G 174 10.73 -11.79 23.09
CA PRO G 174 11.39 -11.88 24.39
C PRO G 174 10.37 -12.09 25.50
N VAL G 175 10.72 -12.96 26.43
CA VAL G 175 9.94 -13.17 27.64
C VAL G 175 10.88 -12.93 28.80
N PHE G 176 10.67 -11.85 29.53
CA PHE G 176 11.63 -11.40 30.54
C PHE G 176 11.42 -12.12 31.87
N VAL G 177 12.52 -12.52 32.50
CA VAL G 177 12.50 -13.17 33.80
C VAL G 177 13.41 -12.38 34.73
N ASP G 178 13.02 -12.29 36.00
CA ASP G 178 13.76 -11.49 36.98
C ASP G 178 15.15 -12.07 37.22
N ILE G 179 16.04 -11.22 37.70
CA ILE G 179 17.41 -11.64 38.00
C ILE G 179 17.43 -12.15 39.44
N ASP G 180 18.49 -12.88 39.77
CA ASP G 180 18.70 -13.32 41.14
C ASP G 180 19.15 -12.13 41.97
N HIS G 181 19.22 -12.31 43.27
CA HIS G 181 19.65 -11.21 44.11
C HIS G 181 21.16 -11.12 44.22
N LYS G 182 21.89 -12.14 43.76
CA LYS G 182 23.30 -12.31 44.10
C LYS G 182 24.24 -11.70 43.07
N SER G 183 24.02 -11.96 41.77
CA SER G 183 25.11 -11.68 40.83
C SER G 183 24.64 -11.12 39.49
N TYR G 184 23.46 -10.50 39.43
CA TYR G 184 22.93 -9.79 38.26
C TYR G 184 22.51 -10.70 37.13
N CYS G 185 22.39 -12.01 37.36
CA CYS G 185 22.10 -12.94 36.28
C CYS G 185 20.70 -13.50 36.44
N ILE G 186 20.18 -13.99 35.33
CA ILE G 186 18.85 -14.60 35.30
C ILE G 186 18.68 -15.53 36.48
N ASP G 187 17.54 -15.42 37.16
CA ASP G 187 17.27 -16.25 38.33
C ASP G 187 16.71 -17.60 37.87
N PRO G 188 17.46 -18.69 38.00
CA PRO G 188 16.92 -20.00 37.59
C PRO G 188 15.58 -20.34 38.20
N LEU G 189 15.35 -19.97 39.46
CA LEU G 189 14.10 -20.31 40.16
C LEU G 189 12.88 -19.64 39.58
N LYS G 190 13.05 -18.73 38.62
CA LYS G 190 11.95 -18.03 37.99
C LYS G 190 11.77 -18.38 36.51
N ILE G 191 12.62 -19.26 35.98
CA ILE G 191 12.53 -19.58 34.55
C ILE G 191 11.32 -20.47 34.27
N GLU G 192 11.07 -21.47 35.12
CA GLU G 192 10.06 -22.46 34.79
C GLU G 192 8.66 -21.85 34.70
N GLU G 193 8.34 -20.91 35.59
CA GLU G 193 7.03 -20.26 35.53
C GLU G 193 6.83 -19.47 34.24
N ALA G 194 7.92 -19.06 33.57
CA ALA G 194 7.75 -18.32 32.33
C ALA G 194 7.58 -19.22 31.11
N ILE G 195 7.74 -20.54 31.26
CA ILE G 195 7.75 -21.46 30.14
C ILE G 195 6.31 -21.71 29.67
N THR G 196 6.09 -21.67 28.35
CA THR G 196 4.79 -21.92 27.73
C THR G 196 5.00 -22.84 26.52
N GLN G 197 3.90 -23.18 25.84
CA GLN G 197 4.00 -23.95 24.61
C GLN G 197 4.75 -23.23 23.49
N LYS G 198 4.99 -21.93 23.61
CA LYS G 198 5.74 -21.20 22.59
C LYS G 198 7.22 -21.11 22.88
N THR G 199 7.66 -21.41 24.08
CA THR G 199 9.06 -21.23 24.43
C THR G 199 9.92 -22.19 23.63
N LYS G 200 11.00 -21.67 23.06
CA LYS G 200 11.94 -22.50 22.31
C LYS G 200 13.37 -22.34 22.80
N CYS G 201 13.64 -21.34 23.63
CA CYS G 201 15.02 -21.07 23.96
C CYS G 201 15.05 -20.35 25.29
N ILE G 202 16.03 -20.69 26.12
CA ILE G 202 16.43 -19.89 27.26
C ILE G 202 17.71 -19.17 26.88
N LEU G 203 17.73 -17.85 27.06
CA LEU G 203 18.82 -16.98 26.61
C LEU G 203 19.41 -16.26 27.83
N PRO G 204 20.21 -16.96 28.63
CA PRO G 204 20.88 -16.32 29.76
C PRO G 204 22.08 -15.52 29.28
N VAL G 205 22.42 -14.50 30.05
CA VAL G 205 23.49 -13.57 29.71
C VAL G 205 24.53 -13.60 30.83
N HIS G 206 25.79 -13.82 30.48
CA HIS G 206 26.84 -13.82 31.50
C HIS G 206 27.25 -12.37 31.73
N LEU G 207 26.42 -11.67 32.49
CA LEU G 207 26.49 -10.21 32.51
C LEU G 207 27.69 -9.72 33.32
N TYR G 208 28.39 -8.74 32.75
CA TYR G 208 29.56 -8.04 33.32
C TYR G 208 30.80 -8.92 33.38
N GLY G 209 30.78 -10.08 32.76
CA GLY G 209 31.86 -11.04 32.87
C GLY G 209 31.62 -12.18 33.85
N LYS G 210 30.41 -12.28 34.39
CA LYS G 210 30.05 -13.25 35.43
C LYS G 210 29.16 -14.31 34.82
N GLN G 211 29.46 -15.59 35.03
CA GLN G 211 28.59 -16.63 34.48
C GLN G 211 27.34 -16.82 35.33
N CYS G 212 26.20 -17.04 34.67
CA CYS G 212 25.01 -17.43 35.42
C CYS G 212 25.18 -18.88 35.89
N ASP G 213 24.19 -19.37 36.64
CA ASP G 213 24.18 -20.73 37.23
C ASP G 213 23.73 -21.73 36.17
N MET G 214 24.69 -22.12 35.32
CA MET G 214 24.32 -22.84 34.11
C MET G 214 23.91 -24.26 34.41
N LYS G 215 24.40 -24.84 35.50
CA LYS G 215 23.96 -26.18 35.87
C LYS G 215 22.47 -26.20 36.19
N ARG G 216 21.99 -25.19 36.94
CA ARG G 216 20.58 -25.15 37.31
C ARG G 216 19.68 -24.73 36.16
N ILE G 217 20.19 -23.94 35.22
CA ILE G 217 19.38 -23.56 34.07
C ILE G 217 19.27 -24.73 33.10
N ARG G 218 20.36 -25.50 32.95
CA ARG G 218 20.33 -26.71 32.12
C ARG G 218 19.45 -27.79 32.71
N GLU G 219 19.42 -27.91 34.05
CA GLU G 219 18.48 -28.85 34.66
C GLU G 219 17.04 -28.52 34.26
N ILE G 220 16.66 -27.25 34.35
CA ILE G 220 15.29 -26.85 34.02
C ILE G 220 15.03 -27.05 32.53
N ALA G 221 15.98 -26.65 31.69
CA ALA G 221 15.77 -26.74 30.25
C ALA G 221 15.60 -28.19 29.81
N ASP G 222 16.28 -29.12 30.47
CA ASP G 222 16.16 -30.51 30.08
C ASP G 222 14.80 -31.10 30.45
N VAL G 223 14.11 -30.55 31.45
CA VAL G 223 12.76 -31.02 31.73
C VAL G 223 11.82 -30.65 30.59
N TYR G 224 12.08 -29.51 29.92
CA TYR G 224 11.19 -29.00 28.87
C TYR G 224 11.80 -29.09 27.47
N GLN G 225 12.90 -29.82 27.30
CA GLN G 225 13.56 -30.05 26.01
C GLN G 225 13.91 -28.73 25.32
N LEU G 226 14.18 -27.68 26.09
CA LEU G 226 14.47 -26.38 25.53
C LEU G 226 15.95 -26.22 25.22
N ARG G 227 16.25 -25.48 24.14
CA ARG G 227 17.63 -25.13 23.83
C ARG G 227 18.11 -24.04 24.77
N ILE G 228 19.42 -24.02 25.02
CA ILE G 228 20.05 -22.94 25.74
C ILE G 228 21.08 -22.33 24.79
N ILE G 229 20.90 -21.04 24.48
CA ILE G 229 21.91 -20.23 23.80
C ILE G 229 22.45 -19.24 24.80
N GLU G 230 23.77 -19.24 25.02
CA GLU G 230 24.43 -18.42 26.03
C GLU G 230 25.00 -17.16 25.38
N ASP G 231 24.52 -15.99 25.84
CA ASP G 231 25.14 -14.71 25.48
C ASP G 231 26.35 -14.54 26.40
N ALA G 232 27.51 -14.95 25.89
CA ALA G 232 28.79 -14.78 26.57
C ALA G 232 29.62 -13.66 25.98
N CYS G 233 28.96 -12.65 25.38
CA CYS G 233 29.68 -11.59 24.68
C CYS G 233 30.55 -10.79 25.64
N GLN G 234 30.32 -10.88 26.95
CA GLN G 234 31.16 -10.19 27.94
C GLN G 234 32.03 -11.12 28.77
N ALA G 235 32.06 -12.43 28.48
CA ALA G 235 32.60 -13.41 29.41
C ALA G 235 33.73 -14.25 28.81
N ILE G 236 34.39 -13.77 27.75
CA ILE G 236 35.48 -14.55 27.17
C ILE G 236 36.55 -14.82 28.22
N GLY G 237 37.07 -16.04 28.24
CA GLY G 237 38.08 -16.43 29.21
C GLY G 237 37.54 -16.95 30.52
N SER G 238 36.22 -16.98 30.70
CA SER G 238 35.65 -17.53 31.93
C SER G 238 35.74 -19.05 31.91
N SER G 239 36.25 -19.63 32.99
CA SER G 239 36.54 -21.07 33.00
C SER G 239 35.27 -21.88 32.73
N ASN G 240 35.42 -22.90 31.88
CA ASN G 240 34.35 -23.87 31.55
C ASN G 240 33.14 -23.20 30.89
N LEU G 241 33.35 -22.04 30.27
CA LEU G 241 32.31 -21.38 29.51
C LEU G 241 31.61 -22.36 28.58
N GLY G 242 30.29 -22.40 28.68
CA GLY G 242 29.47 -23.14 27.73
C GLY G 242 29.34 -24.61 27.97
N GLU G 243 29.77 -25.10 29.15
CA GLU G 243 29.68 -26.52 29.46
C GLU G 243 28.27 -27.05 29.31
N TYR G 244 27.26 -26.27 29.67
CA TYR G 244 25.88 -26.74 29.66
C TYR G 244 25.05 -26.17 28.52
N GLY G 245 25.63 -25.37 27.65
CA GLY G 245 24.89 -24.65 26.65
C GLY G 245 24.95 -25.37 25.32
N ASP G 246 23.86 -25.24 24.54
CA ASP G 246 23.88 -25.79 23.18
C ASP G 246 24.77 -24.93 22.28
N ILE G 247 24.63 -23.61 22.41
CA ILE G 247 25.33 -22.64 21.58
C ILE G 247 25.88 -21.56 22.49
N ILE G 248 27.14 -21.17 22.28
CA ILE G 248 27.75 -20.05 22.99
C ILE G 248 28.00 -18.93 21.99
N ILE G 249 27.54 -17.72 22.33
CA ILE G 249 27.73 -16.53 21.50
C ILE G 249 28.87 -15.72 22.09
N LEU G 250 29.87 -15.39 21.27
CA LEU G 250 30.94 -14.48 21.67
C LEU G 250 30.82 -13.18 20.87
N SER G 251 31.29 -12.10 21.47
CA SER G 251 31.52 -10.86 20.73
C SER G 251 32.99 -10.48 20.80
N PHE G 252 33.57 -10.06 19.67
CA PHE G 252 34.91 -9.50 19.69
C PHE G 252 34.87 -8.01 19.36
N ASN G 253 33.83 -7.34 19.82
CA ASN G 253 33.80 -5.91 19.59
C ASN G 253 34.92 -5.25 20.39
N PRO G 254 35.41 -4.11 19.91
CA PRO G 254 36.73 -3.61 20.36
C PRO G 254 36.78 -3.24 21.84
N TYR G 255 35.65 -3.18 22.52
CA TYR G 255 35.61 -2.75 23.92
C TYR G 255 35.36 -3.91 24.89
N LYS G 256 35.27 -5.13 24.37
CA LYS G 256 35.13 -6.34 25.19
C LYS G 256 36.53 -6.74 25.70
N ASN G 257 36.60 -7.75 26.58
CA ASN G 257 37.89 -8.13 27.19
C ASN G 257 38.94 -8.54 26.14
N PHE G 258 38.47 -9.11 25.04
CA PHE G 258 39.27 -9.31 23.83
C PHE G 258 38.46 -8.77 22.67
N GLY G 259 39.07 -7.94 21.84
CA GLY G 259 38.35 -7.45 20.68
C GLY G 259 39.25 -7.27 19.47
N VAL G 260 38.61 -7.16 18.30
CA VAL G 260 39.35 -6.80 17.08
C VAL G 260 39.32 -5.28 16.91
N CYS G 261 39.58 -4.78 15.70
CA CYS G 261 39.53 -3.33 15.52
C CYS G 261 38.35 -2.99 14.64
N GLY G 262 37.18 -3.46 15.02
CA GLY G 262 36.01 -3.37 14.17
C GLY G 262 34.99 -4.30 14.78
N LYS G 263 33.98 -4.66 14.02
CA LYS G 263 32.93 -5.54 14.54
C LYS G 263 33.23 -7.00 14.19
N ALA G 264 33.02 -7.90 15.15
CA ALA G 264 33.19 -9.34 14.97
C ALA G 264 32.59 -10.10 16.16
N GLY G 265 32.36 -11.39 15.98
CA GLY G 265 31.76 -12.25 16.97
C GLY G 265 31.99 -13.70 16.61
N ALA G 266 31.35 -14.59 17.36
CA ALA G 266 31.48 -16.00 17.02
C ALA G 266 30.29 -16.79 17.57
N ILE G 267 30.01 -17.89 16.87
CA ILE G 267 29.09 -18.93 17.31
C ILE G 267 29.91 -20.17 17.61
N VAL G 268 29.72 -20.73 18.80
CA VAL G 268 30.52 -21.86 19.27
C VAL G 268 29.58 -22.97 19.71
N THR G 269 29.77 -24.17 19.16
CA THR G 269 28.94 -25.33 19.49
C THR G 269 29.71 -26.63 19.31
N ASN G 270 29.19 -27.68 19.95
CA ASN G 270 29.57 -29.06 19.67
C ASN G 270 28.58 -29.80 18.78
N ASN G 271 27.44 -29.19 18.48
CA ASN G 271 26.37 -29.80 17.70
C ASN G 271 26.62 -29.49 16.22
N GLU G 272 26.95 -30.51 15.43
CA GLU G 272 27.34 -30.26 14.05
C GLU G 272 26.14 -29.84 13.20
N ASN G 273 24.96 -30.37 13.49
CA ASN G 273 23.77 -29.96 12.75
C ASN G 273 23.49 -28.48 12.92
N LEU G 274 23.56 -28.00 14.17
CA LEU G 274 23.43 -26.56 14.41
C LEU G 274 24.56 -25.78 13.76
N ALA G 275 25.79 -26.28 13.88
CA ALA G 275 26.93 -25.56 13.33
C ALA G 275 26.80 -25.39 11.82
N ILE G 276 26.33 -26.45 11.13
CA ILE G 276 26.11 -26.39 9.68
C ILE G 276 25.06 -25.35 9.32
N ARG G 277 23.92 -25.35 10.04
CA ARG G 277 22.87 -24.35 9.78
C ARG G 277 23.36 -22.94 10.09
N CYS G 278 24.22 -22.79 11.09
CA CYS G 278 24.76 -21.47 11.38
C CYS G 278 25.63 -20.99 10.24
N ASN G 279 26.44 -21.89 9.68
CA ASN G 279 27.30 -21.49 8.58
C ASN G 279 26.49 -21.09 7.37
N GLN G 280 25.36 -21.77 7.11
CA GLN G 280 24.55 -21.44 5.94
C GLN G 280 23.79 -20.15 6.15
N TYR G 281 23.24 -19.95 7.35
CA TYR G 281 22.49 -18.73 7.64
C TYR G 281 23.39 -17.49 7.65
N SER G 282 24.66 -17.65 7.96
CA SER G 282 25.52 -16.48 8.05
C SER G 282 26.14 -16.07 6.70
N TYR G 283 25.81 -16.76 5.58
CA TYR G 283 26.16 -16.28 4.25
C TYR G 283 25.03 -16.69 3.29
N HIS G 284 23.93 -15.93 3.36
CA HIS G 284 22.86 -15.89 2.37
C HIS G 284 22.11 -17.21 2.22
N GLY G 285 22.27 -18.16 3.14
CA GLY G 285 21.57 -19.43 3.02
C GLY G 285 22.14 -20.38 2.00
N PHE G 286 23.30 -20.08 1.44
CA PHE G 286 24.01 -21.00 0.55
C PHE G 286 24.51 -22.21 1.32
N GLU G 287 24.72 -23.31 0.61
CA GLU G 287 25.41 -24.43 1.25
C GLU G 287 26.90 -24.17 1.22
N VAL G 288 27.61 -24.74 2.18
CA VAL G 288 29.04 -24.46 2.33
C VAL G 288 29.78 -25.00 1.12
N ASP G 289 30.82 -24.27 0.70
CA ASP G 289 31.64 -24.59 -0.47
C ASP G 289 30.82 -24.67 -1.76
N LYS G 290 29.59 -24.12 -1.76
CA LYS G 290 28.68 -24.18 -2.91
C LYS G 290 27.95 -22.83 -3.01
N LYS G 291 28.64 -21.82 -3.53
CA LYS G 291 28.09 -20.47 -3.57
C LYS G 291 26.98 -20.37 -4.61
N ASN G 292 26.02 -19.49 -4.33
CA ASN G 292 24.86 -19.17 -5.18
C ASN G 292 23.85 -20.31 -5.27
N LYS G 293 24.04 -21.39 -4.52
CA LYS G 293 23.09 -22.51 -4.45
C LYS G 293 22.44 -22.49 -3.07
N LYS G 294 21.22 -21.94 -3.01
CA LYS G 294 20.53 -21.74 -1.73
C LYS G 294 19.95 -23.06 -1.22
N VAL G 295 20.28 -23.42 0.02
CA VAL G 295 19.70 -24.57 0.69
C VAL G 295 18.69 -24.11 1.73
N LEU G 296 18.91 -22.94 2.31
CA LEU G 296 17.95 -22.37 3.24
C LEU G 296 17.13 -21.29 2.55
N ASP G 297 15.98 -20.96 3.16
CA ASP G 297 15.11 -19.96 2.55
C ASP G 297 15.85 -18.64 2.35
N PHE G 298 16.70 -18.27 3.29
CA PHE G 298 17.41 -17.01 3.22
C PHE G 298 18.59 -17.09 4.17
N GLY G 299 19.34 -16.00 4.23
CA GLY G 299 20.47 -15.89 5.14
C GLY G 299 20.92 -14.47 5.18
N PHE G 300 21.99 -14.23 5.93
CA PHE G 300 22.54 -12.89 6.05
C PHE G 300 23.91 -12.84 5.41
N ASN G 301 24.54 -11.67 5.51
CA ASN G 301 25.94 -11.56 5.14
C ASN G 301 26.70 -11.22 6.41
N SER G 302 27.02 -12.27 7.18
CA SER G 302 27.37 -12.12 8.59
C SER G 302 28.60 -12.91 9.02
N LYS G 303 29.45 -13.33 8.08
CA LYS G 303 30.70 -13.92 8.54
C LYS G 303 31.70 -12.80 8.88
N ILE G 304 32.72 -13.17 9.66
CA ILE G 304 33.79 -12.22 9.98
C ILE G 304 34.55 -11.84 8.71
N ASP G 305 35.12 -10.64 8.71
CA ASP G 305 36.10 -10.24 7.70
C ASP G 305 37.46 -10.87 7.98
N ASN G 306 38.10 -11.36 6.92
CA ASN G 306 39.43 -11.97 7.01
C ASN G 306 40.43 -10.99 7.60
N LEU G 307 40.29 -9.69 7.28
CA LEU G 307 41.15 -8.67 7.89
C LEU G 307 40.93 -8.57 9.41
N GLN G 308 39.68 -8.59 9.87
CA GLN G 308 39.50 -8.49 11.31
C GLN G 308 39.95 -9.77 12.01
N ALA G 309 39.78 -10.93 11.36
CA ALA G 309 40.28 -12.18 11.93
C ALA G 309 41.77 -12.11 12.15
N ALA G 310 42.52 -11.61 11.15
CA ALA G 310 43.96 -11.40 11.33
C ALA G 310 44.24 -10.42 12.46
N ILE G 311 43.45 -9.35 12.58
CA ILE G 311 43.64 -8.45 13.72
C ILE G 311 43.38 -9.19 15.02
N GLY G 312 42.32 -10.02 15.04
CA GLY G 312 42.00 -10.77 16.24
C GLY G 312 43.11 -11.70 16.69
N LEU G 313 43.76 -12.36 15.72
CA LEU G 313 44.87 -13.25 16.05
C LEU G 313 46.05 -12.49 16.65
N GLU G 314 46.19 -11.19 16.33
CA GLU G 314 47.18 -10.38 17.04
C GLU G 314 46.71 -9.97 18.43
N ARG G 315 45.50 -9.45 18.53
CA ARG G 315 45.03 -8.88 19.79
C ARG G 315 44.77 -9.96 20.85
N ILE G 316 44.45 -11.19 20.44
CA ILE G 316 44.10 -12.19 21.46
C ILE G 316 45.32 -12.62 22.25
N LYS G 317 46.53 -12.32 21.76
CA LYS G 317 47.74 -12.63 22.52
C LYS G 317 47.75 -11.97 23.89
N PHE G 318 47.02 -10.87 24.06
CA PHE G 318 46.98 -10.13 25.31
C PHE G 318 45.83 -10.56 26.23
N LEU G 319 45.01 -11.53 25.82
CA LEU G 319 43.78 -11.82 26.54
C LEU G 319 44.04 -12.24 27.98
N SER G 320 44.85 -13.28 28.18
CA SER G 320 44.96 -13.82 29.54
C SER G 320 45.68 -12.83 30.45
N TYR G 321 46.69 -12.16 29.93
CA TYR G 321 47.38 -11.11 30.69
C TYR G 321 46.42 -9.99 31.08
N ASN G 322 45.61 -9.51 30.13
CA ASN G 322 44.69 -8.42 30.40
C ASN G 322 43.56 -8.85 31.34
N ASN G 323 43.10 -10.10 31.21
CA ASN G 323 42.17 -10.62 32.18
C ASN G 323 42.79 -10.67 33.58
N LEU G 324 44.06 -11.06 33.67
CA LEU G 324 44.75 -11.07 34.96
C LEU G 324 44.78 -9.67 35.56
N LYS G 325 45.13 -8.68 34.75
CA LYS G 325 45.14 -7.31 35.25
C LYS G 325 43.76 -6.91 35.72
N ARG G 326 42.72 -7.35 34.99
CA ARG G 326 41.35 -7.04 35.39
C ARG G 326 41.01 -7.61 36.76
N VAL G 327 41.39 -8.87 37.02
CA VAL G 327 41.01 -9.49 38.29
C VAL G 327 41.77 -8.84 39.45
N PHE G 328 43.01 -8.41 39.21
CA PHE G 328 43.74 -7.68 40.24
C PHE G 328 43.08 -6.35 40.57
N LEU G 329 42.64 -5.64 39.53
CA LEU G 329 41.95 -4.37 39.72
C LEU G 329 40.66 -4.60 40.50
N ALA G 330 39.89 -5.62 40.11
CA ALA G 330 38.65 -5.96 40.82
C ALA G 330 38.91 -6.28 42.28
N GLN G 331 39.89 -7.14 42.54
CA GLN G 331 40.22 -7.46 43.94
C GLN G 331 40.65 -6.23 44.71
N ARG G 332 41.31 -5.30 44.04
CA ARG G 332 41.76 -4.09 44.71
C ARG G 332 40.59 -3.16 45.04
N TYR G 333 39.58 -3.10 44.16
CA TYR G 333 38.35 -2.39 44.50
C TYR G 333 37.66 -3.02 45.70
N ILE G 334 37.48 -4.35 45.66
CA ILE G 334 36.79 -5.05 46.76
C ILE G 334 37.51 -4.81 48.08
N ARG G 335 38.84 -4.98 48.08
CA ARG G 335 39.59 -4.83 49.32
C ARG G 335 39.46 -3.43 49.90
N ASN G 336 39.59 -2.42 49.05
CA ASN G 336 39.67 -1.03 49.50
C ASN G 336 38.32 -0.35 49.68
N LEU G 337 37.22 -0.96 49.23
CA LEU G 337 35.88 -0.43 49.47
C LEU G 337 35.13 -1.19 50.55
N LYS G 338 35.76 -2.19 51.20
CA LYS G 338 35.05 -3.02 52.18
C LYS G 338 34.39 -2.21 53.29
N GLU G 339 35.02 -1.09 53.71
CA GLU G 339 34.45 -0.31 54.82
C GLU G 339 33.08 0.28 54.44
N LEU G 340 32.93 0.73 53.20
CA LEU G 340 31.64 1.25 52.73
C LEU G 340 30.57 0.18 52.72
N GLU G 341 30.96 -1.08 52.45
CA GLU G 341 30.02 -2.19 52.53
C GLU G 341 29.71 -2.54 53.97
N ASP G 342 30.73 -2.51 54.84
CA ASP G 342 30.50 -2.71 56.27
C ASP G 342 29.54 -1.66 56.80
N ARG G 343 29.68 -0.40 56.37
CA ARG G 343 28.81 0.69 56.79
C ARG G 343 27.44 0.68 56.07
N GLU G 344 27.11 -0.40 55.38
CA GLU G 344 25.83 -0.56 54.69
C GLU G 344 25.56 0.59 53.71
N LEU G 345 26.60 1.14 53.10
CA LEU G 345 26.45 2.18 52.08
C LEU G 345 26.47 1.63 50.66
N ILE G 346 27.25 0.57 50.41
CA ILE G 346 27.28 -0.08 49.11
C ILE G 346 27.19 -1.59 49.32
N LYS G 347 26.93 -2.31 48.24
CA LYS G 347 27.18 -3.73 48.18
C LYS G 347 28.23 -3.95 47.09
N LEU G 348 29.21 -4.80 47.38
CA LEU G 348 30.31 -5.10 46.46
C LEU G 348 30.10 -6.48 45.85
N PRO G 349 30.68 -6.73 44.67
CA PRO G 349 30.76 -8.11 44.19
C PRO G 349 31.78 -8.90 45.01
N ARG G 350 31.60 -10.20 45.07
CA ARG G 350 32.65 -11.02 45.65
C ARG G 350 33.54 -11.59 44.53
N MET G 351 34.71 -12.04 44.94
CA MET G 351 35.63 -12.67 44.00
C MET G 351 35.20 -14.10 43.78
N THR G 352 35.03 -14.49 42.52
CA THR G 352 34.69 -15.88 42.21
C THR G 352 35.56 -16.34 41.05
N GLU G 353 35.65 -17.66 40.90
CA GLU G 353 36.57 -18.25 39.93
C GLU G 353 36.16 -17.95 38.50
N ASP G 354 34.87 -17.70 38.26
CA ASP G 354 34.34 -17.62 36.90
C ASP G 354 34.33 -16.21 36.33
N ASN G 355 34.37 -15.17 37.18
CA ASN G 355 34.25 -13.79 36.72
C ASN G 355 35.49 -13.35 35.94
N VAL G 356 35.31 -12.75 34.76
CA VAL G 356 36.42 -12.15 34.03
C VAL G 356 36.41 -10.63 34.12
N TRP G 357 35.45 -10.03 34.82
CA TRP G 357 35.49 -8.62 35.20
C TRP G 357 35.54 -7.70 33.98
N HIS G 358 34.56 -7.89 33.09
CA HIS G 358 34.41 -6.95 31.98
C HIS G 358 33.94 -5.60 32.46
N LEU G 359 33.02 -5.60 33.44
CA LEU G 359 32.48 -4.42 34.09
C LEU G 359 32.47 -4.69 35.59
N PHE G 360 32.60 -3.63 36.38
CA PHE G 360 32.68 -3.78 37.83
C PHE G 360 31.45 -3.12 38.44
N PRO G 361 30.43 -3.90 38.83
CA PRO G 361 29.22 -3.30 39.42
C PRO G 361 29.31 -3.17 40.93
N ILE G 362 28.81 -2.03 41.44
CA ILE G 362 28.48 -1.89 42.85
C ILE G 362 27.05 -1.39 42.93
N ARG G 363 26.41 -1.64 44.08
CA ARG G 363 25.08 -1.11 44.36
C ARG G 363 25.19 -0.03 45.42
N ILE G 364 24.73 1.17 45.10
CA ILE G 364 24.61 2.23 46.09
C ILE G 364 23.19 2.13 46.66
N ILE G 365 23.07 1.82 47.95
CA ILE G 365 21.73 1.60 48.49
C ILE G 365 21.24 2.86 49.17
N ASN G 366 20.11 2.76 49.86
CA ASN G 366 19.50 3.91 50.55
C ASN G 366 19.18 5.05 49.59
N GLY G 367 18.97 4.72 48.31
CA GLY G 367 18.51 5.69 47.33
C GLY G 367 19.52 6.73 46.89
N ARG G 368 20.81 6.51 47.15
CA ARG G 368 21.81 7.55 46.94
C ARG G 368 22.60 7.38 45.64
N ARG G 369 22.25 6.40 44.79
CA ARG G 369 23.05 6.12 43.59
C ARG G 369 23.26 7.38 42.74
N ASP G 370 22.17 8.07 42.39
CA ASP G 370 22.30 9.23 41.50
C ASP G 370 23.16 10.33 42.12
N GLU G 371 22.98 10.57 43.43
CA GLU G 371 23.79 11.59 44.10
C GLU G 371 25.27 11.23 44.08
N VAL G 372 25.60 9.96 44.34
CA VAL G 372 27.00 9.54 44.32
C VAL G 372 27.57 9.65 42.92
N LYS G 373 26.81 9.21 41.91
CA LYS G 373 27.27 9.31 40.52
C LYS G 373 27.48 10.76 40.13
N ASN G 374 26.48 11.61 40.37
CA ASN G 374 26.61 13.01 39.94
C ASN G 374 27.76 13.73 40.68
N LYS G 375 27.88 13.50 41.98
CA LYS G 375 28.94 14.18 42.74
C LYS G 375 30.33 13.69 42.34
N LEU G 376 30.49 12.38 42.09
CA LEU G 376 31.80 11.91 41.67
C LEU G 376 32.25 12.66 40.42
N TYR G 377 31.33 12.88 39.49
CA TYR G 377 31.68 13.64 38.29
C TYR G 377 31.86 15.12 38.60
N GLN G 378 30.85 15.74 39.22
CA GLN G 378 30.88 17.19 39.38
C GLN G 378 31.99 17.64 40.31
N LEU G 379 32.15 16.97 41.46
CA LEU G 379 33.09 17.41 42.48
C LEU G 379 34.46 16.75 42.38
N TYR G 380 34.54 15.52 41.89
CA TYR G 380 35.82 14.82 41.86
C TYR G 380 36.31 14.55 40.44
N ASN G 381 35.54 14.91 39.42
CA ASN G 381 35.86 14.68 38.00
C ASN G 381 36.11 13.19 37.74
N ILE G 382 35.24 12.34 38.28
CA ILE G 382 35.34 10.89 38.13
C ILE G 382 34.12 10.42 37.38
N GLU G 383 34.32 9.92 36.16
CA GLU G 383 33.23 9.34 35.37
C GLU G 383 32.90 7.95 35.87
N THR G 384 31.62 7.74 36.18
CA THR G 384 31.08 6.40 36.42
C THR G 384 29.88 6.21 35.51
N ASP G 385 29.50 4.96 35.32
CA ASP G 385 28.47 4.73 34.34
C ASP G 385 27.53 3.63 34.81
N ILE G 386 26.38 3.61 34.16
CA ILE G 386 25.33 2.66 34.46
C ILE G 386 25.18 1.81 33.22
N TYR G 387 25.61 0.56 33.30
CA TYR G 387 25.37 -0.42 32.25
C TYR G 387 24.27 -1.32 32.76
N TYR G 388 23.03 -1.14 32.27
CA TYR G 388 22.64 -0.23 31.18
C TYR G 388 21.50 0.66 31.69
N PRO G 389 21.37 1.86 31.12
CA PRO G 389 20.53 2.89 31.74
C PRO G 389 19.05 2.60 31.73
N VAL G 390 18.55 1.83 30.77
CA VAL G 390 17.12 1.58 30.62
C VAL G 390 16.92 0.07 30.55
N LEU G 391 16.02 -0.46 31.38
CA LEU G 391 15.67 -1.88 31.32
C LEU G 391 14.83 -2.16 30.07
N SER G 392 14.92 -3.40 29.59
CA SER G 392 14.31 -3.75 28.31
C SER G 392 12.82 -3.47 28.30
N HIS G 393 12.13 -3.79 29.37
CA HIS G 393 10.69 -3.57 29.39
C HIS G 393 10.32 -2.09 29.61
N LYS G 394 11.28 -1.17 29.57
CA LYS G 394 11.02 0.21 29.95
C LYS G 394 11.37 1.24 28.87
N HIS G 395 11.86 0.80 27.71
CA HIS G 395 12.21 1.71 26.61
C HIS G 395 10.99 2.44 26.08
N ASN G 396 11.21 3.65 25.57
CA ASN G 396 10.16 4.49 24.98
C ASN G 396 9.77 4.00 23.58
N THR G 397 9.37 2.74 23.47
CA THR G 397 9.09 2.18 22.15
C THR G 397 7.65 1.73 22.03
N LYS G 398 7.20 1.66 20.77
CA LYS G 398 5.87 1.15 20.48
C LYS G 398 5.70 -0.28 20.97
N LEU G 399 6.75 -1.09 20.91
CA LEU G 399 6.65 -2.47 21.35
C LEU G 399 6.44 -2.56 22.86
N VAL G 400 7.20 -1.80 23.65
CA VAL G 400 7.00 -1.79 25.10
C VAL G 400 5.58 -1.35 25.44
N LYS G 401 5.14 -0.24 24.85
CA LYS G 401 3.80 0.27 25.12
C LYS G 401 2.69 -0.69 24.69
N LYS G 402 2.98 -1.63 23.81
CA LYS G 402 1.94 -2.56 23.37
C LYS G 402 2.03 -3.92 24.04
N ASN G 403 3.14 -4.27 24.67
CA ASN G 403 3.31 -5.65 25.12
C ASN G 403 3.95 -5.82 26.49
N TYR G 404 4.54 -4.77 27.09
CA TYR G 404 5.29 -4.93 28.32
C TYR G 404 4.88 -3.91 29.38
N MET G 405 3.75 -3.24 29.19
CA MET G 405 3.27 -2.31 30.22
C MET G 405 2.99 -3.01 31.54
N GLN G 406 2.57 -4.28 31.49
CA GLN G 406 2.22 -5.02 32.70
C GLN G 406 3.42 -5.61 33.41
N ASP G 407 4.54 -5.79 32.72
CA ASP G 407 5.69 -6.45 33.33
C ASP G 407 6.24 -5.64 34.48
N THR G 408 6.39 -6.28 35.63
CA THR G 408 7.17 -5.75 36.74
C THR G 408 8.17 -6.82 37.16
N LEU G 409 9.43 -6.48 37.18
CA LEU G 409 10.51 -7.39 37.54
C LEU G 409 11.17 -6.80 38.78
N LEU G 410 10.72 -7.25 39.96
CA LEU G 410 10.96 -6.49 41.18
C LEU G 410 12.44 -6.38 41.51
N ASN G 411 13.17 -7.51 41.49
CA ASN G 411 14.60 -7.45 41.81
C ASN G 411 15.38 -6.71 40.73
N THR G 412 15.12 -7.02 39.45
CA THR G 412 15.76 -6.27 38.37
C THR G 412 15.55 -4.77 38.55
N GLU G 413 14.29 -4.36 38.76
CA GLU G 413 14.00 -2.93 38.88
C GLU G 413 14.59 -2.35 40.16
N GLN G 414 14.59 -3.10 41.26
CA GLN G 414 15.18 -2.58 42.50
C GLN G 414 16.67 -2.36 42.34
N VAL G 415 17.38 -3.40 41.88
CA VAL G 415 18.82 -3.34 41.66
C VAL G 415 19.18 -2.28 40.63
N HIS G 416 18.30 -2.05 39.65
CA HIS G 416 18.57 -1.02 38.65
C HIS G 416 18.63 0.38 39.27
N LYS G 417 17.90 0.60 40.37
CA LYS G 417 17.93 1.87 41.09
C LYS G 417 19.24 2.09 41.84
N GLU G 418 20.02 1.02 42.05
CA GLU G 418 21.22 1.09 42.88
C GLU G 418 22.51 0.85 42.12
N ILE G 419 22.43 0.36 40.88
CA ILE G 419 23.62 -0.04 40.14
C ILE G 419 24.47 1.16 39.75
N LEU G 420 25.79 0.96 39.84
CA LEU G 420 26.79 1.90 39.34
C LEU G 420 28.04 1.10 39.02
N HIS G 421 28.63 1.38 37.87
CA HIS G 421 29.85 0.72 37.44
C HIS G 421 31.04 1.64 37.61
N LEU G 422 32.20 1.06 38.14
CA LEU G 422 33.43 1.79 38.37
C LEU G 422 34.42 1.55 37.25
N PRO G 423 35.18 2.57 36.87
CA PRO G 423 36.18 2.38 35.79
C PRO G 423 37.04 1.17 36.07
N LEU G 424 37.12 0.29 35.07
CA LEU G 424 38.01 -0.86 35.19
C LEU G 424 38.36 -1.30 33.76
N HIS G 425 39.61 -1.10 33.35
CA HIS G 425 40.11 -1.61 32.09
C HIS G 425 41.58 -1.93 32.29
N PRO G 426 42.12 -2.93 31.58
CA PRO G 426 43.44 -3.45 31.94
C PRO G 426 44.56 -2.45 31.85
N ASN G 427 44.42 -1.39 31.05
CA ASN G 427 45.51 -0.43 30.92
C ASN G 427 45.34 0.79 31.81
N MET G 428 44.40 0.77 32.76
CA MET G 428 44.32 1.88 33.70
C MET G 428 45.49 1.80 34.70
N LEU G 429 45.85 2.95 35.26
CA LEU G 429 46.93 3.01 36.24
C LEU G 429 46.42 2.68 37.64
N LEU G 430 47.30 2.12 38.49
CA LEU G 430 46.88 1.97 39.88
C LEU G 430 46.60 3.34 40.48
N GLU G 431 47.31 4.37 40.02
CA GLU G 431 47.04 5.75 40.43
C GLU G 431 45.62 6.18 40.07
N GLU G 432 45.16 5.80 38.89
CA GLU G 432 43.80 6.11 38.48
C GLU G 432 42.79 5.38 39.33
N GLN G 433 43.04 4.11 39.66
CA GLN G 433 42.13 3.41 40.57
C GLN G 433 42.15 4.04 41.96
N ASN G 434 43.32 4.47 42.45
CA ASN G 434 43.39 5.16 43.75
C ASN G 434 42.58 6.45 43.72
N PHE G 435 42.58 7.15 42.58
CA PHE G 435 41.77 8.36 42.42
C PHE G 435 40.29 8.04 42.57
N VAL G 436 39.84 6.98 41.91
CA VAL G 436 38.45 6.53 42.08
C VAL G 436 38.19 6.19 43.53
N LEU G 437 39.08 5.38 44.11
CA LEU G 437 38.93 4.96 45.51
C LEU G 437 38.76 6.16 46.43
N GLU G 438 39.68 7.13 46.34
CA GLU G 438 39.59 8.31 47.18
C GLU G 438 38.28 9.04 46.98
N GLY G 439 37.83 9.15 45.72
CA GLY G 439 36.58 9.85 45.45
C GLY G 439 35.38 9.12 46.03
N LEU G 440 35.34 7.80 45.84
CA LEU G 440 34.26 6.99 46.40
C LEU G 440 34.24 7.06 47.92
N ILE G 441 35.41 6.99 48.55
CA ILE G 441 35.47 7.09 50.01
C ILE G 441 35.00 8.46 50.46
N ASN G 442 35.46 9.52 49.79
CA ASN G 442 35.20 10.89 50.24
C ASN G 442 33.74 11.27 50.09
N VAL G 443 33.12 10.91 48.97
CA VAL G 443 31.73 11.28 48.74
C VAL G 443 30.76 10.56 49.68
N ASN G 444 31.24 9.57 50.43
CA ASN G 444 30.41 8.83 51.38
C ASN G 444 30.80 9.12 52.83
N LYS G 445 31.40 10.27 53.07
CA LYS G 445 31.76 10.69 54.42
C LYS G 445 30.61 11.44 55.06
N LEU H 8 26.82 10.29 91.97
CA LEU H 8 27.07 10.67 90.58
C LEU H 8 25.79 11.09 89.84
N THR H 9 25.78 12.34 89.37
CA THR H 9 24.63 12.92 88.70
C THR H 9 25.03 13.31 87.28
N THR H 10 24.22 12.90 86.31
CA THR H 10 24.47 13.15 84.90
C THR H 10 23.62 14.34 84.46
N ILE H 11 24.25 15.38 83.93
CA ILE H 11 23.52 16.57 83.51
C ILE H 11 23.00 16.31 82.09
N SER H 12 21.69 16.10 81.98
CA SER H 12 20.94 15.88 80.76
C SER H 12 20.51 17.17 80.08
N GLY H 13 20.74 18.32 80.71
CA GLY H 13 20.26 19.57 80.15
C GLY H 13 18.83 19.89 80.50
N HIS H 14 18.24 19.22 81.47
CA HIS H 14 16.83 19.38 81.82
C HIS H 14 16.69 20.08 83.18
N SER H 15 15.43 20.31 83.55
CA SER H 15 15.07 21.04 84.77
C SER H 15 15.71 20.44 86.00
N LYS H 16 15.44 19.15 86.23
CA LYS H 16 15.84 18.46 87.45
C LYS H 16 17.35 18.60 87.69
N ASP H 17 18.14 18.33 86.65
CA ASP H 17 19.59 18.35 86.79
C ASP H 17 20.10 19.76 87.05
N ASN H 18 19.59 20.74 86.29
CA ASN H 18 19.98 22.14 86.52
C ASN H 18 19.78 22.54 87.99
N LEU H 19 18.66 22.14 88.59
CA LEU H 19 18.39 22.49 89.99
C LEU H 19 19.37 21.82 90.94
N ALA H 20 19.75 20.57 90.66
CA ALA H 20 20.74 19.92 91.51
C ALA H 20 22.12 20.50 91.29
N LEU H 21 22.43 20.84 90.03
CA LEU H 21 23.66 21.54 89.72
C LEU H 21 23.76 22.86 90.50
N LEU H 22 22.70 23.67 90.44
CA LEU H 22 22.72 24.96 91.13
C LEU H 22 22.97 24.79 92.62
N LYS H 23 22.26 23.87 93.27
CA LYS H 23 22.50 23.60 94.68
C LYS H 23 23.94 23.20 94.92
N CYS H 24 24.53 22.44 93.98
CA CYS H 24 25.91 22.04 94.14
C CYS H 24 26.85 23.23 94.01
N LEU H 25 26.54 24.16 93.12
CA LEU H 25 27.38 25.34 92.94
C LEU H 25 27.18 26.39 94.03
N GLN H 26 26.19 26.22 94.91
CA GLN H 26 25.87 27.21 95.93
C GLN H 26 26.12 26.70 97.34
N GLY H 27 27.24 26.00 97.55
CA GLY H 27 27.64 25.62 98.88
C GLY H 27 26.80 24.55 99.54
N GLU H 28 26.00 23.81 98.76
CA GLU H 28 25.21 22.70 99.27
C GLU H 28 25.70 21.36 98.72
N THR H 29 26.95 21.32 98.25
CA THR H 29 27.51 20.13 97.61
C THR H 29 27.77 19.06 98.67
N LYS H 30 26.90 18.04 98.69
CA LYS H 30 27.05 16.93 99.62
C LYS H 30 27.30 15.66 98.82
N GLU H 31 28.53 15.16 98.89
CA GLU H 31 28.92 13.89 98.28
C GLU H 31 28.49 13.82 96.81
N LYS H 32 28.80 14.88 96.08
CA LYS H 32 28.37 15.03 94.69
C LYS H 32 29.51 14.75 93.72
N GLU H 33 29.12 14.41 92.49
CA GLU H 33 30.04 14.28 91.38
C GLU H 33 29.22 14.34 90.10
N PHE H 34 29.48 15.35 89.27
CA PHE H 34 28.65 15.62 88.11
C PHE H 34 29.39 15.26 86.82
N GLU H 35 28.63 14.73 85.85
CA GLU H 35 29.13 14.53 84.51
C GLU H 35 28.13 15.15 83.53
N ILE H 36 28.61 15.50 82.35
CA ILE H 36 27.82 16.27 81.39
C ILE H 36 27.67 15.44 80.12
N SER H 37 26.42 15.23 79.71
CA SER H 37 26.17 14.56 78.43
C SER H 37 26.42 15.53 77.29
N ASN H 38 27.25 15.12 76.32
CA ASN H 38 27.65 16.02 75.25
C ASN H 38 26.58 16.13 74.17
N VAL H 39 25.32 16.31 74.59
CA VAL H 39 24.24 16.57 73.64
C VAL H 39 24.24 18.06 73.27
N LEU H 40 23.68 18.36 72.11
CA LEU H 40 23.75 19.72 71.59
C LEU H 40 23.20 20.77 72.55
N PRO H 41 22.05 20.58 73.21
CA PRO H 41 21.59 21.60 74.16
C PRO H 41 22.53 21.80 75.35
N ASN H 42 23.57 20.97 75.50
CA ASN H 42 24.54 21.10 76.58
C ASN H 42 25.85 21.74 76.14
N HIS H 43 25.95 22.19 74.88
CA HIS H 43 27.24 22.60 74.32
C HIS H 43 27.85 23.76 75.11
N LYS H 44 27.08 24.82 75.37
CA LYS H 44 27.61 25.94 76.11
C LYS H 44 27.89 25.57 77.57
N MET H 45 27.00 24.78 78.19
CA MET H 45 27.20 24.41 79.57
C MET H 45 28.50 23.62 79.75
N LYS H 46 28.73 22.65 78.86
CA LYS H 46 29.94 21.85 78.95
C LYS H 46 31.18 22.70 78.71
N GLU H 47 31.13 23.61 77.74
CA GLU H 47 32.28 24.47 77.47
C GLU H 47 32.57 25.41 78.64
N LYS H 48 31.52 25.94 79.27
CA LYS H 48 31.70 26.97 80.29
C LYS H 48 32.02 26.38 81.66
N LEU H 49 31.34 25.29 82.03
CA LEU H 49 31.34 24.83 83.41
C LEU H 49 32.09 23.53 83.62
N PHE H 50 32.55 22.87 82.58
CA PHE H 50 33.26 21.60 82.70
C PHE H 50 34.64 21.70 82.07
N ARG H 51 35.57 20.92 82.63
CA ARG H 51 36.94 20.85 82.16
C ARG H 51 37.40 19.42 82.34
N GLU H 52 37.96 18.83 81.28
CA GLU H 52 38.32 17.42 81.26
C GLU H 52 37.13 16.55 81.68
N ASN H 53 35.95 16.92 81.19
CA ASN H 53 34.69 16.24 81.46
C ASN H 53 34.29 16.29 82.94
N LYS H 54 34.91 17.16 83.73
CA LYS H 54 34.61 17.28 85.15
C LYS H 54 34.23 18.71 85.49
N LEU H 55 33.31 18.85 86.45
CA LEU H 55 32.80 20.17 86.82
C LEU H 55 33.96 21.07 87.26
N LYS H 56 34.00 22.28 86.70
CA LYS H 56 35.10 23.21 86.98
C LYS H 56 35.18 23.48 88.48
N ILE H 57 36.42 23.60 88.97
CA ILE H 57 36.66 23.69 90.40
C ILE H 57 36.04 24.99 90.95
N ASP H 58 36.70 26.12 90.74
CA ASP H 58 36.35 27.36 91.45
C ASP H 58 35.36 28.18 90.61
N ILE H 59 34.10 27.73 90.60
CA ILE H 59 33.04 28.41 89.87
C ILE H 59 32.38 29.42 90.80
N ASP H 60 32.42 30.69 90.41
CA ASP H 60 31.69 31.76 91.09
C ASP H 60 30.54 32.15 90.16
N ILE H 61 29.31 31.85 90.58
CA ILE H 61 28.16 32.17 89.77
C ILE H 61 28.08 33.67 89.51
N GLU H 62 28.25 34.47 90.57
CA GLU H 62 28.05 35.90 90.44
C GLU H 62 29.05 36.50 89.46
N LYS H 63 30.32 36.17 89.62
CA LYS H 63 31.33 36.86 88.82
C LYS H 63 31.66 36.14 87.52
N ASP H 64 31.72 34.80 87.51
CA ASP H 64 32.05 34.12 86.27
C ASP H 64 30.83 33.95 85.36
N ILE H 65 29.67 33.62 85.92
CA ILE H 65 28.49 33.36 85.09
C ILE H 65 27.73 34.65 84.78
N PHE H 66 27.63 35.57 85.74
CA PHE H 66 26.89 36.80 85.54
C PHE H 66 27.75 38.06 85.45
N ASN H 67 29.07 37.96 85.65
CA ASN H 67 29.97 39.12 85.54
C ASN H 67 29.54 40.28 86.45
N TYR H 68 29.12 39.94 87.67
CA TYR H 68 28.64 40.96 88.59
C TYR H 68 29.77 41.93 88.94
N SER H 69 29.55 43.21 88.68
CA SER H 69 30.56 44.24 88.87
C SER H 69 30.06 45.43 89.67
N ARG H 70 28.86 45.34 90.23
CA ARG H 70 28.19 46.47 90.89
C ARG H 70 28.07 47.69 89.96
N LYS H 71 27.67 47.45 88.71
CA LYS H 71 27.46 48.54 87.77
C LYS H 71 26.20 49.34 88.12
N ASN H 72 26.28 50.67 87.94
CA ASN H 72 25.15 51.52 88.24
C ASN H 72 24.02 51.34 87.23
N ILE H 73 22.81 51.13 87.73
CA ILE H 73 21.62 50.90 86.93
C ILE H 73 20.58 51.97 87.27
N GLN H 74 19.94 52.54 86.24
CA GLN H 74 18.93 53.54 86.47
C GLN H 74 17.59 53.24 85.79
N LYS H 75 17.46 52.08 85.14
CA LYS H 75 16.29 51.78 84.32
C LYS H 75 16.30 50.28 84.03
N ILE H 76 15.11 49.67 84.04
CA ILE H 76 14.94 48.26 83.66
C ILE H 76 13.83 48.14 82.62
N GLU H 77 14.13 47.51 81.49
CA GLU H 77 13.13 47.08 80.53
C GLU H 77 12.79 45.63 80.80
N PHE H 78 11.52 45.26 80.60
CA PHE H 78 11.11 43.91 80.92
C PHE H 78 11.80 42.88 80.02
N MET H 79 11.83 43.14 78.71
CA MET H 79 12.36 42.17 77.76
C MET H 79 13.06 42.90 76.62
N PRO H 80 14.29 43.32 76.83
CA PRO H 80 15.04 44.01 75.78
C PRO H 80 15.51 42.98 74.76
N VAL H 81 14.89 42.98 73.58
CA VAL H 81 15.13 41.85 72.69
C VAL H 81 16.58 41.85 72.22
N ASN H 82 17.23 43.01 72.18
CA ASN H 82 18.62 43.03 71.73
C ASN H 82 19.54 42.24 72.66
N ARG H 83 19.13 42.03 73.91
CA ARG H 83 19.96 41.28 74.87
C ARG H 83 19.60 39.80 74.94
N LEU H 84 18.58 39.35 74.20
CA LEU H 84 18.24 37.93 74.24
C LEU H 84 19.13 37.08 73.35
N ILE H 85 19.87 37.68 72.42
CA ILE H 85 20.81 36.95 71.60
C ILE H 85 22.20 37.51 71.88
N SER H 86 23.17 36.61 72.00
CA SER H 86 24.55 36.96 72.30
C SER H 86 25.37 37.06 71.01
N GLN H 87 26.58 37.63 71.14
CA GLN H 87 27.46 37.71 69.97
C GLN H 87 27.97 36.33 69.56
N SER H 88 28.17 35.43 70.52
CA SER H 88 28.60 34.06 70.20
C SER H 88 27.58 33.34 69.33
N GLU H 89 26.30 33.51 69.64
CA GLU H 89 25.24 32.96 68.79
C GLU H 89 25.33 33.55 67.39
N ILE H 90 25.43 34.88 67.30
CA ILE H 90 25.48 35.54 66.00
C ILE H 90 26.64 35.02 65.16
N ASP H 91 27.82 34.87 65.78
CA ASP H 91 28.97 34.32 65.05
C ASP H 91 28.69 32.91 64.55
N GLY H 92 28.06 32.09 65.39
CA GLY H 92 27.67 30.77 64.94
C GLY H 92 26.65 30.82 63.82
N ILE H 93 25.69 31.74 63.91
CA ILE H 93 24.62 31.82 62.92
C ILE H 93 25.19 32.28 61.58
N ILE H 94 26.01 33.33 61.58
CA ILE H 94 26.66 33.75 60.33
C ILE H 94 27.48 32.60 59.76
N GLY H 95 28.20 31.88 60.62
CA GLY H 95 29.00 30.77 60.15
C GLY H 95 28.17 29.71 59.43
N THR H 96 27.10 29.24 60.09
CA THR H 96 26.29 28.18 59.49
C THR H 96 25.56 28.67 58.25
N LEU H 97 25.16 29.94 58.22
CA LEU H 97 24.39 30.42 57.07
C LEU H 97 25.25 30.61 55.84
N LYS H 98 26.55 30.87 56.02
CA LYS H 98 27.46 30.86 54.87
C LYS H 98 27.55 29.48 54.24
N GLU H 99 27.15 28.43 54.96
CA GLU H 99 27.04 27.11 54.33
C GLU H 99 25.66 26.86 53.76
N VAL H 100 24.60 27.34 54.42
CA VAL H 100 23.23 27.04 53.98
C VAL H 100 22.88 27.79 52.70
N LEU H 101 23.21 29.09 52.63
CA LEU H 101 22.78 29.92 51.51
C LEU H 101 23.20 29.37 50.14
N PRO H 102 24.42 28.88 49.92
CA PRO H 102 24.78 28.39 48.57
C PRO H 102 24.06 27.12 48.15
N THR H 103 23.55 26.33 49.09
CA THR H 103 22.78 25.14 48.72
C THR H 103 21.46 25.50 48.05
N GLY H 104 20.98 26.72 48.23
CA GLY H 104 19.67 27.12 47.78
C GLY H 104 18.51 26.42 48.46
N GLN H 105 18.77 25.66 49.53
CA GLN H 105 17.74 24.85 50.19
C GLN H 105 17.10 25.68 51.29
N PHE H 106 15.94 26.26 51.02
CA PHE H 106 15.35 27.22 51.93
C PHE H 106 13.98 26.83 52.45
N THR H 107 13.35 25.81 51.87
CA THR H 107 12.11 25.31 52.45
C THR H 107 12.44 24.05 53.24
N SER H 108 12.29 22.89 52.62
CA SER H 108 12.83 21.67 53.21
C SER H 108 14.34 21.62 53.04
N GLY H 109 14.97 20.76 53.83
CA GLY H 109 16.39 20.54 53.73
C GLY H 109 16.95 19.75 54.90
N PRO H 110 18.26 19.50 54.86
CA PRO H 110 18.85 18.59 55.86
C PRO H 110 18.91 19.17 57.27
N PHE H 111 18.92 20.49 57.42
CA PHE H 111 18.94 21.04 58.77
C PHE H 111 17.60 20.87 59.47
N SER H 112 16.49 20.95 58.72
CA SER H 112 15.20 20.57 59.29
C SER H 112 15.24 19.18 59.94
N LYS H 113 15.72 18.20 59.18
CA LYS H 113 15.76 16.83 59.69
C LYS H 113 16.65 16.72 60.93
N LYS H 114 17.81 17.36 60.91
CA LYS H 114 18.75 17.26 62.03
C LYS H 114 18.15 17.88 63.29
N LEU H 115 17.48 19.03 63.15
CA LEU H 115 16.84 19.65 64.30
C LEU H 115 15.72 18.78 64.87
N GLU H 116 14.98 18.10 64.00
CA GLU H 116 13.95 17.17 64.46
C GLU H 116 14.55 16.01 65.27
N GLU H 117 15.64 15.43 64.76
CA GLU H 117 16.34 14.38 65.50
C GLU H 117 16.87 14.90 66.84
N VAL H 118 17.49 16.08 66.82
CA VAL H 118 18.01 16.66 68.06
C VAL H 118 16.89 16.86 69.07
N ILE H 119 15.77 17.43 68.61
CA ILE H 119 14.64 17.61 69.50
C ILE H 119 14.08 16.25 69.94
N GLY H 120 14.01 15.29 69.01
CA GLY H 120 13.52 13.97 69.38
C GLY H 120 14.34 13.35 70.51
N ASP H 121 15.67 13.42 70.40
CA ASP H 121 16.54 12.83 71.41
C ASP H 121 16.53 13.61 72.72
N TYR H 122 16.31 14.93 72.64
CA TYR H 122 16.24 15.74 73.85
C TYR H 122 14.97 15.48 74.63
N LEU H 123 13.86 15.25 73.94
CA LEU H 123 12.60 14.95 74.60
C LEU H 123 12.34 13.46 74.77
N ASN H 124 13.20 12.60 74.22
CA ASN H 124 12.99 11.15 74.18
C ASN H 124 11.61 10.82 73.63
N LYS H 125 11.34 11.30 72.41
CA LYS H 125 10.14 10.93 71.68
C LYS H 125 10.51 10.51 70.27
N LYS H 126 9.71 9.61 69.70
CA LYS H 126 10.08 8.92 68.48
C LYS H 126 9.94 9.77 67.23
N TYR H 127 9.01 10.73 67.21
CA TYR H 127 8.67 11.48 65.99
C TYR H 127 8.55 12.96 66.30
N VAL H 128 9.15 13.77 65.45
CA VAL H 128 9.13 15.22 65.60
C VAL H 128 8.88 15.82 64.22
N ILE H 129 7.92 16.74 64.14
CA ILE H 129 7.69 17.53 62.94
C ILE H 129 7.97 18.99 63.29
N ALA H 130 9.00 19.56 62.67
CA ALA H 130 9.33 20.95 62.93
C ALA H 130 8.49 21.83 62.03
N THR H 131 7.81 22.78 62.65
CA THR H 131 6.79 23.59 62.02
C THR H 131 7.25 25.04 61.93
N SER H 132 6.43 25.85 61.26
CA SER H 132 6.71 27.26 61.06
C SER H 132 6.35 28.11 62.28
N SER H 133 5.69 27.53 63.28
CA SER H 133 5.42 28.23 64.53
C SER H 133 4.74 27.25 65.48
N GLY H 134 4.66 27.64 66.76
CA GLY H 134 3.95 26.83 67.72
C GLY H 134 2.46 26.87 67.51
N THR H 135 1.94 28.01 67.08
CA THR H 135 0.51 28.09 66.77
C THR H 135 0.15 27.13 65.64
N ASP H 136 0.97 27.11 64.60
CA ASP H 136 0.79 26.14 63.51
C ASP H 136 0.90 24.71 64.01
N ALA H 137 1.91 24.41 64.84
CA ALA H 137 2.04 23.06 65.38
C ALA H 137 0.77 22.62 66.11
N LEU H 138 0.18 23.52 66.89
CA LEU H 138 -1.05 23.19 67.63
C LEU H 138 -2.24 23.01 66.70
N MET H 139 -2.43 23.94 65.75
CA MET H 139 -3.47 23.76 64.75
C MET H 139 -3.36 22.39 64.08
N VAL H 140 -2.18 22.09 63.54
CA VAL H 140 -1.98 20.84 62.82
C VAL H 140 -2.22 19.64 63.73
N SER H 141 -1.70 19.70 64.96
CA SER H 141 -1.89 18.60 65.90
C SER H 141 -3.39 18.35 66.14
N LEU H 142 -4.16 19.40 66.40
CA LEU H 142 -5.60 19.24 66.65
C LEU H 142 -6.29 18.62 65.45
N LEU H 143 -5.85 18.99 64.24
CA LEU H 143 -6.39 18.32 63.06
C LEU H 143 -5.99 16.84 63.05
N SER H 144 -4.76 16.54 63.47
CA SER H 144 -4.27 15.17 63.37
C SER H 144 -5.04 14.23 64.28
N ILE H 145 -5.59 14.72 65.39
CA ILE H 145 -6.38 13.86 66.25
C ILE H 145 -7.83 13.83 65.80
N GLY H 146 -8.13 14.44 64.65
CA GLY H 146 -9.46 14.39 64.09
C GLY H 146 -10.43 15.42 64.63
N ILE H 147 -9.95 16.53 65.18
CA ILE H 147 -10.83 17.60 65.61
C ILE H 147 -11.60 18.11 64.40
N GLN H 148 -12.91 17.93 64.40
CA GLN H 148 -13.80 18.58 63.45
C GLN H 148 -14.33 19.86 64.08
N PRO H 149 -14.92 20.76 63.27
CA PRO H 149 -15.46 21.99 63.87
C PRO H 149 -16.46 21.66 64.97
N GLY H 150 -16.65 22.58 65.91
CA GLY H 150 -17.60 22.35 66.99
C GLY H 150 -17.25 21.25 67.97
N ASP H 151 -16.24 20.42 67.66
CA ASP H 151 -15.64 19.60 68.70
C ASP H 151 -15.15 20.48 69.84
N GLU H 152 -15.18 19.93 71.06
CA GLU H 152 -14.85 20.68 72.27
C GLU H 152 -13.44 20.40 72.74
N VAL H 153 -12.77 21.45 73.18
CA VAL H 153 -11.40 21.37 73.66
C VAL H 153 -11.36 22.01 75.05
N ILE H 154 -11.00 21.22 76.06
CA ILE H 154 -10.90 21.73 77.42
C ILE H 154 -9.54 22.37 77.61
N MET H 155 -9.52 23.60 78.13
CA MET H 155 -8.28 24.35 78.28
C MET H 155 -8.46 25.40 79.36
N PRO H 156 -7.37 25.92 79.92
CA PRO H 156 -7.46 27.08 80.81
C PRO H 156 -7.74 28.36 80.02
N ALA H 157 -8.14 29.40 80.76
CA ALA H 157 -8.44 30.69 80.15
C ALA H 157 -7.33 31.73 80.35
N ASN H 158 -6.17 31.32 80.83
CA ASN H 158 -5.15 32.30 81.20
C ASN H 158 -3.90 32.18 80.35
N SER H 159 -4.01 31.55 79.18
CA SER H 159 -2.87 31.35 78.32
C SER H 159 -2.71 32.49 77.33
N PHE H 160 -1.59 32.44 76.62
CA PHE H 160 -1.41 33.28 75.44
C PHE H 160 -2.48 32.96 74.41
N ALA H 161 -2.83 33.97 73.61
CA ALA H 161 -3.97 33.84 72.69
C ALA H 161 -3.82 32.66 71.75
N ALA H 162 -2.58 32.28 71.42
CA ALA H 162 -2.36 31.25 70.41
C ALA H 162 -3.04 29.95 70.80
N THR H 163 -3.13 29.64 72.10
CA THR H 163 -3.71 28.36 72.51
C THR H 163 -5.18 28.27 72.14
N GLU H 164 -5.96 29.33 72.42
CA GLU H 164 -7.36 29.27 72.02
C GLU H 164 -7.54 29.57 70.54
N ASN H 165 -6.61 30.33 69.94
CA ASN H 165 -6.76 30.68 68.55
C ASN H 165 -6.61 29.46 67.64
N ALA H 166 -5.69 28.55 67.99
CA ALA H 166 -5.48 27.34 67.20
C ALA H 166 -6.71 26.45 67.22
N VAL H 167 -7.44 26.45 68.35
CA VAL H 167 -8.70 25.73 68.44
C VAL H 167 -9.77 26.43 67.62
N LEU H 168 -9.86 27.76 67.73
CA LEU H 168 -10.91 28.49 67.04
C LEU H 168 -10.67 28.57 65.55
N ALA H 169 -9.40 28.58 65.12
CA ALA H 169 -9.08 28.71 63.71
C ALA H 169 -9.66 27.57 62.90
N ILE H 170 -9.71 26.37 63.47
CA ILE H 170 -10.25 25.21 62.78
C ILE H 170 -11.71 24.96 63.12
N GLY H 171 -12.38 25.93 63.74
CA GLY H 171 -13.80 25.81 64.00
C GLY H 171 -14.18 25.07 65.26
N ALA H 172 -13.21 24.69 66.09
CA ALA H 172 -13.56 23.97 67.32
C ALA H 172 -13.97 24.97 68.40
N LYS H 173 -14.39 24.43 69.55
CA LYS H 173 -14.92 25.25 70.64
C LYS H 173 -14.09 25.09 71.91
N PRO H 174 -13.38 26.14 72.33
CA PRO H 174 -12.70 26.07 73.64
C PRO H 174 -13.71 25.94 74.77
N VAL H 175 -13.39 25.06 75.71
CA VAL H 175 -14.14 24.90 76.96
C VAL H 175 -13.18 25.23 78.09
N PHE H 176 -13.41 26.36 78.75
CA PHE H 176 -12.48 26.86 79.75
C PHE H 176 -12.78 26.24 81.10
N VAL H 177 -11.73 25.82 81.80
CA VAL H 177 -11.84 25.39 83.19
C VAL H 177 -10.87 26.20 84.04
N ASP H 178 -11.21 26.33 85.31
CA ASP H 178 -10.44 27.12 86.27
C ASP H 178 -9.05 26.53 86.48
N ILE H 179 -8.15 27.37 86.99
CA ILE H 179 -6.80 26.92 87.35
C ILE H 179 -6.76 26.43 88.79
N ASP H 180 -5.61 25.89 89.18
CA ASP H 180 -5.38 25.39 90.53
C ASP H 180 -5.17 26.56 91.50
N HIS H 181 -4.91 26.21 92.75
CA HIS H 181 -4.49 27.17 93.77
C HIS H 181 -3.00 27.09 94.03
N LYS H 182 -2.22 26.65 93.04
CA LYS H 182 -0.84 26.26 93.26
C LYS H 182 0.11 26.83 92.21
N SER H 183 -0.21 26.62 90.94
CA SER H 183 0.79 26.73 89.90
C SER H 183 0.39 27.55 88.68
N TYR H 184 -0.80 28.17 88.66
CA TYR H 184 -1.38 28.88 87.52
C TYR H 184 -1.79 27.92 86.40
N CYS H 185 -1.87 26.63 86.67
CA CYS H 185 -2.19 25.62 85.67
C CYS H 185 -3.62 25.10 85.85
N ILE H 186 -4.14 24.54 84.75
CA ILE H 186 -5.47 23.94 84.73
C ILE H 186 -5.65 23.02 85.94
N ASP H 187 -6.79 23.15 86.63
CA ASP H 187 -7.10 22.35 87.82
C ASP H 187 -7.62 20.98 87.43
N PRO H 188 -6.84 19.91 87.62
CA PRO H 188 -7.31 18.57 87.20
C PRO H 188 -8.63 18.16 87.83
N LEU H 189 -8.91 18.60 89.06
CA LEU H 189 -10.14 18.30 89.76
C LEU H 189 -11.35 19.04 89.20
N LYS H 190 -11.18 19.86 88.18
CA LYS H 190 -12.27 20.55 87.52
C LYS H 190 -12.48 20.09 86.07
N ILE H 191 -11.66 19.18 85.56
CA ILE H 191 -11.72 18.82 84.14
C ILE H 191 -12.89 17.88 83.88
N GLU H 192 -13.06 16.88 84.73
CA GLU H 192 -14.07 15.85 84.47
C GLU H 192 -15.48 16.44 84.39
N GLU H 193 -15.76 17.46 85.20
CA GLU H 193 -17.08 18.11 85.15
C GLU H 193 -17.32 18.84 83.84
N ALA H 194 -16.28 19.24 83.11
CA ALA H 194 -16.48 19.92 81.83
C ALA H 194 -16.53 18.95 80.66
N ILE H 195 -16.30 17.66 80.88
CA ILE H 195 -16.29 16.71 79.77
C ILE H 195 -17.72 16.46 79.30
N THR H 196 -17.91 16.46 77.98
CA THR H 196 -19.20 16.35 77.31
C THR H 196 -19.05 15.29 76.21
N GLN H 197 -20.16 14.90 75.59
CA GLN H 197 -20.10 14.04 74.41
C GLN H 197 -19.27 14.65 73.27
N LYS H 198 -19.09 15.97 73.26
CA LYS H 198 -18.34 16.64 72.20
C LYS H 198 -16.88 16.87 72.53
N THR H 199 -16.45 16.58 73.75
CA THR H 199 -15.04 16.66 74.09
C THR H 199 -14.24 15.69 73.25
N LYS H 200 -13.17 16.17 72.63
CA LYS H 200 -12.23 15.34 71.91
C LYS H 200 -10.79 15.57 72.34
N CYS H 201 -10.52 16.57 73.16
CA CYS H 201 -9.15 16.87 73.52
C CYS H 201 -9.10 17.64 74.82
N ILE H 202 -8.11 17.32 75.64
CA ILE H 202 -7.73 18.15 76.77
C ILE H 202 -6.43 18.85 76.39
N LEU H 203 -6.37 20.17 76.59
CA LEU H 203 -5.29 21.03 76.13
C LEU H 203 -4.70 21.77 77.32
N PRO H 204 -3.92 21.09 78.16
CA PRO H 204 -3.28 21.78 79.28
C PRO H 204 -2.10 22.63 78.81
N VAL H 205 -1.83 23.71 79.54
CA VAL H 205 -0.77 24.66 79.20
C VAL H 205 0.25 24.69 80.35
N HIS H 206 1.53 24.45 80.03
CA HIS H 206 2.59 24.47 81.04
C HIS H 206 3.02 25.93 81.21
N LEU H 207 2.19 26.66 81.94
CA LEU H 207 2.27 28.11 81.87
C LEU H 207 3.48 28.64 82.64
N TYR H 208 4.16 29.60 82.03
CA TYR H 208 5.33 30.30 82.56
C TYR H 208 6.57 29.42 82.64
N GLY H 209 6.51 28.22 82.06
CA GLY H 209 7.58 27.25 82.20
C GLY H 209 7.35 26.20 83.28
N LYS H 210 6.20 26.24 83.94
CA LYS H 210 5.85 25.25 84.96
C LYS H 210 4.88 24.24 84.38
N GLN H 211 5.10 22.96 84.68
CA GLN H 211 4.23 21.92 84.14
C GLN H 211 2.96 21.77 84.98
N CYS H 212 1.87 21.39 84.30
CA CYS H 212 0.64 21.02 85.00
C CYS H 212 0.81 19.63 85.62
N ASP H 213 -0.19 19.22 86.43
CA ASP H 213 -0.19 17.89 87.06
C ASP H 213 -0.61 16.85 86.02
N MET H 214 0.36 16.46 85.19
CA MET H 214 0.05 15.61 84.04
C MET H 214 -0.39 14.21 84.45
N LYS H 215 0.07 13.73 85.60
CA LYS H 215 -0.30 12.39 86.03
C LYS H 215 -1.81 12.28 86.26
N ARG H 216 -2.40 13.26 86.94
CA ARG H 216 -3.82 13.20 87.22
C ARG H 216 -4.65 13.49 85.97
N ILE H 217 -4.17 14.37 85.10
CA ILE H 217 -4.94 14.72 83.91
C ILE H 217 -5.04 13.52 82.97
N ARG H 218 -3.99 12.70 82.89
CA ARG H 218 -4.02 11.53 82.01
C ARG H 218 -4.82 10.39 82.62
N GLU H 219 -4.84 10.27 83.96
CA GLU H 219 -5.76 9.32 84.58
C GLU H 219 -7.20 9.67 84.26
N ILE H 220 -7.53 10.96 84.31
CA ILE H 220 -8.87 11.40 83.92
C ILE H 220 -9.09 11.19 82.42
N ALA H 221 -8.05 11.46 81.61
CA ALA H 221 -8.17 11.31 80.16
C ALA H 221 -8.47 9.87 79.74
N ASP H 222 -7.77 8.90 80.33
CA ASP H 222 -7.96 7.53 79.89
C ASP H 222 -9.35 7.00 80.25
N VAL H 223 -10.01 7.59 81.24
CA VAL H 223 -11.34 7.09 81.62
C VAL H 223 -12.34 7.39 80.51
N TYR H 224 -12.20 8.53 79.82
CA TYR H 224 -13.10 8.94 78.77
C TYR H 224 -12.46 8.92 77.39
N GLN H 225 -11.29 8.27 77.27
CA GLN H 225 -10.66 8.00 75.97
C GLN H 225 -10.29 9.29 75.23
N LEU H 226 -9.92 10.33 75.96
CA LEU H 226 -9.67 11.63 75.36
C LEU H 226 -8.18 11.79 75.04
N ARG H 227 -7.90 12.46 73.92
CA ARG H 227 -6.53 12.81 73.60
C ARG H 227 -6.06 13.94 74.51
N ILE H 228 -4.75 13.98 74.75
CA ILE H 228 -4.10 15.07 75.45
C ILE H 228 -3.09 15.70 74.49
N ILE H 229 -3.28 16.98 74.18
CA ILE H 229 -2.29 17.79 73.49
C ILE H 229 -1.73 18.77 74.51
N GLU H 230 -0.42 18.73 74.72
CA GLU H 230 0.26 19.58 75.69
C GLU H 230 0.85 20.79 74.98
N ASP H 231 0.37 21.96 75.36
CA ASP H 231 1.02 23.21 74.95
C ASP H 231 2.22 23.40 75.88
N ALA H 232 3.38 22.95 75.42
CA ALA H 232 4.65 23.17 76.11
C ALA H 232 5.47 24.28 75.46
N CYS H 233 4.82 25.28 74.86
CA CYS H 233 5.56 26.29 74.12
C CYS H 233 6.48 27.12 75.02
N GLN H 234 6.24 27.09 76.34
CA GLN H 234 7.04 27.85 77.30
C GLN H 234 7.91 26.95 78.18
N ALA H 235 7.95 25.64 77.94
CA ALA H 235 8.49 24.74 78.95
C ALA H 235 9.59 23.83 78.40
N ILE H 236 10.29 24.25 77.35
CA ILE H 236 11.43 23.50 76.85
C ILE H 236 12.45 23.29 77.96
N GLY H 237 12.97 22.07 78.06
CA GLY H 237 13.94 21.72 79.07
C GLY H 237 13.33 21.23 80.37
N SER H 238 12.01 21.31 80.53
CA SER H 238 11.39 20.80 81.74
C SER H 238 11.48 19.28 81.76
N SER H 239 11.90 18.73 82.89
CA SER H 239 12.16 17.30 82.97
C SER H 239 10.88 16.50 82.70
N ASN H 240 11.02 15.39 81.97
CA ASN H 240 9.91 14.47 81.71
C ASN H 240 8.75 15.14 80.98
N LEU H 241 9.06 16.16 80.19
CA LEU H 241 8.04 16.83 79.39
C LEU H 241 7.37 15.82 78.46
N GLY H 242 6.04 15.76 78.52
CA GLY H 242 5.29 14.93 77.61
C GLY H 242 5.18 13.46 77.98
N GLU H 243 5.55 13.09 79.20
CA GLU H 243 5.44 11.70 79.63
C GLU H 243 4.02 11.17 79.43
N TYR H 244 3.02 11.99 79.70
CA TYR H 244 1.62 11.58 79.71
C TYR H 244 0.83 12.11 78.52
N GLY H 245 1.45 12.88 77.63
CA GLY H 245 0.72 13.50 76.54
C GLY H 245 0.70 12.66 75.28
N ASP H 246 -0.39 12.78 74.53
CA ASP H 246 -0.43 12.19 73.19
C ASP H 246 0.49 12.94 72.25
N ILE H 247 0.40 14.27 72.24
CA ILE H 247 1.28 15.12 71.45
C ILE H 247 1.69 16.31 72.30
N ILE H 248 2.95 16.72 72.12
CA ILE H 248 3.56 17.83 72.83
C ILE H 248 3.84 18.93 71.81
N ILE H 249 3.46 20.16 72.14
CA ILE H 249 3.62 21.31 71.25
C ILE H 249 4.80 22.13 71.75
N LEU H 250 5.76 22.42 70.88
CA LEU H 250 6.89 23.28 71.19
C LEU H 250 6.81 24.53 70.34
N SER H 251 7.24 25.67 70.91
CA SER H 251 7.45 26.91 70.17
C SER H 251 8.94 27.22 70.20
N PHE H 252 9.50 27.63 69.05
CA PHE H 252 10.87 28.12 69.03
C PHE H 252 10.90 29.60 68.69
N ASN H 253 9.82 30.29 69.00
CA ASN H 253 9.72 31.73 68.89
C ASN H 253 10.93 32.38 69.58
N PRO H 254 11.43 33.51 69.05
CA PRO H 254 12.74 34.03 69.52
C PRO H 254 12.76 34.49 70.96
N TYR H 255 11.63 34.59 71.64
CA TYR H 255 11.60 35.10 73.00
C TYR H 255 11.35 33.98 74.01
N LYS H 256 11.27 32.74 73.52
CA LYS H 256 11.11 31.57 74.39
C LYS H 256 12.46 31.18 74.97
N ASN H 257 12.51 30.22 75.89
CA ASN H 257 13.79 29.88 76.54
C ASN H 257 14.84 29.44 75.51
N PHE H 258 14.34 28.82 74.45
CA PHE H 258 15.12 28.47 73.26
C PHE H 258 14.37 28.98 72.05
N GLY H 259 15.04 29.77 71.21
CA GLY H 259 14.40 30.31 70.03
C GLY H 259 15.35 30.32 68.84
N VAL H 260 14.73 30.46 67.66
CA VAL H 260 15.48 30.71 66.42
C VAL H 260 15.44 32.22 66.16
N CYS H 261 15.69 32.63 64.92
CA CYS H 261 15.66 34.05 64.62
C CYS H 261 14.46 34.37 63.75
N GLY H 262 13.30 33.94 64.19
CA GLY H 262 12.12 33.92 63.36
C GLY H 262 11.10 33.03 64.03
N LYS H 263 10.07 32.70 63.28
CA LYS H 263 9.02 31.84 63.81
C LYS H 263 9.32 30.38 63.50
N ALA H 264 9.12 29.52 64.50
CA ALA H 264 9.26 28.08 64.34
C ALA H 264 8.67 27.38 65.57
N GLY H 265 8.40 26.09 65.41
CA GLY H 265 7.86 25.27 66.48
C GLY H 265 8.05 23.82 66.12
N ALA H 266 7.35 22.95 66.85
CA ALA H 266 7.48 21.53 66.58
C ALA H 266 6.34 20.75 67.21
N ILE H 267 6.02 19.63 66.56
CA ILE H 267 5.07 18.64 67.01
C ILE H 267 5.86 17.42 67.44
N VAL H 268 5.65 16.96 68.67
CA VAL H 268 6.43 15.87 69.25
C VAL H 268 5.46 14.80 69.75
N THR H 269 5.68 13.55 69.33
CA THR H 269 4.77 12.46 69.69
C THR H 269 5.48 11.12 69.51
N ASN H 270 4.91 10.10 70.13
CA ASN H 270 5.32 8.72 69.92
C ASN H 270 4.38 7.98 68.97
N ASN H 271 3.21 8.53 68.74
CA ASN H 271 2.21 7.91 67.89
C ASN H 271 2.59 8.13 66.43
N GLU H 272 2.86 7.04 65.71
CA GLU H 272 3.27 7.19 64.32
C GLU H 272 2.10 7.65 63.46
N ASN H 273 0.90 7.15 63.74
CA ASN H 273 -0.25 7.55 62.93
C ASN H 273 -0.51 9.05 63.06
N LEU H 274 -0.40 9.59 64.28
CA LEU H 274 -0.60 11.02 64.44
C LEU H 274 0.51 11.81 63.77
N ALA H 275 1.75 11.31 63.84
CA ALA H 275 2.87 12.00 63.20
C ALA H 275 2.69 12.07 61.69
N ILE H 276 2.27 10.97 61.07
CA ILE H 276 2.07 10.96 59.62
C ILE H 276 1.02 12.00 59.23
N ARG H 277 -0.13 11.98 59.91
CA ARG H 277 -1.17 12.96 59.61
C ARG H 277 -0.67 14.37 59.87
N CYS H 278 0.09 14.57 60.94
CA CYS H 278 0.68 15.88 61.20
C CYS H 278 1.60 16.29 60.06
N ASN H 279 2.36 15.34 59.51
CA ASN H 279 3.25 15.70 58.41
C ASN H 279 2.46 16.07 57.16
N GLN H 280 1.35 15.38 56.91
CA GLN H 280 0.55 15.67 55.73
C GLN H 280 -0.17 17.00 55.87
N TYR H 281 -0.78 17.26 57.04
CA TYR H 281 -1.50 18.51 57.24
C TYR H 281 -0.56 19.71 57.22
N SER H 282 0.70 19.50 57.54
CA SER H 282 1.63 20.61 57.60
C SER H 282 2.19 21.00 56.24
N TYR H 283 1.93 20.20 55.17
CA TYR H 283 2.29 20.59 53.80
C TYR H 283 1.16 20.19 52.85
N HIS H 284 0.09 20.98 52.86
CA HIS H 284 -0.97 20.99 51.86
C HIS H 284 -1.75 19.69 51.78
N GLY H 285 -1.61 18.82 52.77
CA GLY H 285 -2.30 17.53 52.69
C GLY H 285 -1.67 16.54 51.73
N PHE H 286 -0.48 16.83 51.21
CA PHE H 286 0.22 15.91 50.34
C PHE H 286 0.73 14.71 51.10
N GLU H 287 0.78 13.56 50.44
CA GLU H 287 1.47 12.45 51.06
C GLU H 287 2.97 12.74 51.05
N VAL H 288 3.65 12.35 52.11
CA VAL H 288 5.08 12.62 52.23
C VAL H 288 5.81 12.02 51.04
N ASP H 289 6.84 12.72 50.57
CA ASP H 289 7.77 12.23 49.55
C ASP H 289 7.12 12.14 48.18
N LYS H 290 5.80 12.38 48.10
CA LYS H 290 5.05 12.35 46.85
C LYS H 290 4.21 13.64 46.80
N LYS H 291 4.86 14.75 46.45
CA LYS H 291 4.16 16.02 46.46
C LYS H 291 3.22 16.15 45.27
N ASN H 292 2.29 17.10 45.39
CA ASN H 292 1.25 17.41 44.41
C ASN H 292 0.20 16.31 44.28
N LYS H 293 0.25 15.29 45.15
CA LYS H 293 -0.76 14.25 45.23
C LYS H 293 -1.36 14.29 46.64
N LYS H 294 -2.62 14.71 46.75
CA LYS H 294 -3.25 14.98 48.04
C LYS H 294 -3.92 13.72 48.58
N VAL H 295 -3.63 13.39 49.84
CA VAL H 295 -4.30 12.31 50.53
C VAL H 295 -5.21 12.82 51.65
N LEU H 296 -5.02 14.05 52.12
CA LEU H 296 -5.94 14.68 53.05
C LEU H 296 -6.72 15.77 52.33
N ASP H 297 -7.89 16.10 52.86
CA ASP H 297 -8.76 17.07 52.19
C ASP H 297 -8.07 18.41 51.96
N PHE H 298 -7.16 18.79 52.87
CA PHE H 298 -6.44 20.05 52.74
C PHE H 298 -5.25 19.99 53.69
N GLY H 299 -4.47 21.05 53.68
CA GLY H 299 -3.37 21.16 54.61
C GLY H 299 -2.88 22.59 54.60
N PHE H 300 -1.83 22.84 55.36
CA PHE H 300 -1.27 24.17 55.46
C PHE H 300 0.09 24.20 54.76
N ASN H 301 0.72 25.36 54.81
CA ASN H 301 2.13 25.51 54.46
C ASN H 301 2.92 25.82 55.72
N SER H 302 3.16 24.79 56.53
CA SER H 302 3.49 25.01 57.93
C SER H 302 4.74 24.27 58.40
N LYS H 303 5.62 23.85 57.51
CA LYS H 303 6.83 23.25 58.01
C LYS H 303 7.86 24.33 58.37
N ILE H 304 8.84 23.95 59.18
CA ILE H 304 9.91 24.88 59.51
C ILE H 304 10.70 25.23 58.24
N ASP H 305 11.23 26.45 58.19
CA ASP H 305 12.21 26.80 57.18
C ASP H 305 13.57 26.16 57.50
N ASN H 306 14.20 25.56 56.47
CA ASN H 306 15.52 24.96 56.63
C ASN H 306 16.52 25.98 57.17
N LEU H 307 16.43 27.23 56.72
CA LEU H 307 17.28 28.28 57.27
C LEU H 307 17.08 28.45 58.77
N GLN H 308 15.82 28.49 59.25
CA GLN H 308 15.60 28.65 60.69
C GLN H 308 16.02 27.42 61.47
N ALA H 309 15.87 26.24 60.88
CA ALA H 309 16.34 25.03 61.55
C ALA H 309 17.85 25.08 61.75
N ALA H 310 18.58 25.63 60.77
CA ALA H 310 20.02 25.79 60.92
C ALA H 310 20.34 26.81 62.00
N ILE H 311 19.58 27.91 62.05
CA ILE H 311 19.77 28.86 63.14
C ILE H 311 19.48 28.19 64.47
N GLY H 312 18.46 27.34 64.51
CA GLY H 312 18.08 26.71 65.75
C GLY H 312 19.14 25.77 66.27
N LEU H 313 19.79 25.02 65.36
CA LEU H 313 20.85 24.11 65.77
C LEU H 313 22.07 24.83 66.33
N GLU H 314 22.25 26.12 66.00
CA GLU H 314 23.27 26.94 66.66
C GLU H 314 22.79 27.48 68.01
N ARG H 315 21.58 28.05 68.07
CA ARG H 315 21.13 28.70 69.30
C ARG H 315 20.77 27.70 70.41
N ILE H 316 20.46 26.45 70.07
CA ILE H 316 20.10 25.47 71.08
C ILE H 316 21.29 25.06 71.92
N LYS H 317 22.50 25.39 71.47
CA LYS H 317 23.70 25.11 72.24
C LYS H 317 23.69 25.79 73.59
N PHE H 318 22.98 26.91 73.71
CA PHE H 318 22.94 27.70 74.93
C PHE H 318 21.78 27.31 75.86
N LEU H 319 20.93 26.37 75.46
CA LEU H 319 19.65 26.14 76.14
C LEU H 319 19.83 25.76 77.61
N SER H 320 20.63 24.71 77.89
CA SER H 320 20.75 24.22 79.27
C SER H 320 21.47 25.22 80.15
N TYR H 321 22.42 25.94 79.59
CA TYR H 321 23.13 26.97 80.33
C TYR H 321 22.22 28.16 80.63
N ASN H 322 21.42 28.58 79.64
CA ASN H 322 20.55 29.74 79.84
C ASN H 322 19.42 29.42 80.81
N ASN H 323 18.92 28.19 80.76
CA ASN H 323 17.95 27.72 81.73
C ASN H 323 18.53 27.72 83.14
N LEU H 324 19.79 27.31 83.29
CA LEU H 324 20.46 27.37 84.58
C LEU H 324 20.52 28.81 85.09
N LYS H 325 20.92 29.75 84.24
CA LYS H 325 20.92 31.15 84.65
C LYS H 325 19.51 31.59 85.06
N ARG H 326 18.48 31.08 84.37
CA ARG H 326 17.10 31.38 84.72
C ARG H 326 16.73 30.85 86.10
N VAL H 327 17.13 29.62 86.44
CA VAL H 327 16.84 29.07 87.76
C VAL H 327 17.46 29.94 88.85
N PHE H 328 18.72 30.33 88.66
CA PHE H 328 19.40 31.14 89.67
C PHE H 328 18.71 32.49 89.87
N LEU H 329 18.29 33.12 88.76
CA LEU H 329 17.59 34.39 88.82
C LEU H 329 16.27 34.28 89.58
N ALA H 330 15.51 33.20 89.35
CA ALA H 330 14.24 33.02 90.04
C ALA H 330 14.44 32.77 91.53
N GLN H 331 15.40 31.92 91.88
CA GLN H 331 15.76 31.71 93.28
C GLN H 331 16.12 33.02 93.96
N ARG H 332 16.91 33.87 93.31
CA ARG H 332 17.31 35.13 93.93
C ARG H 332 16.11 36.05 94.14
N TYR H 333 15.18 36.11 93.17
CA TYR H 333 13.92 36.80 93.43
C TYR H 333 13.21 36.22 94.65
N ILE H 334 13.08 34.89 94.72
CA ILE H 334 12.34 34.26 95.81
C ILE H 334 12.97 34.62 97.15
N ARG H 335 14.29 34.46 97.25
CA ARG H 335 14.94 34.64 98.55
C ARG H 335 14.89 36.09 99.02
N ASN H 336 14.99 37.05 98.09
CA ASN H 336 15.11 38.44 98.49
C ASN H 336 13.77 39.14 98.63
N LEU H 337 12.69 38.56 98.12
CA LEU H 337 11.35 39.13 98.25
C LEU H 337 10.50 38.43 99.32
N LYS H 338 11.02 37.37 99.95
CA LYS H 338 10.24 36.64 100.95
C LYS H 338 9.76 37.54 102.07
N GLU H 339 10.41 38.67 102.30
CA GLU H 339 10.03 39.52 103.42
C GLU H 339 8.70 40.23 103.13
N LEU H 340 8.40 40.49 101.85
CA LEU H 340 7.09 41.00 101.50
C LEU H 340 6.04 39.89 101.53
N GLU H 341 6.45 38.64 101.35
CA GLU H 341 5.55 37.52 101.59
C GLU H 341 5.27 37.34 103.07
N ASP H 342 6.33 37.33 103.88
CA ASP H 342 6.18 37.27 105.32
C ASP H 342 5.26 38.37 105.82
N ARG H 343 5.42 39.57 105.27
CA ARG H 343 4.54 40.70 105.55
C ARG H 343 3.16 40.55 104.91
N GLU H 344 2.86 39.40 104.30
CA GLU H 344 1.52 39.11 103.79
C GLU H 344 1.09 40.09 102.71
N LEU H 345 2.05 40.70 102.03
CA LEU H 345 1.73 41.60 100.93
C LEU H 345 1.84 40.93 99.56
N ILE H 346 2.74 39.98 99.38
CA ILE H 346 2.85 39.28 98.11
C ILE H 346 2.85 37.78 98.35
N LYS H 347 2.60 37.02 97.29
CA LYS H 347 2.81 35.57 97.26
C LYS H 347 3.75 35.26 96.11
N LEU H 348 4.86 34.63 96.43
CA LEU H 348 5.95 34.23 95.55
C LEU H 348 5.73 32.80 95.04
N PRO H 349 6.27 32.47 93.87
CA PRO H 349 6.36 31.05 93.48
C PRO H 349 7.30 30.31 94.41
N ARG H 350 7.24 28.99 94.33
CA ARG H 350 8.17 28.12 95.03
C ARG H 350 9.10 27.46 94.03
N MET H 351 10.27 27.06 94.50
CA MET H 351 11.23 26.44 93.60
C MET H 351 10.85 24.97 93.44
N THR H 352 10.45 24.60 92.24
CA THR H 352 10.11 23.22 91.92
C THR H 352 11.10 22.67 90.90
N GLU H 353 11.12 21.34 90.81
CA GLU H 353 12.05 20.62 89.93
C GLU H 353 11.72 20.79 88.44
N ASP H 354 10.47 21.13 88.10
CA ASP H 354 10.05 21.14 86.70
C ASP H 354 10.07 22.51 86.06
N ASN H 355 10.06 23.58 86.85
CA ASN H 355 9.93 24.94 86.34
C ASN H 355 11.21 25.36 85.60
N VAL H 356 11.09 25.73 84.31
CA VAL H 356 12.22 26.27 83.56
C VAL H 356 12.22 27.79 83.56
N TRP H 357 11.23 28.41 84.21
CA TRP H 357 11.26 29.83 84.54
C TRP H 357 11.29 30.71 83.29
N HIS H 358 10.33 30.46 82.41
CA HIS H 358 10.18 31.31 81.25
C HIS H 358 9.67 32.68 81.66
N LEU H 359 8.76 32.70 82.64
CA LEU H 359 8.26 33.92 83.23
C LEU H 359 8.24 33.78 84.75
N PHE H 360 8.35 34.91 85.42
CA PHE H 360 8.38 34.91 86.88
C PHE H 360 7.15 35.59 87.44
N PRO H 361 6.14 34.85 87.86
CA PRO H 361 4.89 35.48 88.34
C PRO H 361 4.94 35.82 89.83
N ILE H 362 4.51 37.03 90.19
CA ILE H 362 4.22 37.44 91.57
C ILE H 362 2.72 37.70 91.69
N ARG H 363 2.17 37.51 92.88
CA ARG H 363 0.81 37.93 93.20
C ARG H 363 0.88 39.05 94.23
N ILE H 364 0.29 40.19 93.91
CA ILE H 364 0.24 41.34 94.81
C ILE H 364 -1.15 41.36 95.41
N ILE H 365 -1.21 41.10 96.71
CA ILE H 365 -2.44 40.84 97.45
C ILE H 365 -3.08 42.16 97.88
N ASN H 366 -4.40 42.13 98.03
CA ASN H 366 -5.19 43.24 98.58
C ASN H 366 -5.28 44.41 97.60
N GLY H 367 -5.49 44.10 96.32
CA GLY H 367 -5.84 45.12 95.34
C GLY H 367 -4.78 46.15 95.05
N ARG H 368 -3.51 45.87 95.33
CA ARG H 368 -2.45 46.85 95.15
C ARG H 368 -1.59 46.61 93.91
N ARG H 369 -1.96 45.62 93.07
CA ARG H 369 -1.15 45.27 91.90
C ARG H 369 -0.95 46.46 90.98
N ASP H 370 -2.05 47.10 90.56
CA ASP H 370 -1.96 48.24 89.64
C ASP H 370 -1.12 49.36 90.24
N GLU H 371 -1.30 49.66 91.52
CA GLU H 371 -0.55 50.72 92.17
C GLU H 371 0.94 50.42 92.20
N VAL H 372 1.31 49.18 92.48
CA VAL H 372 2.72 48.78 92.45
C VAL H 372 3.28 48.92 91.04
N LYS H 373 2.65 48.24 90.07
CA LYS H 373 3.10 48.29 88.68
C LYS H 373 3.31 49.73 88.22
N ASN H 374 2.36 50.61 88.52
CA ASN H 374 2.46 52.01 88.11
C ASN H 374 3.63 52.70 88.78
N LYS H 375 3.73 52.60 90.10
CA LYS H 375 4.79 53.30 90.80
C LYS H 375 6.15 52.71 90.50
N LEU H 376 6.24 51.40 90.24
CA LEU H 376 7.52 50.85 89.79
C LEU H 376 7.97 51.55 88.51
N TYR H 377 7.04 51.80 87.60
CA TYR H 377 7.44 52.42 86.34
C TYR H 377 7.60 53.92 86.48
N GLN H 378 6.60 54.60 87.04
CA GLN H 378 6.65 56.05 87.11
C GLN H 378 7.78 56.54 88.01
N LEU H 379 7.91 55.93 89.20
CA LEU H 379 8.86 56.39 90.20
C LEU H 379 10.27 55.81 90.02
N TYR H 380 10.38 54.53 89.69
CA TYR H 380 11.65 53.84 89.71
C TYR H 380 12.14 53.43 88.32
N ASN H 381 11.42 53.80 87.26
CA ASN H 381 11.78 53.45 85.88
C ASN H 381 11.98 51.96 85.73
N ILE H 382 11.11 51.19 86.38
CA ILE H 382 11.16 49.72 86.33
C ILE H 382 9.95 49.23 85.54
N GLU H 383 10.22 48.42 84.54
CA GLU H 383 9.17 47.83 83.74
C GLU H 383 8.74 46.51 84.38
N THR H 384 7.45 46.37 84.64
CA THR H 384 6.84 45.07 84.92
C THR H 384 5.73 44.86 83.89
N ASP H 385 5.27 43.63 83.75
N ASP H 385 5.27 43.62 83.77
CA ASP H 385 4.23 43.35 82.78
CA ASP H 385 4.32 43.23 82.75
C ASP H 385 3.34 42.24 83.30
C ASP H 385 3.33 42.25 83.34
N ILE H 386 2.17 42.13 82.70
CA ILE H 386 1.17 41.16 83.09
C ILE H 386 1.00 40.21 81.91
N TYR H 387 1.45 38.97 82.08
CA TYR H 387 1.22 37.91 81.12
C TYR H 387 0.11 37.02 81.71
N TYR H 388 -1.12 37.18 81.23
CA TYR H 388 -1.47 38.03 80.11
C TYR H 388 -2.57 38.99 80.55
N PRO H 389 -2.65 40.18 79.94
CA PRO H 389 -3.51 41.25 80.49
C PRO H 389 -5.02 40.97 80.41
N VAL H 390 -5.49 40.12 79.50
CA VAL H 390 -6.91 39.86 79.32
C VAL H 390 -7.14 38.36 79.28
N LEU H 391 -8.05 37.86 80.13
CA LEU H 391 -8.38 36.44 80.10
C LEU H 391 -9.20 36.10 78.85
N SER H 392 -9.20 34.81 78.50
CA SER H 392 -9.78 34.41 77.22
C SER H 392 -11.27 34.73 77.16
N HIS H 393 -11.99 34.50 78.25
CA HIS H 393 -13.41 34.74 78.29
C HIS H 393 -13.77 36.20 78.54
N LYS H 394 -12.79 37.12 78.48
CA LYS H 394 -13.06 38.52 78.76
C LYS H 394 -12.62 39.45 77.64
N HIS H 395 -12.21 38.92 76.49
CA HIS H 395 -11.78 39.77 75.38
C HIS H 395 -12.96 40.54 74.80
N ASN H 396 -12.66 41.72 74.24
CA ASN H 396 -13.68 42.58 73.62
C ASN H 396 -14.01 42.06 72.23
N THR H 397 -14.75 40.96 72.20
CA THR H 397 -14.84 40.13 71.02
C THR H 397 -16.30 39.74 70.74
N LYS H 398 -16.67 39.71 69.46
CA LYS H 398 -17.97 39.19 69.07
C LYS H 398 -18.20 37.79 69.64
N LEU H 399 -17.18 36.93 69.56
CA LEU H 399 -17.29 35.57 70.07
C LEU H 399 -17.55 35.54 71.57
N VAL H 400 -16.75 36.28 72.34
CA VAL H 400 -16.91 36.25 73.79
C VAL H 400 -18.32 36.64 74.20
N LYS H 401 -18.89 37.67 73.56
CA LYS H 401 -20.24 38.10 73.89
C LYS H 401 -21.31 37.10 73.45
N LYS H 402 -21.02 36.27 72.45
CA LYS H 402 -21.99 35.27 72.02
C LYS H 402 -21.95 34.01 72.86
N ASN H 403 -20.84 33.71 73.51
CA ASN H 403 -20.65 32.37 74.07
C ASN H 403 -20.02 32.32 75.46
N TYR H 404 -19.33 33.36 75.91
CA TYR H 404 -18.55 33.27 77.14
C TYR H 404 -18.96 34.31 78.18
N MET H 405 -20.21 34.78 78.10
CA MET H 405 -20.63 35.82 79.03
C MET H 405 -21.05 35.27 80.40
N GLN H 406 -21.41 33.99 80.48
CA GLN H 406 -21.77 33.38 81.76
C GLN H 406 -20.62 32.61 82.40
N ASP H 407 -19.57 32.29 81.64
CA ASP H 407 -18.40 31.65 82.22
C ASP H 407 -17.85 32.47 83.37
N THR H 408 -17.75 31.86 84.54
CA THR H 408 -17.12 32.49 85.70
C THR H 408 -16.06 31.55 86.24
N LEU H 409 -14.81 31.98 86.16
CA LEU H 409 -13.65 31.20 86.58
C LEU H 409 -13.08 31.94 87.78
N LEU H 410 -13.61 31.62 88.96
CA LEU H 410 -13.37 32.42 90.16
C LEU H 410 -11.88 32.60 90.43
N ASN H 411 -11.15 31.49 90.51
CA ASN H 411 -9.76 31.60 90.92
C ASN H 411 -8.92 32.23 89.83
N THR H 412 -9.16 31.85 88.57
CA THR H 412 -8.42 32.48 87.47
C THR H 412 -8.68 33.98 87.44
N GLU H 413 -9.93 34.40 87.64
CA GLU H 413 -10.24 35.83 87.60
C GLU H 413 -9.69 36.57 88.80
N GLN H 414 -9.75 35.95 90.00
CA GLN H 414 -9.18 36.56 91.20
C GLN H 414 -7.66 36.67 91.09
N VAL H 415 -7.00 35.57 90.70
CA VAL H 415 -5.54 35.57 90.55
C VAL H 415 -5.11 36.55 89.48
N HIS H 416 -5.91 36.70 88.42
CA HIS H 416 -5.60 37.66 87.37
C HIS H 416 -5.57 39.09 87.91
N LYS H 417 -6.34 39.39 88.96
CA LYS H 417 -6.33 40.72 89.57
C LYS H 417 -5.07 40.96 90.40
N GLU H 418 -4.29 39.93 90.69
CA GLU H 418 -3.12 40.06 91.54
C GLU H 418 -1.79 39.84 90.83
N ILE H 419 -1.82 39.24 89.63
CA ILE H 419 -0.61 38.71 89.01
C ILE H 419 0.29 39.86 88.53
N LEU H 420 1.59 39.68 88.67
CA LEU H 420 2.55 40.61 88.08
C LEU H 420 3.86 39.87 87.78
N HIS H 421 4.35 39.98 86.55
CA HIS H 421 5.59 39.31 86.18
C HIS H 421 6.77 40.27 86.26
N LEU H 422 7.89 39.76 86.83
CA LEU H 422 9.17 40.43 87.08
C LEU H 422 10.18 40.07 86.01
N PRO H 423 10.90 41.08 85.56
CA PRO H 423 11.94 40.87 84.54
C PRO H 423 12.82 39.68 84.90
N LEU H 424 12.95 38.74 83.95
CA LEU H 424 13.82 37.59 84.13
C LEU H 424 14.16 37.07 82.74
N HIS H 425 15.42 37.27 82.34
CA HIS H 425 15.94 36.66 81.13
C HIS H 425 17.39 36.34 81.38
N PRO H 426 17.94 35.33 80.70
CA PRO H 426 19.24 34.75 81.12
C PRO H 426 20.43 35.70 81.03
N ASN H 427 20.36 36.73 80.20
CA ASN H 427 21.48 37.64 80.07
C ASN H 427 21.29 38.93 80.86
N MET H 428 20.30 38.98 81.74
CA MET H 428 20.18 40.15 82.61
C MET H 428 21.34 40.18 83.62
N LEU H 429 21.63 41.38 84.13
CA LEU H 429 22.69 41.53 85.10
C LEU H 429 22.14 41.35 86.51
N LEU H 430 22.97 40.79 87.40
CA LEU H 430 22.58 40.77 88.80
C LEU H 430 22.31 42.17 89.32
N GLU H 431 23.08 43.17 88.85
CA GLU H 431 22.79 44.55 89.22
C GLU H 431 21.42 44.98 88.74
N GLU H 432 21.02 44.55 87.55
CA GLU H 432 19.65 44.84 87.10
C GLU H 432 18.62 44.20 88.03
N GLN H 433 18.82 42.93 88.40
CA GLN H 433 17.86 42.29 89.29
C GLN H 433 17.78 43.03 90.64
N ASN H 434 18.90 43.58 91.10
CA ASN H 434 18.89 44.24 92.40
C ASN H 434 18.23 45.59 92.34
N PHE H 435 18.28 46.23 91.16
CA PHE H 435 17.47 47.41 90.93
C PHE H 435 15.98 47.08 91.06
N VAL H 436 15.57 45.93 90.52
CA VAL H 436 14.19 45.48 90.63
C VAL H 436 13.83 45.19 92.08
N LEU H 437 14.69 44.43 92.77
CA LEU H 437 14.46 44.12 94.19
C LEU H 437 14.27 45.40 95.00
N GLU H 438 15.18 46.34 94.85
CA GLU H 438 15.14 47.55 95.67
C GLU H 438 13.91 48.39 95.33
N GLY H 439 13.56 48.46 94.05
CA GLY H 439 12.30 49.11 93.70
C GLY H 439 11.12 48.44 94.37
N LEU H 440 11.07 47.10 94.31
CA LEU H 440 9.96 46.38 94.90
C LEU H 440 9.91 46.54 96.41
N ILE H 441 11.06 46.62 97.08
CA ILE H 441 11.05 46.86 98.52
C ILE H 441 10.52 48.24 98.83
N ASN H 442 11.10 49.27 98.18
CA ASN H 442 10.75 50.65 98.47
C ASN H 442 9.29 50.95 98.18
N VAL H 443 8.75 50.38 97.09
CA VAL H 443 7.37 50.65 96.73
C VAL H 443 6.40 50.10 97.76
N ASN H 444 6.80 49.09 98.52
CA ASN H 444 5.94 48.46 99.53
C ASN H 444 6.27 48.93 100.94
N LYS H 445 6.80 50.14 101.09
CA LYS H 445 7.07 50.71 102.40
C LYS H 445 5.77 51.22 103.04
#